data_1RFU
#
_entry.id   1RFU
#
_cell.length_a   109.088
_cell.length_b   109.088
_cell.length_c   284.272
_cell.angle_alpha   90.00
_cell.angle_beta   90.00
_cell.angle_gamma   90.00
#
_symmetry.space_group_name_H-M   'P 43'
#
loop_
_entity.id
_entity.type
_entity.pdbx_description
1 polymer 'pyridoxal kinase'
2 non-polymer 'ZINC ION'
3 non-polymer "PYRIDOXAL-5'-PHOSPHATE"
4 non-polymer "ADENOSINE-5'-DIPHOSPHATE"
5 water water
#
_entity_poly.entity_id   1
_entity_poly.type   'polypeptide(L)'
_entity_poly.pdbx_seq_one_letter_code
;MEEECRVLSIQSHVVRGYVGNRAATFPLQVLGFEVDAVNSVQFSNHTGYSHWKGQVLNSDELQELYDGLKLNHVNQYDYV
LTGYTRDKSFLAMVVDIVQELKQQNPRLVYVCDPVMGDQRNGEGAMYVPDDLLPVYREKVVPVADIITPNQFEAELLTGR
KIHSQEEALEVMDMLHSMGPDTVVITSSNLLSPRGSDYLMALGSQRTRAPDGSVVTQRIRMEMHKVDAVFVGTGDLFAAM
LLAWTHKHPNNLKVACEKTVSAMHHVLQRTIKCAKAKSGEGVKPSPAQLELRMVQSKKDIESPEIVVQATVL
;
_entity_poly.pdbx_strand_id   A,B,C,D,E,F,G,H
#
loop_
_chem_comp.id
_chem_comp.type
_chem_comp.name
_chem_comp.formula
ADP non-polymer ADENOSINE-5'-DIPHOSPHATE 'C10 H15 N5 O10 P2'
PLP non-polymer PYRIDOXAL-5'-PHOSPHATE 'C8 H10 N O6 P'
ZN non-polymer 'ZINC ION' 'Zn 2'
#
# COMPACT_ATOMS: atom_id res chain seq x y z
N MET A 1 44.15 -24.46 -14.54
CA MET A 1 45.33 -24.23 -15.44
C MET A 1 46.63 -24.70 -14.79
N GLU A 2 47.69 -24.81 -15.59
CA GLU A 2 48.97 -25.32 -15.09
C GLU A 2 50.09 -24.32 -14.78
N GLU A 3 49.92 -23.04 -15.12
CA GLU A 3 50.98 -22.06 -14.83
C GLU A 3 50.68 -21.48 -13.46
N GLU A 4 51.66 -20.80 -12.88
CA GLU A 4 51.50 -20.23 -11.55
C GLU A 4 50.87 -18.82 -11.52
N CYS A 5 49.54 -18.75 -11.53
CA CYS A 5 48.85 -17.46 -11.50
C CYS A 5 48.16 -17.11 -10.17
N ARG A 6 48.64 -16.04 -9.52
CA ARG A 6 48.08 -15.60 -8.25
C ARG A 6 47.19 -14.39 -8.48
N VAL A 7 46.05 -14.36 -7.78
CA VAL A 7 45.05 -13.31 -7.90
C VAL A 7 44.67 -12.75 -6.53
N LEU A 8 44.81 -11.45 -6.34
CA LEU A 8 44.44 -10.83 -5.09
C LEU A 8 43.02 -10.31 -5.22
N SER A 9 42.05 -11.11 -4.80
CA SER A 9 40.66 -10.71 -4.89
C SER A 9 40.21 -9.99 -3.63
N ILE A 10 39.70 -8.77 -3.80
CA ILE A 10 39.24 -7.95 -2.68
C ILE A 10 37.75 -7.68 -2.81
N GLN A 11 36.95 -8.42 -2.08
CA GLN A 11 35.51 -8.26 -2.15
C GLN A 11 34.84 -8.69 -0.88
N SER A 12 33.51 -8.59 -0.89
CA SER A 12 32.64 -8.92 0.21
C SER A 12 32.60 -10.42 0.53
N HIS A 13 32.30 -10.73 1.78
CA HIS A 13 32.16 -12.12 2.22
C HIS A 13 30.82 -12.28 2.96
N VAL A 14 30.11 -13.36 2.64
CA VAL A 14 28.84 -13.65 3.28
C VAL A 14 28.95 -15.02 3.91
N VAL A 15 28.44 -15.16 5.12
CA VAL A 15 28.48 -16.45 5.80
C VAL A 15 27.72 -17.47 4.95
N ARG A 16 26.49 -17.14 4.59
CA ARG A 16 25.68 -18.03 3.78
C ARG A 16 25.53 -17.49 2.38
N GLY A 17 25.56 -18.36 1.40
CA GLY A 17 25.38 -17.88 0.04
C GLY A 17 26.61 -17.63 -0.81
N TYR A 18 26.34 -17.35 -2.08
CA TYR A 18 27.38 -17.09 -3.04
C TYR A 18 27.24 -15.70 -3.64
N VAL A 19 28.11 -14.84 -3.15
CA VAL A 19 28.13 -13.44 -3.51
C VAL A 19 29.50 -12.96 -3.01
N GLY A 20 30.06 -11.92 -3.62
CA GLY A 20 31.36 -11.46 -3.16
C GLY A 20 32.47 -12.47 -3.38
N ASN A 21 33.45 -12.49 -2.49
CA ASN A 21 34.57 -13.43 -2.61
C ASN A 21 34.04 -14.86 -2.59
N ARG A 22 32.91 -15.06 -1.90
CA ARG A 22 32.28 -16.38 -1.81
C ARG A 22 31.92 -16.93 -3.18
N ALA A 23 31.53 -16.05 -4.10
CA ALA A 23 31.15 -16.48 -5.43
C ALA A 23 32.32 -16.46 -6.41
N ALA A 24 33.37 -15.74 -6.05
CA ALA A 24 34.54 -15.61 -6.91
C ALA A 24 35.67 -16.60 -6.62
N THR A 25 35.88 -16.93 -5.36
CA THR A 25 36.97 -17.83 -5.01
C THR A 25 36.89 -19.24 -5.56
N PHE A 26 35.74 -19.87 -5.41
CA PHE A 26 35.60 -21.22 -5.88
C PHE A 26 35.96 -21.34 -7.37
N PRO A 27 35.28 -20.57 -8.22
CA PRO A 27 35.51 -20.59 -9.66
C PRO A 27 36.97 -20.49 -10.01
N LEU A 28 37.62 -19.43 -9.58
CA LEU A 28 39.03 -19.25 -9.84
C LEU A 28 39.85 -20.42 -9.35
N GLN A 29 39.46 -21.00 -8.21
CA GLN A 29 40.19 -22.13 -7.65
C GLN A 29 39.97 -23.38 -8.47
N VAL A 30 38.73 -23.74 -8.73
CA VAL A 30 38.55 -24.97 -9.49
C VAL A 30 39.13 -24.76 -10.87
N LEU A 31 39.42 -23.51 -11.20
CA LEU A 31 39.99 -23.20 -12.49
C LEU A 31 41.51 -23.22 -12.54
N GLY A 32 42.14 -23.29 -11.39
CA GLY A 32 43.58 -23.37 -11.36
C GLY A 32 44.30 -22.17 -10.79
N PHE A 33 43.60 -21.05 -10.58
CA PHE A 33 44.29 -19.86 -10.06
C PHE A 33 44.47 -19.92 -8.57
N GLU A 34 45.58 -19.37 -8.10
CA GLU A 34 45.87 -19.36 -6.68
C GLU A 34 45.32 -18.05 -6.20
N VAL A 35 44.36 -18.11 -5.27
CA VAL A 35 43.73 -16.89 -4.79
C VAL A 35 44.17 -16.44 -3.40
N ASP A 36 44.26 -15.12 -3.31
CA ASP A 36 44.54 -14.39 -2.07
C ASP A 36 43.32 -13.54 -1.83
N ALA A 37 42.61 -13.86 -0.78
CA ALA A 37 41.32 -13.22 -0.54
C ALA A 37 41.28 -12.23 0.61
N VAL A 38 40.81 -11.02 0.32
CA VAL A 38 40.66 -10.04 1.35
C VAL A 38 39.19 -9.77 1.35
N ASN A 39 38.58 -9.92 2.51
CA ASN A 39 37.14 -9.71 2.61
C ASN A 39 36.84 -8.33 3.13
N SER A 40 36.33 -7.49 2.24
CA SER A 40 35.96 -6.11 2.54
C SER A 40 34.88 -6.05 3.60
N VAL A 41 34.05 -7.08 3.69
CA VAL A 41 32.97 -7.12 4.66
C VAL A 41 32.61 -8.55 4.99
N GLN A 42 31.97 -8.76 6.12
CA GLN A 42 31.50 -10.09 6.48
C GLN A 42 30.08 -9.96 6.94
N PHE A 43 29.14 -10.35 6.10
CA PHE A 43 27.76 -10.24 6.48
C PHE A 43 27.20 -11.63 6.62
N SER A 44 26.01 -11.71 7.17
CA SER A 44 25.34 -12.98 7.35
C SER A 44 25.01 -13.49 5.96
N ASN A 45 24.47 -12.61 5.12
CA ASN A 45 24.06 -12.94 3.76
C ASN A 45 24.14 -11.68 2.92
N HIS A 46 23.59 -11.72 1.70
CA HIS A 46 23.64 -10.53 0.84
C HIS A 46 22.45 -9.64 1.07
N THR A 47 22.66 -8.34 0.96
CA THR A 47 21.62 -7.36 1.21
C THR A 47 20.30 -7.55 0.47
N GLY A 48 20.25 -8.52 -0.43
CA GLY A 48 19.01 -8.79 -1.15
C GLY A 48 17.98 -9.38 -0.20
N TYR A 49 18.47 -9.96 0.90
CA TYR A 49 17.64 -10.56 1.94
C TYR A 49 16.98 -9.45 2.74
N SER A 50 15.81 -9.74 3.30
CA SER A 50 15.10 -8.73 4.09
C SER A 50 16.02 -8.17 5.16
N HIS A 51 16.74 -9.04 5.84
CA HIS A 51 17.63 -8.59 6.89
C HIS A 51 19.04 -9.05 6.57
N TRP A 52 20.02 -8.32 7.07
CA TRP A 52 21.42 -8.67 6.87
C TRP A 52 22.17 -7.90 7.93
N LYS A 53 23.03 -8.61 8.65
CA LYS A 53 23.85 -7.99 9.67
C LYS A 53 25.26 -8.42 9.36
N GLY A 54 26.23 -7.74 9.95
CA GLY A 54 27.59 -8.12 9.66
C GLY A 54 28.51 -6.97 9.95
N GLN A 55 29.73 -7.11 9.49
CA GLN A 55 30.75 -6.12 9.73
C GLN A 55 31.42 -5.66 8.45
N VAL A 56 32.12 -4.53 8.55
CA VAL A 56 32.81 -3.91 7.43
C VAL A 56 34.22 -3.51 7.82
N LEU A 57 35.08 -3.42 6.80
CA LEU A 57 36.48 -3.03 6.99
C LEU A 57 36.72 -1.60 6.52
N ASN A 58 37.64 -0.92 7.18
CA ASN A 58 37.97 0.45 6.81
C ASN A 58 39.42 0.45 6.36
N SER A 59 39.82 1.55 5.74
CA SER A 59 41.17 1.73 5.23
C SER A 59 42.27 1.19 6.14
N ASP A 60 42.10 1.35 7.45
CA ASP A 60 43.10 0.86 8.38
C ASP A 60 43.09 -0.65 8.46
N GLU A 61 41.90 -1.24 8.51
CA GLU A 61 41.79 -2.69 8.59
C GLU A 61 42.38 -3.28 7.32
N LEU A 62 42.23 -2.61 6.18
CA LEU A 62 42.82 -3.12 4.94
C LEU A 62 44.34 -2.96 4.96
N GLN A 63 44.80 -1.85 5.50
CA GLN A 63 46.21 -1.57 5.61
C GLN A 63 46.89 -2.68 6.42
N GLU A 64 46.32 -2.97 7.58
CA GLU A 64 46.82 -3.99 8.50
C GLU A 64 47.16 -5.25 7.71
N LEU A 65 46.17 -5.72 6.96
CA LEU A 65 46.31 -6.94 6.17
C LEU A 65 47.42 -6.85 5.12
N TYR A 66 47.30 -5.89 4.22
CA TYR A 66 48.30 -5.74 3.18
C TYR A 66 49.67 -5.57 3.83
N ASP A 67 49.73 -4.76 4.88
CA ASP A 67 50.98 -4.53 5.60
C ASP A 67 51.51 -5.90 6.03
N GLY A 68 50.60 -6.72 6.55
CA GLY A 68 51.00 -8.05 6.97
C GLY A 68 51.67 -8.77 5.83
N LEU A 69 50.98 -8.82 4.69
CA LEU A 69 51.51 -9.48 3.50
C LEU A 69 52.81 -8.78 3.13
N LYS A 70 52.77 -7.46 3.17
CA LYS A 70 53.92 -6.65 2.81
C LYS A 70 55.11 -7.12 3.63
N LEU A 71 54.97 -7.05 4.96
CA LEU A 71 56.00 -7.46 5.91
C LEU A 71 56.64 -8.82 5.63
N ASN A 72 55.85 -9.75 5.09
CA ASN A 72 56.38 -11.07 4.80
C ASN A 72 56.90 -11.23 3.37
N HIS A 73 56.77 -10.17 2.58
CA HIS A 73 57.25 -10.23 1.21
C HIS A 73 56.46 -11.21 0.37
N VAL A 74 55.15 -11.24 0.55
CA VAL A 74 54.30 -12.12 -0.23
C VAL A 74 53.27 -11.32 -1.00
N ASN A 75 53.59 -10.04 -1.20
CA ASN A 75 52.71 -9.15 -1.91
C ASN A 75 53.09 -9.12 -3.38
N GLN A 76 52.85 -10.23 -4.06
CA GLN A 76 53.19 -10.35 -5.46
C GLN A 76 52.09 -11.11 -6.14
N TYR A 77 51.35 -10.40 -6.99
CA TYR A 77 50.24 -10.99 -7.71
C TYR A 77 50.40 -10.87 -9.22
N ASP A 78 49.54 -11.55 -9.96
CA ASP A 78 49.58 -11.54 -11.40
C ASP A 78 48.32 -10.85 -11.82
N TYR A 79 47.31 -10.91 -10.96
CA TYR A 79 46.03 -10.26 -11.22
C TYR A 79 45.52 -9.58 -9.96
N VAL A 80 44.47 -8.77 -10.09
CA VAL A 80 43.85 -8.14 -8.94
C VAL A 80 42.38 -8.12 -9.30
N LEU A 81 41.52 -8.56 -8.38
CA LEU A 81 40.09 -8.56 -8.65
C LEU A 81 39.42 -7.86 -7.50
N THR A 82 38.64 -6.82 -7.79
CA THR A 82 38.01 -6.08 -6.73
C THR A 82 36.52 -5.93 -6.99
N GLY A 83 35.78 -5.93 -5.89
CA GLY A 83 34.35 -5.81 -5.97
C GLY A 83 33.70 -5.03 -4.84
N TYR A 84 32.65 -5.61 -4.26
CA TYR A 84 31.88 -4.98 -3.21
C TYR A 84 32.59 -4.30 -2.07
N THR A 85 32.30 -3.02 -1.87
CA THR A 85 32.84 -2.20 -0.75
C THR A 85 31.81 -1.13 -0.45
N ARG A 86 31.75 -0.68 0.80
CA ARG A 86 30.81 0.36 1.18
C ARG A 86 31.61 1.52 1.73
N ASP A 87 32.92 1.32 1.76
CA ASP A 87 33.82 2.32 2.30
C ASP A 87 34.68 2.94 1.20
N LYS A 88 34.44 4.23 0.97
CA LYS A 88 35.16 5.02 -0.01
C LYS A 88 36.66 5.02 0.33
N SER A 89 36.96 5.09 1.63
CA SER A 89 38.35 5.06 2.07
C SER A 89 38.97 3.75 1.63
N PHE A 90 38.22 2.67 1.86
CA PHE A 90 38.65 1.33 1.50
C PHE A 90 38.96 1.28 0.01
N LEU A 91 37.98 1.67 -0.79
CA LEU A 91 38.16 1.65 -2.24
C LEU A 91 39.38 2.46 -2.68
N ALA A 92 39.49 3.68 -2.19
CA ALA A 92 40.60 4.55 -2.55
C ALA A 92 41.91 3.84 -2.34
N MET A 93 42.09 3.30 -1.14
CA MET A 93 43.30 2.59 -0.78
C MET A 93 43.65 1.47 -1.72
N VAL A 94 42.64 0.75 -2.21
CA VAL A 94 42.88 -0.36 -3.12
C VAL A 94 43.63 0.15 -4.31
N VAL A 95 43.19 1.29 -4.82
CA VAL A 95 43.83 1.91 -5.96
C VAL A 95 45.30 2.08 -5.63
N ASP A 96 45.62 2.76 -4.54
CA ASP A 96 47.02 2.89 -4.17
C ASP A 96 47.72 1.54 -4.16
N ILE A 97 47.08 0.55 -3.54
CA ILE A 97 47.63 -0.80 -3.47
C ILE A 97 47.87 -1.34 -4.89
N VAL A 98 46.81 -1.36 -5.69
CA VAL A 98 46.90 -1.83 -7.05
C VAL A 98 48.10 -1.23 -7.76
N GLN A 99 48.29 0.08 -7.60
CA GLN A 99 49.38 0.72 -8.29
C GLN A 99 50.74 0.31 -7.81
N GLU A 100 50.98 0.32 -6.51
CA GLU A 100 52.30 -0.08 -6.03
C GLU A 100 52.64 -1.43 -6.64
N LEU A 101 51.61 -2.25 -6.79
CA LEU A 101 51.76 -3.60 -7.31
C LEU A 101 52.08 -3.58 -8.78
N LYS A 102 51.41 -2.70 -9.52
CA LYS A 102 51.66 -2.60 -10.95
C LYS A 102 53.05 -2.05 -11.20
N GLN A 103 53.66 -1.46 -10.18
CA GLN A 103 55.00 -0.92 -10.30
C GLN A 103 55.94 -2.09 -10.22
N GLN A 104 55.65 -3.00 -9.31
CA GLN A 104 56.48 -4.20 -9.11
C GLN A 104 56.33 -5.14 -10.28
N ASN A 105 55.10 -5.32 -10.71
CA ASN A 105 54.77 -6.23 -11.82
C ASN A 105 53.99 -5.49 -12.89
N PRO A 106 54.71 -4.94 -13.87
CA PRO A 106 54.10 -4.21 -14.97
C PRO A 106 53.17 -5.13 -15.76
N ARG A 107 53.34 -6.45 -15.60
CA ARG A 107 52.49 -7.41 -16.32
C ARG A 107 51.17 -7.70 -15.58
N LEU A 108 51.02 -7.13 -14.39
CA LEU A 108 49.80 -7.37 -13.63
C LEU A 108 48.56 -6.86 -14.35
N VAL A 109 47.47 -7.61 -14.22
CA VAL A 109 46.18 -7.23 -14.81
C VAL A 109 45.22 -7.01 -13.68
N TYR A 110 44.51 -5.89 -13.74
CA TYR A 110 43.55 -5.55 -12.70
C TYR A 110 42.12 -5.58 -13.22
N VAL A 111 41.37 -6.61 -12.83
CA VAL A 111 39.98 -6.75 -13.23
C VAL A 111 39.11 -6.01 -12.23
N CYS A 112 38.39 -5.00 -12.70
CA CYS A 112 37.56 -4.24 -11.80
C CYS A 112 36.09 -4.41 -12.03
N ASP A 113 35.39 -4.81 -10.98
CA ASP A 113 33.95 -4.97 -11.04
C ASP A 113 33.44 -3.74 -10.31
N PRO A 114 32.96 -2.73 -11.05
CA PRO A 114 32.45 -1.50 -10.45
C PRO A 114 31.11 -1.74 -9.76
N VAL A 115 31.13 -2.54 -8.70
CA VAL A 115 29.90 -2.87 -7.97
C VAL A 115 29.33 -1.69 -7.19
N MET A 116 28.23 -1.14 -7.69
CA MET A 116 27.58 0.00 -7.03
C MET A 116 26.07 -0.12 -6.92
N GLY A 117 25.41 -0.58 -7.98
CA GLY A 117 23.97 -0.68 -7.91
C GLY A 117 23.37 -1.69 -8.84
N ASP A 118 22.04 -1.71 -8.84
CA ASP A 118 21.23 -2.64 -9.63
C ASP A 118 20.29 -1.95 -10.62
N GLN A 119 20.25 -2.45 -11.84
CA GLN A 119 19.38 -1.90 -12.87
C GLN A 119 18.12 -2.76 -12.95
N ARG A 120 17.35 -2.81 -11.87
CA ARG A 120 16.15 -3.65 -11.88
C ARG A 120 14.85 -2.86 -11.81
N ASN A 121 13.81 -3.40 -12.44
CA ASN A 121 12.49 -2.75 -12.48
C ASN A 121 12.50 -1.43 -13.26
N GLY A 122 13.33 -1.37 -14.30
CA GLY A 122 13.44 -0.16 -15.12
C GLY A 122 14.83 0.44 -14.97
N GLU A 123 14.90 1.72 -14.65
CA GLU A 123 16.18 2.38 -14.44
C GLU A 123 16.49 2.09 -12.97
N GLY A 124 17.60 2.55 -12.41
CA GLY A 124 17.88 2.08 -11.03
C GLY A 124 18.37 3.10 -9.98
N ALA A 125 18.80 2.44 -8.91
CA ALA A 125 19.35 3.04 -7.69
C ALA A 125 20.54 2.20 -7.21
N MET A 126 21.56 2.86 -6.68
CA MET A 126 22.77 2.21 -6.18
C MET A 126 22.47 1.48 -4.88
N TYR A 127 23.24 0.41 -4.58
CA TYR A 127 23.06 -0.32 -3.31
C TYR A 127 24.28 -0.21 -2.41
N VAL A 128 25.01 0.88 -2.58
CA VAL A 128 26.21 1.22 -1.80
C VAL A 128 26.19 2.75 -1.62
N PRO A 129 26.87 3.27 -0.58
CA PRO A 129 26.88 4.72 -0.36
C PRO A 129 27.28 5.46 -1.66
N ASP A 130 26.74 6.65 -1.86
CA ASP A 130 27.02 7.44 -3.05
C ASP A 130 28.46 7.90 -3.21
N ASP A 131 29.14 8.11 -2.08
CA ASP A 131 30.52 8.59 -2.10
C ASP A 131 31.51 7.70 -2.84
N LEU A 132 31.06 6.54 -3.30
CA LEU A 132 31.93 5.65 -4.02
C LEU A 132 31.91 5.92 -5.50
N LEU A 133 30.80 6.45 -6.01
CA LEU A 133 30.69 6.72 -7.45
C LEU A 133 31.85 7.56 -7.88
N PRO A 134 32.05 8.68 -7.18
CA PRO A 134 33.17 9.53 -7.55
C PRO A 134 34.50 8.77 -7.52
N VAL A 135 34.75 8.03 -6.45
CA VAL A 135 36.01 7.29 -6.31
C VAL A 135 36.19 6.26 -7.41
N TYR A 136 35.12 5.55 -7.74
CA TYR A 136 35.20 4.56 -8.81
C TYR A 136 35.44 5.27 -10.12
N ARG A 137 34.73 6.39 -10.31
CA ARG A 137 34.81 7.17 -11.54
C ARG A 137 36.15 7.85 -11.79
N GLU A 138 36.78 8.34 -10.73
CA GLU A 138 38.02 9.09 -10.90
C GLU A 138 39.33 8.43 -10.50
N LYS A 139 39.28 7.48 -9.57
CA LYS A 139 40.51 6.86 -9.13
C LYS A 139 40.60 5.41 -9.57
N VAL A 140 39.47 4.72 -9.62
CA VAL A 140 39.52 3.30 -9.98
C VAL A 140 39.51 2.97 -11.47
N VAL A 141 38.45 3.34 -12.19
CA VAL A 141 38.39 3.01 -13.60
C VAL A 141 39.67 3.40 -14.33
N PRO A 142 40.26 4.55 -13.95
CA PRO A 142 41.49 5.00 -14.61
C PRO A 142 42.53 3.90 -14.70
N VAL A 143 42.77 3.29 -13.56
CA VAL A 143 43.76 2.25 -13.42
C VAL A 143 43.31 0.81 -13.73
N ALA A 144 42.07 0.61 -14.19
CA ALA A 144 41.58 -0.74 -14.48
C ALA A 144 41.88 -1.25 -15.90
N ASP A 145 42.23 -2.53 -16.01
CA ASP A 145 42.53 -3.13 -17.30
C ASP A 145 41.31 -3.81 -17.88
N ILE A 146 40.38 -4.20 -17.01
CA ILE A 146 39.15 -4.86 -17.44
C ILE A 146 38.01 -4.51 -16.50
N ILE A 147 36.92 -3.97 -17.04
CA ILE A 147 35.79 -3.63 -16.20
C ILE A 147 34.60 -4.46 -16.60
N THR A 148 33.80 -4.79 -15.61
CA THR A 148 32.62 -5.60 -15.84
C THR A 148 31.43 -4.87 -15.27
N PRO A 149 31.13 -3.68 -15.81
CA PRO A 149 30.01 -2.92 -15.29
C PRO A 149 28.60 -3.35 -15.70
N ASN A 150 27.68 -2.85 -14.90
CA ASN A 150 26.23 -3.02 -14.97
C ASN A 150 25.74 -2.02 -15.98
N GLN A 151 24.66 -2.29 -16.70
CA GLN A 151 24.22 -1.25 -17.61
C GLN A 151 24.14 -0.05 -16.70
N PHE A 152 23.46 -0.24 -15.58
CA PHE A 152 23.31 0.82 -14.59
C PHE A 152 24.65 1.42 -14.20
N GLU A 153 25.50 0.62 -13.58
CA GLU A 153 26.82 1.09 -13.15
C GLU A 153 27.53 1.76 -14.32
N ALA A 154 27.50 1.11 -15.48
CA ALA A 154 28.15 1.61 -16.71
C ALA A 154 27.59 2.95 -17.15
N GLU A 155 26.35 3.23 -16.78
CA GLU A 155 25.75 4.50 -17.15
C GLU A 155 26.33 5.42 -16.10
N LEU A 156 26.30 4.94 -14.87
CA LEU A 156 26.77 5.71 -13.73
C LEU A 156 28.21 6.24 -13.87
N LEU A 157 29.08 5.43 -14.45
CA LEU A 157 30.46 5.83 -14.62
C LEU A 157 30.63 6.86 -15.72
N THR A 158 30.18 6.52 -16.92
CA THR A 158 30.30 7.44 -18.05
C THR A 158 29.30 8.58 -17.93
N GLY A 159 28.59 8.62 -16.81
CA GLY A 159 27.62 9.69 -16.56
C GLY A 159 26.44 9.84 -17.51
N ARG A 160 26.24 8.87 -18.38
CA ARG A 160 25.14 8.95 -19.32
C ARG A 160 24.02 7.96 -19.04
N LYS A 161 23.19 7.72 -20.05
CA LYS A 161 22.08 6.78 -19.92
C LYS A 161 21.94 6.12 -21.28
N ILE A 162 21.82 4.80 -21.30
CA ILE A 162 21.72 4.09 -22.57
C ILE A 162 20.27 3.94 -23.02
N HIS A 163 20.03 4.03 -24.32
CA HIS A 163 18.70 3.90 -24.84
C HIS A 163 18.78 3.29 -26.22
N SER A 164 19.95 2.77 -26.53
CA SER A 164 20.17 2.14 -27.82
C SER A 164 21.46 1.35 -27.74
N GLN A 165 21.62 0.41 -28.66
CA GLN A 165 22.82 -0.41 -28.69
C GLN A 165 24.01 0.52 -28.86
N GLU A 166 23.91 1.38 -29.86
CA GLU A 166 24.94 2.37 -30.17
C GLU A 166 25.37 3.03 -28.88
N GLU A 167 24.47 3.86 -28.36
CA GLU A 167 24.68 4.57 -27.11
C GLU A 167 25.48 3.67 -26.16
N ALA A 168 25.16 2.39 -26.19
CA ALA A 168 25.88 1.45 -25.35
C ALA A 168 27.31 1.42 -25.85
N LEU A 169 27.48 1.02 -27.11
CA LEU A 169 28.79 0.97 -27.74
C LEU A 169 29.66 2.20 -27.47
N GLU A 170 29.02 3.37 -27.33
CA GLU A 170 29.77 4.60 -27.06
C GLU A 170 30.33 4.59 -25.65
N VAL A 171 29.50 4.21 -24.69
CA VAL A 171 29.92 4.16 -23.29
C VAL A 171 31.14 3.26 -23.18
N MET A 172 31.19 2.18 -23.96
CA MET A 172 32.34 1.28 -23.93
C MET A 172 33.60 1.97 -24.50
N ASP A 173 33.41 2.81 -25.52
CA ASP A 173 34.47 3.57 -26.16
C ASP A 173 34.98 4.58 -25.13
N MET A 174 33.99 5.23 -24.54
CA MET A 174 34.22 6.24 -23.52
C MET A 174 34.91 5.60 -22.32
N LEU A 175 34.31 4.54 -21.81
CA LEU A 175 34.88 3.81 -20.67
C LEU A 175 36.34 3.46 -20.97
N HIS A 176 36.60 2.89 -22.14
CA HIS A 176 37.95 2.56 -22.58
C HIS A 176 38.79 3.79 -22.34
N SER A 177 38.26 4.90 -22.84
CA SER A 177 38.90 6.21 -22.75
C SER A 177 39.31 6.58 -21.35
N MET A 178 38.60 6.06 -20.37
CA MET A 178 38.92 6.33 -18.98
C MET A 178 40.07 5.44 -18.49
N GLY A 179 40.35 4.35 -19.21
CA GLY A 179 41.43 3.47 -18.81
C GLY A 179 41.40 2.04 -19.33
N PRO A 180 40.38 1.23 -18.94
CA PRO A 180 40.25 -0.17 -19.37
C PRO A 180 40.34 -0.35 -20.86
N ASP A 181 41.00 -1.41 -21.28
CA ASP A 181 41.15 -1.71 -22.69
C ASP A 181 40.14 -2.80 -23.04
N THR A 182 39.64 -3.47 -22.00
CA THR A 182 38.63 -4.51 -22.17
C THR A 182 37.46 -4.04 -21.32
N VAL A 183 36.31 -3.91 -21.95
CA VAL A 183 35.11 -3.43 -21.29
C VAL A 183 33.90 -4.33 -21.59
N VAL A 184 33.15 -4.68 -20.55
CA VAL A 184 31.98 -5.52 -20.74
C VAL A 184 30.77 -5.05 -19.97
N ILE A 185 29.65 -4.94 -20.66
CA ILE A 185 28.41 -4.57 -20.02
C ILE A 185 27.71 -5.91 -19.92
N THR A 186 27.74 -6.46 -18.71
CA THR A 186 27.19 -7.75 -18.43
C THR A 186 25.74 -7.93 -18.86
N SER A 187 25.01 -6.83 -18.97
CA SER A 187 23.61 -6.91 -19.41
C SER A 187 22.93 -5.53 -19.52
N SER A 188 21.78 -5.51 -20.22
CA SER A 188 21.00 -4.28 -20.41
C SER A 188 19.63 -4.54 -21.04
N ASN A 189 18.82 -3.48 -21.10
CA ASN A 189 17.46 -3.52 -21.64
C ASN A 189 17.35 -3.51 -23.17
N LEU A 190 18.38 -3.02 -23.83
CA LEU A 190 18.36 -2.95 -25.28
C LEU A 190 17.41 -3.97 -25.87
N LEU A 191 16.45 -3.45 -26.62
CA LEU A 191 15.45 -4.28 -27.26
C LEU A 191 16.11 -5.39 -28.08
N SER A 192 16.42 -6.51 -27.43
CA SER A 192 17.07 -7.63 -28.12
C SER A 192 16.38 -7.96 -29.44
N PRO A 193 17.18 -8.36 -30.44
CA PRO A 193 16.71 -8.73 -31.77
C PRO A 193 15.60 -9.78 -31.72
N ARG A 194 15.60 -10.56 -30.64
CA ARG A 194 14.59 -11.61 -30.48
C ARG A 194 14.21 -11.77 -29.02
N GLY A 195 12.92 -11.59 -28.74
CA GLY A 195 12.38 -11.75 -27.40
C GLY A 195 12.73 -10.70 -26.36
N SER A 196 11.78 -10.45 -25.46
CA SER A 196 11.95 -9.49 -24.35
C SER A 196 12.53 -10.38 -23.25
N ASP A 197 12.40 -11.68 -23.51
CA ASP A 197 12.89 -12.71 -22.62
C ASP A 197 14.33 -13.05 -22.99
N TYR A 198 15.13 -12.02 -23.23
CA TYR A 198 16.53 -12.21 -23.56
C TYR A 198 17.38 -11.07 -23.05
N LEU A 199 18.45 -11.40 -22.34
CA LEU A 199 19.36 -10.38 -21.84
C LEU A 199 20.48 -10.18 -22.85
N MET A 200 20.84 -8.91 -23.10
CA MET A 200 21.91 -8.63 -24.04
C MET A 200 23.13 -8.15 -23.28
N ALA A 201 24.30 -8.56 -23.73
CA ALA A 201 25.51 -8.13 -23.06
C ALA A 201 26.46 -7.72 -24.15
N LEU A 202 27.16 -6.60 -23.92
CA LEU A 202 28.10 -6.10 -24.90
C LEU A 202 29.51 -6.06 -24.37
N GLY A 203 30.46 -6.49 -25.20
CA GLY A 203 31.85 -6.48 -24.78
C GLY A 203 32.82 -5.91 -25.79
N SER A 204 33.53 -4.85 -25.39
CA SER A 204 34.50 -4.21 -26.26
C SER A 204 35.95 -4.46 -25.81
N GLN A 205 36.86 -4.55 -26.76
CA GLN A 205 38.26 -4.76 -26.41
C GLN A 205 39.10 -3.99 -27.40
N ARG A 206 40.15 -3.33 -26.91
CA ARG A 206 41.05 -2.53 -27.74
C ARG A 206 42.52 -2.89 -27.48
N THR A 207 43.27 -3.22 -28.53
CA THR A 207 44.70 -3.58 -28.41
C THR A 207 45.61 -2.74 -29.34
N ARG A 208 46.81 -2.42 -28.87
CA ARG A 208 47.75 -1.66 -29.67
C ARG A 208 48.92 -2.50 -30.12
N ALA A 209 48.91 -2.84 -31.41
CA ALA A 209 49.96 -3.66 -32.01
C ALA A 209 51.33 -2.99 -31.90
N PRO A 210 52.40 -3.80 -32.03
CA PRO A 210 53.76 -3.27 -31.95
C PRO A 210 54.06 -2.43 -33.19
N ASP A 211 53.04 -2.23 -34.02
CA ASP A 211 53.22 -1.44 -35.23
C ASP A 211 52.38 -0.18 -35.14
N GLY A 212 51.83 0.07 -33.95
CA GLY A 212 51.03 1.27 -33.76
C GLY A 212 49.55 1.10 -34.01
N SER A 213 49.19 0.18 -34.90
CA SER A 213 47.80 -0.06 -35.21
C SER A 213 47.03 -0.49 -33.96
N VAL A 214 45.76 -0.09 -33.87
CA VAL A 214 44.91 -0.48 -32.73
C VAL A 214 43.82 -1.43 -33.22
N VAL A 215 43.99 -2.72 -32.91
CA VAL A 215 43.01 -3.74 -33.30
C VAL A 215 41.84 -3.69 -32.32
N THR A 216 40.63 -3.47 -32.85
CA THR A 216 39.44 -3.39 -32.01
C THR A 216 38.50 -4.58 -32.16
N GLN A 217 38.00 -5.07 -31.02
CA GLN A 217 37.06 -6.19 -30.96
C GLN A 217 35.75 -5.72 -30.33
N ARG A 218 34.63 -6.02 -30.99
CA ARG A 218 33.31 -5.66 -30.47
C ARG A 218 32.38 -6.85 -30.60
N ILE A 219 31.75 -7.24 -29.49
CA ILE A 219 30.84 -8.39 -29.50
C ILE A 219 29.55 -8.17 -28.71
N ARG A 220 28.46 -8.66 -29.29
CA ARG A 220 27.17 -8.59 -28.62
C ARG A 220 26.68 -10.01 -28.36
N MET A 221 25.94 -10.18 -27.27
CA MET A 221 25.41 -11.48 -26.92
C MET A 221 24.01 -11.38 -26.42
N GLU A 222 23.22 -12.38 -26.79
CA GLU A 222 21.84 -12.49 -26.39
C GLU A 222 21.74 -13.69 -25.49
N MET A 223 21.45 -13.44 -24.23
CA MET A 223 21.38 -14.51 -23.27
C MET A 223 19.95 -14.79 -22.94
N HIS A 224 19.67 -16.02 -22.57
CA HIS A 224 18.30 -16.34 -22.24
C HIS A 224 17.98 -15.90 -20.82
N LYS A 225 17.07 -14.94 -20.72
CA LYS A 225 16.67 -14.39 -19.43
C LYS A 225 15.94 -15.34 -18.51
N VAL A 226 16.31 -15.34 -17.23
CA VAL A 226 15.66 -16.18 -16.24
C VAL A 226 14.66 -15.32 -15.48
N ASP A 227 13.48 -15.89 -15.24
CA ASP A 227 12.42 -15.20 -14.54
C ASP A 227 12.76 -14.95 -13.07
N ALA A 228 13.91 -14.33 -12.81
CA ALA A 228 14.29 -14.08 -11.43
C ALA A 228 15.42 -13.09 -11.28
N VAL A 229 15.61 -12.63 -10.05
CA VAL A 229 16.64 -11.67 -9.70
C VAL A 229 17.68 -12.36 -8.82
N PHE A 230 18.83 -12.72 -9.39
CA PHE A 230 19.86 -13.38 -8.60
C PHE A 230 20.84 -12.33 -8.10
N VAL A 231 21.67 -12.71 -7.14
CA VAL A 231 22.68 -11.78 -6.64
C VAL A 231 24.00 -12.55 -6.52
N GLY A 232 25.06 -11.98 -7.06
CA GLY A 232 26.32 -12.67 -7.00
C GLY A 232 26.71 -13.06 -8.40
N THR A 233 25.75 -13.00 -9.31
CA THR A 233 26.02 -13.34 -10.70
C THR A 233 27.17 -12.52 -11.25
N GLY A 234 27.08 -11.21 -11.05
CA GLY A 234 28.12 -10.34 -11.53
C GLY A 234 29.49 -10.80 -11.09
N ASP A 235 29.60 -11.05 -9.79
CA ASP A 235 30.84 -11.47 -9.19
C ASP A 235 31.40 -12.78 -9.77
N LEU A 236 30.52 -13.73 -10.00
CA LEU A 236 30.93 -15.02 -10.56
C LEU A 236 31.48 -14.76 -11.94
N PHE A 237 30.78 -13.88 -12.65
CA PHE A 237 31.13 -13.48 -13.99
C PHE A 237 32.56 -13.00 -14.13
N ALA A 238 32.85 -11.91 -13.44
CA ALA A 238 34.18 -11.33 -13.48
C ALA A 238 35.23 -12.35 -13.15
N ALA A 239 34.99 -13.09 -12.08
CA ALA A 239 35.92 -14.10 -11.63
C ALA A 239 36.20 -15.10 -12.73
N MET A 240 35.17 -15.49 -13.46
CA MET A 240 35.38 -16.45 -14.55
C MET A 240 35.94 -15.70 -15.75
N LEU A 241 35.47 -14.47 -15.95
CA LEU A 241 35.96 -13.65 -17.04
C LEU A 241 37.48 -13.50 -16.84
N LEU A 242 37.89 -13.25 -15.61
CA LEU A 242 39.30 -13.13 -15.34
C LEU A 242 40.03 -14.40 -15.79
N ALA A 243 39.39 -15.55 -15.69
CA ALA A 243 40.08 -16.78 -16.04
C ALA A 243 40.13 -17.10 -17.52
N TRP A 244 39.08 -16.80 -18.26
CA TRP A 244 39.09 -17.09 -19.68
C TRP A 244 39.93 -16.13 -20.52
N THR A 245 39.83 -14.84 -20.22
CA THR A 245 40.61 -13.85 -20.97
C THR A 245 42.09 -14.12 -20.74
N HIS A 246 42.40 -14.77 -19.64
CA HIS A 246 43.79 -15.08 -19.35
C HIS A 246 44.15 -16.17 -20.33
N LYS A 247 43.16 -16.95 -20.69
CA LYS A 247 43.38 -18.05 -21.62
C LYS A 247 43.38 -17.53 -23.05
N HIS A 248 42.45 -16.60 -23.30
CA HIS A 248 42.29 -16.01 -24.60
C HIS A 248 42.34 -14.50 -24.46
N PRO A 249 43.54 -13.95 -24.28
CA PRO A 249 43.73 -12.52 -24.12
C PRO A 249 43.30 -11.73 -25.35
N ASN A 250 43.26 -12.37 -26.52
CA ASN A 250 42.86 -11.69 -27.74
C ASN A 250 41.70 -12.39 -28.38
N ASN A 251 40.75 -12.83 -27.56
CA ASN A 251 39.61 -13.54 -28.08
C ASN A 251 38.42 -13.22 -27.18
N LEU A 252 38.13 -11.93 -27.04
CA LEU A 252 37.03 -11.48 -26.21
C LEU A 252 35.78 -12.28 -26.50
N LYS A 253 35.54 -12.59 -27.76
CA LYS A 253 34.38 -13.38 -28.16
C LYS A 253 34.42 -14.69 -27.39
N VAL A 254 35.46 -15.48 -27.64
CA VAL A 254 35.59 -16.77 -26.97
C VAL A 254 35.57 -16.65 -25.45
N ALA A 255 36.42 -15.78 -24.91
CA ALA A 255 36.47 -15.63 -23.47
C ALA A 255 35.10 -15.32 -22.94
N CYS A 256 34.41 -14.42 -23.59
CA CYS A 256 33.10 -14.08 -23.13
C CYS A 256 32.14 -15.22 -23.34
N GLU A 257 32.33 -15.98 -24.40
CA GLU A 257 31.38 -17.05 -24.64
C GLU A 257 31.40 -18.11 -23.54
N LYS A 258 32.58 -18.65 -23.25
CA LYS A 258 32.71 -19.66 -22.23
C LYS A 258 32.04 -19.16 -20.97
N THR A 259 32.54 -18.01 -20.60
CA THR A 259 32.12 -17.28 -19.44
C THR A 259 30.60 -17.20 -19.30
N VAL A 260 29.92 -16.63 -20.31
CA VAL A 260 28.48 -16.50 -20.26
C VAL A 260 27.77 -17.84 -20.31
N SER A 261 28.40 -18.83 -20.94
CA SER A 261 27.83 -20.16 -21.02
C SER A 261 27.79 -20.79 -19.63
N ALA A 262 28.94 -20.78 -18.97
CA ALA A 262 29.07 -21.31 -17.61
C ALA A 262 27.97 -20.64 -16.86
N MET A 263 27.91 -19.33 -17.05
CA MET A 263 26.91 -18.50 -16.43
C MET A 263 25.52 -19.12 -16.59
N HIS A 264 25.13 -19.38 -17.84
CA HIS A 264 23.82 -19.96 -18.15
C HIS A 264 23.56 -21.23 -17.37
N HIS A 265 24.49 -22.16 -17.48
CA HIS A 265 24.37 -23.45 -16.80
C HIS A 265 24.12 -23.22 -15.33
N VAL A 266 25.09 -22.63 -14.66
CA VAL A 266 24.94 -22.36 -13.24
C VAL A 266 23.54 -21.84 -12.95
N LEU A 267 23.16 -20.79 -13.65
CA LEU A 267 21.86 -20.16 -13.46
C LEU A 267 20.67 -21.05 -13.73
N GLN A 268 20.71 -21.79 -14.82
CA GLN A 268 19.61 -22.70 -15.12
C GLN A 268 19.47 -23.66 -13.93
N ARG A 269 20.60 -24.20 -13.46
CA ARG A 269 20.59 -25.14 -12.34
C ARG A 269 19.96 -24.50 -11.13
N THR A 270 20.35 -23.27 -10.87
CA THR A 270 19.82 -22.55 -9.72
C THR A 270 18.31 -22.41 -9.79
N ILE A 271 17.80 -21.73 -10.82
CA ILE A 271 16.37 -21.52 -10.93
C ILE A 271 15.57 -22.84 -10.85
N LYS A 272 16.18 -23.91 -11.33
CA LYS A 272 15.48 -25.18 -11.28
C LYS A 272 15.21 -25.54 -9.83
N CYS A 273 16.28 -25.75 -9.05
CA CYS A 273 16.14 -26.12 -7.64
C CYS A 273 15.32 -25.04 -6.94
N ALA A 274 15.58 -23.78 -7.27
CA ALA A 274 14.86 -22.67 -6.65
C ALA A 274 13.35 -22.87 -6.74
N LYS A 275 12.86 -23.07 -7.95
CA LYS A 275 11.43 -23.27 -8.18
C LYS A 275 10.93 -24.53 -7.48
N ALA A 276 11.85 -25.45 -7.21
CA ALA A 276 11.50 -26.69 -6.53
C ALA A 276 11.22 -26.40 -5.06
N LYS A 277 12.06 -25.59 -4.44
CA LYS A 277 11.87 -25.27 -3.04
C LYS A 277 10.73 -24.30 -2.83
N SER A 278 10.35 -23.59 -3.88
CA SER A 278 9.28 -22.60 -3.77
C SER A 278 7.92 -23.17 -4.12
N GLY A 279 7.90 -24.12 -5.07
CA GLY A 279 6.65 -24.70 -5.49
C GLY A 279 6.09 -23.98 -6.69
N GLU A 280 5.15 -24.63 -7.38
CA GLU A 280 4.51 -24.09 -8.56
C GLU A 280 3.70 -22.83 -8.24
N GLY A 281 3.73 -21.88 -9.15
CA GLY A 281 2.98 -20.65 -8.96
C GLY A 281 3.36 -19.94 -7.67
N VAL A 282 4.61 -20.10 -7.26
CA VAL A 282 5.13 -19.44 -6.05
C VAL A 282 6.52 -18.94 -6.45
N LYS A 283 6.88 -17.73 -6.03
CA LYS A 283 8.17 -17.18 -6.44
C LYS A 283 9.32 -17.45 -5.50
N PRO A 284 10.42 -17.98 -6.05
CA PRO A 284 11.61 -18.26 -5.24
C PRO A 284 12.05 -17.04 -4.46
N SER A 285 12.42 -17.26 -3.20
CA SER A 285 12.88 -16.20 -2.33
C SER A 285 14.39 -16.01 -2.53
N PRO A 286 14.93 -14.86 -2.13
CA PRO A 286 16.37 -14.65 -2.29
C PRO A 286 17.17 -15.80 -1.72
N ALA A 287 16.69 -16.34 -0.61
CA ALA A 287 17.38 -17.45 0.02
C ALA A 287 17.35 -18.66 -0.91
N GLN A 288 16.22 -18.86 -1.55
CA GLN A 288 16.06 -19.98 -2.44
C GLN A 288 16.69 -19.70 -3.80
N LEU A 289 17.19 -18.49 -4.00
CA LEU A 289 17.79 -18.16 -5.28
C LEU A 289 19.31 -18.15 -5.25
N GLU A 290 19.88 -18.52 -4.11
CA GLU A 290 21.33 -18.56 -3.98
C GLU A 290 21.90 -19.42 -5.09
N LEU A 291 23.06 -19.02 -5.62
CA LEU A 291 23.66 -19.76 -6.71
C LEU A 291 24.11 -21.14 -6.27
N ARG A 292 23.85 -22.13 -7.12
CA ARG A 292 24.23 -23.52 -6.84
C ARG A 292 25.61 -23.72 -7.41
N MET A 293 26.58 -23.14 -6.73
CA MET A 293 27.97 -23.19 -7.14
C MET A 293 28.48 -24.61 -7.15
N VAL A 294 28.75 -25.13 -5.95
CA VAL A 294 29.28 -26.47 -5.77
C VAL A 294 28.72 -27.48 -6.80
N GLN A 295 27.41 -27.45 -6.97
CA GLN A 295 26.73 -28.32 -7.90
C GLN A 295 27.19 -28.08 -9.33
N SER A 296 27.65 -26.87 -9.61
CA SER A 296 28.07 -26.50 -10.95
C SER A 296 29.57 -26.59 -11.16
N LYS A 297 30.26 -27.18 -10.20
CA LYS A 297 31.70 -27.31 -10.32
C LYS A 297 32.14 -27.70 -11.75
N LYS A 298 31.66 -28.83 -12.25
CA LYS A 298 32.05 -29.30 -13.58
C LYS A 298 31.72 -28.31 -14.69
N ASP A 299 30.56 -27.67 -14.61
CA ASP A 299 30.17 -26.71 -15.63
C ASP A 299 31.10 -25.51 -15.65
N ILE A 300 31.57 -25.10 -14.48
CA ILE A 300 32.49 -23.99 -14.38
C ILE A 300 33.84 -24.35 -14.98
N GLU A 301 34.29 -25.59 -14.71
CA GLU A 301 35.56 -26.13 -15.19
C GLU A 301 35.64 -26.27 -16.71
N SER A 302 34.50 -26.53 -17.33
CA SER A 302 34.38 -26.74 -18.78
C SER A 302 32.95 -26.50 -19.22
N PRO A 303 32.53 -25.24 -19.34
CA PRO A 303 31.17 -24.92 -19.77
C PRO A 303 30.95 -25.14 -21.26
N GLU A 304 29.90 -25.88 -21.61
CA GLU A 304 29.62 -26.09 -23.02
C GLU A 304 29.10 -24.75 -23.52
N ILE A 305 29.47 -24.40 -24.75
CA ILE A 305 29.03 -23.12 -25.31
C ILE A 305 27.57 -23.16 -25.73
N VAL A 306 26.74 -22.41 -25.01
CA VAL A 306 25.32 -22.36 -25.30
C VAL A 306 24.89 -20.99 -25.80
N VAL A 307 25.84 -20.05 -25.85
CA VAL A 307 25.57 -18.72 -26.36
C VAL A 307 26.65 -18.39 -27.37
N GLN A 308 26.24 -17.98 -28.56
CA GLN A 308 27.19 -17.64 -29.59
C GLN A 308 27.22 -16.13 -29.73
N ALA A 309 28.38 -15.57 -29.47
CA ALA A 309 28.59 -14.14 -29.54
C ALA A 309 28.60 -13.66 -30.97
N THR A 310 27.91 -12.56 -31.24
CA THR A 310 27.87 -11.98 -32.56
C THR A 310 28.93 -10.88 -32.61
N VAL A 311 29.76 -10.90 -33.67
CA VAL A 311 30.84 -9.92 -33.83
C VAL A 311 30.40 -8.67 -34.59
N LEU A 312 30.22 -7.57 -33.87
CA LEU A 312 29.80 -6.33 -34.50
C LEU A 312 30.89 -5.66 -35.35
N MET B 1 27.74 24.18 35.09
CA MET B 1 28.32 25.51 34.73
C MET B 1 27.99 26.57 35.79
N GLU B 2 28.99 27.37 36.14
CA GLU B 2 28.87 28.39 37.21
C GLU B 2 28.50 29.83 36.87
N GLU B 3 28.24 30.15 35.59
CA GLU B 3 27.87 31.52 35.22
C GLU B 3 26.36 31.58 35.19
N GLU B 4 25.80 32.78 35.10
CA GLU B 4 24.36 32.92 35.10
C GLU B 4 23.74 32.87 33.70
N CYS B 5 23.34 31.68 33.26
CA CYS B 5 22.73 31.49 31.95
C CYS B 5 21.24 31.13 32.02
N ARG B 6 20.39 32.02 31.52
CA ARG B 6 18.96 31.75 31.53
C ARG B 6 18.54 31.37 30.11
N VAL B 7 17.66 30.38 30.02
CA VAL B 7 17.15 29.83 28.77
C VAL B 7 15.61 29.85 28.76
N LEU B 8 15.01 30.47 27.74
CA LEU B 8 13.56 30.52 27.65
C LEU B 8 13.14 29.42 26.71
N SER B 9 12.83 28.26 27.24
CA SER B 9 12.43 27.14 26.41
C SER B 9 10.93 27.10 26.20
N ILE B 10 10.53 27.05 24.93
CA ILE B 10 9.12 27.01 24.55
C ILE B 10 8.80 25.74 23.80
N GLN B 11 8.22 24.77 24.48
CA GLN B 11 7.88 23.52 23.84
C GLN B 11 6.75 22.82 24.57
N SER B 12 6.40 21.64 24.03
CA SER B 12 5.32 20.80 24.54
C SER B 12 5.56 20.23 25.93
N HIS B 13 4.47 19.95 26.63
CA HIS B 13 4.55 19.35 27.95
C HIS B 13 3.62 18.13 28.01
N VAL B 14 4.11 17.04 28.60
CA VAL B 14 3.32 15.83 28.71
C VAL B 14 3.26 15.49 30.18
N VAL B 15 2.09 15.04 30.63
CA VAL B 15 1.94 14.67 32.01
C VAL B 15 2.90 13.53 32.31
N ARG B 16 2.83 12.48 31.50
CA ARG B 16 3.71 11.33 31.68
C ARG B 16 4.72 11.27 30.58
N GLY B 17 5.93 10.90 30.93
CA GLY B 17 6.94 10.78 29.91
C GLY B 17 7.92 11.91 29.74
N TYR B 18 8.89 11.66 28.88
CA TYR B 18 9.92 12.61 28.60
C TYR B 18 9.92 12.96 27.12
N VAL B 19 9.42 14.16 26.88
CA VAL B 19 9.25 14.65 25.54
C VAL B 19 8.98 16.14 25.75
N GLY B 20 9.23 16.98 24.75
CA GLY B 20 8.98 18.40 24.93
C GLY B 20 9.81 19.00 26.06
N ASN B 21 9.23 19.98 26.76
CA ASN B 21 9.93 20.64 27.85
C ASN B 21 10.30 19.61 28.93
N ARG B 22 9.48 18.56 29.02
CA ARG B 22 9.71 17.50 29.99
C ARG B 22 11.09 16.87 29.78
N ALA B 23 11.49 16.71 28.52
CA ALA B 23 12.78 16.09 28.23
C ALA B 23 13.92 17.11 28.15
N ALA B 24 13.57 18.39 28.01
CA ALA B 24 14.57 19.45 27.90
C ALA B 24 14.95 20.13 29.21
N THR B 25 13.98 20.32 30.10
CA THR B 25 14.23 21.02 31.35
C THR B 25 15.20 20.36 32.31
N PHE B 26 15.03 19.07 32.55
CA PHE B 26 15.90 18.39 33.47
C PHE B 26 17.37 18.53 33.07
N PRO B 27 17.71 18.09 31.85
CA PRO B 27 19.08 18.17 31.35
C PRO B 27 19.68 19.55 31.58
N LEU B 28 19.08 20.56 30.97
CA LEU B 28 19.58 21.90 31.15
C LEU B 28 19.77 22.22 32.62
N GLN B 29 18.81 21.82 33.45
CA GLN B 29 18.93 22.12 34.87
C GLN B 29 20.06 21.36 35.53
N VAL B 30 20.05 20.05 35.45
CA VAL B 30 21.12 19.36 36.12
C VAL B 30 22.43 19.86 35.54
N LEU B 31 22.36 20.55 34.41
CA LEU B 31 23.57 21.04 33.78
C LEU B 31 23.99 22.42 34.26
N GLY B 32 23.10 23.11 34.94
CA GLY B 32 23.45 24.42 35.45
C GLY B 32 22.74 25.63 34.87
N PHE B 33 21.95 25.44 33.80
CA PHE B 33 21.26 26.58 33.24
C PHE B 33 20.00 26.86 34.00
N GLU B 34 19.58 28.12 33.99
CA GLU B 34 18.38 28.55 34.69
C GLU B 34 17.33 28.56 33.61
N VAL B 35 16.32 27.71 33.75
CA VAL B 35 15.31 27.63 32.69
C VAL B 35 13.99 28.32 32.95
N ASP B 36 13.42 28.90 31.89
CA ASP B 36 12.12 29.55 31.95
C ASP B 36 11.33 28.74 30.93
N ALA B 37 10.34 28.02 31.42
CA ALA B 37 9.57 27.14 30.57
C ALA B 37 8.18 27.58 30.20
N VAL B 38 7.90 27.59 28.90
CA VAL B 38 6.56 27.92 28.44
C VAL B 38 6.14 26.67 27.75
N ASN B 39 5.02 26.12 28.17
CA ASN B 39 4.53 24.89 27.59
C ASN B 39 3.49 25.16 26.52
N SER B 40 3.89 24.93 25.27
CA SER B 40 3.04 25.14 24.10
C SER B 40 1.79 24.26 24.15
N VAL B 41 1.88 23.14 24.86
CA VAL B 41 0.76 22.22 24.97
C VAL B 41 0.89 21.37 26.22
N GLN B 42 -0.23 20.82 26.70
CA GLN B 42 -0.17 19.92 27.84
C GLN B 42 -0.98 18.71 27.48
N PHE B 43 -0.30 17.61 27.19
CA PHE B 43 -1.01 16.41 26.81
C PHE B 43 -0.75 15.37 27.87
N SER B 44 -1.57 14.33 27.83
CA SER B 44 -1.42 13.24 28.77
C SER B 44 -0.04 12.64 28.52
N ASN B 45 0.26 12.40 27.25
CA ASN B 45 1.52 11.79 26.86
C ASN B 45 1.86 12.23 25.45
N HIS B 46 2.82 11.57 24.80
CA HIS B 46 3.20 11.95 23.43
C HIS B 46 2.42 11.21 22.38
N THR B 47 2.07 11.90 21.31
CA THR B 47 1.27 11.31 20.25
C THR B 47 1.72 9.94 19.72
N GLY B 48 2.87 9.46 20.17
CA GLY B 48 3.31 8.15 19.69
C GLY B 48 2.41 7.08 20.27
N TYR B 49 1.76 7.42 21.38
CA TYR B 49 0.83 6.52 22.07
C TYR B 49 -0.42 6.41 21.25
N SER B 50 -1.13 5.30 21.39
CA SER B 50 -2.35 5.11 20.62
C SER B 50 -3.27 6.27 20.85
N HIS B 51 -3.45 6.64 22.11
CA HIS B 51 -4.34 7.73 22.42
C HIS B 51 -3.57 8.83 23.13
N TRP B 52 -4.06 10.04 23.01
CA TRP B 52 -3.45 11.19 23.66
C TRP B 52 -4.49 12.28 23.67
N LYS B 53 -4.70 12.87 24.84
CA LYS B 53 -5.65 13.96 24.99
C LYS B 53 -4.89 15.09 25.69
N GLY B 54 -5.41 16.30 25.62
CA GLY B 54 -4.72 17.42 26.24
C GLY B 54 -5.16 18.72 25.64
N GLN B 55 -4.47 19.80 26.03
CA GLN B 55 -4.82 21.11 25.53
C GLN B 55 -3.64 21.76 24.83
N VAL B 56 -3.95 22.80 24.07
CA VAL B 56 -2.97 23.53 23.29
C VAL B 56 -3.10 25.03 23.54
N LEU B 57 -2.01 25.76 23.33
CA LEU B 57 -2.03 27.21 23.49
C LEU B 57 -2.06 27.91 22.15
N ASN B 58 -2.66 29.09 22.13
CA ASN B 58 -2.71 29.87 20.91
C ASN B 58 -1.99 31.17 21.18
N SER B 59 -1.71 31.89 20.11
CA SER B 59 -1.01 33.17 20.17
C SER B 59 -1.41 34.04 21.36
N ASP B 60 -2.70 34.08 21.67
CA ASP B 60 -3.12 34.90 22.79
C ASP B 60 -2.62 34.32 24.08
N GLU B 61 -2.75 33.01 24.23
CA GLU B 61 -2.32 32.38 25.45
C GLU B 61 -0.82 32.59 25.63
N LEU B 62 -0.07 32.60 24.54
CA LEU B 62 1.36 32.82 24.66
C LEU B 62 1.60 34.28 25.02
N GLN B 63 0.83 35.16 24.40
CA GLN B 63 0.98 36.58 24.67
C GLN B 63 0.81 36.87 26.15
N GLU B 64 -0.28 36.35 26.71
CA GLU B 64 -0.62 36.52 28.11
C GLU B 64 0.64 36.30 28.93
N LEU B 65 1.22 35.12 28.78
CA LEU B 65 2.43 34.74 29.51
C LEU B 65 3.56 35.72 29.30
N TYR B 66 3.87 35.98 28.04
CA TYR B 66 4.96 36.88 27.70
C TYR B 66 4.68 38.24 28.33
N ASP B 67 3.47 38.74 28.15
CA ASP B 67 3.10 40.00 28.72
C ASP B 67 3.37 39.92 30.21
N GLY B 68 2.97 38.80 30.81
CA GLY B 68 3.19 38.63 32.23
C GLY B 68 4.63 38.91 32.58
N LEU B 69 5.53 38.18 31.94
CA LEU B 69 6.95 38.34 32.16
C LEU B 69 7.33 39.75 31.79
N LYS B 70 6.79 40.21 30.68
CA LYS B 70 7.10 41.55 30.22
C LYS B 70 6.83 42.52 31.36
N LEU B 71 5.56 42.61 31.77
CA LEU B 71 5.13 43.48 32.85
C LEU B 71 6.03 43.50 34.06
N ASN B 72 6.62 42.37 34.43
CA ASN B 72 7.50 42.34 35.58
C ASN B 72 8.95 42.62 35.22
N HIS B 73 9.24 42.79 33.94
CA HIS B 73 10.61 43.09 33.55
C HIS B 73 11.55 41.92 33.75
N VAL B 74 11.08 40.71 33.51
CA VAL B 74 11.95 39.54 33.67
C VAL B 74 12.08 38.83 32.35
N ASN B 75 11.74 39.53 31.29
CA ASN B 75 11.85 38.97 29.95
C ASN B 75 13.25 39.23 29.45
N GLN B 76 14.22 38.59 30.09
CA GLN B 76 15.60 38.75 29.72
C GLN B 76 16.26 37.39 29.72
N TYR B 77 16.69 36.96 28.54
CA TYR B 77 17.33 35.66 28.40
C TYR B 77 18.73 35.67 27.78
N ASP B 78 19.36 34.49 27.76
CA ASP B 78 20.68 34.35 27.18
C ASP B 78 20.55 33.42 26.03
N TYR B 79 19.56 32.53 26.10
CA TYR B 79 19.28 31.58 25.03
C TYR B 79 17.79 31.51 24.85
N VAL B 80 17.38 30.82 23.79
CA VAL B 80 15.98 30.59 23.51
C VAL B 80 15.94 29.22 22.86
N LEU B 81 15.09 28.35 23.36
CA LEU B 81 15.00 27.01 22.83
C LEU B 81 13.54 26.77 22.52
N THR B 82 13.26 26.36 21.29
CA THR B 82 11.89 26.16 20.89
C THR B 82 11.71 24.85 20.19
N GLY B 83 10.55 24.25 20.42
CA GLY B 83 10.23 22.98 19.82
C GLY B 83 8.76 22.79 19.44
N TYR B 84 8.20 21.65 19.82
CA TYR B 84 6.83 21.28 19.50
C TYR B 84 5.71 22.32 19.62
N THR B 85 5.01 22.56 18.52
CA THR B 85 3.85 23.47 18.46
C THR B 85 2.96 22.94 17.36
N ARG B 86 1.65 23.17 17.48
CA ARG B 86 0.71 22.71 16.45
C ARG B 86 0.00 23.95 15.94
N ASP B 87 0.38 25.08 16.51
CA ASP B 87 -0.23 26.34 16.15
C ASP B 87 0.74 27.27 15.42
N LYS B 88 0.41 27.48 14.15
CA LYS B 88 1.17 28.36 13.29
C LYS B 88 1.22 29.75 13.93
N SER B 89 0.09 30.20 14.47
CA SER B 89 0.02 31.51 15.12
C SER B 89 1.05 31.53 16.24
N PHE B 90 1.03 30.48 17.05
CA PHE B 90 1.94 30.32 18.17
C PHE B 90 3.38 30.46 17.66
N LEU B 91 3.72 29.65 16.66
CA LEU B 91 5.07 29.67 16.11
C LEU B 91 5.49 31.07 15.66
N ALA B 92 4.66 31.70 14.82
CA ALA B 92 4.94 33.04 14.31
C ALA B 92 5.29 33.99 15.43
N MET B 93 4.40 34.09 16.40
CA MET B 93 4.62 34.98 17.53
C MET B 93 5.93 34.68 18.21
N VAL B 94 6.26 33.40 18.34
CA VAL B 94 7.51 33.02 19.00
C VAL B 94 8.61 33.82 18.35
N VAL B 95 8.60 33.84 17.02
CA VAL B 95 9.62 34.58 16.28
C VAL B 95 9.64 36.04 16.73
N ASP B 96 8.51 36.72 16.60
CA ASP B 96 8.46 38.11 17.02
C ASP B 96 9.13 38.25 18.39
N ILE B 97 8.76 37.36 19.31
CA ILE B 97 9.30 37.37 20.66
C ILE B 97 10.83 37.23 20.60
N VAL B 98 11.29 36.25 19.85
CA VAL B 98 12.72 36.03 19.74
C VAL B 98 13.39 37.33 19.33
N GLN B 99 12.85 37.96 18.29
CA GLN B 99 13.45 39.19 17.84
C GLN B 99 13.47 40.31 18.86
N GLU B 100 12.35 40.56 19.50
CA GLU B 100 12.34 41.62 20.50
C GLU B 100 13.48 41.37 21.49
N LEU B 101 13.68 40.10 21.83
CA LEU B 101 14.72 39.73 22.78
C LEU B 101 16.10 39.91 22.19
N LYS B 102 16.30 39.53 20.93
CA LYS B 102 17.62 39.70 20.31
C LYS B 102 18.03 41.16 20.29
N GLN B 103 17.03 42.04 20.22
CA GLN B 103 17.25 43.48 20.21
C GLN B 103 17.79 43.90 21.55
N GLN B 104 17.08 43.51 22.59
CA GLN B 104 17.48 43.85 23.95
C GLN B 104 18.86 43.25 24.22
N ASN B 105 19.04 42.00 23.80
CA ASN B 105 20.30 41.31 24.00
C ASN B 105 20.83 40.72 22.70
N PRO B 106 21.80 41.42 22.11
CA PRO B 106 22.44 41.02 20.85
C PRO B 106 23.24 39.75 21.01
N ARG B 107 23.64 39.44 22.24
CA ARG B 107 24.43 38.23 22.46
C ARG B 107 23.54 37.00 22.62
N LEU B 108 22.23 37.17 22.59
CA LEU B 108 21.35 36.02 22.74
C LEU B 108 21.51 35.01 21.63
N VAL B 109 21.41 33.73 21.98
CA VAL B 109 21.50 32.63 21.02
C VAL B 109 20.17 31.92 21.00
N TYR B 110 19.68 31.64 19.81
CA TYR B 110 18.41 30.96 19.64
C TYR B 110 18.59 29.58 19.04
N VAL B 111 18.38 28.55 19.85
CA VAL B 111 18.49 27.19 19.36
C VAL B 111 17.12 26.80 18.88
N CYS B 112 17.00 26.42 17.62
CA CYS B 112 15.70 26.06 17.08
C CYS B 112 15.60 24.63 16.62
N ASP B 113 14.66 23.89 17.24
CA ASP B 113 14.44 22.49 16.88
C ASP B 113 13.20 22.57 15.99
N PRO B 114 13.40 22.44 14.66
CA PRO B 114 12.29 22.49 13.69
C PRO B 114 11.44 21.25 13.78
N VAL B 115 10.76 21.07 14.91
CA VAL B 115 9.93 19.89 15.12
C VAL B 115 8.68 19.85 14.27
N MET B 116 8.67 18.97 13.25
CA MET B 116 7.53 18.85 12.34
C MET B 116 7.09 17.43 12.03
N GLY B 117 8.05 16.54 11.78
CA GLY B 117 7.67 15.19 11.45
C GLY B 117 8.74 14.15 11.73
N ASP B 118 8.45 12.93 11.29
CA ASP B 118 9.33 11.77 11.51
C ASP B 118 9.77 11.08 10.22
N GLN B 119 11.04 10.71 10.17
CA GLN B 119 11.59 10.03 9.01
C GLN B 119 11.63 8.53 9.28
N ARG B 120 10.50 7.92 9.64
CA ARG B 120 10.52 6.49 9.94
C ARG B 120 9.91 5.61 8.87
N ASN B 121 10.40 4.37 8.80
CA ASN B 121 9.94 3.38 7.82
C ASN B 121 10.19 3.79 6.36
N GLY B 122 11.32 4.42 6.11
CA GLY B 122 11.66 4.87 4.76
C GLY B 122 11.55 6.38 4.71
N GLU B 123 10.59 6.89 3.92
CA GLU B 123 10.37 8.33 3.85
C GLU B 123 9.21 8.62 4.81
N GLY B 124 9.17 9.81 5.39
CA GLY B 124 8.18 10.10 6.45
C GLY B 124 6.98 11.00 6.06
N ALA B 125 6.36 11.44 7.14
CA ALA B 125 5.19 12.32 7.14
C ALA B 125 5.26 13.21 8.39
N MET B 126 4.73 14.42 8.31
CA MET B 126 4.75 15.35 9.44
C MET B 126 3.78 14.94 10.53
N TYR B 127 4.11 15.24 11.78
CA TYR B 127 3.19 14.91 12.85
C TYR B 127 2.62 16.16 13.48
N VAL B 128 2.54 17.19 12.65
CA VAL B 128 1.99 18.51 13.03
C VAL B 128 1.27 19.07 11.79
N PRO B 129 0.33 20.01 11.98
CA PRO B 129 -0.36 20.58 10.82
C PRO B 129 0.63 21.16 9.81
N ASP B 130 0.32 21.04 8.53
CA ASP B 130 1.20 21.52 7.44
C ASP B 130 1.52 23.01 7.46
N ASP B 131 0.56 23.82 7.92
CA ASP B 131 0.76 25.26 7.92
C ASP B 131 1.97 25.74 8.70
N LEU B 132 2.68 24.82 9.33
CA LEU B 132 3.85 25.21 10.08
C LEU B 132 5.11 25.16 9.23
N LEU B 133 5.13 24.28 8.23
CA LEU B 133 6.31 24.18 7.38
C LEU B 133 6.66 25.56 6.85
N PRO B 134 5.68 26.21 6.22
CA PRO B 134 5.97 27.55 5.70
C PRO B 134 6.54 28.49 6.78
N VAL B 135 5.88 28.55 7.93
CA VAL B 135 6.32 29.43 9.00
C VAL B 135 7.73 29.11 9.45
N TYR B 136 7.99 27.82 9.64
CA TYR B 136 9.32 27.42 10.05
C TYR B 136 10.31 27.79 8.96
N ARG B 137 9.90 27.55 7.72
CA ARG B 137 10.74 27.80 6.57
C ARG B 137 11.03 29.27 6.29
N GLU B 138 10.07 30.13 6.53
CA GLU B 138 10.27 31.52 6.20
C GLU B 138 10.46 32.51 7.32
N LYS B 139 9.91 32.20 8.48
CA LYS B 139 10.04 33.13 9.58
C LYS B 139 10.97 32.62 10.67
N VAL B 140 11.02 31.31 10.88
CA VAL B 140 11.84 30.80 11.96
C VAL B 140 13.29 30.52 11.64
N VAL B 141 13.56 29.64 10.68
CA VAL B 141 14.96 29.35 10.36
C VAL B 141 15.79 30.62 10.11
N PRO B 142 15.19 31.63 9.46
CA PRO B 142 15.92 32.87 9.20
C PRO B 142 16.64 33.38 10.44
N VAL B 143 15.87 33.49 11.50
CA VAL B 143 16.33 34.00 12.75
C VAL B 143 17.02 33.03 13.71
N ALA B 144 17.17 31.76 13.35
CA ALA B 144 17.82 30.82 14.26
C ALA B 144 19.34 30.74 14.15
N ASP B 145 19.99 30.60 15.30
CA ASP B 145 21.43 30.51 15.37
C ASP B 145 21.89 29.08 15.34
N ILE B 146 21.03 28.14 15.71
CA ILE B 146 21.40 26.73 15.71
C ILE B 146 20.16 25.90 15.46
N ILE B 147 20.19 25.04 14.47
CA ILE B 147 19.02 24.19 14.20
C ILE B 147 19.41 22.74 14.35
N THR B 148 18.46 21.96 14.83
CA THR B 148 18.71 20.55 15.05
C THR B 148 17.66 19.82 14.28
N PRO B 149 17.67 19.96 12.96
CA PRO B 149 16.67 19.27 12.15
C PRO B 149 16.87 17.80 11.96
N ASN B 150 15.74 17.21 11.56
CA ASN B 150 15.51 15.80 11.29
C ASN B 150 15.93 15.58 9.86
N GLN B 151 16.47 14.43 9.50
CA GLN B 151 16.79 14.31 8.09
C GLN B 151 15.52 14.77 7.39
N PHE B 152 14.41 14.16 7.78
CA PHE B 152 13.12 14.52 7.22
C PHE B 152 12.89 16.03 7.26
N GLU B 153 12.76 16.58 8.48
CA GLU B 153 12.53 18.01 8.62
C GLU B 153 13.51 18.82 7.78
N ALA B 154 14.79 18.48 7.86
CA ALA B 154 15.83 19.15 7.08
C ALA B 154 15.46 19.18 5.61
N GLU B 155 15.07 18.03 5.07
CA GLU B 155 14.70 17.95 3.68
C GLU B 155 13.58 18.95 3.56
N LEU B 156 12.57 18.75 4.38
CA LEU B 156 11.37 19.58 4.40
C LEU B 156 11.63 21.10 4.34
N LEU B 157 12.64 21.57 5.06
CA LEU B 157 12.97 22.99 5.09
C LEU B 157 13.67 23.47 3.81
N THR B 158 14.76 22.79 3.44
CA THR B 158 15.49 23.14 2.23
C THR B 158 14.75 22.64 1.01
N GLY B 159 13.55 22.10 1.24
CA GLY B 159 12.73 21.61 0.14
C GLY B 159 13.26 20.50 -0.74
N ARG B 160 14.39 19.91 -0.36
CA ARG B 160 14.95 18.86 -1.15
C ARG B 160 14.77 17.48 -0.53
N LYS B 161 15.60 16.54 -0.95
CA LYS B 161 15.52 15.17 -0.45
C LYS B 161 16.93 14.61 -0.51
N ILE B 162 17.41 14.07 0.60
CA ILE B 162 18.77 13.56 0.64
C ILE B 162 18.90 12.14 0.14
N HIS B 163 20.01 11.84 -0.51
CA HIS B 163 20.23 10.51 -1.05
C HIS B 163 21.72 10.23 -1.10
N SER B 164 22.48 11.07 -0.41
CA SER B 164 23.93 10.90 -0.37
C SER B 164 24.42 11.80 0.73
N GLN B 165 25.58 11.48 1.25
CA GLN B 165 26.17 12.30 2.29
C GLN B 165 26.24 13.75 1.77
N GLU B 166 26.75 13.89 0.55
CA GLU B 166 26.88 15.18 -0.11
C GLU B 166 25.54 15.85 -0.02
N GLU B 167 24.56 15.30 -0.75
CA GLU B 167 23.20 15.82 -0.74
C GLU B 167 22.95 16.43 0.63
N ALA B 168 23.38 15.69 1.65
CA ALA B 168 23.23 16.15 3.01
C ALA B 168 24.05 17.42 3.21
N LEU B 169 25.38 17.29 3.15
CA LEU B 169 26.26 18.44 3.34
C LEU B 169 25.77 19.72 2.65
N GLU B 170 25.05 19.56 1.54
CA GLU B 170 24.55 20.71 0.81
C GLU B 170 23.42 21.37 1.57
N VAL B 171 22.47 20.56 1.97
CA VAL B 171 21.32 21.05 2.70
C VAL B 171 21.80 21.86 3.89
N MET B 172 22.84 21.39 4.56
CA MET B 172 23.36 22.16 5.70
C MET B 172 23.86 23.52 5.20
N ASP B 173 24.53 23.52 4.05
CA ASP B 173 25.02 24.75 3.44
C ASP B 173 23.81 25.65 3.20
N MET B 174 22.80 25.03 2.60
CA MET B 174 21.55 25.72 2.26
C MET B 174 20.87 26.24 3.53
N LEU B 175 20.84 25.39 4.53
CA LEU B 175 20.23 25.77 5.83
C LEU B 175 20.98 26.96 6.37
N HIS B 176 22.30 26.83 6.48
CA HIS B 176 23.12 27.93 6.96
C HIS B 176 22.64 29.20 6.26
N SER B 177 22.61 29.12 4.93
CA SER B 177 22.20 30.21 4.04
C SER B 177 20.93 30.87 4.47
N MET B 178 20.04 30.08 5.05
CA MET B 178 18.77 30.62 5.49
C MET B 178 18.91 31.35 6.82
N GLY B 179 20.01 31.12 7.52
CA GLY B 179 20.19 31.83 8.78
C GLY B 179 21.18 31.23 9.77
N PRO B 180 20.89 30.05 10.31
CA PRO B 180 21.74 29.37 11.29
C PRO B 180 23.18 29.23 10.83
N ASP B 181 24.10 29.39 11.77
CA ASP B 181 25.53 29.26 11.51
C ASP B 181 25.96 27.89 11.99
N THR B 182 25.14 27.28 12.84
CA THR B 182 25.43 25.94 13.33
C THR B 182 24.23 25.10 12.96
N VAL B 183 24.49 24.01 12.26
CA VAL B 183 23.42 23.16 11.77
C VAL B 183 23.73 21.69 12.04
N VAL B 184 22.72 20.96 12.49
CA VAL B 184 22.93 19.56 12.78
C VAL B 184 21.75 18.71 12.33
N ILE B 185 22.09 17.71 11.56
CA ILE B 185 21.13 16.70 11.15
C ILE B 185 21.34 15.55 12.10
N THR B 186 20.44 15.49 13.05
CA THR B 186 20.54 14.54 14.13
C THR B 186 20.66 13.11 13.65
N SER B 187 20.21 12.83 12.43
CA SER B 187 20.28 11.47 11.88
C SER B 187 19.70 11.31 10.46
N SER B 188 20.05 10.19 9.80
CA SER B 188 19.58 9.91 8.46
C SER B 188 19.97 8.52 7.98
N ASN B 189 19.43 8.16 6.81
CA ASN B 189 19.66 6.85 6.19
C ASN B 189 21.00 6.63 5.53
N LEU B 190 21.68 7.69 5.15
CA LEU B 190 22.98 7.55 4.50
C LEU B 190 23.63 6.22 4.82
N LEU B 191 23.91 5.45 3.77
CA LEU B 191 24.53 4.15 3.94
C LEU B 191 25.82 4.30 4.73
N SER B 192 25.72 4.20 6.06
CA SER B 192 26.89 4.35 6.90
C SER B 192 28.04 3.47 6.44
N PRO B 193 29.26 3.99 6.58
CA PRO B 193 30.49 3.30 6.18
C PRO B 193 30.54 1.89 6.78
N ARG B 194 29.84 1.71 7.90
CA ARG B 194 29.80 0.42 8.59
C ARG B 194 28.45 0.11 9.21
N GLY B 195 27.85 -0.99 8.76
CA GLY B 195 26.55 -1.42 9.28
C GLY B 195 25.35 -0.57 8.89
N SER B 196 24.24 -1.29 8.74
CA SER B 196 22.91 -0.72 8.49
C SER B 196 22.35 -0.41 9.88
N ASP B 197 23.01 -1.05 10.83
CA ASP B 197 22.71 -0.93 12.25
C ASP B 197 23.49 0.24 12.83
N TYR B 198 23.54 1.35 12.09
CA TYR B 198 24.24 2.53 12.54
C TYR B 198 23.58 3.80 12.04
N LEU B 199 23.32 4.74 12.94
CA LEU B 199 22.71 6.01 12.54
C LEU B 199 23.83 7.02 12.28
N MET B 200 23.68 7.78 11.21
CA MET B 200 24.68 8.80 10.91
C MET B 200 24.09 10.16 11.21
N ALA B 201 24.94 11.06 11.67
CA ALA B 201 24.48 12.40 11.98
C ALA B 201 25.54 13.35 11.47
N LEU B 202 25.10 14.44 10.84
CA LEU B 202 26.02 15.42 10.29
C LEU B 202 25.86 16.80 10.89
N GLY B 203 26.99 17.41 11.27
CA GLY B 203 26.92 18.73 11.86
C GLY B 203 27.84 19.74 11.24
N SER B 204 27.27 20.84 10.75
CA SER B 204 28.03 21.90 10.13
C SER B 204 28.04 23.18 10.97
N GLN B 205 29.16 23.89 10.95
CA GLN B 205 29.29 25.15 11.70
C GLN B 205 30.16 26.11 10.91
N ARG B 206 29.72 27.36 10.83
CA ARG B 206 30.41 28.40 10.09
C ARG B 206 30.63 29.64 10.95
N THR B 207 31.88 30.08 11.09
CA THR B 207 32.20 31.27 11.89
C THR B 207 32.91 32.37 11.06
N ARG B 208 32.64 33.64 11.38
CA ARG B 208 33.25 34.77 10.68
C ARG B 208 34.29 35.50 11.52
N ALA B 209 35.56 35.23 11.27
CA ALA B 209 36.65 35.85 12.00
C ALA B 209 36.61 37.37 11.93
N PRO B 210 37.32 38.03 12.86
CA PRO B 210 37.34 39.49 12.88
C PRO B 210 38.23 39.96 11.74
N ASP B 211 38.71 39.01 10.94
CA ASP B 211 39.56 39.35 9.81
C ASP B 211 38.82 39.08 8.52
N GLY B 212 37.53 38.80 8.61
CA GLY B 212 36.74 38.54 7.42
C GLY B 212 36.72 37.08 7.01
N SER B 213 37.77 36.34 7.34
CA SER B 213 37.83 34.94 6.99
C SER B 213 36.68 34.18 7.64
N VAL B 214 36.16 33.16 6.94
CA VAL B 214 35.07 32.31 7.44
C VAL B 214 35.58 30.90 7.70
N VAL B 215 35.80 30.60 8.98
CA VAL B 215 36.28 29.28 9.41
C VAL B 215 35.10 28.31 9.42
N THR B 216 35.22 27.23 8.68
CA THR B 216 34.14 26.27 8.57
C THR B 216 34.46 24.95 9.28
N GLN B 217 33.49 24.38 10.01
CA GLN B 217 33.64 23.10 10.71
C GLN B 217 32.60 22.12 10.15
N ARG B 218 33.02 20.89 9.80
CA ARG B 218 32.09 19.88 9.28
C ARG B 218 32.41 18.57 9.97
N ILE B 219 31.38 17.93 10.51
CA ILE B 219 31.57 16.66 11.22
C ILE B 219 30.45 15.65 10.95
N ARG B 220 30.89 14.42 10.78
CA ARG B 220 29.98 13.29 10.60
C ARG B 220 30.17 12.33 11.76
N MET B 221 29.09 11.68 12.12
CA MET B 221 29.10 10.74 13.24
C MET B 221 28.27 9.51 12.95
N GLU B 222 28.82 8.40 13.39
CA GLU B 222 28.18 7.10 13.27
C GLU B 222 27.77 6.66 14.66
N MET B 223 26.49 6.57 14.83
CA MET B 223 25.93 6.19 16.11
C MET B 223 25.39 4.78 16.04
N HIS B 224 25.42 4.10 17.17
CA HIS B 224 24.92 2.76 17.16
C HIS B 224 23.40 2.76 17.28
N LYS B 225 22.75 2.30 16.22
CA LYS B 225 21.30 2.26 16.16
C LYS B 225 20.64 1.31 17.16
N VAL B 226 19.56 1.78 17.78
CA VAL B 226 18.81 0.95 18.71
C VAL B 226 17.60 0.43 17.99
N ASP B 227 17.32 -0.85 18.22
CA ASP B 227 16.20 -1.51 17.59
C ASP B 227 14.87 -0.96 18.08
N ALA B 228 14.66 0.35 17.96
CA ALA B 228 13.40 0.91 18.42
C ALA B 228 13.20 2.34 18.00
N VAL B 229 11.97 2.81 18.21
CA VAL B 229 11.55 4.16 17.88
C VAL B 229 11.24 4.93 19.15
N PHE B 230 12.15 5.79 19.59
CA PHE B 230 11.89 6.56 20.79
C PHE B 230 11.30 7.89 20.40
N VAL B 231 10.78 8.62 21.38
CA VAL B 231 10.23 9.95 21.12
C VAL B 231 10.69 10.89 22.23
N GLY B 232 11.23 12.02 21.83
CA GLY B 232 11.70 12.93 22.83
C GLY B 232 13.20 12.98 22.69
N THR B 233 13.78 12.02 21.98
CA THR B 233 15.23 12.04 21.80
C THR B 233 15.66 13.37 21.21
N GLY B 234 15.00 13.76 20.12
CA GLY B 234 15.34 15.02 19.50
C GLY B 234 15.46 16.13 20.53
N ASP B 235 14.38 16.34 21.26
CA ASP B 235 14.30 17.38 22.27
C ASP B 235 15.44 17.30 23.31
N LEU B 236 15.76 16.11 23.76
CA LEU B 236 16.83 15.93 24.75
C LEU B 236 18.10 16.45 24.12
N PHE B 237 18.30 16.02 22.88
CA PHE B 237 19.45 16.41 22.11
C PHE B 237 19.71 17.91 22.12
N ALA B 238 18.81 18.64 21.47
CA ALA B 238 18.94 20.09 21.38
C ALA B 238 19.26 20.71 22.73
N ALA B 239 18.49 20.35 23.73
CA ALA B 239 18.72 20.92 25.03
C ALA B 239 20.17 20.72 25.41
N MET B 240 20.62 19.48 25.33
CA MET B 240 21.99 19.20 25.70
C MET B 240 22.94 19.90 24.73
N LEU B 241 22.57 19.88 23.47
CA LEU B 241 23.36 20.53 22.45
C LEU B 241 23.50 21.99 22.87
N LEU B 242 22.40 22.61 23.26
CA LEU B 242 22.47 23.98 23.70
C LEU B 242 23.47 24.13 24.86
N ALA B 243 23.65 23.08 25.65
CA ALA B 243 24.55 23.21 26.78
C ALA B 243 26.01 22.98 26.50
N TRP B 244 26.34 22.10 25.56
CA TRP B 244 27.73 21.87 25.27
C TRP B 244 28.34 22.95 24.37
N THR B 245 27.61 23.34 23.34
CA THR B 245 28.10 24.37 22.44
C THR B 245 28.35 25.64 23.24
N HIS B 246 27.60 25.81 24.31
CA HIS B 246 27.80 26.99 25.14
C HIS B 246 29.17 26.83 25.78
N LYS B 247 29.55 25.58 26.01
CA LYS B 247 30.84 25.29 26.63
C LYS B 247 31.95 25.36 25.59
N HIS B 248 31.64 24.85 24.40
CA HIS B 248 32.57 24.81 23.29
C HIS B 248 31.92 25.44 22.07
N PRO B 249 31.85 26.76 22.06
CA PRO B 249 31.25 27.49 20.94
C PRO B 249 32.01 27.29 19.63
N ASN B 250 33.26 26.85 19.70
CA ASN B 250 34.02 26.63 18.48
C ASN B 250 34.56 25.23 18.46
N ASN B 251 33.75 24.29 18.90
CA ASN B 251 34.19 22.90 18.96
C ASN B 251 32.99 21.99 18.65
N LEU B 252 32.34 22.25 17.51
CA LEU B 252 31.18 21.49 17.10
C LEU B 252 31.44 20.01 17.32
N LYS B 253 32.62 19.56 16.95
CA LYS B 253 32.97 18.16 17.14
C LYS B 253 32.74 17.78 18.59
N VAL B 254 33.51 18.40 19.48
CA VAL B 254 33.39 18.07 20.88
C VAL B 254 31.96 18.24 21.40
N ALA B 255 31.37 19.42 21.18
CA ALA B 255 30.02 19.65 21.66
C ALA B 255 29.12 18.54 21.19
N CYS B 256 29.25 18.20 19.92
CA CYS B 256 28.42 17.15 19.39
C CYS B 256 28.80 15.82 20.00
N GLU B 257 30.09 15.61 20.23
CA GLU B 257 30.50 14.34 20.79
C GLU B 257 29.85 14.07 22.16
N LYS B 258 29.99 15.01 23.08
CA LYS B 258 29.41 14.84 24.40
C LYS B 258 27.93 14.54 24.25
N THR B 259 27.22 15.47 23.62
CA THR B 259 25.81 15.33 23.41
C THR B 259 25.43 13.92 22.99
N VAL B 260 25.84 13.54 21.80
CA VAL B 260 25.53 12.22 21.28
C VAL B 260 25.93 11.07 22.22
N SER B 261 27.00 11.26 22.97
CA SER B 261 27.43 10.22 23.89
C SER B 261 26.34 10.04 24.95
N ALA B 262 26.00 11.15 25.57
CA ALA B 262 24.94 11.18 26.58
C ALA B 262 23.74 10.46 25.98
N MET B 263 23.43 10.87 24.78
CA MET B 263 22.34 10.31 24.00
C MET B 263 22.39 8.79 24.04
N HIS B 264 23.55 8.28 23.69
CA HIS B 264 23.78 6.83 23.63
C HIS B 264 23.45 6.18 24.95
N HIS B 265 24.10 6.69 25.98
CA HIS B 265 23.90 6.19 27.32
C HIS B 265 22.42 6.17 27.64
N VAL B 266 21.86 7.37 27.75
CA VAL B 266 20.45 7.50 28.04
C VAL B 266 19.69 6.42 27.31
N LEU B 267 19.87 6.40 26.00
CA LEU B 267 19.16 5.43 25.17
C LEU B 267 19.45 3.98 25.50
N GLN B 268 20.72 3.63 25.68
CA GLN B 268 21.04 2.25 26.00
C GLN B 268 20.27 1.88 27.26
N ARG B 269 20.36 2.72 28.28
CA ARG B 269 19.65 2.48 29.53
C ARG B 269 18.18 2.22 29.27
N THR B 270 17.60 3.05 28.43
CA THR B 270 16.18 2.92 28.15
C THR B 270 15.84 1.59 27.51
N ILE B 271 16.38 1.31 26.34
CA ILE B 271 16.06 0.06 25.67
C ILE B 271 16.25 -1.14 26.58
N LYS B 272 17.21 -1.07 27.49
CA LYS B 272 17.44 -2.18 28.38
C LYS B 272 16.20 -2.40 29.22
N CYS B 273 15.87 -1.43 30.07
CA CYS B 273 14.69 -1.55 30.91
C CYS B 273 13.50 -1.88 30.03
N ALA B 274 13.37 -1.16 28.93
CA ALA B 274 12.26 -1.38 28.01
C ALA B 274 12.07 -2.86 27.69
N LYS B 275 13.10 -3.49 27.16
CA LYS B 275 13.04 -4.90 26.82
C LYS B 275 12.73 -5.77 28.04
N ALA B 276 13.04 -5.25 29.22
CA ALA B 276 12.76 -5.98 30.46
C ALA B 276 11.26 -6.00 30.72
N LYS B 277 10.60 -4.85 30.62
CA LYS B 277 9.18 -4.80 30.87
C LYS B 277 8.39 -5.47 29.75
N SER B 278 9.03 -5.68 28.60
CA SER B 278 8.31 -6.27 27.48
C SER B 278 8.54 -7.77 27.37
N GLY B 279 9.71 -8.21 27.81
CA GLY B 279 10.03 -9.62 27.74
C GLY B 279 10.71 -9.96 26.43
N GLU B 280 11.40 -11.09 26.41
CA GLU B 280 12.13 -11.57 25.24
C GLU B 280 11.18 -11.83 24.07
N GLY B 281 11.64 -11.51 22.86
CA GLY B 281 10.83 -11.74 21.67
C GLY B 281 9.49 -11.04 21.71
N VAL B 282 9.47 -9.87 22.36
CA VAL B 282 8.27 -9.04 22.46
C VAL B 282 8.80 -7.61 22.32
N LYS B 283 8.10 -6.78 21.54
CA LYS B 283 8.58 -5.42 21.34
C LYS B 283 8.09 -4.40 22.32
N PRO B 284 9.02 -3.65 22.91
CA PRO B 284 8.65 -2.62 23.88
C PRO B 284 7.61 -1.66 23.28
N SER B 285 6.62 -1.30 24.08
CA SER B 285 5.56 -0.39 23.66
C SER B 285 6.01 1.04 23.91
N PRO B 286 5.38 2.01 23.23
CA PRO B 286 5.77 3.41 23.42
C PRO B 286 5.86 3.77 24.89
N ALA B 287 4.94 3.24 25.69
CA ALA B 287 4.95 3.53 27.11
C ALA B 287 6.21 2.95 27.73
N GLN B 288 6.58 1.76 27.29
CA GLN B 288 7.75 1.11 27.84
C GLN B 288 9.04 1.69 27.28
N LEU B 289 8.92 2.57 26.29
CA LEU B 289 10.10 3.16 25.66
C LEU B 289 10.41 4.58 26.12
N GLU B 290 9.66 5.06 27.10
CA GLU B 290 9.88 6.39 27.63
C GLU B 290 11.33 6.51 28.06
N LEU B 291 11.93 7.68 27.84
CA LEU B 291 13.33 7.83 28.21
C LEU B 291 13.51 7.73 29.70
N ARG B 292 14.59 7.09 30.12
CA ARG B 292 14.88 6.99 31.54
C ARG B 292 15.76 8.17 31.86
N MET B 293 15.12 9.32 31.99
CA MET B 293 15.78 10.57 32.28
C MET B 293 16.49 10.50 33.61
N VAL B 294 15.69 10.62 34.67
CA VAL B 294 16.15 10.58 36.04
C VAL B 294 17.33 9.62 36.27
N GLN B 295 17.15 8.40 35.81
CA GLN B 295 18.14 7.35 35.93
C GLN B 295 19.46 7.74 35.26
N SER B 296 19.37 8.62 34.28
CA SER B 296 20.56 9.01 33.55
C SER B 296 21.15 10.34 33.98
N LYS B 297 20.69 10.83 35.12
CA LYS B 297 21.16 12.09 35.64
C LYS B 297 22.68 12.21 35.52
N LYS B 298 23.42 11.28 36.13
CA LYS B 298 24.88 11.34 36.10
C LYS B 298 25.47 11.32 34.69
N ASP B 299 24.93 10.48 33.82
CA ASP B 299 25.44 10.39 32.46
C ASP B 299 25.23 11.70 31.73
N ILE B 300 24.11 12.36 32.00
CA ILE B 300 23.84 13.64 31.37
C ILE B 300 24.83 14.69 31.85
N GLU B 301 25.11 14.67 33.15
CA GLU B 301 26.03 15.62 33.77
C GLU B 301 27.43 15.52 33.19
N SER B 302 27.89 14.28 32.96
CA SER B 302 29.23 14.01 32.46
C SER B 302 29.20 12.74 31.63
N PRO B 303 28.83 12.85 30.34
CA PRO B 303 28.78 11.67 29.48
C PRO B 303 30.14 11.20 28.97
N GLU B 304 30.42 9.92 29.18
CA GLU B 304 31.68 9.41 28.69
C GLU B 304 31.55 9.44 27.18
N ILE B 305 32.64 9.74 26.48
CA ILE B 305 32.58 9.80 25.04
C ILE B 305 32.65 8.41 24.42
N VAL B 306 31.53 7.96 23.85
CA VAL B 306 31.49 6.65 23.22
C VAL B 306 31.34 6.74 21.72
N VAL B 307 31.35 7.96 21.19
CA VAL B 307 31.28 8.18 19.76
C VAL B 307 32.33 9.22 19.39
N GLN B 308 33.14 8.88 18.41
CA GLN B 308 34.16 9.81 17.99
C GLN B 308 33.77 10.37 16.64
N ALA B 309 33.57 11.68 16.62
CA ALA B 309 33.17 12.42 15.42
C ALA B 309 34.32 12.49 14.43
N THR B 310 34.00 12.27 13.16
CA THR B 310 35.00 12.32 12.10
C THR B 310 34.88 13.69 11.49
N VAL B 311 36.02 14.34 11.31
CA VAL B 311 36.08 15.70 10.75
C VAL B 311 36.20 15.76 9.23
N LEU B 312 35.08 15.86 8.54
CA LEU B 312 35.10 15.95 7.10
C LEU B 312 35.91 17.16 6.61
N MET C 1 -38.48 30.91 9.29
CA MET C 1 -38.78 31.74 8.08
C MET C 1 -40.31 31.88 7.85
N GLU C 2 -40.69 32.85 7.02
CA GLU C 2 -42.12 33.10 6.80
C GLU C 2 -42.51 33.11 5.33
N GLU C 3 -41.54 32.98 4.44
CA GLU C 3 -41.81 32.99 3.01
C GLU C 3 -42.20 31.58 2.53
N GLU C 4 -42.72 31.52 1.30
CA GLU C 4 -43.19 30.29 0.72
C GLU C 4 -42.19 29.39 -0.01
N CYS C 5 -41.10 29.01 0.66
CA CYS C 5 -40.09 28.16 0.02
C CYS C 5 -40.37 26.64 -0.04
N ARG C 6 -40.44 26.14 -1.26
CA ARG C 6 -40.69 24.71 -1.50
C ARG C 6 -39.36 24.03 -1.84
N VAL C 7 -39.17 22.85 -1.27
CA VAL C 7 -37.96 22.05 -1.47
C VAL C 7 -38.29 20.62 -1.94
N LEU C 8 -37.73 20.20 -3.07
CA LEU C 8 -37.97 18.86 -3.59
C LEU C 8 -36.81 17.98 -3.14
N SER C 9 -36.99 17.32 -2.00
CA SER C 9 -35.96 16.48 -1.45
C SER C 9 -36.10 15.04 -1.97
N ILE C 10 -35.04 14.54 -2.59
CA ILE C 10 -35.01 13.20 -3.14
C ILE C 10 -33.94 12.38 -2.44
N GLN C 11 -34.36 11.56 -1.50
CA GLN C 11 -33.42 10.72 -0.76
C GLN C 11 -34.07 9.47 -0.21
N SER C 12 -33.23 8.67 0.46
CA SER C 12 -33.61 7.41 1.09
C SER C 12 -34.61 7.58 2.24
N HIS C 13 -35.38 6.53 2.49
CA HIS C 13 -36.35 6.53 3.58
C HIS C 13 -36.17 5.23 4.39
N VAL C 14 -36.21 5.35 5.69
CA VAL C 14 -36.08 4.19 6.54
C VAL C 14 -37.31 4.14 7.41
N VAL C 15 -37.82 2.94 7.66
CA VAL C 15 -38.98 2.82 8.51
C VAL C 15 -38.61 3.34 9.88
N ARG C 16 -37.53 2.79 10.45
CA ARG C 16 -37.02 3.20 11.76
C ARG C 16 -35.76 4.03 11.67
N GLY C 17 -35.66 5.06 12.50
CA GLY C 17 -34.46 5.85 12.51
C GLY C 17 -34.49 7.16 11.76
N TYR C 18 -33.37 7.87 11.85
CA TYR C 18 -33.26 9.14 11.19
C TYR C 18 -32.07 9.12 10.29
N VAL C 19 -32.38 9.06 9.00
CA VAL C 19 -31.39 8.99 7.96
C VAL C 19 -32.15 9.26 6.68
N GLY C 20 -31.48 9.73 5.63
CA GLY C 20 -32.19 10.02 4.40
C GLY C 20 -33.27 11.09 4.60
N ASN C 21 -34.37 11.01 3.84
CA ASN C 21 -35.45 11.99 3.96
C ASN C 21 -35.96 12.06 5.41
N ARG C 22 -35.87 10.94 6.13
CA ARG C 22 -36.32 10.87 7.52
C ARG C 22 -35.59 11.88 8.40
N ALA C 23 -34.31 12.08 8.10
CA ALA C 23 -33.51 12.99 8.88
C ALA C 23 -33.53 14.40 8.28
N ALA C 24 -33.92 14.52 7.01
CA ALA C 24 -33.97 15.82 6.35
C ALA C 24 -35.31 16.56 6.39
N THR C 25 -36.43 15.84 6.35
CA THR C 25 -37.72 16.51 6.32
C THR C 25 -38.15 17.24 7.59
N PHE C 26 -37.95 16.62 8.74
CA PHE C 26 -38.36 17.24 9.97
C PHE C 26 -37.70 18.61 10.16
N PRO C 27 -36.36 18.66 10.08
CA PRO C 27 -35.64 19.93 10.24
C PRO C 27 -36.18 21.02 9.32
N LEU C 28 -36.14 20.79 8.01
CA LEU C 28 -36.64 21.77 7.08
C LEU C 28 -38.05 22.17 7.47
N GLN C 29 -38.87 21.20 7.84
CA GLN C 29 -40.24 21.53 8.22
C GLN C 29 -40.34 22.37 9.46
N VAL C 30 -39.78 21.91 10.57
CA VAL C 30 -39.87 22.70 11.78
C VAL C 30 -39.19 24.03 11.49
N LEU C 31 -38.43 24.10 10.40
CA LEU C 31 -37.74 25.34 10.05
C LEU C 31 -38.59 26.28 9.17
N GLY C 32 -39.67 25.75 8.61
CA GLY C 32 -40.53 26.60 7.80
C GLY C 32 -40.65 26.32 6.31
N PHE C 33 -39.78 25.47 5.78
CA PHE C 33 -39.83 25.17 4.36
C PHE C 33 -40.93 24.17 4.08
N GLU C 34 -41.46 24.23 2.87
CA GLU C 34 -42.52 23.34 2.43
C GLU C 34 -41.78 22.23 1.71
N VAL C 35 -41.86 21.00 2.22
CA VAL C 35 -41.12 19.93 1.58
C VAL C 35 -41.91 18.99 0.70
N ASP C 36 -41.29 18.59 -0.42
CA ASP C 36 -41.87 17.62 -1.36
C ASP C 36 -40.87 16.46 -1.33
N ALA C 37 -41.30 15.35 -0.74
CA ALA C 37 -40.41 14.21 -0.58
C ALA C 37 -40.55 13.02 -1.50
N VAL C 38 -39.46 12.71 -2.19
CA VAL C 38 -39.45 11.52 -3.04
C VAL C 38 -38.49 10.58 -2.36
N ASN C 39 -38.94 9.38 -2.05
CA ASN C 39 -38.08 8.43 -1.37
C ASN C 39 -37.45 7.44 -2.35
N SER C 40 -36.16 7.62 -2.57
CA SER C 40 -35.36 6.79 -3.47
C SER C 40 -35.38 5.32 -3.04
N VAL C 41 -35.57 5.08 -1.75
CA VAL C 41 -35.60 3.73 -1.23
C VAL C 41 -36.39 3.68 0.06
N GLN C 42 -36.87 2.50 0.42
CA GLN C 42 -37.57 2.37 1.69
C GLN C 42 -37.01 1.13 2.33
N PHE C 43 -36.18 1.35 3.34
CA PHE C 43 -35.57 0.24 4.05
C PHE C 43 -36.09 0.19 5.46
N SER C 44 -35.88 -0.95 6.11
CA SER C 44 -36.32 -1.14 7.48
C SER C 44 -35.54 -0.13 8.31
N ASN C 45 -34.23 -0.05 8.05
CA ASN C 45 -33.36 0.85 8.78
C ASN C 45 -32.18 1.22 7.91
N HIS C 46 -31.13 1.78 8.49
CA HIS C 46 -29.97 2.15 7.67
C HIS C 46 -28.94 1.03 7.64
N THR C 47 -28.30 0.87 6.48
CA THR C 47 -27.32 -0.18 6.30
C THR C 47 -26.22 -0.27 7.37
N GLY C 48 -26.19 0.65 8.31
CA GLY C 48 -25.19 0.55 9.37
C GLY C 48 -25.55 -0.62 10.27
N TYR C 49 -26.83 -0.99 10.24
CA TYR C 49 -27.35 -2.09 11.02
C TYR C 49 -26.86 -3.40 10.42
N SER C 50 -26.73 -4.43 11.24
CA SER C 50 -26.27 -5.74 10.75
C SER C 50 -27.13 -6.16 9.58
N HIS C 51 -28.45 -6.07 9.75
CA HIS C 51 -29.36 -6.46 8.70
C HIS C 51 -30.19 -5.27 8.29
N TRP C 52 -30.65 -5.31 7.05
CA TRP C 52 -31.49 -4.27 6.50
C TRP C 52 -32.11 -4.82 5.24
N LYS C 53 -33.43 -4.70 5.17
CA LYS C 53 -34.19 -5.16 4.03
C LYS C 53 -35.04 -3.99 3.57
N GLY C 54 -35.57 -4.04 2.35
CA GLY C 54 -36.38 -2.96 1.85
C GLY C 54 -36.43 -2.93 0.34
N GLN C 55 -37.02 -1.89 -0.23
CA GLN C 55 -37.10 -1.78 -1.68
C GLN C 55 -36.42 -0.54 -2.19
N VAL C 56 -36.18 -0.52 -3.50
CA VAL C 56 -35.51 0.58 -4.17
C VAL C 56 -36.32 1.04 -5.39
N LEU C 57 -36.09 2.29 -5.80
CA LEU C 57 -36.79 2.78 -6.97
C LEU C 57 -35.83 2.84 -8.13
N ASN C 58 -36.37 2.75 -9.33
CA ASN C 58 -35.55 2.86 -10.51
C ASN C 58 -36.07 4.03 -11.33
N SER C 59 -35.29 4.44 -12.32
CA SER C 59 -35.63 5.57 -13.20
C SER C 59 -37.11 5.66 -13.56
N ASP C 60 -37.72 4.51 -13.82
CA ASP C 60 -39.13 4.50 -14.18
C ASP C 60 -40.00 4.86 -13.00
N GLU C 61 -39.68 4.32 -11.84
CA GLU C 61 -40.47 4.61 -10.66
C GLU C 61 -40.35 6.07 -10.33
N LEU C 62 -39.19 6.66 -10.59
CA LEU C 62 -39.04 8.10 -10.32
C LEU C 62 -39.82 8.89 -11.35
N GLN C 63 -39.79 8.43 -12.60
CA GLN C 63 -40.51 9.09 -13.69
C GLN C 63 -42.01 9.16 -13.36
N GLU C 64 -42.58 8.01 -12.98
CA GLU C 64 -44.00 7.92 -12.61
C GLU C 64 -44.34 9.10 -11.72
N LEU C 65 -43.69 9.16 -10.57
CA LEU C 65 -43.91 10.24 -9.60
C LEU C 65 -43.77 11.62 -10.24
N TYR C 66 -42.65 11.88 -10.89
CA TYR C 66 -42.41 13.18 -11.51
C TYR C 66 -43.51 13.48 -12.50
N ASP C 67 -43.82 12.50 -13.34
CA ASP C 67 -44.90 12.69 -14.31
C ASP C 67 -46.14 13.07 -13.52
N GLY C 68 -46.40 12.33 -12.45
CA GLY C 68 -47.56 12.62 -11.63
C GLY C 68 -47.63 14.09 -11.27
N LEU C 69 -46.57 14.60 -10.68
CA LEU C 69 -46.49 16.02 -10.30
C LEU C 69 -46.57 16.85 -11.57
N LYS C 70 -45.86 16.40 -12.59
CA LYS C 70 -45.87 17.11 -13.85
C LYS C 70 -47.33 17.29 -14.28
N LEU C 71 -47.98 16.17 -14.55
CA LEU C 71 -49.36 16.18 -14.97
C LEU C 71 -50.27 17.15 -14.24
N ASN C 72 -50.04 17.35 -12.95
CA ASN C 72 -50.86 18.27 -12.17
C ASN C 72 -50.33 19.69 -12.14
N HIS C 73 -49.16 19.89 -12.73
CA HIS C 73 -48.56 21.22 -12.78
C HIS C 73 -48.09 21.71 -11.41
N VAL C 74 -47.55 20.80 -10.60
CA VAL C 74 -47.09 21.19 -9.28
C VAL C 74 -45.61 20.94 -9.17
N ASN C 75 -44.98 20.77 -10.32
CA ASN C 75 -43.54 20.54 -10.36
C ASN C 75 -42.86 21.89 -10.39
N GLN C 76 -42.99 22.62 -9.30
CA GLN C 76 -42.39 23.94 -9.20
C GLN C 76 -41.76 24.07 -7.82
N TYR C 77 -40.45 24.21 -7.81
CA TYR C 77 -39.71 24.33 -6.56
C TYR C 77 -38.80 25.54 -6.46
N ASP C 78 -38.20 25.71 -5.28
CA ASP C 78 -37.28 26.81 -5.03
C ASP C 78 -35.92 26.25 -4.70
N TYR C 79 -35.91 25.00 -4.24
CA TYR C 79 -34.68 24.30 -3.94
C TYR C 79 -34.85 22.86 -4.37
N VAL C 80 -33.75 22.13 -4.37
CA VAL C 80 -33.77 20.71 -4.67
C VAL C 80 -32.68 20.13 -3.81
N LEU C 81 -33.03 19.11 -3.04
CA LEU C 81 -32.08 18.47 -2.16
C LEU C 81 -32.06 17.02 -2.55
N THR C 82 -30.88 16.48 -2.82
CA THR C 82 -30.77 15.10 -3.21
C THR C 82 -29.72 14.37 -2.39
N GLY C 83 -30.00 13.11 -2.11
CA GLY C 83 -29.09 12.30 -1.31
C GLY C 83 -28.98 10.85 -1.74
N TYR C 84 -29.09 9.95 -0.76
CA TYR C 84 -28.98 8.50 -0.95
C TYR C 84 -29.72 7.83 -2.13
N THR C 85 -28.95 7.16 -3.00
CA THR C 85 -29.45 6.40 -4.16
C THR C 85 -28.47 5.26 -4.40
N ARG C 86 -28.94 4.18 -4.99
CA ARG C 86 -28.07 3.06 -5.29
C ARG C 86 -28.24 2.78 -6.77
N ASP C 87 -29.11 3.56 -7.38
CA ASP C 87 -29.40 3.40 -8.80
C ASP C 87 -28.82 4.54 -9.62
N LYS C 88 -27.84 4.19 -10.45
CA LYS C 88 -27.21 5.15 -11.31
C LYS C 88 -28.26 5.76 -12.26
N SER C 89 -29.22 4.94 -12.70
CA SER C 89 -30.29 5.42 -13.60
C SER C 89 -31.09 6.48 -12.86
N PHE C 90 -31.42 6.17 -11.60
CA PHE C 90 -32.17 7.07 -10.75
C PHE C 90 -31.43 8.42 -10.67
N LEU C 91 -30.16 8.36 -10.26
CA LEU C 91 -29.35 9.56 -10.11
C LEU C 91 -29.31 10.39 -11.38
N ALA C 92 -28.98 9.77 -12.51
CA ALA C 92 -28.91 10.46 -13.81
C ALA C 92 -30.19 11.24 -14.10
N MET C 93 -31.31 10.53 -14.02
CA MET C 93 -32.62 11.14 -14.23
C MET C 93 -32.83 12.33 -13.31
N VAL C 94 -32.43 12.21 -12.05
CA VAL C 94 -32.59 13.32 -11.11
C VAL C 94 -31.99 14.58 -11.71
N VAL C 95 -30.84 14.43 -12.36
CA VAL C 95 -30.17 15.55 -13.00
C VAL C 95 -31.08 16.15 -14.05
N ASP C 96 -31.49 15.35 -15.03
CA ASP C 96 -32.38 15.84 -16.07
C ASP C 96 -33.53 16.63 -15.41
N ILE C 97 -34.12 16.03 -14.37
CA ILE C 97 -35.22 16.67 -13.65
C ILE C 97 -34.75 18.03 -13.15
N VAL C 98 -33.64 18.05 -12.43
CA VAL C 98 -33.11 19.30 -11.89
C VAL C 98 -33.02 20.34 -12.98
N GLN C 99 -32.44 19.96 -14.13
CA GLN C 99 -32.31 20.91 -15.20
C GLN C 99 -33.63 21.43 -15.73
N GLU C 100 -34.60 20.54 -15.96
CA GLU C 100 -35.90 20.99 -16.47
C GLU C 100 -36.44 22.04 -15.51
N LEU C 101 -36.21 21.83 -14.22
CA LEU C 101 -36.69 22.77 -13.22
C LEU C 101 -35.91 24.08 -13.23
N LYS C 102 -34.59 23.99 -13.38
CA LYS C 102 -33.77 25.20 -13.39
C LYS C 102 -34.18 26.10 -14.55
N GLN C 103 -34.66 25.50 -15.63
CA GLN C 103 -35.11 26.25 -16.79
C GLN C 103 -36.36 27.03 -16.45
N GLN C 104 -37.32 26.32 -15.89
CA GLN C 104 -38.59 26.93 -15.49
C GLN C 104 -38.29 28.03 -14.46
N ASN C 105 -37.45 27.71 -13.50
CA ASN C 105 -37.07 28.66 -12.45
C ASN C 105 -35.56 28.81 -12.36
N PRO C 106 -35.05 29.88 -12.93
CA PRO C 106 -33.63 30.20 -12.94
C PRO C 106 -33.14 30.48 -11.54
N ARG C 107 -34.04 30.90 -10.65
CA ARG C 107 -33.63 31.19 -9.27
C ARG C 107 -33.52 29.95 -8.36
N LEU C 108 -33.85 28.78 -8.89
CA LEU C 108 -33.76 27.57 -8.10
C LEU C 108 -32.33 27.24 -7.65
N VAL C 109 -32.22 26.73 -6.42
CA VAL C 109 -30.95 26.33 -5.85
C VAL C 109 -30.99 24.83 -5.61
N TYR C 110 -29.93 24.15 -6.04
CA TYR C 110 -29.84 22.72 -5.91
C TYR C 110 -28.74 22.34 -4.91
N VAL C 111 -29.15 21.83 -3.75
CA VAL C 111 -28.20 21.40 -2.76
C VAL C 111 -27.92 19.93 -3.04
N CYS C 112 -26.67 19.57 -3.25
CA CYS C 112 -26.37 18.20 -3.57
C CYS C 112 -25.48 17.54 -2.55
N ASP C 113 -25.98 16.49 -1.91
CA ASP C 113 -25.21 15.75 -0.93
C ASP C 113 -24.71 14.53 -1.71
N PRO C 114 -23.43 14.54 -2.13
CA PRO C 114 -22.83 13.44 -2.89
C PRO C 114 -22.65 12.18 -2.03
N VAL C 115 -23.75 11.61 -1.56
CA VAL C 115 -23.72 10.43 -0.71
C VAL C 115 -23.23 9.17 -1.43
N MET C 116 -22.01 8.75 -1.09
CA MET C 116 -21.40 7.56 -1.72
C MET C 116 -20.72 6.63 -0.73
N GLY C 117 -19.90 7.17 0.15
CA GLY C 117 -19.19 6.33 1.09
C GLY C 117 -18.83 6.95 2.41
N ASP C 118 -18.10 6.18 3.21
CA ASP C 118 -17.70 6.60 4.55
C ASP C 118 -16.19 6.65 4.72
N GLN C 119 -15.71 7.69 5.42
CA GLN C 119 -14.29 7.84 5.67
C GLN C 119 -13.97 7.38 7.10
N ARG C 120 -14.34 6.14 7.44
CA ARG C 120 -14.09 5.66 8.79
C ARG C 120 -12.95 4.65 8.92
N ASN C 121 -12.31 4.64 10.09
CA ASN C 121 -11.19 3.74 10.38
C ASN C 121 -9.95 3.98 9.52
N GLY C 122 -9.69 5.25 9.16
CA GLY C 122 -8.56 5.59 8.32
C GLY C 122 -9.05 6.04 6.95
N GLU C 123 -8.78 5.25 5.92
CA GLU C 123 -9.28 5.56 4.58
C GLU C 123 -10.52 4.68 4.39
N GLY C 124 -11.47 5.14 3.60
CA GLY C 124 -12.76 4.43 3.50
C GLY C 124 -13.02 3.66 2.19
N ALA C 125 -14.29 3.27 2.13
CA ALA C 125 -14.94 2.52 1.03
C ALA C 125 -16.38 3.03 0.88
N MET C 126 -16.85 3.06 -0.37
CA MET C 126 -18.21 3.53 -0.69
C MET C 126 -19.25 2.55 -0.16
N TYR C 127 -20.43 3.06 0.20
CA TYR C 127 -21.50 2.16 0.66
C TYR C 127 -22.68 2.19 -0.33
N VAL C 128 -22.31 2.40 -1.59
CA VAL C 128 -23.24 2.40 -2.74
C VAL C 128 -22.50 1.82 -3.96
N PRO C 129 -23.24 1.33 -4.96
CA PRO C 129 -22.58 0.77 -6.15
C PRO C 129 -21.61 1.78 -6.74
N ASP C 130 -20.51 1.30 -7.31
CA ASP C 130 -19.46 2.14 -7.91
C ASP C 130 -19.92 2.97 -9.10
N ASP C 131 -20.87 2.45 -9.87
CA ASP C 131 -21.36 3.14 -11.05
C ASP C 131 -21.95 4.52 -10.80
N LEU C 132 -22.06 4.91 -9.53
CA LEU C 132 -22.59 6.22 -9.21
C LEU C 132 -21.49 7.27 -9.18
N LEU C 133 -20.26 6.88 -8.84
CA LEU C 133 -19.18 7.85 -8.76
C LEU C 133 -19.09 8.60 -10.06
N PRO C 134 -19.01 7.86 -11.17
CA PRO C 134 -18.93 8.57 -12.45
C PRO C 134 -20.11 9.53 -12.66
N VAL C 135 -21.34 9.05 -12.42
CA VAL C 135 -22.53 9.89 -12.59
C VAL C 135 -22.51 11.13 -11.71
N TYR C 136 -22.10 10.95 -10.46
CA TYR C 136 -22.02 12.07 -9.52
C TYR C 136 -20.92 13.01 -10.03
N ARG C 137 -19.81 12.40 -10.44
CA ARG C 137 -18.67 13.16 -10.91
C ARG C 137 -18.85 13.96 -12.20
N GLU C 138 -19.63 13.42 -13.13
CA GLU C 138 -19.80 14.09 -14.42
C GLU C 138 -21.14 14.72 -14.76
N LYS C 139 -22.20 14.21 -14.17
CA LYS C 139 -23.51 14.76 -14.45
C LYS C 139 -24.11 15.56 -13.31
N VAL C 140 -23.85 15.14 -12.07
CA VAL C 140 -24.44 15.83 -10.92
C VAL C 140 -23.68 17.05 -10.40
N VAL C 141 -22.44 16.88 -9.95
CA VAL C 141 -21.68 18.03 -9.44
C VAL C 141 -21.73 19.23 -10.39
N PRO C 142 -21.63 18.98 -11.70
CA PRO C 142 -21.66 20.08 -12.68
C PRO C 142 -22.81 21.04 -12.44
N VAL C 143 -23.98 20.47 -12.26
CA VAL C 143 -25.21 21.22 -12.07
C VAL C 143 -25.55 21.60 -10.61
N ALA C 144 -24.70 21.24 -9.65
CA ALA C 144 -25.00 21.57 -8.25
C ALA C 144 -24.56 22.97 -7.79
N ASP C 145 -25.40 23.61 -6.98
CA ASP C 145 -25.11 24.96 -6.46
C ASP C 145 -24.43 24.87 -5.10
N ILE C 146 -24.66 23.78 -4.37
CA ILE C 146 -24.06 23.58 -3.06
C ILE C 146 -23.83 22.09 -2.80
N ILE C 147 -22.59 21.71 -2.53
CA ILE C 147 -22.31 20.31 -2.25
C ILE C 147 -21.86 20.20 -0.81
N THR C 148 -22.24 19.10 -0.19
CA THR C 148 -21.89 18.84 1.19
C THR C 148 -21.17 17.51 1.21
N PRO C 149 -20.01 17.42 0.54
CA PRO C 149 -19.27 16.18 0.50
C PRO C 149 -18.49 15.77 1.75
N ASN C 150 -18.17 14.48 1.75
CA ASN C 150 -17.46 13.76 2.78
C ASN C 150 -16.00 13.95 2.45
N GLN C 151 -15.10 13.98 3.43
CA GLN C 151 -13.71 14.11 3.02
C GLN C 151 -13.54 13.01 1.98
N PHE C 152 -13.97 11.81 2.33
CA PHE C 152 -13.89 10.66 1.44
C PHE C 152 -14.53 10.97 0.10
N GLU C 153 -15.83 11.21 0.12
CA GLU C 153 -16.56 11.51 -1.11
C GLU C 153 -15.85 12.62 -1.86
N ALA C 154 -15.54 13.70 -1.18
CA ALA C 154 -14.84 14.86 -1.77
C ALA C 154 -13.59 14.42 -2.52
N GLU C 155 -12.81 13.56 -1.89
CA GLU C 155 -11.61 13.05 -2.53
C GLU C 155 -12.10 12.33 -3.77
N LEU C 156 -13.04 11.42 -3.55
CA LEU C 156 -13.61 10.60 -4.62
C LEU C 156 -14.04 11.38 -5.86
N LEU C 157 -14.62 12.56 -5.67
CA LEU C 157 -15.10 13.40 -6.78
C LEU C 157 -13.95 14.09 -7.52
N THR C 158 -13.12 14.82 -6.78
CA THR C 158 -11.96 15.52 -7.36
C THR C 158 -10.84 14.54 -7.67
N GLY C 159 -11.13 13.25 -7.48
CA GLY C 159 -10.18 12.19 -7.75
C GLY C 159 -8.85 12.18 -7.01
N ARG C 160 -8.70 13.04 -6.01
CA ARG C 160 -7.46 13.10 -5.28
C ARG C 160 -7.58 12.49 -3.89
N LYS C 161 -6.68 12.89 -3.00
CA LYS C 161 -6.64 12.38 -1.63
C LYS C 161 -6.09 13.50 -0.77
N ILE C 162 -6.77 13.82 0.31
CA ILE C 162 -6.31 14.90 1.16
C ILE C 162 -5.29 14.44 2.22
N HIS C 163 -4.30 15.27 2.48
CA HIS C 163 -3.28 14.97 3.48
C HIS C 163 -2.78 16.25 4.11
N SER C 164 -3.52 17.33 3.88
CA SER C 164 -3.19 18.65 4.43
C SER C 164 -4.40 19.55 4.27
N GLN C 165 -4.48 20.57 5.10
CA GLN C 165 -5.59 21.50 5.02
C GLN C 165 -5.61 22.04 3.58
N GLU C 166 -4.42 22.39 3.11
CA GLU C 166 -4.24 22.92 1.78
C GLU C 166 -4.91 21.93 0.85
N GLU C 167 -4.31 20.76 0.73
CA GLU C 167 -4.83 19.70 -0.10
C GLU C 167 -6.35 19.80 -0.09
N ALA C 168 -6.90 20.07 1.09
CA ALA C 168 -8.34 20.23 1.21
C ALA C 168 -8.78 21.46 0.43
N LEU C 169 -8.38 22.64 0.90
CA LEU C 169 -8.76 23.89 0.23
C LEU C 169 -8.72 23.79 -1.30
N GLU C 170 -7.77 23.02 -1.84
CA GLU C 170 -7.66 22.89 -3.29
C GLU C 170 -8.88 22.17 -3.83
N VAL C 171 -9.13 20.99 -3.30
CA VAL C 171 -10.25 20.18 -3.71
C VAL C 171 -11.51 21.03 -3.74
N MET C 172 -11.68 21.93 -2.79
CA MET C 172 -12.87 22.77 -2.81
C MET C 172 -12.80 23.68 -4.02
N ASP C 173 -11.60 24.17 -4.32
CA ASP C 173 -11.43 25.02 -5.48
C ASP C 173 -11.81 24.16 -6.68
N MET C 174 -11.24 22.96 -6.72
CA MET C 174 -11.50 22.03 -7.80
C MET C 174 -12.99 21.72 -7.89
N LEU C 175 -13.61 21.52 -6.73
CA LEU C 175 -15.03 21.21 -6.70
C LEU C 175 -15.78 22.37 -7.31
N HIS C 176 -15.53 23.57 -6.79
CA HIS C 176 -16.16 24.76 -7.32
C HIS C 176 -16.12 24.70 -8.83
N SER C 177 -14.89 24.55 -9.34
CA SER C 177 -14.57 24.47 -10.77
C SER C 177 -15.48 23.53 -11.54
N MET C 178 -15.96 22.50 -10.86
CA MET C 178 -16.84 21.54 -11.48
C MET C 178 -18.27 22.07 -11.52
N GLY C 179 -18.57 23.05 -10.67
CA GLY C 179 -19.91 23.59 -10.69
C GLY C 179 -20.34 24.41 -9.49
N PRO C 180 -20.48 23.75 -8.34
CA PRO C 180 -20.89 24.40 -7.09
C PRO C 180 -20.11 25.65 -6.81
N ASP C 181 -20.80 26.62 -6.22
CA ASP C 181 -20.22 27.88 -5.85
C ASP C 181 -20.06 27.86 -4.35
N THR C 182 -20.78 26.97 -3.69
CA THR C 182 -20.69 26.81 -2.25
C THR C 182 -20.28 25.36 -2.05
N VAL C 183 -19.17 25.15 -1.36
CA VAL C 183 -18.67 23.82 -1.12
C VAL C 183 -18.32 23.59 0.35
N VAL C 184 -18.74 22.45 0.88
CA VAL C 184 -18.44 22.15 2.27
C VAL C 184 -17.99 20.72 2.52
N ILE C 185 -16.83 20.58 3.13
CA ILE C 185 -16.33 19.27 3.49
C ILE C 185 -16.78 19.15 4.94
N THR C 186 -17.85 18.40 5.15
CA THR C 186 -18.41 18.24 6.48
C THR C 186 -17.43 17.79 7.55
N SER C 187 -16.33 17.17 7.14
CA SER C 187 -15.31 16.71 8.09
C SER C 187 -14.11 16.02 7.46
N SER C 188 -13.03 15.89 8.24
CA SER C 188 -11.80 15.23 7.78
C SER C 188 -10.78 15.00 8.90
N ASN C 189 -9.72 14.26 8.55
CA ASN C 189 -8.65 13.91 9.50
C ASN C 189 -7.64 15.00 9.81
N LEU C 190 -7.55 15.99 8.93
CA LEU C 190 -6.61 17.06 9.16
C LEU C 190 -6.27 17.22 10.62
N LEU C 191 -4.98 17.11 10.92
CA LEU C 191 -4.51 17.26 12.27
C LEU C 191 -4.99 18.60 12.83
N SER C 192 -6.15 18.59 13.47
CA SER C 192 -6.69 19.80 14.05
C SER C 192 -5.68 20.52 14.92
N PRO C 193 -5.72 21.84 14.91
CA PRO C 193 -4.81 22.66 15.70
C PRO C 193 -4.86 22.28 17.17
N ARG C 194 -5.96 21.66 17.58
CA ARG C 194 -6.11 21.26 18.98
C ARG C 194 -6.89 19.96 19.12
N GLY C 195 -6.28 18.96 19.74
CA GLY C 195 -6.94 17.68 19.93
C GLY C 195 -7.11 16.82 18.69
N SER C 196 -6.95 15.52 18.93
CA SER C 196 -7.23 14.48 17.94
C SER C 196 -8.71 14.18 18.08
N ASP C 197 -9.18 14.68 19.23
CA ASP C 197 -10.57 14.58 19.63
C ASP C 197 -11.34 15.79 19.12
N TYR C 198 -11.06 16.16 17.87
CA TYR C 198 -11.73 17.29 17.22
C TYR C 198 -11.90 17.07 15.72
N LEU C 199 -13.12 17.21 15.22
CA LEU C 199 -13.37 17.07 13.78
C LEU C 199 -13.23 18.42 13.09
N MET C 200 -12.58 18.43 11.95
CA MET C 200 -12.43 19.69 11.26
C MET C 200 -13.34 19.71 10.05
N ALA C 201 -13.89 20.87 9.73
CA ALA C 201 -14.77 20.97 8.58
C ALA C 201 -14.37 22.23 7.84
N LEU C 202 -14.30 22.15 6.52
CA LEU C 202 -13.93 23.30 5.73
C LEU C 202 -15.03 23.72 4.75
N GLY C 203 -15.32 25.01 4.69
CA GLY C 203 -16.36 25.48 3.79
C GLY C 203 -15.91 26.63 2.92
N SER C 204 -16.06 26.46 1.62
CA SER C 204 -15.68 27.49 0.67
C SER C 204 -16.90 28.03 -0.07
N GLN C 205 -16.88 29.32 -0.38
CA GLN C 205 -17.98 29.94 -1.12
C GLN C 205 -17.40 31.01 -2.05
N ARG C 206 -17.93 31.06 -3.27
CA ARG C 206 -17.48 31.99 -4.30
C ARG C 206 -18.66 32.75 -4.93
N THR C 207 -18.61 34.09 -4.92
CA THR C 207 -19.68 34.90 -5.49
C THR C 207 -19.15 35.87 -6.56
N ARG C 208 -19.96 36.10 -7.59
CA ARG C 208 -19.62 37.01 -8.68
C ARG C 208 -20.44 38.29 -8.64
N ALA C 209 -19.81 39.35 -8.13
CA ALA C 209 -20.45 40.65 -8.02
C ALA C 209 -20.90 41.16 -9.40
N PRO C 210 -21.83 42.14 -9.41
CA PRO C 210 -22.33 42.70 -10.66
C PRO C 210 -21.25 43.58 -11.28
N ASP C 211 -20.08 43.64 -10.64
CA ASP C 211 -18.97 44.42 -11.15
C ASP C 211 -17.87 43.51 -11.67
N GLY C 212 -18.18 42.21 -11.77
CA GLY C 212 -17.21 41.26 -12.27
C GLY C 212 -16.30 40.67 -11.21
N SER C 213 -16.08 41.40 -10.14
CA SER C 213 -15.23 40.93 -9.05
C SER C 213 -15.82 39.64 -8.49
N VAL C 214 -14.94 38.72 -8.07
CA VAL C 214 -15.37 37.46 -7.46
C VAL C 214 -14.98 37.47 -5.97
N VAL C 215 -15.98 37.69 -5.12
CA VAL C 215 -15.76 37.71 -3.68
C VAL C 215 -15.69 36.26 -3.17
N THR C 216 -14.59 35.93 -2.50
CA THR C 216 -14.40 34.58 -1.99
C THR C 216 -14.45 34.47 -0.46
N GLN C 217 -15.15 33.43 0.03
CA GLN C 217 -15.31 33.14 1.47
C GLN C 217 -14.69 31.77 1.78
N ARG C 218 -13.83 31.70 2.80
CA ARG C 218 -13.20 30.44 3.18
C ARG C 218 -13.27 30.32 4.69
N ILE C 219 -13.79 29.19 5.18
CA ILE C 219 -13.91 29.01 6.63
C ILE C 219 -13.57 27.62 7.09
N ARG C 220 -12.88 27.54 8.22
CA ARG C 220 -12.55 26.26 8.81
C ARG C 220 -13.21 26.19 10.19
N MET C 221 -13.54 24.98 10.60
CA MET C 221 -14.19 24.79 11.90
C MET C 221 -13.70 23.54 12.60
N GLU C 222 -13.55 23.71 13.89
CA GLU C 222 -13.15 22.62 14.77
C GLU C 222 -14.37 22.22 15.58
N MET C 223 -14.78 20.98 15.37
CA MET C 223 -15.93 20.45 16.04
C MET C 223 -15.47 19.45 17.08
N HIS C 224 -16.22 19.34 18.16
CA HIS C 224 -15.81 18.40 19.17
C HIS C 224 -16.30 17.01 18.76
N LYS C 225 -15.33 16.12 18.52
CA LYS C 225 -15.61 14.77 18.09
C LYS C 225 -16.31 13.88 19.14
N VAL C 226 -17.32 13.14 18.70
CA VAL C 226 -18.03 12.22 19.59
C VAL C 226 -17.47 10.84 19.41
N ASP C 227 -17.30 10.13 20.52
CA ASP C 227 -16.74 8.79 20.51
C ASP C 227 -17.70 7.79 19.86
N ALA C 228 -18.14 8.09 18.64
CA ALA C 228 -19.06 7.20 17.96
C ALA C 228 -19.26 7.48 16.48
N VAL C 229 -19.88 6.52 15.82
CA VAL C 229 -20.16 6.60 14.40
C VAL C 229 -21.67 6.69 14.21
N PHE C 230 -22.16 7.89 13.90
CA PHE C 230 -23.57 8.07 13.67
C PHE C 230 -23.84 7.94 12.17
N VAL C 231 -25.10 7.85 11.79
CA VAL C 231 -25.44 7.74 10.39
C VAL C 231 -26.66 8.60 10.20
N GLY C 232 -26.64 9.46 9.19
CA GLY C 232 -27.77 10.34 9.01
C GLY C 232 -27.33 11.75 9.32
N THR C 233 -26.21 11.89 10.02
CA THR C 233 -25.70 13.22 10.36
C THR C 233 -25.53 14.05 9.10
N GLY C 234 -24.82 13.50 8.11
CA GLY C 234 -24.62 14.20 6.86
C GLY C 234 -25.92 14.76 6.31
N ASP C 235 -26.93 13.90 6.18
CA ASP C 235 -28.22 14.30 5.65
C ASP C 235 -28.86 15.42 6.47
N LEU C 236 -28.79 15.34 7.81
CA LEU C 236 -29.36 16.36 8.69
C LEU C 236 -28.68 17.69 8.39
N PHE C 237 -27.36 17.63 8.24
CA PHE C 237 -26.53 18.76 7.94
C PHE C 237 -27.01 19.52 6.72
N ALA C 238 -26.89 18.88 5.57
CA ALA C 238 -27.31 19.49 4.30
C ALA C 238 -28.67 20.15 4.44
N ALA C 239 -29.64 19.41 4.94
CA ALA C 239 -30.99 19.93 5.09
C ALA C 239 -30.94 21.26 5.81
N MET C 240 -30.32 21.25 6.97
CA MET C 240 -30.22 22.47 7.75
C MET C 240 -29.35 23.47 7.01
N LEU C 241 -28.29 22.98 6.40
CA LEU C 241 -27.42 23.86 5.67
C LEU C 241 -28.28 24.55 4.65
N LEU C 242 -29.16 23.79 4.01
CA LEU C 242 -30.05 24.37 3.01
C LEU C 242 -30.90 25.49 3.61
N ALA C 243 -31.22 25.38 4.89
CA ALA C 243 -32.05 26.39 5.52
C ALA C 243 -31.35 27.62 6.01
N TRP C 244 -30.12 27.50 6.49
CA TRP C 244 -29.41 28.68 6.95
C TRP C 244 -28.82 29.51 5.82
N THR C 245 -28.24 28.86 4.81
CA THR C 245 -27.66 29.60 3.69
C THR C 245 -28.77 30.38 2.99
N HIS C 246 -29.99 29.88 3.10
CA HIS C 246 -31.14 30.56 2.51
C HIS C 246 -31.36 31.85 3.31
N LYS C 247 -30.99 31.81 4.59
CA LYS C 247 -31.13 32.97 5.47
C LYS C 247 -29.95 33.91 5.31
N HIS C 248 -28.76 33.32 5.13
CA HIS C 248 -27.55 34.08 4.98
C HIS C 248 -26.81 33.60 3.75
N PRO C 249 -27.31 33.98 2.58
CA PRO C 249 -26.71 33.60 1.30
C PRO C 249 -25.25 34.07 1.13
N ASN C 250 -24.85 35.09 1.89
CA ASN C 250 -23.48 35.60 1.80
C ASN C 250 -22.83 35.59 3.18
N ASN C 251 -23.07 34.55 3.94
CA ASN C 251 -22.52 34.42 5.28
C ASN C 251 -22.20 32.95 5.60
N LEU C 252 -21.44 32.34 4.70
CA LEU C 252 -21.08 30.95 4.84
C LEU C 252 -20.66 30.67 6.27
N LYS C 253 -19.93 31.60 6.85
CA LYS C 253 -19.49 31.42 8.23
C LYS C 253 -20.71 31.22 9.11
N VAL C 254 -21.57 32.22 9.14
CA VAL C 254 -22.75 32.13 9.99
C VAL C 254 -23.62 30.91 9.68
N ALA C 255 -24.00 30.75 8.41
CA ALA C 255 -24.83 29.63 8.02
C ALA C 255 -24.21 28.34 8.51
N CYS C 256 -22.90 28.24 8.33
CA CYS C 256 -22.19 27.05 8.74
C CYS C 256 -22.15 26.95 10.25
N GLU C 257 -22.04 28.10 10.91
CA GLU C 257 -21.99 28.08 12.36
C GLU C 257 -23.28 27.54 12.99
N LYS C 258 -24.42 28.11 12.59
CA LYS C 258 -25.70 27.64 13.11
C LYS C 258 -25.82 26.13 12.93
N THR C 259 -25.78 25.73 11.67
CA THR C 259 -25.86 24.33 11.28
C THR C 259 -25.05 23.42 12.20
N VAL C 260 -23.74 23.55 12.13
CA VAL C 260 -22.84 22.74 12.93
C VAL C 260 -23.17 22.81 14.44
N SER C 261 -23.68 23.95 14.90
CA SER C 261 -24.01 24.07 16.31
C SER C 261 -25.15 23.11 16.59
N ALA C 262 -26.20 23.25 15.79
CA ALA C 262 -27.39 22.39 15.89
C ALA C 262 -26.87 20.97 15.92
N MET C 263 -26.01 20.69 14.95
CA MET C 263 -25.39 19.39 14.80
C MET C 263 -24.83 18.92 16.15
N HIS C 264 -24.06 19.79 16.79
CA HIS C 264 -23.44 19.45 18.07
C HIS C 264 -24.47 19.08 19.11
N HIS C 265 -25.46 19.94 19.28
CA HIS C 265 -26.52 19.69 20.25
C HIS C 265 -27.17 18.34 19.96
N VAL C 266 -27.81 18.24 18.80
CA VAL C 266 -28.44 17.00 18.40
C VAL C 266 -27.55 15.84 18.79
N LEU C 267 -26.34 15.85 18.28
CA LEU C 267 -25.41 14.76 18.56
C LEU C 267 -25.12 14.57 20.05
N GLN C 268 -24.84 15.64 20.76
CA GLN C 268 -24.57 15.51 22.20
C GLN C 268 -25.74 14.79 22.85
N ARG C 269 -26.96 15.22 22.54
CA ARG C 269 -28.16 14.59 23.09
C ARG C 269 -28.20 13.10 22.76
N THR C 270 -27.89 12.77 21.52
CA THR C 270 -27.89 11.39 21.08
C THR C 270 -26.91 10.51 21.86
N ILE C 271 -25.61 10.83 21.79
CA ILE C 271 -24.62 10.04 22.51
C ILE C 271 -24.97 9.88 23.98
N LYS C 272 -25.57 10.89 24.58
CA LYS C 272 -25.93 10.81 25.98
C LYS C 272 -26.91 9.67 26.19
N CYS C 273 -28.10 9.77 25.61
CA CYS C 273 -29.09 8.70 25.76
C CYS C 273 -28.47 7.38 25.27
N ALA C 274 -27.76 7.44 24.15
CA ALA C 274 -27.12 6.26 23.59
C ALA C 274 -26.35 5.53 24.67
N LYS C 275 -25.38 6.20 25.28
CA LYS C 275 -24.58 5.59 26.35
C LYS C 275 -25.45 5.12 27.52
N ALA C 276 -26.63 5.72 27.67
CA ALA C 276 -27.54 5.33 28.74
C ALA C 276 -28.11 3.94 28.47
N LYS C 277 -28.56 3.72 27.24
CA LYS C 277 -29.13 2.45 26.87
C LYS C 277 -28.08 1.35 26.74
N SER C 278 -26.82 1.73 26.61
CA SER C 278 -25.78 0.71 26.46
C SER C 278 -25.11 0.38 27.79
N GLY C 279 -25.06 1.36 28.68
CA GLY C 279 -24.42 1.14 29.96
C GLY C 279 -22.94 1.53 29.91
N GLU C 280 -22.36 1.74 31.09
CA GLU C 280 -20.95 2.12 31.21
C GLU C 280 -20.02 1.04 30.67
N GLY C 281 -18.91 1.46 30.04
CA GLY C 281 -17.96 0.50 29.51
C GLY C 281 -18.58 -0.47 28.54
N VAL C 282 -19.57 0.03 27.78
CA VAL C 282 -20.26 -0.77 26.75
C VAL C 282 -20.54 0.21 25.61
N LYS C 283 -20.28 -0.19 24.38
CA LYS C 283 -20.50 0.73 23.26
C LYS C 283 -21.88 0.73 22.66
N PRO C 284 -22.47 1.94 22.51
CA PRO C 284 -23.81 2.06 21.94
C PRO C 284 -23.87 1.40 20.56
N SER C 285 -24.95 0.67 20.30
CA SER C 285 -25.12 -0.01 19.03
C SER C 285 -25.75 0.94 18.04
N PRO C 286 -25.63 0.63 16.75
CA PRO C 286 -26.22 1.52 15.73
C PRO C 286 -27.68 1.83 16.04
N ALA C 287 -28.41 0.87 16.58
CA ALA C 287 -29.80 1.11 16.92
C ALA C 287 -29.85 2.14 18.06
N GLN C 288 -28.94 2.02 19.00
CA GLN C 288 -28.93 2.93 20.13
C GLN C 288 -28.31 4.29 19.78
N LEU C 289 -27.77 4.42 18.58
CA LEU C 289 -27.13 5.67 18.15
C LEU C 289 -27.98 6.48 17.19
N GLU C 290 -29.21 6.05 16.97
CA GLU C 290 -30.10 6.79 16.09
C GLU C 290 -30.17 8.22 16.60
N LEU C 291 -30.23 9.19 15.68
CA LEU C 291 -30.30 10.58 16.11
C LEU C 291 -31.61 10.83 16.87
N ARG C 292 -31.53 11.65 17.91
CA ARG C 292 -32.73 11.99 18.69
C ARG C 292 -33.25 13.29 18.10
N MET C 293 -33.91 13.13 16.95
CA MET C 293 -34.48 14.22 16.20
C MET C 293 -35.50 14.97 17.02
N VAL C 294 -36.68 14.37 17.13
CA VAL C 294 -37.80 14.92 17.87
C VAL C 294 -37.34 15.70 19.13
N GLN C 295 -36.53 15.02 19.94
CA GLN C 295 -36.01 15.59 21.16
C GLN C 295 -35.23 16.88 20.94
N SER C 296 -34.66 17.03 19.75
CA SER C 296 -33.85 18.20 19.42
C SER C 296 -34.62 19.28 18.66
N LYS C 297 -35.93 19.10 18.56
CA LYS C 297 -36.77 20.06 17.86
C LYS C 297 -36.33 21.49 18.16
N LYS C 298 -36.40 21.89 19.43
CA LYS C 298 -36.03 23.26 19.79
C LYS C 298 -34.61 23.68 19.36
N ASP C 299 -33.65 22.79 19.56
CA ASP C 299 -32.28 23.11 19.19
C ASP C 299 -32.13 23.29 17.69
N ILE C 300 -32.92 22.57 16.93
CA ILE C 300 -32.86 22.69 15.48
C ILE C 300 -33.43 24.05 15.03
N GLU C 301 -34.51 24.46 15.68
CA GLU C 301 -35.17 25.72 15.38
C GLU C 301 -34.27 26.91 15.64
N SER C 302 -33.55 26.88 16.76
CA SER C 302 -32.66 27.97 17.17
C SER C 302 -31.44 27.42 17.92
N PRO C 303 -30.42 26.96 17.18
CA PRO C 303 -29.24 26.41 17.82
C PRO C 303 -28.29 27.44 18.42
N GLU C 304 -27.95 27.25 19.69
CA GLU C 304 -27.03 28.19 20.29
C GLU C 304 -25.72 27.94 19.59
N ILE C 305 -24.97 28.99 19.33
CA ILE C 305 -23.70 28.83 18.64
C ILE C 305 -22.62 28.32 19.59
N VAL C 306 -22.22 27.07 19.42
CA VAL C 306 -21.18 26.50 20.26
C VAL C 306 -19.90 26.24 19.50
N VAL C 307 -19.86 26.64 18.23
CA VAL C 307 -18.65 26.50 17.43
C VAL C 307 -18.42 27.82 16.69
N GLN C 308 -17.22 28.35 16.78
CA GLN C 308 -16.92 29.58 16.10
C GLN C 308 -16.02 29.29 14.95
N ALA C 309 -16.52 29.61 13.76
CA ALA C 309 -15.79 29.35 12.53
C ALA C 309 -14.65 30.34 12.38
N THR C 310 -13.50 29.83 11.95
CA THR C 310 -12.34 30.69 11.73
C THR C 310 -12.32 31.03 10.24
N VAL C 311 -12.14 32.32 9.94
CA VAL C 311 -12.13 32.83 8.57
C VAL C 311 -10.72 32.80 7.95
N LEU C 312 -10.50 31.89 7.02
CA LEU C 312 -9.20 31.74 6.39
C LEU C 312 -8.81 32.82 5.36
N MET D 1 -11.98 -5.87 -55.79
CA MET D 1 -11.86 -5.33 -57.18
C MET D 1 -11.80 -6.43 -58.23
N GLU D 2 -12.04 -6.08 -59.50
CA GLU D 2 -12.06 -7.09 -60.56
C GLU D 2 -10.86 -7.25 -61.51
N GLU D 3 -9.67 -6.88 -61.04
CA GLU D 3 -8.44 -7.05 -61.83
C GLU D 3 -7.51 -7.82 -60.91
N GLU D 4 -6.58 -8.57 -61.49
CA GLU D 4 -5.66 -9.35 -60.69
C GLU D 4 -4.55 -8.50 -60.03
N CYS D 5 -4.66 -8.24 -58.73
CA CYS D 5 -3.65 -7.45 -58.00
C CYS D 5 -3.07 -8.20 -56.80
N ARG D 6 -1.78 -8.51 -56.88
CA ARG D 6 -1.10 -9.22 -55.81
C ARG D 6 -0.25 -8.25 -55.01
N VAL D 7 -0.27 -8.41 -53.69
CA VAL D 7 0.45 -7.55 -52.75
C VAL D 7 1.30 -8.37 -51.77
N LEU D 8 2.59 -8.06 -51.70
CA LEU D 8 3.48 -8.75 -50.78
C LEU D 8 3.60 -7.92 -49.53
N SER D 9 2.78 -8.22 -48.53
CA SER D 9 2.80 -7.49 -47.27
C SER D 9 3.73 -8.14 -46.27
N ILE D 10 4.70 -7.35 -45.81
CA ILE D 10 5.69 -7.83 -44.85
C ILE D 10 5.56 -7.06 -43.54
N GLN D 11 4.93 -7.69 -42.55
CA GLN D 11 4.71 -7.05 -41.26
C GLN D 11 4.55 -8.05 -40.15
N SER D 12 4.35 -7.52 -38.96
CA SER D 12 4.17 -8.27 -37.73
C SER D 12 2.88 -9.07 -37.67
N HIS D 13 2.92 -10.18 -36.93
CA HIS D 13 1.73 -11.01 -36.74
C HIS D 13 1.49 -11.20 -35.24
N VAL D 14 0.23 -11.06 -34.82
CA VAL D 14 -0.13 -11.26 -33.42
C VAL D 14 -1.18 -12.36 -33.37
N VAL D 15 -1.07 -13.23 -32.39
CA VAL D 15 -2.03 -14.32 -32.23
C VAL D 15 -3.41 -13.68 -31.99
N ARG D 16 -3.49 -12.80 -30.99
CA ARG D 16 -4.74 -12.14 -30.66
C ARG D 16 -4.69 -10.69 -31.08
N GLY D 17 -5.78 -10.17 -31.62
CA GLY D 17 -5.79 -8.78 -32.00
C GLY D 17 -5.56 -8.42 -33.45
N TYR D 18 -5.76 -7.14 -33.74
CA TYR D 18 -5.60 -6.60 -35.08
C TYR D 18 -4.55 -5.53 -35.11
N VAL D 19 -3.41 -5.93 -35.64
CA VAL D 19 -2.23 -5.12 -35.71
C VAL D 19 -1.31 -5.90 -36.64
N GLY D 20 -0.42 -5.19 -37.33
CA GLY D 20 0.47 -5.89 -38.25
C GLY D 20 -0.26 -6.49 -39.43
N ASN D 21 0.22 -7.61 -39.94
CA ASN D 21 -0.43 -8.27 -41.08
C ASN D 21 -1.89 -8.61 -40.68
N ARG D 22 -2.11 -8.86 -39.38
CA ARG D 22 -3.44 -9.17 -38.87
C ARG D 22 -4.45 -8.08 -39.16
N ALA D 23 -4.00 -6.83 -39.13
CA ALA D 23 -4.91 -5.72 -39.38
C ALA D 23 -4.91 -5.31 -40.84
N ALA D 24 -3.90 -5.73 -41.58
CA ALA D 24 -3.77 -5.37 -43.00
C ALA D 24 -4.32 -6.38 -44.02
N THR D 25 -4.22 -7.66 -43.71
CA THR D 25 -4.69 -8.68 -44.64
C THR D 25 -6.20 -8.71 -44.87
N PHE D 26 -6.98 -8.68 -43.81
CA PHE D 26 -8.43 -8.73 -43.99
C PHE D 26 -8.91 -7.64 -44.95
N PRO D 27 -8.58 -6.37 -44.65
CA PRO D 27 -8.98 -5.23 -45.47
C PRO D 27 -8.65 -5.43 -46.94
N LEU D 28 -7.38 -5.64 -47.25
CA LEU D 28 -7.01 -5.83 -48.64
C LEU D 28 -7.80 -6.97 -49.24
N GLN D 29 -8.00 -8.04 -48.48
CA GLN D 29 -8.75 -9.19 -48.97
C GLN D 29 -10.21 -8.89 -49.23
N VAL D 30 -10.93 -8.46 -48.22
CA VAL D 30 -12.32 -8.18 -48.48
C VAL D 30 -12.42 -7.13 -49.57
N LEU D 31 -11.28 -6.49 -49.86
CA LEU D 31 -11.25 -5.44 -50.88
C LEU D 31 -10.96 -5.97 -52.28
N GLY D 32 -10.53 -7.22 -52.35
CA GLY D 32 -10.25 -7.81 -53.65
C GLY D 32 -8.80 -8.09 -54.01
N PHE D 33 -7.84 -7.59 -53.23
CA PHE D 33 -6.43 -7.85 -53.57
C PHE D 33 -5.99 -9.23 -53.14
N GLU D 34 -5.05 -9.78 -53.88
CA GLU D 34 -4.54 -11.09 -53.56
C GLU D 34 -3.33 -10.81 -52.70
N VAL D 35 -3.35 -11.27 -51.46
CA VAL D 35 -2.24 -11.00 -50.54
C VAL D 35 -1.25 -12.12 -50.29
N ASP D 36 0.03 -11.74 -50.21
CA ASP D 36 1.11 -12.66 -49.91
C ASP D 36 1.66 -12.11 -48.60
N ALA D 37 1.48 -12.86 -47.53
CA ALA D 37 1.90 -12.41 -46.22
C ALA D 37 3.14 -13.02 -45.61
N VAL D 38 4.07 -12.15 -45.22
CA VAL D 38 5.28 -12.61 -44.58
C VAL D 38 5.16 -11.95 -43.23
N ASN D 39 5.22 -12.75 -42.18
CA ASN D 39 5.13 -12.24 -40.82
C ASN D 39 6.52 -12.05 -40.23
N SER D 40 6.91 -10.79 -40.11
CA SER D 40 8.20 -10.42 -39.55
C SER D 40 8.33 -10.89 -38.12
N VAL D 41 7.19 -11.08 -37.45
CA VAL D 41 7.20 -11.51 -36.07
C VAL D 41 5.89 -12.16 -35.70
N GLN D 42 5.92 -13.02 -34.68
CA GLN D 42 4.70 -13.63 -34.19
C GLN D 42 4.67 -13.49 -32.70
N PHE D 43 3.85 -12.57 -32.20
CA PHE D 43 3.74 -12.37 -30.77
C PHE D 43 2.36 -12.80 -30.33
N SER D 44 2.18 -12.85 -29.02
CA SER D 44 0.90 -13.21 -28.46
C SER D 44 -0.08 -12.10 -28.82
N ASN D 45 0.37 -10.86 -28.63
CA ASN D 45 -0.44 -9.69 -28.87
C ASN D 45 0.49 -8.51 -29.14
N HIS D 46 -0.06 -7.29 -29.19
CA HIS D 46 0.79 -6.14 -29.46
C HIS D 46 1.40 -5.58 -28.18
N THR D 47 2.62 -5.09 -28.31
CA THR D 47 3.37 -4.57 -27.18
C THR D 47 2.65 -3.53 -26.33
N GLY D 48 1.51 -3.05 -26.79
CA GLY D 48 0.76 -2.08 -26.02
C GLY D 48 0.29 -2.76 -24.75
N TYR D 49 0.21 -4.10 -24.80
CA TYR D 49 -0.22 -4.89 -23.65
C TYR D 49 0.88 -4.90 -22.60
N SER D 50 0.51 -5.09 -21.34
CA SER D 50 1.50 -5.11 -20.27
C SER D 50 2.56 -6.15 -20.58
N HIS D 51 2.13 -7.31 -21.06
CA HIS D 51 3.07 -8.37 -21.37
C HIS D 51 2.87 -8.76 -22.82
N TRP D 52 3.92 -9.31 -23.42
CA TRP D 52 3.85 -9.79 -24.78
C TRP D 52 5.09 -10.65 -24.96
N LYS D 53 4.87 -11.84 -25.51
CA LYS D 53 5.96 -12.76 -25.77
C LYS D 53 5.78 -13.15 -27.22
N GLY D 54 6.78 -13.77 -27.80
CA GLY D 54 6.65 -14.15 -29.19
C GLY D 54 8.01 -14.31 -29.82
N GLN D 55 8.02 -14.60 -31.11
CA GLN D 55 9.26 -14.78 -31.83
C GLN D 55 9.44 -13.77 -32.95
N VAL D 56 10.69 -13.62 -33.40
CA VAL D 56 11.03 -12.67 -34.43
C VAL D 56 11.84 -13.36 -35.51
N LEU D 57 11.83 -12.78 -36.70
CA LEU D 57 12.59 -13.30 -37.83
C LEU D 57 13.80 -12.45 -38.13
N ASN D 58 14.83 -13.10 -38.63
CA ASN D 58 16.06 -12.40 -38.97
C ASN D 58 16.26 -12.53 -40.47
N SER D 59 17.18 -11.73 -41.00
CA SER D 59 17.48 -11.72 -42.43
C SER D 59 17.49 -13.10 -43.06
N ASP D 60 18.02 -14.10 -42.35
CA ASP D 60 18.08 -15.46 -42.88
C ASP D 60 16.72 -16.07 -42.99
N GLU D 61 15.91 -15.90 -41.95
CA GLU D 61 14.56 -16.45 -41.96
C GLU D 61 13.76 -15.82 -43.09
N LEU D 62 13.96 -14.54 -43.35
CA LEU D 62 13.23 -13.91 -44.45
C LEU D 62 13.74 -14.43 -45.79
N GLN D 63 15.05 -14.61 -45.90
CA GLN D 63 15.65 -15.12 -47.13
C GLN D 63 15.04 -16.49 -47.46
N GLU D 64 15.01 -17.37 -46.48
CA GLU D 64 14.44 -18.72 -46.64
C GLU D 64 13.12 -18.61 -47.40
N LEU D 65 12.20 -17.84 -46.83
CA LEU D 65 10.88 -17.65 -47.40
C LEU D 65 10.97 -17.09 -48.81
N TYR D 66 11.67 -15.98 -48.97
CA TYR D 66 11.80 -15.37 -50.28
C TYR D 66 12.42 -16.37 -51.25
N ASP D 67 13.45 -17.08 -50.80
CA ASP D 67 14.09 -18.07 -51.66
C ASP D 67 13.02 -19.07 -52.04
N GLY D 68 12.24 -19.52 -51.06
CA GLY D 68 11.17 -20.48 -51.30
C GLY D 68 10.31 -20.01 -52.47
N LEU D 69 9.77 -18.81 -52.36
CA LEU D 69 8.93 -18.23 -53.41
C LEU D 69 9.76 -18.10 -54.68
N LYS D 70 10.99 -17.61 -54.51
CA LYS D 70 11.90 -17.44 -55.64
C LYS D 70 11.96 -18.76 -56.39
N LEU D 71 12.43 -19.80 -55.72
CA LEU D 71 12.56 -21.15 -56.28
C LEU D 71 11.36 -21.63 -57.11
N ASN D 72 10.16 -21.25 -56.69
CA ASN D 72 8.96 -21.66 -57.41
C ASN D 72 8.54 -20.66 -58.49
N HIS D 73 9.24 -19.53 -58.56
CA HIS D 73 8.92 -18.53 -59.57
C HIS D 73 7.59 -17.86 -59.29
N VAL D 74 7.28 -17.60 -58.03
CA VAL D 74 6.02 -16.94 -57.70
C VAL D 74 6.30 -15.62 -57.02
N ASN D 75 7.54 -15.16 -57.15
CA ASN D 75 7.94 -13.90 -56.55
C ASN D 75 7.62 -12.79 -57.53
N GLN D 76 6.33 -12.60 -57.76
CA GLN D 76 5.87 -11.58 -58.68
C GLN D 76 4.71 -10.85 -58.04
N TYR D 77 4.91 -9.55 -57.81
CA TYR D 77 3.88 -8.73 -57.19
C TYR D 77 3.54 -7.46 -57.96
N ASP D 78 2.53 -6.77 -57.47
CA ASP D 78 2.08 -5.55 -58.10
C ASP D 78 2.28 -4.44 -57.11
N TYR D 79 2.26 -4.84 -55.84
CA TYR D 79 2.47 -3.92 -54.72
C TYR D 79 3.34 -4.56 -53.66
N VAL D 80 3.82 -3.74 -52.75
CA VAL D 80 4.62 -4.22 -51.65
C VAL D 80 4.21 -3.35 -50.48
N LEU D 81 3.88 -3.97 -49.36
CA LEU D 81 3.47 -3.22 -48.21
C LEU D 81 4.30 -3.75 -47.07
N THR D 82 5.01 -2.85 -46.40
CA THR D 82 5.86 -3.28 -45.29
C THR D 82 5.60 -2.47 -44.04
N GLY D 83 5.74 -3.13 -42.90
CA GLY D 83 5.51 -2.47 -41.65
C GLY D 83 6.43 -2.90 -40.52
N TYR D 84 5.82 -3.22 -39.38
CA TYR D 84 6.54 -3.61 -38.17
C TYR D 84 7.69 -4.62 -38.29
N THR D 85 8.87 -4.22 -37.81
CA THR D 85 10.09 -5.06 -37.76
C THR D 85 10.94 -4.53 -36.61
N ARG D 86 11.75 -5.41 -36.02
CA ARG D 86 12.61 -4.99 -34.93
C ARG D 86 14.03 -5.32 -35.34
N ASP D 87 14.15 -5.92 -36.51
CA ASP D 87 15.45 -6.32 -37.03
C ASP D 87 15.88 -5.45 -38.20
N LYS D 88 16.95 -4.70 -37.98
CA LYS D 88 17.55 -3.83 -38.99
C LYS D 88 17.98 -4.69 -40.19
N SER D 89 18.53 -5.86 -39.89
CA SER D 89 18.95 -6.78 -40.93
C SER D 89 17.72 -7.06 -41.79
N PHE D 90 16.63 -7.41 -41.10
CA PHE D 90 15.36 -7.73 -41.74
C PHE D 90 14.96 -6.59 -42.64
N LEU D 91 14.86 -5.40 -42.07
CA LEU D 91 14.46 -4.23 -42.85
C LEU D 91 15.33 -4.00 -44.09
N ALA D 92 16.64 -4.04 -43.90
CA ALA D 92 17.59 -3.84 -44.99
C ALA D 92 17.25 -4.76 -46.14
N MET D 93 17.29 -6.06 -45.86
CA MET D 93 16.99 -7.07 -46.86
C MET D 93 15.68 -6.80 -47.59
N VAL D 94 14.65 -6.42 -46.83
CA VAL D 94 13.37 -6.14 -47.46
C VAL D 94 13.62 -5.19 -48.62
N VAL D 95 14.49 -4.21 -48.39
CA VAL D 95 14.80 -3.24 -49.43
C VAL D 95 15.37 -3.95 -50.65
N ASP D 96 16.46 -4.70 -50.48
CA ASP D 96 17.03 -5.42 -51.61
C ASP D 96 15.94 -6.19 -52.38
N ILE D 97 15.09 -6.89 -51.63
CA ILE D 97 13.99 -7.65 -52.21
C ILE D 97 13.14 -6.69 -53.05
N VAL D 98 12.69 -5.60 -52.43
CA VAL D 98 11.86 -4.63 -53.12
C VAL D 98 12.46 -4.24 -54.46
N GLN D 99 13.76 -3.98 -54.46
CA GLN D 99 14.41 -3.56 -55.68
C GLN D 99 14.50 -4.65 -56.71
N GLU D 100 14.81 -5.86 -56.28
CA GLU D 100 14.87 -6.95 -57.25
C GLU D 100 13.50 -7.03 -57.94
N LEU D 101 12.44 -6.81 -57.17
CA LEU D 101 11.09 -6.89 -57.71
C LEU D 101 10.78 -5.70 -58.61
N LYS D 102 11.22 -4.50 -58.23
CA LYS D 102 10.97 -3.33 -59.06
C LYS D 102 11.65 -3.47 -60.42
N GLN D 103 12.74 -4.24 -60.46
CA GLN D 103 13.46 -4.47 -61.71
C GLN D 103 12.59 -5.36 -62.59
N GLN D 104 12.13 -6.47 -62.03
CA GLN D 104 11.29 -7.40 -62.76
C GLN D 104 10.02 -6.69 -63.22
N ASN D 105 9.41 -5.94 -62.30
CA ASN D 105 8.18 -5.19 -62.60
C ASN D 105 8.31 -3.73 -62.26
N PRO D 106 8.57 -2.91 -63.29
CA PRO D 106 8.73 -1.45 -63.19
C PRO D 106 7.45 -0.78 -62.70
N ARG D 107 6.32 -1.43 -62.94
CA ARG D 107 5.05 -0.86 -62.53
C ARG D 107 4.72 -1.12 -61.07
N LEU D 108 5.56 -1.88 -60.39
CA LEU D 108 5.30 -2.18 -58.99
C LEU D 108 5.25 -0.94 -58.11
N VAL D 109 4.34 -0.96 -57.14
CA VAL D 109 4.22 0.14 -56.19
C VAL D 109 4.54 -0.38 -54.80
N TYR D 110 5.41 0.34 -54.10
CA TYR D 110 5.80 -0.05 -52.76
C TYR D 110 5.24 0.93 -51.73
N VAL D 111 4.30 0.45 -50.92
CA VAL D 111 3.72 1.25 -49.86
C VAL D 111 4.55 0.99 -48.62
N CYS D 112 5.13 2.05 -48.06
CA CYS D 112 5.96 1.91 -46.88
C CYS D 112 5.41 2.62 -45.65
N ASP D 113 5.15 1.83 -44.60
CA ASP D 113 4.65 2.37 -43.36
C ASP D 113 5.89 2.38 -42.48
N PRO D 114 6.52 3.55 -42.30
CA PRO D 114 7.72 3.69 -41.47
C PRO D 114 7.44 3.47 -39.97
N VAL D 115 6.99 2.27 -39.62
CA VAL D 115 6.66 1.94 -38.24
C VAL D 115 7.83 1.93 -37.30
N MET D 116 7.93 2.96 -36.46
CA MET D 116 9.03 3.05 -35.51
C MET D 116 8.60 3.47 -34.11
N GLY D 117 7.73 4.47 -34.03
CA GLY D 117 7.33 4.92 -32.71
C GLY D 117 5.97 5.55 -32.60
N ASP D 118 5.69 6.04 -31.40
CA ASP D 118 4.42 6.65 -31.05
C ASP D 118 4.57 8.10 -30.59
N GLN D 119 3.65 8.94 -31.06
CA GLN D 119 3.63 10.35 -30.70
C GLN D 119 2.55 10.59 -29.64
N ARG D 120 2.60 9.86 -28.53
CA ARG D 120 1.58 10.00 -27.49
C ARG D 120 2.04 10.76 -26.24
N ASN D 121 1.11 11.46 -25.61
CA ASN D 121 1.38 12.23 -24.39
C ASN D 121 2.35 13.41 -24.58
N GLY D 122 2.24 14.07 -25.74
CA GLY D 122 3.13 15.19 -26.04
C GLY D 122 4.10 14.77 -27.12
N GLU D 123 5.39 14.67 -26.78
CA GLU D 123 6.40 14.22 -27.74
C GLU D 123 6.63 12.73 -27.41
N GLY D 124 7.05 11.94 -28.37
CA GLY D 124 7.13 10.47 -28.16
C GLY D 124 8.56 9.87 -28.06
N ALA D 125 8.51 8.54 -28.16
CA ALA D 125 9.66 7.64 -28.11
C ALA D 125 9.39 6.45 -29.04
N MET D 126 10.43 5.90 -29.66
CA MET D 126 10.25 4.79 -30.57
C MET D 126 9.87 3.52 -29.84
N TYR D 127 9.13 2.63 -30.50
CA TYR D 127 8.80 1.36 -29.86
C TYR D 127 9.50 0.21 -30.56
N VAL D 128 10.64 0.52 -31.19
CA VAL D 128 11.45 -0.45 -31.91
C VAL D 128 12.92 -0.03 -31.69
N PRO D 129 13.87 -0.96 -31.81
CA PRO D 129 15.29 -0.61 -31.63
C PRO D 129 15.69 0.58 -32.52
N ASP D 130 16.59 1.43 -32.02
CA ASP D 130 17.04 2.64 -32.73
C ASP D 130 17.73 2.43 -34.07
N ASP D 131 18.48 1.33 -34.18
CA ASP D 131 19.20 1.02 -35.41
C ASP D 131 18.35 0.97 -36.67
N LEU D 132 17.04 1.05 -36.53
CA LEU D 132 16.17 1.02 -37.69
C LEU D 132 15.97 2.40 -38.28
N LEU D 133 16.01 3.42 -37.43
CA LEU D 133 15.81 4.79 -37.91
C LEU D 133 16.72 5.04 -39.08
N PRO D 134 18.02 4.79 -38.90
CA PRO D 134 18.96 5.00 -39.99
C PRO D 134 18.59 4.19 -41.24
N VAL D 135 18.26 2.91 -41.05
CA VAL D 135 17.91 2.06 -42.20
C VAL D 135 16.69 2.59 -42.95
N TYR D 136 15.65 2.94 -42.20
CA TYR D 136 14.43 3.48 -42.80
C TYR D 136 14.74 4.79 -43.50
N ARG D 137 15.57 5.60 -42.84
CA ARG D 137 15.95 6.93 -43.34
C ARG D 137 16.84 6.94 -44.56
N GLU D 138 17.73 5.96 -44.69
CA GLU D 138 18.66 5.93 -45.81
C GLU D 138 18.47 4.85 -46.88
N LYS D 139 17.87 3.74 -46.53
CA LYS D 139 17.69 2.68 -47.53
C LYS D 139 16.22 2.50 -47.93
N VAL D 140 15.32 2.64 -46.97
CA VAL D 140 13.92 2.42 -47.26
C VAL D 140 13.15 3.57 -47.91
N VAL D 141 12.99 4.68 -47.21
CA VAL D 141 12.25 5.80 -47.79
C VAL D 141 12.70 6.13 -49.21
N PRO D 142 14.00 6.05 -49.49
CA PRO D 142 14.49 6.35 -50.83
C PRO D 142 13.68 5.60 -51.88
N VAL D 143 13.52 4.31 -51.65
CA VAL D 143 12.84 3.44 -52.59
C VAL D 143 11.30 3.34 -52.45
N ALA D 144 10.72 4.11 -51.52
CA ALA D 144 9.27 4.04 -51.31
C ALA D 144 8.42 4.94 -52.24
N ASP D 145 7.30 4.41 -52.70
CA ASP D 145 6.44 5.16 -53.58
C ASP D 145 5.35 5.86 -52.79
N ILE D 146 5.07 5.34 -51.59
CA ILE D 146 4.04 5.93 -50.72
C ILE D 146 4.38 5.67 -49.26
N ILE D 147 4.51 6.73 -48.48
CA ILE D 147 4.80 6.54 -47.06
C ILE D 147 3.62 7.02 -46.26
N THR D 148 3.41 6.35 -45.14
CA THR D 148 2.30 6.66 -44.26
C THR D 148 2.89 6.88 -42.88
N PRO D 149 3.74 7.91 -42.76
CA PRO D 149 4.36 8.18 -41.47
C PRO D 149 3.49 8.83 -40.41
N ASN D 150 4.02 8.67 -39.19
CA ASN D 150 3.51 9.15 -37.93
C ASN D 150 4.04 10.57 -37.80
N GLN D 151 3.32 11.50 -37.18
CA GLN D 151 3.90 12.83 -37.06
C GLN D 151 5.30 12.53 -36.52
N PHE D 152 5.31 11.79 -35.42
CA PHE D 152 6.55 11.39 -34.76
C PHE D 152 7.53 10.79 -35.76
N GLU D 153 7.18 9.66 -36.34
CA GLU D 153 8.05 9.01 -37.31
C GLU D 153 8.45 10.00 -38.39
N ALA D 154 7.48 10.74 -38.92
CA ALA D 154 7.74 11.72 -39.97
C ALA D 154 8.84 12.69 -39.55
N GLU D 155 8.72 13.20 -38.33
CA GLU D 155 9.73 14.11 -37.81
C GLU D 155 11.01 13.29 -37.83
N LEU D 156 10.94 12.12 -37.21
CA LEU D 156 12.08 11.20 -37.11
C LEU D 156 12.84 11.01 -38.42
N LEU D 157 12.11 10.88 -39.52
CA LEU D 157 12.76 10.66 -40.81
C LEU D 157 13.43 11.92 -41.37
N THR D 158 12.66 13.00 -41.47
CA THR D 158 13.18 14.27 -41.97
C THR D 158 14.05 14.96 -40.92
N GLY D 159 14.29 14.25 -39.82
CA GLY D 159 15.13 14.77 -38.75
C GLY D 159 14.70 16.07 -38.09
N ARG D 160 13.50 16.53 -38.39
CA ARG D 160 13.07 17.76 -37.78
C ARG D 160 11.98 17.56 -36.75
N LYS D 161 11.20 18.61 -36.50
CA LYS D 161 10.14 18.53 -35.51
C LYS D 161 9.08 19.54 -35.96
N ILE D 162 7.83 19.11 -35.98
CA ILE D 162 6.74 19.97 -36.42
C ILE D 162 6.13 20.81 -35.31
N HIS D 163 5.77 22.04 -35.65
CA HIS D 163 5.17 22.95 -34.68
C HIS D 163 4.24 23.90 -35.39
N SER D 164 3.90 23.53 -36.62
CA SER D 164 3.00 24.32 -37.44
C SER D 164 2.59 23.49 -38.65
N GLN D 165 1.47 23.84 -39.24
CA GLN D 165 1.00 23.11 -40.41
C GLN D 165 2.09 23.18 -41.45
N GLU D 166 2.60 24.38 -41.64
CA GLU D 166 3.68 24.64 -42.58
C GLU D 166 4.78 23.62 -42.30
N GLU D 167 5.42 23.76 -41.15
CA GLU D 167 6.48 22.86 -40.71
C GLU D 167 6.12 21.45 -41.22
N ALA D 168 4.85 21.11 -41.12
CA ALA D 168 4.41 19.82 -41.58
C ALA D 168 4.58 19.74 -43.09
N LEU D 169 3.82 20.56 -43.82
CA LEU D 169 3.90 20.59 -45.28
C LEU D 169 5.32 20.53 -45.83
N GLU D 170 6.27 21.10 -45.08
CA GLU D 170 7.67 21.07 -45.52
C GLU D 170 8.20 19.65 -45.45
N VAL D 171 8.07 19.02 -44.28
CA VAL D 171 8.53 17.66 -44.07
C VAL D 171 8.05 16.75 -45.20
N MET D 172 6.82 16.94 -45.64
CA MET D 172 6.30 16.13 -46.72
C MET D 172 7.09 16.43 -47.99
N ASP D 173 7.39 17.70 -48.22
CA ASP D 173 8.17 18.10 -49.37
C ASP D 173 9.53 17.39 -49.28
N MET D 174 10.07 17.43 -48.06
CA MET D 174 11.36 16.81 -47.74
C MET D 174 11.30 15.30 -47.94
N LEU D 175 10.25 14.71 -47.38
CA LEU D 175 10.03 13.27 -47.52
C LEU D 175 10.00 12.94 -49.01
N HIS D 176 9.12 13.62 -49.76
CA HIS D 176 9.01 13.43 -51.20
C HIS D 176 10.43 13.38 -51.73
N SER D 177 11.18 14.45 -51.42
CA SER D 177 12.60 14.63 -51.82
C SER D 177 13.46 13.40 -51.60
N MET D 178 13.12 12.64 -50.57
CA MET D 178 13.86 11.43 -50.26
C MET D 178 13.43 10.26 -51.18
N GLY D 179 12.25 10.37 -51.80
CA GLY D 179 11.79 9.32 -52.69
C GLY D 179 10.29 9.26 -52.97
N PRO D 180 9.46 9.00 -51.96
CA PRO D 180 8.01 8.92 -52.14
C PRO D 180 7.41 10.09 -52.90
N ASP D 181 6.42 9.82 -53.74
CA ASP D 181 5.75 10.85 -54.52
C ASP D 181 4.42 11.11 -53.83
N THR D 182 4.00 10.16 -53.01
CA THR D 182 2.76 10.28 -52.25
C THR D 182 3.19 10.19 -50.81
N VAL D 183 2.86 11.21 -50.04
CA VAL D 183 3.25 11.27 -48.64
C VAL D 183 2.02 11.59 -47.78
N VAL D 184 1.86 10.86 -46.67
CA VAL D 184 0.75 11.07 -45.74
C VAL D 184 1.13 11.04 -44.27
N ILE D 185 0.77 12.11 -43.56
CA ILE D 185 1.01 12.16 -42.12
C ILE D 185 -0.35 11.83 -41.56
N THR D 186 -0.47 10.58 -41.13
CA THR D 186 -1.71 10.06 -40.60
C THR D 186 -2.31 10.92 -39.52
N SER D 187 -1.50 11.73 -38.85
CA SER D 187 -2.01 12.58 -37.79
C SER D 187 -0.95 13.42 -37.08
N SER D 188 -1.40 14.42 -36.32
CA SER D 188 -0.49 15.31 -35.57
C SER D 188 -1.23 16.24 -34.60
N ASN D 189 -0.44 16.99 -33.84
CA ASN D 189 -0.97 17.92 -32.83
C ASN D 189 -1.48 19.24 -33.38
N LEU D 190 -1.01 19.63 -34.56
CA LEU D 190 -1.40 20.90 -35.16
C LEU D 190 -2.75 21.40 -34.62
N LEU D 191 -2.71 22.59 -34.03
CA LEU D 191 -3.90 23.20 -33.45
C LEU D 191 -4.98 23.22 -34.50
N SER D 192 -5.75 22.14 -34.59
CA SER D 192 -6.81 22.06 -35.59
C SER D 192 -7.70 23.31 -35.54
N PRO D 193 -8.18 23.74 -36.72
CA PRO D 193 -9.05 24.92 -36.89
C PRO D 193 -10.25 24.88 -35.96
N ARG D 194 -10.65 23.66 -35.59
CA ARG D 194 -11.79 23.47 -34.70
C ARG D 194 -11.60 22.31 -33.73
N GLY D 195 -11.62 22.62 -32.43
CA GLY D 195 -11.49 21.63 -31.39
C GLY D 195 -10.13 21.00 -31.19
N SER D 196 -9.82 20.72 -29.93
CA SER D 196 -8.56 20.06 -29.56
C SER D 196 -8.93 18.58 -29.68
N ASP D 197 -10.23 18.38 -29.78
CA ASP D 197 -10.83 17.06 -29.92
C ASP D 197 -10.96 16.70 -31.40
N TYR D 198 -9.88 16.97 -32.15
CA TYR D 198 -9.84 16.66 -33.57
C TYR D 198 -8.43 16.36 -34.00
N LEU D 199 -8.27 15.23 -34.68
CA LEU D 199 -6.97 14.83 -35.20
C LEU D 199 -6.80 15.38 -36.62
N MET D 200 -5.64 15.94 -36.92
CA MET D 200 -5.40 16.48 -38.24
C MET D 200 -4.44 15.57 -38.99
N ALA D 201 -4.70 15.39 -40.28
CA ALA D 201 -3.85 14.55 -41.09
C ALA D 201 -3.60 15.28 -42.40
N LEU D 202 -2.35 15.25 -42.84
CA LEU D 202 -1.96 15.91 -44.06
C LEU D 202 -1.44 14.93 -45.09
N GLY D 203 -1.88 15.09 -46.33
CA GLY D 203 -1.46 14.22 -47.41
C GLY D 203 -0.96 14.95 -48.67
N SER D 204 0.28 14.69 -49.05
CA SER D 204 0.85 15.34 -50.24
C SER D 204 1.13 14.33 -51.35
N GLN D 205 0.93 14.77 -52.57
CA GLN D 205 1.18 13.90 -53.71
C GLN D 205 1.75 14.74 -54.86
N ARG D 206 2.75 14.19 -55.54
CA ARG D 206 3.42 14.87 -56.65
C ARG D 206 3.53 13.98 -57.90
N THR D 207 3.03 14.46 -59.04
CA THR D 207 3.07 13.71 -60.31
C THR D 207 3.75 14.47 -61.43
N ARG D 208 4.47 13.74 -62.28
CA ARG D 208 5.19 14.32 -63.39
C ARG D 208 4.53 14.01 -64.75
N ALA D 209 3.84 15.01 -65.28
CA ALA D 209 3.17 14.87 -66.55
C ALA D 209 4.12 14.48 -67.68
N PRO D 210 3.57 13.94 -68.78
CA PRO D 210 4.41 13.54 -69.91
C PRO D 210 4.88 14.80 -70.62
N ASP D 211 4.51 15.96 -70.08
CA ASP D 211 4.92 17.23 -70.67
C ASP D 211 5.94 17.92 -69.77
N GLY D 212 6.42 17.19 -68.76
CA GLY D 212 7.41 17.74 -67.86
C GLY D 212 6.85 18.44 -66.65
N SER D 213 5.65 18.99 -66.79
CA SER D 213 5.01 19.69 -65.69
C SER D 213 4.80 18.76 -64.51
N VAL D 214 4.92 19.31 -63.30
CA VAL D 214 4.72 18.49 -62.11
C VAL D 214 3.44 18.93 -61.38
N VAL D 215 2.39 18.14 -61.53
CA VAL D 215 1.12 18.43 -60.88
C VAL D 215 1.21 18.05 -59.40
N THR D 216 0.97 18.99 -58.51
CA THR D 216 1.05 18.73 -57.06
C THR D 216 -0.29 18.79 -56.36
N GLN D 217 -0.57 17.81 -55.51
CA GLN D 217 -1.82 17.73 -54.73
C GLN D 217 -1.49 17.86 -53.24
N ARG D 218 -2.22 18.73 -52.53
CA ARG D 218 -2.03 18.93 -51.09
C ARG D 218 -3.39 18.91 -50.36
N ILE D 219 -3.53 18.05 -49.36
CA ILE D 219 -4.80 17.95 -48.62
C ILE D 219 -4.66 17.80 -47.13
N ARG D 220 -5.51 18.50 -46.39
CA ARG D 220 -5.51 18.42 -44.95
C ARG D 220 -6.85 17.86 -44.52
N MET D 221 -6.86 17.15 -43.41
CA MET D 221 -8.11 16.60 -42.92
C MET D 221 -8.21 16.68 -41.43
N GLU D 222 -9.41 16.95 -40.98
CA GLU D 222 -9.70 17.04 -39.57
C GLU D 222 -10.57 15.86 -39.22
N MET D 223 -10.03 15.00 -38.37
CA MET D 223 -10.72 13.80 -37.97
C MET D 223 -11.22 13.95 -36.55
N HIS D 224 -12.30 13.27 -36.25
CA HIS D 224 -12.81 13.37 -34.91
C HIS D 224 -12.03 12.43 -34.00
N LYS D 225 -11.32 13.02 -33.07
CA LYS D 225 -10.48 12.28 -32.13
C LYS D 225 -11.26 11.41 -31.14
N VAL D 226 -10.79 10.19 -30.93
CA VAL D 226 -11.42 9.27 -29.99
C VAL D 226 -10.65 9.31 -28.68
N ASP D 227 -11.39 9.32 -27.58
CA ASP D 227 -10.78 9.38 -26.26
C ASP D 227 -10.02 8.09 -25.93
N ALA D 228 -9.09 7.69 -26.79
CA ALA D 228 -8.34 6.47 -26.52
C ALA D 228 -7.13 6.28 -27.41
N VAL D 229 -6.28 5.34 -27.02
CA VAL D 229 -5.07 5.01 -27.74
C VAL D 229 -5.18 3.62 -28.34
N PHE D 230 -5.43 3.55 -29.65
CA PHE D 230 -5.56 2.26 -30.32
C PHE D 230 -4.21 1.87 -30.87
N VAL D 231 -4.11 0.64 -31.34
CA VAL D 231 -2.86 0.17 -31.93
C VAL D 231 -3.23 -0.68 -33.14
N GLY D 232 -2.56 -0.45 -34.25
CA GLY D 232 -2.88 -1.18 -35.45
C GLY D 232 -3.61 -0.28 -36.42
N THR D 233 -4.09 0.85 -35.94
CA THR D 233 -4.81 1.79 -36.80
C THR D 233 -3.91 2.15 -37.96
N GLY D 234 -2.67 2.50 -37.66
CA GLY D 234 -1.73 2.89 -38.70
C GLY D 234 -1.75 1.87 -39.81
N ASP D 235 -1.49 0.62 -39.40
CA ASP D 235 -1.45 -0.52 -40.32
C ASP D 235 -2.74 -0.71 -41.15
N LEU D 236 -3.89 -0.60 -40.51
CA LEU D 236 -5.16 -0.74 -41.22
C LEU D 236 -5.22 0.34 -42.29
N PHE D 237 -4.76 1.52 -41.89
CA PHE D 237 -4.70 2.70 -42.74
C PHE D 237 -3.97 2.44 -44.06
N ALA D 238 -2.68 2.19 -43.95
CA ALA D 238 -1.85 1.92 -45.12
C ALA D 238 -2.49 0.90 -46.02
N ALA D 239 -2.87 -0.23 -45.46
CA ALA D 239 -3.47 -1.29 -46.24
C ALA D 239 -4.63 -0.75 -47.08
N MET D 240 -5.57 -0.08 -46.41
CA MET D 240 -6.72 0.50 -47.10
C MET D 240 -6.26 1.60 -48.04
N LEU D 241 -5.31 2.40 -47.56
CA LEU D 241 -4.76 3.46 -48.40
C LEU D 241 -4.21 2.78 -49.67
N LEU D 242 -3.50 1.67 -49.50
CA LEU D 242 -2.96 0.97 -50.65
C LEU D 242 -4.08 0.60 -51.61
N ALA D 243 -5.27 0.32 -51.09
CA ALA D 243 -6.36 -0.07 -51.96
C ALA D 243 -7.10 1.06 -52.66
N TRP D 244 -7.27 2.19 -51.99
CA TRP D 244 -7.97 3.29 -52.63
C TRP D 244 -7.16 4.06 -53.66
N THR D 245 -5.89 4.34 -53.36
CA THR D 245 -5.04 5.06 -54.30
C THR D 245 -4.88 4.21 -55.54
N HIS D 246 -5.06 2.91 -55.41
CA HIS D 246 -4.97 2.03 -56.56
C HIS D 246 -6.20 2.30 -57.42
N LYS D 247 -7.28 2.71 -56.77
CA LYS D 247 -8.53 3.03 -57.46
C LYS D 247 -8.48 4.47 -58.00
N HIS D 248 -7.89 5.35 -57.21
CA HIS D 248 -7.77 6.76 -57.57
C HIS D 248 -6.31 7.20 -57.43
N PRO D 249 -5.44 6.79 -58.37
CA PRO D 249 -4.02 7.13 -58.37
C PRO D 249 -3.75 8.64 -58.44
N ASN D 250 -4.75 9.39 -58.91
CA ASN D 250 -4.61 10.83 -59.00
C ASN D 250 -5.74 11.53 -58.27
N ASN D 251 -6.09 11.01 -57.11
CA ASN D 251 -7.18 11.58 -56.34
C ASN D 251 -6.88 11.40 -54.87
N LEU D 252 -5.67 11.80 -54.46
CA LEU D 252 -5.26 11.67 -53.07
C LEU D 252 -6.39 12.09 -52.11
N LYS D 253 -7.13 13.13 -52.49
CA LYS D 253 -8.24 13.62 -51.69
C LYS D 253 -9.19 12.46 -51.52
N VAL D 254 -9.75 12.02 -52.64
CA VAL D 254 -10.70 10.92 -52.60
C VAL D 254 -10.15 9.69 -51.90
N ALA D 255 -8.99 9.22 -52.34
CA ALA D 255 -8.38 8.03 -51.75
C ALA D 255 -8.26 8.19 -50.25
N CYS D 256 -7.72 9.32 -49.83
CA CYS D 256 -7.59 9.55 -48.42
C CYS D 256 -8.95 9.66 -47.75
N GLU D 257 -9.92 10.29 -48.39
CA GLU D 257 -11.22 10.42 -47.76
C GLU D 257 -11.83 9.06 -47.40
N LYS D 258 -11.91 8.17 -48.39
CA LYS D 258 -12.48 6.85 -48.17
C LYS D 258 -11.75 6.20 -47.01
N THR D 259 -10.46 6.05 -47.17
CA THR D 259 -9.64 5.45 -46.15
C THR D 259 -10.03 5.97 -44.75
N VAL D 260 -9.79 7.26 -44.52
CA VAL D 260 -10.07 7.86 -43.21
C VAL D 260 -11.50 7.68 -42.74
N SER D 261 -12.45 7.66 -43.67
CA SER D 261 -13.84 7.45 -43.29
C SER D 261 -13.97 6.05 -42.70
N ALA D 262 -13.46 5.06 -43.43
CA ALA D 262 -13.51 3.67 -43.00
C ALA D 262 -12.93 3.67 -41.60
N MET D 263 -11.79 4.34 -41.49
CA MET D 263 -11.07 4.49 -40.25
C MET D 263 -12.00 4.94 -39.13
N HIS D 264 -12.74 6.01 -39.39
CA HIS D 264 -13.67 6.57 -38.42
C HIS D 264 -14.68 5.52 -37.98
N HIS D 265 -15.34 4.91 -38.95
CA HIS D 265 -16.34 3.89 -38.66
C HIS D 265 -15.74 2.81 -37.79
N VAL D 266 -14.78 2.08 -38.34
CA VAL D 266 -14.12 1.02 -37.58
C VAL D 266 -13.87 1.46 -36.14
N LEU D 267 -13.20 2.59 -36.00
CA LEU D 267 -12.86 3.15 -34.71
C LEU D 267 -14.06 3.48 -33.83
N GLN D 268 -15.04 4.16 -34.38
CA GLN D 268 -16.22 4.47 -33.59
C GLN D 268 -16.78 3.15 -33.07
N ARG D 269 -16.91 2.15 -33.94
CA ARG D 269 -17.43 0.85 -33.54
C ARG D 269 -16.63 0.29 -32.38
N THR D 270 -15.31 0.33 -32.52
CA THR D 270 -14.43 -0.18 -31.49
C THR D 270 -14.62 0.52 -30.14
N ILE D 271 -14.41 1.83 -30.11
CA ILE D 271 -14.55 2.54 -28.85
C ILE D 271 -15.91 2.26 -28.21
N LYS D 272 -16.93 2.09 -29.03
CA LYS D 272 -18.26 1.82 -28.49
C LYS D 272 -18.22 0.53 -27.66
N CYS D 273 -17.95 -0.60 -28.32
CA CYS D 273 -17.90 -1.89 -27.63
C CYS D 273 -16.90 -1.77 -26.48
N ALA D 274 -15.73 -1.18 -26.77
CA ALA D 274 -14.69 -1.01 -25.76
C ALA D 274 -15.24 -0.48 -24.47
N LYS D 275 -15.87 0.70 -24.54
CA LYS D 275 -16.43 1.33 -23.36
C LYS D 275 -17.49 0.45 -22.71
N ALA D 276 -18.09 -0.45 -23.50
CA ALA D 276 -19.12 -1.35 -22.99
C ALA D 276 -18.49 -2.41 -22.08
N LYS D 277 -17.35 -2.95 -22.51
CA LYS D 277 -16.66 -3.96 -21.72
C LYS D 277 -15.99 -3.36 -20.50
N SER D 278 -15.75 -2.06 -20.55
CA SER D 278 -15.06 -1.39 -19.45
C SER D 278 -16.01 -0.80 -18.41
N GLY D 279 -17.16 -0.34 -18.89
CA GLY D 279 -18.14 0.27 -18.00
C GLY D 279 -17.92 1.77 -17.97
N GLU D 280 -18.96 2.49 -17.53
CA GLU D 280 -18.93 3.94 -17.42
C GLU D 280 -17.88 4.37 -16.40
N GLY D 281 -17.27 5.52 -16.68
CA GLY D 281 -16.26 6.04 -15.78
C GLY D 281 -15.13 5.06 -15.53
N VAL D 282 -14.84 4.23 -16.54
CA VAL D 282 -13.74 3.26 -16.47
C VAL D 282 -13.11 3.31 -17.86
N LYS D 283 -11.77 3.28 -17.92
CA LYS D 283 -11.11 3.34 -19.22
C LYS D 283 -10.80 2.01 -19.85
N PRO D 284 -11.21 1.84 -21.12
CA PRO D 284 -10.97 0.61 -21.86
C PRO D 284 -9.49 0.23 -21.82
N SER D 285 -9.23 -1.05 -21.61
CA SER D 285 -7.87 -1.58 -21.56
C SER D 285 -7.42 -1.89 -22.99
N PRO D 286 -6.11 -1.99 -23.21
CA PRO D 286 -5.63 -2.30 -24.57
C PRO D 286 -6.36 -3.50 -25.16
N ALA D 287 -6.58 -4.51 -24.32
CA ALA D 287 -7.26 -5.71 -24.75
C ALA D 287 -8.65 -5.34 -25.21
N GLN D 288 -9.29 -4.46 -24.45
CA GLN D 288 -10.64 -4.02 -24.78
C GLN D 288 -10.68 -2.99 -25.89
N LEU D 289 -9.51 -2.54 -26.35
CA LEU D 289 -9.45 -1.55 -27.42
C LEU D 289 -9.10 -2.13 -28.81
N GLU D 290 -8.90 -3.44 -28.88
CA GLU D 290 -8.60 -4.10 -30.13
C GLU D 290 -9.59 -3.65 -31.16
N LEU D 291 -9.14 -3.47 -32.40
CA LEU D 291 -10.05 -3.03 -33.44
C LEU D 291 -11.08 -4.10 -33.75
N ARG D 292 -12.33 -3.68 -33.97
CA ARG D 292 -13.38 -4.64 -34.30
C ARG D 292 -13.38 -4.73 -35.81
N MET D 293 -12.43 -5.51 -36.32
CA MET D 293 -12.25 -5.72 -37.73
C MET D 293 -13.47 -6.37 -38.36
N VAL D 294 -13.59 -7.67 -38.13
CA VAL D 294 -14.67 -8.47 -38.65
C VAL D 294 -16.01 -7.73 -38.71
N GLN D 295 -16.39 -7.16 -37.57
CA GLN D 295 -17.62 -6.42 -37.45
C GLN D 295 -17.72 -5.26 -38.45
N SER D 296 -16.58 -4.74 -38.88
CA SER D 296 -16.54 -3.61 -39.79
C SER D 296 -16.35 -4.03 -41.24
N LYS D 297 -16.49 -5.31 -41.48
CA LYS D 297 -16.31 -5.78 -42.84
C LYS D 297 -17.00 -4.86 -43.85
N LYS D 298 -18.31 -4.69 -43.73
CA LYS D 298 -19.05 -3.85 -44.67
C LYS D 298 -18.55 -2.42 -44.78
N ASP D 299 -18.21 -1.81 -43.66
CA ASP D 299 -17.73 -0.43 -43.67
C ASP D 299 -16.39 -0.31 -44.40
N ILE D 300 -15.58 -1.35 -44.30
CA ILE D 300 -14.29 -1.36 -44.98
C ILE D 300 -14.51 -1.47 -46.49
N GLU D 301 -15.43 -2.35 -46.90
CA GLU D 301 -15.76 -2.58 -48.31
C GLU D 301 -16.28 -1.31 -49.00
N SER D 302 -17.16 -0.58 -48.32
CA SER D 302 -17.75 0.68 -48.81
C SER D 302 -17.98 1.65 -47.66
N PRO D 303 -16.94 2.44 -47.29
CA PRO D 303 -17.10 3.39 -46.18
C PRO D 303 -17.80 4.67 -46.60
N GLU D 304 -18.82 5.04 -45.86
CA GLU D 304 -19.53 6.28 -46.17
C GLU D 304 -18.54 7.37 -45.86
N ILE D 305 -18.53 8.43 -46.65
CA ILE D 305 -17.60 9.52 -46.43
C ILE D 305 -18.08 10.40 -45.30
N VAL D 306 -17.34 10.41 -44.20
CA VAL D 306 -17.71 11.20 -43.05
C VAL D 306 -16.70 12.30 -42.79
N VAL D 307 -15.67 12.35 -43.63
CA VAL D 307 -14.67 13.41 -43.50
C VAL D 307 -14.43 14.00 -44.86
N GLN D 308 -14.50 15.31 -44.94
CA GLN D 308 -14.25 15.95 -46.21
C GLN D 308 -12.88 16.60 -46.14
N ALA D 309 -11.99 16.14 -47.00
CA ALA D 309 -10.63 16.67 -47.06
C ALA D 309 -10.65 18.07 -47.68
N THR D 310 -9.89 18.98 -47.09
CA THR D 310 -9.79 20.34 -47.60
C THR D 310 -8.54 20.39 -48.47
N VAL D 311 -8.67 21.01 -49.64
CA VAL D 311 -7.54 21.11 -50.57
C VAL D 311 -6.77 22.41 -50.36
N LEU D 312 -5.52 22.28 -49.89
CA LEU D 312 -4.67 23.42 -49.62
C LEU D 312 -4.11 24.10 -50.89
N MET E 1 29.61 -36.37 -3.05
CA MET E 1 28.36 -36.98 -2.50
C MET E 1 27.15 -36.38 -3.21
N GLU E 2 25.97 -37.01 -3.07
CA GLU E 2 24.78 -36.52 -3.75
C GLU E 2 23.51 -36.27 -2.92
N GLU E 3 23.67 -35.82 -1.68
CA GLU E 3 22.52 -35.51 -0.83
C GLU E 3 22.74 -34.09 -0.34
N GLU E 4 21.70 -33.48 0.19
CA GLU E 4 21.83 -32.09 0.65
C GLU E 4 22.43 -31.93 2.06
N CYS E 5 23.75 -31.82 2.15
CA CYS E 5 24.38 -31.64 3.45
C CYS E 5 25.03 -30.27 3.64
N ARG E 6 24.51 -29.52 4.62
CA ARG E 6 25.02 -28.19 4.92
C ARG E 6 25.92 -28.26 6.15
N VAL E 7 27.03 -27.52 6.13
CA VAL E 7 28.00 -27.51 7.22
C VAL E 7 28.30 -26.08 7.66
N LEU E 8 28.15 -25.77 8.93
CA LEU E 8 28.44 -24.43 9.42
C LEU E 8 29.85 -24.44 9.99
N SER E 9 30.82 -24.02 9.20
CA SER E 9 32.18 -24.04 9.64
C SER E 9 32.56 -22.71 10.20
N ILE E 10 33.06 -22.73 11.44
CA ILE E 10 33.46 -21.52 12.12
C ILE E 10 34.94 -21.57 12.44
N GLN E 11 35.74 -20.88 11.63
CA GLN E 11 37.20 -20.87 11.83
C GLN E 11 37.85 -19.60 11.29
N SER E 12 39.17 -19.54 11.44
CA SER E 12 40.01 -18.44 10.99
C SER E 12 40.05 -18.36 9.49
N HIS E 13 40.36 -17.16 9.00
CA HIS E 13 40.49 -16.88 7.57
C HIS E 13 41.80 -16.09 7.36
N VAL E 14 42.55 -16.47 6.34
CA VAL E 14 43.80 -15.80 6.02
C VAL E 14 43.71 -15.32 4.61
N VAL E 15 44.19 -14.10 4.36
CA VAL E 15 44.15 -13.56 3.03
C VAL E 15 44.92 -14.49 2.13
N ARG E 16 46.16 -14.74 2.48
CA ARG E 16 47.01 -15.64 1.70
C ARG E 16 47.19 -16.97 2.39
N GLY E 17 47.23 -18.04 1.62
CA GLY E 17 47.47 -19.34 2.22
C GLY E 17 46.27 -20.20 2.51
N TYR E 18 46.57 -21.42 2.91
CA TYR E 18 45.56 -22.40 3.24
C TYR E 18 45.67 -22.80 4.71
N VAL E 19 44.69 -22.32 5.47
CA VAL E 19 44.66 -22.54 6.89
C VAL E 19 43.27 -22.05 7.34
N GLY E 20 42.74 -22.56 8.44
CA GLY E 20 41.43 -22.09 8.85
C GLY E 20 40.37 -22.44 7.80
N ASN E 21 39.34 -21.61 7.70
CA ASN E 21 38.29 -21.86 6.73
C ASN E 21 38.85 -21.92 5.32
N ARG E 22 39.97 -21.26 5.10
CA ARG E 22 40.60 -21.27 3.79
C ARG E 22 40.99 -22.68 3.39
N ALA E 23 41.43 -23.48 4.36
CA ALA E 23 41.84 -24.86 4.08
C ALA E 23 40.66 -25.85 4.17
N ALA E 24 39.63 -25.47 4.92
CA ALA E 24 38.47 -26.33 5.08
C ALA E 24 37.36 -26.17 4.06
N THR E 25 37.13 -24.96 3.57
CA THR E 25 36.03 -24.77 2.62
C THR E 25 36.17 -25.46 1.27
N PHE E 26 37.33 -25.34 0.64
CA PHE E 26 37.51 -25.94 -0.66
C PHE E 26 37.23 -27.42 -0.62
N PRO E 27 37.96 -28.16 0.22
CA PRO E 27 37.75 -29.60 0.30
C PRO E 27 36.28 -29.96 0.42
N LEU E 28 35.61 -29.46 1.46
CA LEU E 28 34.22 -29.83 1.63
C LEU E 28 33.44 -29.51 0.39
N GLN E 29 33.78 -28.41 -0.24
CA GLN E 29 33.07 -28.02 -1.46
C GLN E 29 33.31 -28.95 -2.63
N VAL E 30 34.55 -29.11 -3.04
CA VAL E 30 34.78 -30.00 -4.15
C VAL E 30 34.26 -31.39 -3.76
N LEU E 31 34.01 -31.61 -2.48
CA LEU E 31 33.51 -32.91 -2.04
C LEU E 31 31.99 -33.02 -2.10
N GLY E 32 31.31 -31.88 -2.23
CA GLY E 32 29.86 -31.90 -2.33
C GLY E 32 29.08 -31.25 -1.21
N PHE E 33 29.73 -30.89 -0.11
CA PHE E 33 28.97 -30.29 0.97
C PHE E 33 28.69 -28.85 0.70
N GLU E 34 27.58 -28.38 1.25
CA GLU E 34 27.19 -26.98 1.10
C GLU E 34 27.77 -26.37 2.33
N VAL E 35 28.64 -25.39 2.17
CA VAL E 35 29.26 -24.78 3.34
C VAL E 35 28.78 -23.38 3.72
N ASP E 36 28.75 -23.11 5.01
CA ASP E 36 28.37 -21.80 5.53
C ASP E 36 29.56 -21.45 6.39
N ALA E 37 30.28 -20.42 5.95
CA ALA E 37 31.50 -20.03 6.62
C ALA E 37 31.46 -18.78 7.47
N VAL E 38 31.92 -18.91 8.70
CA VAL E 38 32.01 -17.78 9.60
C VAL E 38 33.48 -17.70 9.90
N ASN E 39 34.05 -16.54 9.64
CA ASN E 39 35.47 -16.35 9.86
C ASN E 39 35.76 -15.67 11.19
N SER E 40 36.20 -16.50 12.14
CA SER E 40 36.53 -16.04 13.48
C SER E 40 37.60 -14.96 13.45
N VAL E 41 38.39 -14.95 12.39
CA VAL E 41 39.46 -13.95 12.26
C VAL E 41 39.84 -13.77 10.80
N GLN E 42 40.41 -12.62 10.46
CA GLN E 42 40.89 -12.43 9.12
C GLN E 42 42.27 -11.87 9.28
N PHE E 43 43.28 -12.68 8.97
CA PHE E 43 44.66 -12.20 9.07
C PHE E 43 45.26 -12.21 7.68
N SER E 44 46.42 -11.57 7.58
CA SER E 44 47.11 -11.53 6.32
C SER E 44 47.44 -12.96 5.96
N ASN E 45 48.03 -13.66 6.91
CA ASN E 45 48.45 -15.04 6.71
C ASN E 45 48.40 -15.77 8.05
N HIS E 46 49.03 -16.93 8.16
CA HIS E 46 49.00 -17.65 9.43
C HIS E 46 50.18 -17.32 10.33
N THR E 47 49.91 -17.31 11.63
CA THR E 47 50.91 -16.91 12.62
C THR E 47 52.25 -17.60 12.53
N GLY E 48 52.35 -18.61 11.67
CA GLY E 48 53.63 -19.30 11.49
C GLY E 48 54.65 -18.36 10.81
N TYR E 49 54.14 -17.35 10.12
CA TYR E 49 55.00 -16.38 9.45
C TYR E 49 55.60 -15.45 10.49
N SER E 50 56.74 -14.84 10.16
CA SER E 50 57.37 -13.89 11.07
C SER E 50 56.39 -12.82 11.51
N HIS E 51 55.66 -12.26 10.57
CA HIS E 51 54.70 -11.22 10.89
C HIS E 51 53.33 -11.64 10.43
N TRP E 52 52.32 -11.09 11.08
CA TRP E 52 50.94 -11.36 10.73
C TRP E 52 50.10 -10.25 11.34
N LYS E 53 49.22 -9.67 10.56
CA LYS E 53 48.36 -8.63 11.06
C LYS E 53 46.97 -9.04 10.64
N GLY E 54 45.95 -8.48 11.27
CA GLY E 54 44.60 -8.83 10.91
C GLY E 54 43.63 -8.49 12.01
N GLN E 55 42.37 -8.83 11.81
CA GLN E 55 41.36 -8.55 12.81
C GLN E 55 40.73 -9.82 13.36
N VAL E 56 40.08 -9.66 14.50
CA VAL E 56 39.43 -10.75 15.20
C VAL E 56 37.98 -10.39 15.52
N LEU E 57 37.18 -11.43 15.71
CA LEU E 57 35.78 -11.25 16.06
C LEU E 57 35.54 -11.55 17.53
N ASN E 58 34.54 -10.89 18.10
CA ASN E 58 34.20 -11.14 19.48
C ASN E 58 32.75 -11.63 19.47
N SER E 59 32.34 -12.15 20.62
CA SER E 59 31.01 -12.69 20.82
C SER E 59 29.90 -11.88 20.14
N ASP E 60 30.03 -10.57 20.21
CA ASP E 60 29.02 -9.70 19.61
C ASP E 60 29.05 -9.79 18.10
N GLU E 61 30.25 -9.80 17.54
CA GLU E 61 30.34 -9.87 16.10
C GLU E 61 29.82 -11.21 15.64
N LEU E 62 30.02 -12.26 16.44
CA LEU E 62 29.50 -13.56 16.02
C LEU E 62 27.99 -13.57 16.16
N GLN E 63 27.50 -12.93 17.21
CA GLN E 63 26.06 -12.86 17.43
C GLN E 63 25.39 -12.24 16.21
N GLU E 64 25.90 -11.07 15.83
CA GLU E 64 25.38 -10.31 14.69
C GLU E 64 25.09 -11.26 13.54
N LEU E 65 26.12 -11.98 13.12
CA LEU E 65 26.01 -12.90 12.02
C LEU E 65 24.96 -13.95 12.29
N TYR E 66 25.06 -14.59 13.45
CA TYR E 66 24.11 -15.63 13.77
C TYR E 66 22.71 -15.04 13.74
N ASP E 67 22.54 -13.91 14.40
CA ASP E 67 21.24 -13.26 14.40
C ASP E 67 20.83 -13.05 12.95
N GLY E 68 21.77 -12.58 12.14
CA GLY E 68 21.45 -12.36 10.74
C GLY E 68 20.83 -13.59 10.13
N LEU E 69 21.49 -14.73 10.33
CA LEU E 69 21.02 -16.00 9.79
C LEU E 69 19.73 -16.38 10.47
N LYS E 70 19.72 -16.15 11.77
CA LYS E 70 18.56 -16.44 12.57
C LYS E 70 17.38 -15.74 11.93
N LEU E 71 17.42 -14.41 11.91
CA LEU E 71 16.35 -13.57 11.34
C LEU E 71 15.80 -14.03 10.00
N ASN E 72 16.62 -14.66 9.18
CA ASN E 72 16.13 -15.11 7.89
C ASN E 72 15.69 -16.55 7.91
N HIS E 73 15.91 -17.22 9.04
CA HIS E 73 15.49 -18.59 9.19
C HIS E 73 16.33 -19.53 8.34
N VAL E 74 17.63 -19.28 8.28
CA VAL E 74 18.47 -20.15 7.49
C VAL E 74 19.52 -20.77 8.39
N ASN E 75 19.27 -20.70 9.69
CA ASN E 75 20.19 -21.27 10.66
C ASN E 75 19.78 -22.72 10.84
N GLN E 76 20.00 -23.51 9.81
CA GLN E 76 19.68 -24.92 9.83
C GLN E 76 20.82 -25.66 9.20
N TYR E 77 21.47 -26.49 9.99
CA TYR E 77 22.61 -27.25 9.50
C TYR E 77 22.54 -28.75 9.71
N ASP E 78 23.52 -29.46 9.16
CA ASP E 78 23.58 -30.89 9.31
C ASP E 78 24.85 -31.23 10.04
N TYR E 79 25.82 -30.32 9.95
CA TYR E 79 27.08 -30.50 10.64
C TYR E 79 27.52 -29.17 11.18
N VAL E 80 28.59 -29.19 11.95
CA VAL E 80 29.15 -27.96 12.47
C VAL E 80 30.59 -28.31 12.60
N LEU E 81 31.46 -27.43 12.11
CA LEU E 81 32.88 -27.66 12.15
C LEU E 81 33.46 -26.42 12.74
N THR E 82 34.25 -26.58 13.79
CA THR E 82 34.81 -25.40 14.42
C THR E 82 36.31 -25.52 14.60
N GLY E 83 36.98 -24.37 14.57
CA GLY E 83 38.42 -24.38 14.72
C GLY E 83 39.02 -23.15 15.42
N TYR E 84 40.07 -22.61 14.82
CA TYR E 84 40.81 -21.45 15.32
C TYR E 84 39.98 -20.26 15.84
N THR E 85 40.24 -19.89 17.10
CA THR E 85 39.63 -18.71 17.74
C THR E 85 40.65 -18.29 18.77
N ARG E 86 40.63 -17.01 19.12
CA ARG E 86 41.55 -16.49 20.13
C ARG E 86 40.69 -15.88 21.23
N ASP E 87 39.39 -15.83 20.97
CA ASP E 87 38.42 -15.26 21.90
C ASP E 87 37.59 -16.34 22.63
N LYS E 88 37.83 -16.42 23.94
CA LYS E 88 37.12 -17.35 24.80
C LYS E 88 35.62 -17.05 24.70
N SER E 89 35.27 -15.77 24.68
CA SER E 89 33.86 -15.36 24.56
C SER E 89 33.30 -16.00 23.28
N PHE E 90 34.05 -15.84 22.20
CA PHE E 90 33.68 -16.37 20.90
C PHE E 90 33.43 -17.86 21.04
N LEU E 91 34.44 -18.57 21.53
CA LEU E 91 34.34 -20.01 21.67
C LEU E 91 33.09 -20.42 22.46
N ALA E 92 32.93 -19.84 23.65
CA ALA E 92 31.78 -20.16 24.49
C ALA E 92 30.49 -20.04 23.71
N MET E 93 30.27 -18.88 23.13
CA MET E 93 29.06 -18.63 22.37
C MET E 93 28.88 -19.69 21.31
N VAL E 94 29.97 -20.06 20.66
CA VAL E 94 29.86 -21.08 19.63
C VAL E 94 29.11 -22.25 20.18
N VAL E 95 29.45 -22.62 21.43
CA VAL E 95 28.80 -23.74 22.07
C VAL E 95 27.31 -23.52 22.16
N ASP E 96 26.91 -22.44 22.81
CA ASP E 96 25.49 -22.14 22.93
C ASP E 96 24.84 -22.33 21.58
N ILE E 97 25.47 -21.77 20.54
CA ILE E 97 24.95 -21.88 19.18
C ILE E 97 24.80 -23.34 18.81
N VAL E 98 25.85 -24.10 19.04
CA VAL E 98 25.82 -25.53 18.71
C VAL E 98 24.61 -26.19 19.34
N GLN E 99 24.40 -25.93 20.62
CA GLN E 99 23.27 -26.52 21.30
C GLN E 99 21.93 -26.11 20.74
N GLU E 100 21.72 -24.83 20.52
CA GLU E 100 20.46 -24.39 19.96
C GLU E 100 20.18 -25.18 18.68
N LEU E 101 21.23 -25.43 17.91
CA LEU E 101 21.06 -26.16 16.65
C LEU E 101 20.77 -27.63 16.88
N LYS E 102 21.47 -28.24 17.85
CA LYS E 102 21.26 -29.67 18.15
C LYS E 102 19.83 -29.91 18.59
N GLN E 103 19.22 -28.91 19.22
CA GLN E 103 17.82 -28.98 19.66
C GLN E 103 16.94 -29.02 18.42
N GLN E 104 17.14 -28.05 17.54
CA GLN E 104 16.36 -27.98 16.32
C GLN E 104 16.55 -29.26 15.54
N ASN E 105 17.82 -29.67 15.42
CA ASN E 105 18.15 -30.87 14.67
C ASN E 105 18.98 -31.81 15.48
N PRO E 106 18.34 -32.84 16.03
CA PRO E 106 18.96 -33.87 16.85
C PRO E 106 19.95 -34.71 16.05
N ARG E 107 19.77 -34.74 14.73
CA ARG E 107 20.67 -35.52 13.88
C ARG E 107 21.97 -34.79 13.54
N LEU E 108 22.08 -33.54 13.97
CA LEU E 108 23.27 -32.76 13.67
C LEU E 108 24.53 -33.36 14.29
N VAL E 109 25.63 -33.27 13.56
CA VAL E 109 26.93 -33.76 14.01
C VAL E 109 27.86 -32.58 14.13
N TYR E 110 28.57 -32.51 15.24
CA TYR E 110 29.48 -31.41 15.48
C TYR E 110 30.90 -31.92 15.51
N VAL E 111 31.69 -31.53 14.50
CA VAL E 111 33.08 -31.92 14.42
C VAL E 111 33.85 -30.81 15.10
N CYS E 112 34.63 -31.13 16.10
CA CYS E 112 35.33 -30.08 16.79
C CYS E 112 36.81 -30.25 16.75
N ASP E 113 37.50 -29.27 16.18
CA ASP E 113 38.96 -29.30 16.10
C ASP E 113 39.41 -28.42 17.24
N PRO E 114 39.89 -29.02 18.34
CA PRO E 114 40.36 -28.28 19.52
C PRO E 114 41.67 -27.53 19.25
N VAL E 115 41.64 -26.58 18.31
CA VAL E 115 42.85 -25.85 17.94
C VAL E 115 43.35 -24.91 19.02
N MET E 116 44.48 -25.26 19.63
CA MET E 116 45.07 -24.48 20.71
C MET E 116 46.59 -24.34 20.62
N GLY E 117 47.27 -25.46 20.34
CA GLY E 117 48.72 -25.39 20.29
C GLY E 117 49.42 -26.37 19.38
N ASP E 118 50.76 -26.33 19.42
CA ASP E 118 51.60 -27.18 18.58
C ASP E 118 52.54 -28.04 19.40
N GLN E 119 52.68 -29.30 18.99
CA GLN E 119 53.57 -30.22 19.69
C GLN E 119 54.89 -30.32 18.91
N ARG E 120 55.52 -29.19 18.66
CA ARG E 120 56.77 -29.24 17.89
C ARG E 120 58.04 -29.06 18.71
N ASN E 121 59.13 -29.64 18.22
CA ASN E 121 60.44 -29.57 18.89
C ASN E 121 60.47 -30.25 20.25
N GLY E 122 59.71 -31.34 20.40
CA GLY E 122 59.66 -32.05 21.67
C GLY E 122 58.30 -31.83 22.28
N GLU E 123 58.26 -31.10 23.40
CA GLU E 123 56.97 -30.79 24.04
C GLU E 123 56.64 -29.36 23.58
N GLY E 124 55.35 -29.04 23.50
CA GLY E 124 54.93 -27.76 22.89
C GLY E 124 54.40 -26.69 23.86
N ALA E 125 53.85 -25.68 23.18
CA ALA E 125 53.23 -24.48 23.76
C ALA E 125 52.00 -24.08 22.92
N MET E 126 50.97 -23.53 23.57
CA MET E 126 49.76 -23.12 22.85
C MET E 126 50.01 -21.91 21.97
N TYR E 127 49.29 -21.81 20.85
CA TYR E 127 49.45 -20.62 20.03
C TYR E 127 48.19 -19.76 20.05
N VAL E 128 47.50 -19.83 21.18
CA VAL E 128 46.28 -19.08 21.43
C VAL E 128 46.27 -18.72 22.92
N PRO E 129 45.47 -17.74 23.32
CA PRO E 129 45.43 -17.37 24.74
C PRO E 129 45.02 -18.56 25.62
N ASP E 130 45.57 -18.63 26.83
CA ASP E 130 45.27 -19.75 27.72
C ASP E 130 43.82 -19.90 28.11
N ASP E 131 43.11 -18.78 28.24
CA ASP E 131 41.72 -18.85 28.68
C ASP E 131 40.80 -19.71 27.84
N LEU E 132 41.33 -20.26 26.76
CA LEU E 132 40.52 -21.12 25.91
C LEU E 132 40.59 -22.57 26.36
N LEU E 133 41.71 -22.97 26.96
CA LEU E 133 41.85 -24.35 27.37
C LEU E 133 40.65 -24.73 28.23
N PRO E 134 40.39 -23.95 29.29
CA PRO E 134 39.25 -24.27 30.15
C PRO E 134 37.93 -24.38 29.36
N VAL E 135 37.66 -23.40 28.50
CA VAL E 135 36.43 -23.42 27.71
C VAL E 135 36.30 -24.66 26.83
N TYR E 136 37.39 -24.98 26.12
CA TYR E 136 37.40 -26.14 25.26
C TYR E 136 37.19 -27.37 26.12
N ARG E 137 37.92 -27.41 27.24
CA ARG E 137 37.88 -28.53 28.17
C ARG E 137 36.52 -28.75 28.85
N GLU E 138 35.85 -27.68 29.23
CA GLU E 138 34.60 -27.81 29.95
C GLU E 138 33.32 -27.55 29.20
N LYS E 139 33.34 -26.70 28.20
CA LYS E 139 32.11 -26.43 27.50
C LYS E 139 32.06 -27.01 26.10
N VAL E 140 33.22 -27.11 25.44
CA VAL E 140 33.22 -27.60 24.06
C VAL E 140 33.27 -29.09 23.87
N VAL E 141 34.33 -29.70 24.36
CA VAL E 141 34.44 -31.14 24.20
C VAL E 141 33.17 -31.88 24.62
N PRO E 142 32.58 -31.48 25.75
CA PRO E 142 31.36 -32.15 26.23
C PRO E 142 30.35 -32.35 25.12
N VAL E 143 30.13 -31.28 24.37
CA VAL E 143 29.15 -31.29 23.31
C VAL E 143 29.63 -31.74 21.94
N ALA E 144 30.90 -32.12 21.82
CA ALA E 144 31.40 -32.52 20.50
C ALA E 144 31.16 -33.98 20.15
N ASP E 145 30.89 -34.23 18.87
CA ASP E 145 30.63 -35.59 18.39
C ASP E 145 31.87 -36.22 17.82
N ILE E 146 32.82 -35.38 17.39
CA ILE E 146 34.07 -35.86 16.82
C ILE E 146 35.16 -34.84 17.07
N ILE E 147 36.26 -35.25 17.67
CA ILE E 147 37.33 -34.32 17.93
C ILE E 147 38.53 -34.77 17.17
N THR E 148 39.32 -33.80 16.76
CA THR E 148 40.50 -34.11 16.00
C THR E 148 41.63 -33.42 16.70
N PRO E 149 41.92 -33.82 17.93
CA PRO E 149 43.01 -33.20 18.69
C PRO E 149 44.42 -33.57 18.31
N ASN E 150 45.29 -32.66 18.74
CA ASN E 150 46.74 -32.65 18.57
C ASN E 150 47.30 -33.50 19.70
N GLN E 151 48.34 -34.27 19.48
CA GLN E 151 48.81 -35.01 20.64
C GLN E 151 48.83 -33.96 21.73
N PHE E 152 49.49 -32.85 21.44
CA PHE E 152 49.60 -31.76 22.40
C PHE E 152 48.24 -31.36 22.96
N GLU E 153 47.37 -30.89 22.09
CA GLU E 153 46.05 -30.47 22.53
C GLU E 153 45.40 -31.61 23.33
N ALA E 154 45.37 -32.80 22.73
CA ALA E 154 44.77 -33.95 23.39
C ALA E 154 45.29 -34.06 24.82
N GLU E 155 46.61 -33.95 24.99
CA GLU E 155 47.16 -34.01 26.33
C GLU E 155 46.47 -32.88 27.09
N LEU E 156 46.61 -31.69 26.56
CA LEU E 156 46.05 -30.51 27.16
C LEU E 156 44.61 -30.65 27.66
N LEU E 157 43.77 -31.35 26.91
CA LEU E 157 42.37 -31.50 27.29
C LEU E 157 42.21 -32.49 28.42
N THR E 158 42.73 -33.70 28.23
CA THR E 158 42.62 -34.75 29.24
C THR E 158 43.54 -34.45 30.43
N GLY E 159 44.26 -33.35 30.36
CA GLY E 159 45.14 -32.94 31.44
C GLY E 159 46.37 -33.79 31.71
N ARG E 160 46.63 -34.77 30.85
CA ARG E 160 47.77 -35.65 31.06
C ARG E 160 48.90 -35.43 30.05
N LYS E 161 49.73 -36.45 29.88
CA LYS E 161 50.86 -36.38 28.97
C LYS E 161 51.09 -37.81 28.46
N ILE E 162 51.21 -37.97 27.15
CA ILE E 162 51.39 -39.30 26.58
C ILE E 162 52.87 -39.66 26.55
N HIS E 163 53.18 -40.92 26.79
CA HIS E 163 54.55 -41.41 26.74
C HIS E 163 54.53 -42.87 26.29
N SER E 164 53.39 -43.29 25.73
CA SER E 164 53.21 -44.65 25.25
C SER E 164 51.95 -44.72 24.42
N GLN E 165 51.84 -45.74 23.59
CA GLN E 165 50.65 -45.87 22.77
C GLN E 165 49.47 -45.94 23.73
N GLU E 166 49.63 -46.78 24.75
CA GLU E 166 48.62 -46.98 25.75
C GLU E 166 48.17 -45.62 26.23
N GLU E 167 49.05 -44.98 26.99
CA GLU E 167 48.81 -43.65 27.49
C GLU E 167 47.93 -42.95 26.47
N ALA E 168 48.23 -43.15 25.20
CA ALA E 168 47.41 -42.52 24.17
C ALA E 168 46.01 -43.09 24.23
N LEU E 169 45.87 -44.38 23.91
CA LEU E 169 44.56 -45.02 23.90
C LEU E 169 43.70 -44.64 25.09
N GLU E 170 44.34 -44.40 26.23
CA GLU E 170 43.60 -44.03 27.40
C GLU E 170 42.96 -42.68 27.20
N VAL E 171 43.78 -41.69 26.88
CA VAL E 171 43.29 -40.34 26.66
C VAL E 171 42.10 -40.33 25.72
N MET E 172 42.09 -41.20 24.71
CA MET E 172 40.96 -41.22 23.79
C MET E 172 39.76 -41.69 24.57
N ASP E 173 39.98 -42.67 25.43
CA ASP E 173 38.91 -43.20 26.24
C ASP E 173 38.39 -42.04 27.09
N MET E 174 39.34 -41.38 27.71
CA MET E 174 39.07 -40.22 28.58
C MET E 174 38.29 -39.15 27.81
N LEU E 175 38.76 -38.90 26.60
CA LEU E 175 38.14 -37.91 25.71
C LEU E 175 36.72 -38.30 25.45
N HIS E 176 36.53 -39.51 24.93
CA HIS E 176 35.20 -40.02 24.68
C HIS E 176 34.37 -39.68 25.90
N SER E 177 34.86 -40.13 27.06
CA SER E 177 34.22 -39.92 28.34
C SER E 177 33.66 -38.52 28.51
N MET E 178 34.37 -37.56 27.95
CA MET E 178 33.98 -36.17 28.08
C MET E 178 32.86 -35.85 27.11
N GLY E 179 32.66 -36.69 26.11
CA GLY E 179 31.59 -36.41 25.16
C GLY E 179 31.69 -37.08 23.80
N PRO E 180 32.68 -36.70 22.97
CA PRO E 180 32.87 -37.26 21.62
C PRO E 180 32.86 -38.77 21.61
N ASP E 181 32.28 -39.34 20.56
CA ASP E 181 32.21 -40.78 20.42
C ASP E 181 33.21 -41.21 19.38
N THR E 182 33.71 -40.24 18.64
CA THR E 182 34.73 -40.49 17.64
C THR E 182 35.83 -39.54 18.00
N VAL E 183 37.01 -40.11 18.23
CA VAL E 183 38.18 -39.35 18.64
C VAL E 183 39.39 -39.72 17.80
N VAL E 184 40.16 -38.70 17.36
CA VAL E 184 41.35 -38.94 16.57
C VAL E 184 42.51 -38.04 16.97
N ILE E 185 43.62 -38.67 17.27
CA ILE E 185 44.86 -37.95 17.52
C ILE E 185 45.57 -37.95 16.19
N THR E 186 45.50 -36.82 15.55
CA THR E 186 46.05 -36.68 14.22
C THR E 186 47.53 -37.05 14.14
N SER E 187 48.20 -37.10 15.30
CA SER E 187 49.63 -37.46 15.32
C SER E 187 50.32 -37.39 16.70
N SER E 188 51.49 -38.01 16.80
CA SER E 188 52.26 -38.01 18.06
C SER E 188 53.65 -38.64 17.90
N ASN E 189 54.45 -38.53 18.97
CA ASN E 189 55.83 -39.03 19.02
C ASN E 189 55.99 -40.52 19.22
N LEU E 190 54.95 -41.18 19.72
CA LEU E 190 55.04 -42.63 19.95
C LEU E 190 56.03 -43.28 19.02
N LEU E 191 57.01 -43.96 19.61
CA LEU E 191 58.06 -44.62 18.85
C LEU E 191 57.42 -45.57 17.87
N SER E 192 57.18 -45.09 16.65
CA SER E 192 56.56 -45.91 15.63
C SER E 192 57.29 -47.23 15.46
N PRO E 193 56.53 -48.29 15.19
CA PRO E 193 57.08 -49.63 14.99
C PRO E 193 58.18 -49.61 13.93
N ARG E 194 58.12 -48.63 13.03
CA ARG E 194 59.13 -48.52 12.01
C ARG E 194 59.50 -47.08 11.72
N GLY E 195 60.76 -46.74 11.92
CA GLY E 195 61.20 -45.39 11.63
C GLY E 195 60.76 -44.28 12.58
N SER E 196 61.73 -43.38 12.77
CA SER E 196 61.55 -42.14 13.52
C SER E 196 60.95 -41.17 12.51
N ASP E 197 61.15 -41.57 11.27
CA ASP E 197 60.66 -40.84 10.11
C ASP E 197 59.28 -41.31 9.76
N TYR E 198 58.43 -41.43 10.77
CA TYR E 198 57.04 -41.85 10.58
C TYR E 198 56.15 -41.23 11.64
N LEU E 199 55.03 -40.64 11.23
CA LEU E 199 54.11 -40.05 12.19
C LEU E 199 53.04 -41.08 12.50
N MET E 200 52.66 -41.16 13.76
CA MET E 200 51.65 -42.12 14.16
C MET E 200 50.39 -41.35 14.51
N ALA E 201 49.25 -41.91 14.11
CA ALA E 201 47.96 -41.30 14.40
C ALA E 201 47.01 -42.39 14.91
N LEU E 202 46.24 -42.09 15.94
CA LEU E 202 45.32 -43.06 16.52
C LEU E 202 43.89 -42.58 16.49
N GLY E 203 43.00 -43.46 16.05
CA GLY E 203 41.59 -43.10 15.98
C GLY E 203 40.68 -44.05 16.72
N SER E 204 39.89 -43.52 17.64
CA SER E 204 38.98 -44.33 18.42
C SER E 204 37.54 -43.97 18.09
N GLN E 205 36.67 -44.98 18.06
CA GLN E 205 35.25 -44.74 17.81
C GLN E 205 34.44 -45.68 18.70
N ARG E 206 33.32 -45.18 19.23
CA ARG E 206 32.43 -45.93 20.12
C ARG E 206 30.97 -45.79 19.72
N THR E 207 30.28 -46.90 19.45
CA THR E 207 28.88 -46.85 19.07
C THR E 207 27.99 -47.69 19.99
N ARG E 208 26.76 -47.21 20.25
CA ARG E 208 25.78 -47.88 21.11
C ARG E 208 24.64 -48.53 20.34
N ALA E 209 24.73 -49.84 20.14
CA ALA E 209 23.72 -50.58 19.39
C ALA E 209 22.33 -50.39 19.99
N PRO E 210 21.29 -50.71 19.20
CA PRO E 210 19.92 -50.57 19.70
C PRO E 210 19.66 -51.72 20.68
N ASP E 211 20.67 -52.56 20.88
CA ASP E 211 20.55 -53.69 21.79
C ASP E 211 21.35 -53.42 23.07
N GLY E 212 21.82 -52.19 23.21
CA GLY E 212 22.59 -51.83 24.41
C GLY E 212 24.09 -52.07 24.30
N SER E 213 24.50 -53.03 23.49
CA SER E 213 25.91 -53.32 23.33
C SER E 213 26.64 -52.10 22.77
N VAL E 214 27.89 -51.90 23.19
CA VAL E 214 28.71 -50.79 22.70
C VAL E 214 29.83 -51.35 21.82
N VAL E 215 29.67 -51.16 20.52
CA VAL E 215 30.68 -51.63 19.56
C VAL E 215 31.83 -50.60 19.54
N THR E 216 33.05 -51.07 19.78
CA THR E 216 34.19 -50.18 19.81
C THR E 216 35.16 -50.44 18.65
N GLN E 217 35.68 -49.34 18.07
CA GLN E 217 36.63 -49.35 16.95
C GLN E 217 37.94 -48.64 17.36
N ARG E 218 39.08 -49.27 17.13
CA ARG E 218 40.36 -48.66 17.48
C ARG E 218 41.32 -48.89 16.34
N ILE E 219 41.90 -47.81 15.83
CA ILE E 219 42.85 -47.89 14.72
C ILE E 219 44.07 -47.00 14.89
N ARG E 220 45.21 -47.55 14.52
CA ARG E 220 46.46 -46.83 14.56
C ARG E 220 46.99 -46.73 13.15
N MET E 221 47.69 -45.64 12.85
CA MET E 221 48.28 -45.46 11.53
C MET E 221 49.66 -44.86 11.56
N GLU E 222 50.46 -45.33 10.62
CA GLU E 222 51.80 -44.87 10.48
C GLU E 222 51.84 -44.10 9.17
N MET E 223 52.13 -42.81 9.30
CA MET E 223 52.20 -41.90 8.17
C MET E 223 53.65 -41.60 7.88
N HIS E 224 53.96 -41.32 6.63
CA HIS E 224 55.34 -41.02 6.36
C HIS E 224 55.56 -39.55 6.65
N LYS E 225 56.44 -39.28 7.61
CA LYS E 225 56.74 -37.92 8.03
C LYS E 225 57.44 -37.06 6.99
N VAL E 226 57.01 -35.82 6.83
CA VAL E 226 57.68 -34.95 5.88
C VAL E 226 58.64 -34.08 6.66
N ASP E 227 59.83 -33.86 6.12
CA ASP E 227 60.85 -33.05 6.79
C ASP E 227 60.45 -31.58 6.85
N ALA E 228 59.29 -31.29 7.42
CA ALA E 228 58.84 -29.93 7.51
C ALA E 228 57.66 -29.69 8.45
N VAL E 229 57.45 -28.42 8.79
CA VAL E 229 56.36 -28.03 9.65
C VAL E 229 55.32 -27.28 8.82
N PHE E 230 54.18 -27.91 8.55
CA PHE E 230 53.14 -27.23 7.77
C PHE E 230 52.13 -26.63 8.72
N VAL E 231 51.23 -25.83 8.21
CA VAL E 231 50.23 -25.25 9.07
C VAL E 231 48.95 -25.25 8.27
N GLY E 232 47.89 -25.75 8.87
CA GLY E 232 46.65 -25.80 8.15
C GLY E 232 46.36 -27.25 7.91
N THR E 233 47.37 -28.09 8.03
CA THR E 233 47.14 -29.52 7.84
C THR E 233 45.96 -29.96 8.69
N GLY E 234 46.05 -29.67 9.99
CA GLY E 234 45.01 -30.06 10.92
C GLY E 234 43.63 -29.74 10.39
N ASP E 235 43.45 -28.47 10.03
CA ASP E 235 42.18 -27.98 9.52
C ASP E 235 41.72 -28.75 8.28
N LEU E 236 42.66 -29.05 7.38
CA LEU E 236 42.31 -29.76 6.14
C LEU E 236 41.73 -31.11 6.51
N PHE E 237 42.43 -31.77 7.42
CA PHE E 237 42.09 -33.08 7.95
C PHE E 237 40.66 -33.17 8.42
N ALA E 238 40.36 -32.39 9.46
CA ALA E 238 39.05 -32.37 10.04
C ALA E 238 37.98 -32.22 8.98
N ALA E 239 38.15 -31.24 8.11
CA ALA E 239 37.18 -30.99 7.06
C ALA E 239 36.96 -32.22 6.20
N MET E 240 38.05 -32.86 5.78
CA MET E 240 37.91 -34.06 4.98
C MET E 240 37.37 -35.16 5.87
N LEU E 241 37.90 -35.23 7.08
CA LEU E 241 37.42 -36.25 8.00
C LEU E 241 35.91 -36.12 8.04
N LEU E 242 35.44 -34.89 8.23
CA LEU E 242 34.02 -34.66 8.31
C LEU E 242 33.36 -35.24 7.12
N ALA E 243 34.05 -35.29 6.00
CA ALA E 243 33.38 -35.80 4.81
C ALA E 243 33.37 -37.28 4.63
N TRP E 244 34.44 -37.97 5.03
CA TRP E 244 34.45 -39.42 4.86
C TRP E 244 33.62 -40.15 5.92
N THR E 245 33.68 -39.69 7.18
CA THR E 245 32.93 -40.34 8.22
C THR E 245 31.46 -40.21 7.88
N HIS E 246 31.10 -39.17 7.14
CA HIS E 246 29.72 -38.96 6.72
C HIS E 246 29.38 -40.08 5.74
N LYS E 247 30.40 -40.52 5.01
CA LYS E 247 30.22 -41.56 4.04
C LYS E 247 30.27 -42.92 4.76
N HIS E 248 31.21 -43.03 5.71
CA HIS E 248 31.39 -44.27 6.44
C HIS E 248 31.27 -43.99 7.92
N PRO E 249 30.04 -43.79 8.39
CA PRO E 249 29.81 -43.52 9.81
C PRO E 249 30.29 -44.64 10.71
N ASN E 250 30.39 -45.86 10.16
CA ASN E 250 30.85 -46.99 10.95
C ASN E 250 32.10 -47.62 10.37
N ASN E 251 33.00 -46.79 9.88
CA ASN E 251 34.21 -47.31 9.28
C ASN E 251 35.37 -46.36 9.55
N LEU E 252 35.56 -46.04 10.83
CA LEU E 252 36.63 -45.16 11.20
C LEU E 252 37.89 -45.53 10.43
N LYS E 253 38.16 -46.82 10.25
CA LYS E 253 39.35 -47.22 9.54
C LYS E 253 39.35 -46.61 8.17
N VAL E 254 38.31 -46.95 7.40
CA VAL E 254 38.18 -46.42 6.05
C VAL E 254 38.15 -44.91 5.99
N ALA E 255 37.24 -44.29 6.74
CA ALA E 255 37.17 -42.84 6.74
C ALA E 255 38.54 -42.27 7.01
N CYS E 256 39.23 -42.79 8.02
CA CYS E 256 40.57 -42.30 8.35
C CYS E 256 41.57 -42.55 7.22
N GLU E 257 41.48 -43.73 6.61
CA GLU E 257 42.39 -44.05 5.54
C GLU E 257 42.29 -43.05 4.39
N LYS E 258 41.10 -42.85 3.84
CA LYS E 258 40.97 -41.89 2.76
C LYS E 258 41.60 -40.57 3.17
N THR E 259 41.04 -39.97 4.21
CA THR E 259 41.55 -38.71 4.72
C THR E 259 43.07 -38.62 4.76
N VAL E 260 43.67 -39.44 5.60
CA VAL E 260 45.10 -39.42 5.73
C VAL E 260 45.81 -39.64 4.38
N SER E 261 45.19 -40.41 3.50
CA SER E 261 45.81 -40.61 2.20
C SER E 261 45.88 -39.26 1.50
N ALA E 262 44.70 -38.64 1.37
CA ALA E 262 44.60 -37.33 0.74
C ALA E 262 45.69 -36.46 1.33
N MET E 263 45.75 -36.49 2.64
CA MET E 263 46.72 -35.72 3.37
C MET E 263 48.10 -35.93 2.77
N HIS E 264 48.50 -37.19 2.69
CA HIS E 264 49.82 -37.54 2.16
C HIS E 264 50.09 -36.92 0.81
N HIS E 265 49.18 -37.15 -0.11
CA HIS E 265 49.27 -36.61 -1.44
C HIS E 265 49.45 -35.13 -1.34
N VAL E 266 48.41 -34.43 -0.94
CA VAL E 266 48.50 -32.99 -0.78
C VAL E 266 49.88 -32.63 -0.25
N LEU E 267 50.23 -33.18 0.90
CA LEU E 267 51.51 -32.86 1.50
C LEU E 267 52.67 -33.19 0.62
N GLN E 268 52.71 -34.37 0.04
CA GLN E 268 53.85 -34.70 -0.81
C GLN E 268 53.98 -33.63 -1.89
N ARG E 269 52.88 -33.28 -2.53
CA ARG E 269 52.88 -32.25 -3.58
C ARG E 269 53.47 -30.96 -3.06
N THR E 270 53.05 -30.59 -1.87
CA THR E 270 53.51 -29.35 -1.26
C THR E 270 55.02 -29.33 -1.01
N ILE E 271 55.53 -30.29 -0.27
CA ILE E 271 56.95 -30.28 0.02
C ILE E 271 57.76 -30.28 -1.25
N LYS E 272 57.26 -30.92 -2.29
CA LYS E 272 57.97 -30.96 -3.56
C LYS E 272 58.16 -29.55 -4.09
N CYS E 273 57.07 -28.86 -4.41
CA CYS E 273 57.15 -27.50 -4.91
C CYS E 273 57.98 -26.69 -3.92
N ALA E 274 57.60 -26.75 -2.65
CA ALA E 274 58.30 -26.01 -1.62
C ALA E 274 59.82 -26.12 -1.76
N LYS E 275 60.34 -27.34 -1.75
CA LYS E 275 61.78 -27.50 -1.90
C LYS E 275 62.28 -26.91 -3.23
N ALA E 276 61.41 -26.82 -4.22
CA ALA E 276 61.78 -26.27 -5.52
C ALA E 276 62.04 -24.77 -5.40
N LYS E 277 61.15 -24.07 -4.71
CA LYS E 277 61.29 -22.64 -4.53
C LYS E 277 62.40 -22.31 -3.53
N SER E 278 62.79 -23.27 -2.71
CA SER E 278 63.81 -22.95 -1.74
C SER E 278 65.20 -23.30 -2.22
N GLY E 279 65.29 -24.33 -3.06
CA GLY E 279 66.58 -24.76 -3.56
C GLY E 279 67.16 -25.88 -2.69
N GLU E 280 68.10 -26.61 -3.27
CA GLU E 280 68.75 -27.73 -2.59
C GLU E 280 69.51 -27.24 -1.35
N GLY E 281 69.51 -28.04 -0.29
CA GLY E 281 70.22 -27.63 0.91
C GLY E 281 69.78 -26.28 1.46
N VAL E 282 68.50 -25.98 1.33
CA VAL E 282 67.92 -24.73 1.83
C VAL E 282 66.54 -25.11 2.30
N LYS E 283 66.15 -24.66 3.48
CA LYS E 283 64.85 -25.02 4.01
C LYS E 283 63.67 -24.15 3.58
N PRO E 284 62.60 -24.79 3.09
CA PRO E 284 61.40 -24.07 2.66
C PRO E 284 60.89 -23.16 3.77
N SER E 285 60.51 -21.96 3.42
CA SER E 285 60.02 -21.04 4.42
C SER E 285 58.54 -21.28 4.57
N PRO E 286 57.95 -20.79 5.67
CA PRO E 286 56.52 -20.97 5.89
C PRO E 286 55.72 -20.52 4.67
N ALA E 287 56.18 -19.46 4.00
CA ALA E 287 55.45 -19.00 2.82
C ALA E 287 55.56 -20.04 1.71
N GLN E 288 56.73 -20.63 1.59
CA GLN E 288 56.97 -21.63 0.56
C GLN E 288 56.34 -22.96 0.91
N LEU E 289 55.83 -23.07 2.13
CA LEU E 289 55.24 -24.33 2.62
C LEU E 289 53.72 -24.38 2.62
N GLU E 290 53.10 -23.31 2.14
CA GLU E 290 51.65 -23.23 2.05
C GLU E 290 51.14 -24.47 1.32
N LEU E 291 50.04 -25.03 1.79
CA LEU E 291 49.52 -26.21 1.12
C LEU E 291 49.13 -25.91 -0.31
N ARG E 292 49.35 -26.87 -1.19
CA ARG E 292 48.97 -26.70 -2.58
C ARG E 292 47.59 -27.30 -2.74
N MET E 293 46.61 -26.56 -2.27
CA MET E 293 45.21 -26.98 -2.29
C MET E 293 44.74 -27.24 -3.68
N VAL E 294 44.48 -26.14 -4.37
CA VAL E 294 43.98 -26.15 -5.75
C VAL E 294 44.58 -27.30 -6.58
N GLN E 295 45.91 -27.38 -6.56
CA GLN E 295 46.66 -28.38 -7.30
C GLN E 295 46.27 -29.79 -6.91
N SER E 296 45.72 -29.94 -5.72
CA SER E 296 45.36 -31.24 -5.19
C SER E 296 43.89 -31.51 -5.28
N LYS E 297 43.21 -30.65 -6.01
CA LYS E 297 41.78 -30.83 -6.17
C LYS E 297 41.42 -32.31 -6.40
N LYS E 298 41.92 -32.92 -7.46
CA LYS E 298 41.59 -34.31 -7.77
C LYS E 298 41.93 -35.31 -6.67
N ASP E 299 43.09 -35.17 -6.06
CA ASP E 299 43.47 -36.09 -5.02
C ASP E 299 42.52 -36.00 -3.82
N ILE E 300 41.99 -34.80 -3.60
CA ILE E 300 41.07 -34.59 -2.51
C ILE E 300 39.75 -35.28 -2.77
N GLU E 301 39.30 -35.18 -4.01
CA GLU E 301 38.06 -35.76 -4.45
C GLU E 301 38.08 -37.27 -4.33
N SER E 302 39.21 -37.88 -4.68
CA SER E 302 39.39 -39.33 -4.63
C SER E 302 40.83 -39.69 -4.35
N PRO E 303 41.23 -39.67 -3.07
CA PRO E 303 42.61 -40.00 -2.72
C PRO E 303 42.96 -41.50 -2.76
N GLU E 304 44.00 -41.85 -3.50
CA GLU E 304 44.39 -43.25 -3.56
C GLU E 304 44.81 -43.60 -2.16
N ILE E 305 44.54 -44.82 -1.74
CA ILE E 305 44.91 -45.22 -0.39
C ILE E 305 46.39 -45.57 -0.33
N VAL E 306 47.15 -44.75 0.36
CA VAL E 306 48.57 -45.00 0.49
C VAL E 306 49.00 -45.32 1.92
N VAL E 307 48.01 -45.40 2.81
CA VAL E 307 48.27 -45.76 4.21
C VAL E 307 47.22 -46.74 4.61
N GLN E 308 47.66 -47.86 5.19
CA GLN E 308 46.74 -48.88 5.64
C GLN E 308 46.66 -48.84 7.15
N ALA E 309 45.48 -48.55 7.67
CA ALA E 309 45.27 -48.46 9.11
C ALA E 309 45.28 -49.85 9.74
N THR E 310 45.92 -49.94 10.90
CA THR E 310 45.99 -51.20 11.62
C THR E 310 44.86 -51.13 12.65
N VAL E 311 44.08 -52.20 12.74
CA VAL E 311 42.94 -52.29 13.67
C VAL E 311 43.28 -52.88 15.03
N LEU E 312 43.78 -52.07 15.93
CA LEU E 312 44.16 -52.53 17.25
C LEU E 312 43.11 -53.44 17.90
N MET F 1 17.59 7.58 45.68
CA MET F 1 17.10 6.22 46.08
C MET F 1 17.30 5.17 44.98
N GLU F 2 16.95 3.91 45.25
CA GLU F 2 17.10 2.84 44.25
C GLU F 2 16.02 1.73 44.29
N GLU F 3 14.81 2.20 44.11
CA GLU F 3 13.60 1.37 43.96
C GLU F 3 12.68 2.18 43.10
N GLU F 4 11.76 1.54 42.46
CA GLU F 4 10.89 2.28 41.56
C GLU F 4 9.78 3.02 42.34
N CYS F 5 9.75 4.34 42.21
CA CYS F 5 8.71 5.12 42.87
C CYS F 5 8.18 6.25 42.00
N ARG F 6 6.91 6.14 41.64
CA ARG F 6 6.25 7.14 40.80
C ARG F 6 5.41 8.07 41.63
N VAL F 7 5.43 9.34 41.30
CA VAL F 7 4.68 10.36 42.03
C VAL F 7 3.85 11.24 41.12
N LEU F 8 2.54 11.29 41.33
CA LEU F 8 1.70 12.14 40.49
C LEU F 8 1.54 13.50 41.16
N SER F 9 2.36 14.45 40.75
CA SER F 9 2.32 15.78 41.33
C SER F 9 1.42 16.68 40.57
N ILE F 10 0.45 17.26 41.27
CA ILE F 10 -0.53 18.14 40.66
C ILE F 10 -0.43 19.50 41.26
N GLN F 11 0.22 20.42 40.54
CA GLN F 11 0.41 21.79 41.02
C GLN F 11 0.63 22.78 39.90
N SER F 12 0.75 24.04 40.30
CA SER F 12 0.96 25.17 39.42
C SER F 12 2.27 25.11 38.70
N HIS F 13 2.32 25.78 37.57
CA HIS F 13 3.53 25.88 36.75
C HIS F 13 3.75 27.35 36.39
N VAL F 14 4.98 27.81 36.51
CA VAL F 14 5.32 29.17 36.16
C VAL F 14 6.40 29.13 35.10
N VAL F 15 6.28 29.99 34.09
CA VAL F 15 7.28 30.01 33.04
C VAL F 15 8.64 30.29 33.66
N ARG F 16 8.72 31.38 34.41
CA ARG F 16 9.96 31.73 35.08
C ARG F 16 9.84 31.50 36.57
N GLY F 17 10.92 31.08 37.20
CA GLY F 17 10.86 30.90 38.63
C GLY F 17 10.66 29.49 39.14
N TYR F 18 10.83 29.36 40.44
CA TYR F 18 10.66 28.09 41.12
C TYR F 18 9.53 28.18 42.09
N VAL F 19 8.43 27.57 41.73
CA VAL F 19 7.22 27.60 42.53
C VAL F 19 6.32 26.54 41.89
N GLY F 20 5.38 25.97 42.64
CA GLY F 20 4.53 24.95 42.04
C GLY F 20 5.31 23.73 41.58
N ASN F 21 4.87 23.10 40.50
CA ASN F 21 5.57 21.92 40.01
C ASN F 21 7.01 22.26 39.63
N ARG F 22 7.23 23.52 39.27
CA ARG F 22 8.57 23.98 38.91
C ARG F 22 9.55 23.77 40.06
N ALA F 23 9.07 23.96 41.29
CA ALA F 23 9.93 23.81 42.47
C ALA F 23 9.94 22.39 43.03
N ALA F 24 8.91 21.62 42.69
CA ALA F 24 8.78 20.27 43.20
C ALA F 24 9.36 19.20 42.30
N THR F 25 9.31 19.39 40.99
CA THR F 25 9.82 18.35 40.10
C THR F 25 11.31 18.09 40.13
N PHE F 26 12.11 19.14 40.14
CA PHE F 26 13.54 18.96 40.13
C PHE F 26 13.97 18.13 41.34
N PRO F 27 13.66 18.64 42.54
CA PRO F 27 14.04 17.94 43.77
C PRO F 27 13.74 16.45 43.69
N LEU F 28 12.46 16.11 43.55
CA LEU F 28 12.10 14.70 43.49
C LEU F 28 12.91 13.99 42.43
N GLN F 29 13.16 14.68 41.32
CA GLN F 29 13.92 14.05 40.25
C GLN F 29 15.37 13.81 40.61
N VAL F 30 16.07 14.86 40.99
CA VAL F 30 17.46 14.64 41.33
C VAL F 30 17.51 13.70 42.53
N LEU F 31 16.36 13.45 43.16
CA LEU F 31 16.31 12.55 44.32
C LEU F 31 16.04 11.09 43.95
N GLY F 32 15.62 10.88 42.70
CA GLY F 32 15.37 9.52 42.24
C GLY F 32 13.94 9.14 41.92
N PHE F 33 12.96 9.96 42.32
CA PHE F 33 11.58 9.61 42.05
C PHE F 33 11.21 9.85 40.62
N GLU F 34 10.27 9.06 40.12
CA GLU F 34 9.80 9.21 38.76
C GLU F 34 8.59 10.08 38.93
N VAL F 35 8.59 11.25 38.31
CA VAL F 35 7.47 12.17 38.46
C VAL F 35 6.53 12.27 37.26
N ASP F 36 5.24 12.44 37.55
CA ASP F 36 4.21 12.61 36.54
C ASP F 36 3.63 13.94 36.95
N ALA F 37 3.77 14.94 36.11
CA ALA F 37 3.31 16.26 36.46
C ALA F 37 2.11 16.76 35.72
N VAL F 38 1.15 17.27 36.49
CA VAL F 38 -0.05 17.87 35.93
C VAL F 38 0.04 19.30 36.40
N ASN F 39 -0.01 20.23 35.46
CA ASN F 39 0.07 21.63 35.82
C ASN F 39 -1.31 22.25 35.89
N SER F 40 -1.74 22.50 37.12
CA SER F 40 -3.03 23.10 37.42
C SER F 40 -3.16 24.49 36.79
N VAL F 41 -2.03 25.12 36.52
CA VAL F 41 -2.04 26.45 35.93
C VAL F 41 -0.71 26.73 35.26
N GLN F 42 -0.70 27.68 34.34
CA GLN F 42 0.55 28.07 33.72
C GLN F 42 0.59 29.56 33.71
N PHE F 43 1.37 30.14 34.60
CA PHE F 43 1.47 31.59 34.63
C PHE F 43 2.86 32.02 34.21
N SER F 44 3.00 33.31 33.98
CA SER F 44 4.27 33.84 33.58
C SER F 44 5.21 33.63 34.76
N ASN F 45 4.72 33.98 35.95
CA ASN F 45 5.52 33.86 37.16
C ASN F 45 4.59 33.67 38.34
N HIS F 46 5.08 33.84 39.56
CA HIS F 46 4.20 33.65 40.70
C HIS F 46 3.57 34.95 41.12
N THR F 47 2.34 34.85 41.62
CA THR F 47 1.56 36.01 41.98
C THR F 47 2.22 36.98 42.92
N GLY F 48 3.37 36.62 43.47
CA GLY F 48 4.09 37.52 44.35
C GLY F 48 4.59 38.73 43.56
N TYR F 49 4.74 38.57 42.26
CA TYR F 49 5.19 39.65 41.38
C TYR F 49 4.05 40.66 41.22
N SER F 50 4.39 41.89 40.85
CA SER F 50 3.38 42.94 40.64
C SER F 50 2.35 42.48 39.62
N HIS F 51 2.82 41.87 38.54
CA HIS F 51 1.91 41.41 37.51
C HIS F 51 2.14 39.93 37.27
N TRP F 52 1.13 39.25 36.78
CA TRP F 52 1.23 37.84 36.45
C TRP F 52 0.06 37.56 35.56
N LYS F 53 0.31 36.85 34.47
CA LYS F 53 -0.74 36.50 33.53
C LYS F 53 -0.54 35.02 33.31
N GLY F 54 -1.55 34.35 32.77
CA GLY F 54 -1.41 32.92 32.55
C GLY F 54 -2.76 32.25 32.42
N GLN F 55 -2.75 30.95 32.27
CA GLN F 55 -4.00 30.23 32.14
C GLN F 55 -4.19 29.25 33.26
N VAL F 56 -5.44 28.82 33.41
CA VAL F 56 -5.82 27.90 34.46
C VAL F 56 -6.60 26.73 33.87
N LEU F 57 -6.59 25.63 34.60
CA LEU F 57 -7.32 24.44 34.19
C LEU F 57 -8.56 24.25 35.04
N ASN F 58 -9.57 23.62 34.44
CA ASN F 58 -10.79 23.33 35.15
C ASN F 58 -10.97 21.82 35.15
N SER F 59 -11.91 21.37 35.97
CA SER F 59 -12.22 19.95 36.12
C SER F 59 -12.22 19.16 34.80
N ASP F 60 -12.69 19.78 33.73
CA ASP F 60 -12.72 19.12 32.42
C ASP F 60 -11.33 18.94 31.87
N GLU F 61 -10.53 20.00 31.95
CA GLU F 61 -9.18 19.92 31.45
C GLU F 61 -8.41 18.88 32.24
N LEU F 62 -8.66 18.79 33.55
CA LEU F 62 -7.94 17.79 34.33
C LEU F 62 -8.43 16.42 33.94
N GLN F 63 -9.72 16.30 33.69
CA GLN F 63 -10.30 15.03 33.33
C GLN F 63 -9.63 14.50 32.07
N GLU F 64 -9.58 15.36 31.06
CA GLU F 64 -8.97 15.04 29.79
C GLU F 64 -7.65 14.29 30.02
N LEU F 65 -6.78 14.93 30.77
CA LEU F 65 -5.46 14.38 31.06
C LEU F 65 -5.56 13.04 31.74
N TYR F 66 -6.31 13.00 32.84
CA TYR F 66 -6.46 11.78 33.59
C TYR F 66 -6.99 10.69 32.69
N ASP F 67 -8.03 11.02 31.92
CA ASP F 67 -8.60 10.06 31.00
C ASP F 67 -7.47 9.61 30.09
N GLY F 68 -6.69 10.56 29.59
CA GLY F 68 -5.61 10.22 28.69
C GLY F 68 -4.77 9.13 29.32
N LEU F 69 -4.34 9.38 30.55
CA LEU F 69 -3.51 8.42 31.24
C LEU F 69 -4.34 7.15 31.47
N LYS F 70 -5.58 7.36 31.86
CA LYS F 70 -6.47 6.26 32.13
C LYS F 70 -6.45 5.37 30.91
N LEU F 71 -6.88 5.92 29.78
CA LEU F 71 -6.94 5.18 28.52
C LEU F 71 -5.70 4.34 28.20
N ASN F 72 -4.54 4.80 28.61
CA ASN F 72 -3.35 4.04 28.31
C ASN F 72 -2.94 3.10 29.39
N HIS F 73 -3.66 3.14 30.51
CA HIS F 73 -3.36 2.24 31.61
C HIS F 73 -2.06 2.60 32.29
N VAL F 74 -1.79 3.89 32.42
CA VAL F 74 -0.56 4.30 33.07
C VAL F 74 -0.87 5.11 34.29
N ASN F 75 -2.14 5.08 34.71
CA ASN F 75 -2.56 5.81 35.88
C ASN F 75 -2.27 4.93 37.10
N GLN F 76 -1.00 4.73 37.40
CA GLN F 76 -0.60 3.92 38.53
C GLN F 76 0.53 4.61 39.23
N TYR F 77 0.29 5.02 40.46
CA TYR F 77 1.29 5.73 41.23
C TYR F 77 1.65 5.13 42.58
N ASP F 78 2.62 5.73 43.24
CA ASP F 78 3.02 5.26 44.55
C ASP F 78 2.78 6.37 45.51
N TYR F 79 2.74 7.59 44.99
CA TYR F 79 2.48 8.76 45.80
C TYR F 79 1.64 9.71 45.02
N VAL F 80 1.22 10.77 45.68
CA VAL F 80 0.45 11.80 45.02
C VAL F 80 0.82 13.02 45.78
N LEU F 81 1.09 14.11 45.06
CA LEU F 81 1.50 15.34 45.72
C LEU F 81 0.65 16.38 45.08
N THR F 82 -0.06 17.16 45.87
CA THR F 82 -0.93 18.18 45.31
C THR F 82 -0.73 19.54 45.96
N GLY F 83 -0.88 20.59 45.16
CA GLY F 83 -0.70 21.93 45.66
C GLY F 83 -1.58 23.01 45.04
N TYR F 84 -0.96 24.12 44.68
CA TYR F 84 -1.66 25.25 44.10
C TYR F 84 -2.75 24.98 43.09
N THR F 85 -3.95 25.52 43.37
CA THR F 85 -5.11 25.47 42.47
C THR F 85 -5.96 26.67 42.82
N ARG F 86 -6.73 27.15 41.87
CA ARG F 86 -7.61 28.28 42.12
C ARG F 86 -9.03 27.81 41.82
N ASP F 87 -9.13 26.59 41.33
CA ASP F 87 -10.40 26.00 40.95
C ASP F 87 -10.89 24.92 41.91
N LYS F 88 -11.99 25.23 42.61
CA LYS F 88 -12.61 24.33 43.54
C LYS F 88 -13.00 23.04 42.83
N SER F 89 -13.52 23.17 41.62
CA SER F 89 -13.90 22.01 40.83
C SER F 89 -12.66 21.13 40.67
N PHE F 90 -11.56 21.77 40.27
CA PHE F 90 -10.29 21.09 40.06
C PHE F 90 -9.92 20.31 41.32
N LEU F 91 -9.83 21.04 42.42
CA LEU F 91 -9.48 20.44 43.71
C LEU F 91 -10.34 19.23 44.02
N ALA F 92 -11.66 19.41 43.93
CA ALA F 92 -12.59 18.35 44.21
C ALA F 92 -12.22 17.08 43.43
N MET F 93 -12.18 17.24 42.12
CA MET F 93 -11.87 16.13 41.25
C MET F 93 -10.58 15.46 41.65
N VAL F 94 -9.59 16.26 41.99
CA VAL F 94 -8.32 15.68 42.38
C VAL F 94 -8.58 14.64 43.44
N VAL F 95 -9.49 14.96 44.35
CA VAL F 95 -9.82 14.02 45.40
C VAL F 95 -10.36 12.73 44.81
N ASP F 96 -11.41 12.82 44.02
CA ASP F 96 -11.97 11.62 43.41
C ASP F 96 -10.84 10.81 42.80
N ILE F 97 -9.98 11.49 42.06
CA ILE F 97 -8.85 10.81 41.43
C ILE F 97 -8.03 10.09 42.48
N VAL F 98 -7.64 10.82 43.52
CA VAL F 98 -6.83 10.24 44.57
C VAL F 98 -7.47 8.94 45.09
N GLN F 99 -8.76 8.95 45.34
CA GLN F 99 -9.43 7.78 45.86
C GLN F 99 -9.43 6.62 44.89
N GLU F 100 -9.72 6.89 43.63
CA GLU F 100 -9.70 5.82 42.66
C GLU F 100 -8.32 5.15 42.71
N LEU F 101 -7.28 5.95 42.90
CA LEU F 101 -5.94 5.41 42.93
C LEU F 101 -5.67 4.63 44.21
N LYS F 102 -6.13 5.15 45.35
CA LYS F 102 -5.92 4.46 46.63
C LYS F 102 -6.58 3.09 46.58
N GLN F 103 -7.68 2.98 45.84
CA GLN F 103 -8.39 1.72 45.67
C GLN F 103 -7.47 0.76 44.92
N GLN F 104 -7.01 1.18 43.75
CA GLN F 104 -6.13 0.35 42.95
C GLN F 104 -4.90 0.00 43.75
N ASN F 105 -4.35 0.99 44.44
CA ASN F 105 -3.15 0.78 45.24
C ASN F 105 -3.33 1.28 46.65
N PRO F 106 -3.57 0.36 47.58
CA PRO F 106 -3.77 0.62 49.00
C PRO F 106 -2.52 1.19 49.65
N ARG F 107 -1.37 0.87 49.06
CA ARG F 107 -0.10 1.34 49.60
C ARG F 107 0.24 2.79 49.21
N LEU F 108 -0.57 3.39 48.34
CA LEU F 108 -0.30 4.74 47.90
C LEU F 108 -0.33 5.75 49.04
N VAL F 109 0.56 6.74 48.98
CA VAL F 109 0.64 7.79 49.98
C VAL F 109 0.32 9.08 49.28
N TYR F 110 -0.52 9.88 49.90
CA TYR F 110 -0.91 11.16 49.32
C TYR F 110 -0.40 12.27 50.21
N VAL F 111 0.53 13.06 49.68
CA VAL F 111 1.07 14.19 50.42
C VAL F 111 0.24 15.36 49.96
N CYS F 112 -0.38 16.06 50.89
CA CYS F 112 -1.17 17.21 50.49
C CYS F 112 -0.66 18.49 51.07
N ASP F 113 -0.36 19.45 50.21
CA ASP F 113 0.11 20.76 50.65
C ASP F 113 -1.13 21.62 50.49
N PRO F 114 -1.80 21.96 51.60
CA PRO F 114 -3.02 22.79 51.60
C PRO F 114 -2.70 24.24 51.25
N VAL F 115 -2.26 24.46 50.02
CA VAL F 115 -1.89 25.81 49.57
C VAL F 115 -3.10 26.72 49.40
N MET F 116 -3.23 27.69 50.30
CA MET F 116 -4.35 28.63 50.27
C MET F 116 -3.94 30.07 50.55
N GLY F 117 -3.08 30.26 51.56
CA GLY F 117 -2.69 31.62 51.90
C GLY F 117 -1.35 31.81 52.59
N ASP F 118 -1.07 33.07 52.97
CA ASP F 118 0.19 33.53 53.60
C ASP F 118 -0.13 34.29 54.90
N GLN F 119 0.68 34.08 55.95
CA GLN F 119 0.47 34.73 57.25
C GLN F 119 1.53 35.78 57.43
N ARG F 120 1.86 36.48 56.36
CA ARG F 120 2.89 37.50 56.43
C ARG F 120 2.37 38.81 57.02
N ASN F 121 3.26 39.54 57.68
CA ASN F 121 2.91 40.82 58.30
C ASN F 121 1.94 40.74 59.48
N GLY F 122 2.03 39.65 60.25
CA GLY F 122 1.13 39.47 61.39
C GLY F 122 0.16 38.36 61.04
N GLU F 123 -1.12 38.71 60.90
CA GLU F 123 -2.13 37.71 60.52
C GLU F 123 -2.32 37.89 59.02
N GLY F 124 -2.67 36.80 58.32
CA GLY F 124 -2.79 36.86 56.89
C GLY F 124 -4.13 36.82 56.16
N ALA F 125 -4.00 36.59 54.86
CA ALA F 125 -5.11 36.51 53.90
C ALA F 125 -4.80 35.43 52.86
N MET F 126 -5.83 34.79 52.33
CA MET F 126 -5.63 33.74 51.35
C MET F 126 -5.23 34.30 50.00
N TYR F 127 -4.44 33.55 49.24
CA TYR F 127 -4.09 34.03 47.92
C TYR F 127 -4.72 33.20 46.82
N VAL F 128 -5.89 32.64 47.15
CA VAL F 128 -6.69 31.82 46.26
C VAL F 128 -8.16 32.10 46.59
N PRO F 129 -9.08 31.77 45.67
CA PRO F 129 -10.50 32.01 45.97
C PRO F 129 -10.94 31.27 47.25
N ASP F 130 -11.87 31.87 48.00
CA ASP F 130 -12.34 31.28 49.26
C ASP F 130 -12.99 29.92 49.14
N ASP F 131 -13.71 29.69 48.04
CA ASP F 131 -14.41 28.41 47.86
C ASP F 131 -13.56 27.14 47.97
N LEU F 132 -12.26 27.30 48.14
CA LEU F 132 -11.37 26.15 48.28
C LEU F 132 -11.20 25.74 49.72
N LEU F 133 -11.34 26.68 50.64
CA LEU F 133 -11.18 26.37 52.05
C LEU F 133 -12.10 25.21 52.38
N PRO F 134 -13.39 25.39 52.09
CA PRO F 134 -14.31 24.31 52.39
C PRO F 134 -13.87 22.98 51.76
N VAL F 135 -13.54 23.01 50.47
CA VAL F 135 -13.14 21.78 49.79
C VAL F 135 -11.94 21.13 50.43
N TYR F 136 -10.93 21.94 50.73
CA TYR F 136 -9.74 21.42 51.36
C TYR F 136 -10.10 20.87 52.72
N ARG F 137 -10.92 21.64 53.44
CA ARG F 137 -11.34 21.27 54.78
C ARG F 137 -12.18 19.99 54.88
N GLU F 138 -13.07 19.78 53.92
CA GLU F 138 -13.97 18.64 53.98
C GLU F 138 -13.72 17.47 53.06
N LYS F 139 -13.13 17.72 51.90
CA LYS F 139 -12.89 16.62 50.99
C LYS F 139 -11.43 16.22 50.89
N VAL F 140 -10.53 17.20 51.01
CA VAL F 140 -9.12 16.87 50.86
C VAL F 140 -8.42 16.34 52.08
N VAL F 141 -8.34 17.15 53.11
CA VAL F 141 -7.64 16.71 54.30
C VAL F 141 -8.06 15.32 54.76
N PRO F 142 -9.38 15.02 54.70
CA PRO F 142 -9.86 13.70 55.12
C PRO F 142 -9.03 12.59 54.55
N VAL F 143 -8.82 12.69 53.25
CA VAL F 143 -8.09 11.67 52.52
C VAL F 143 -6.56 11.81 52.43
N ALA F 144 -5.98 12.84 53.07
CA ALA F 144 -4.52 13.03 53.02
C ALA F 144 -3.71 12.24 54.05
N ASP F 145 -2.54 11.74 53.64
CA ASP F 145 -1.67 10.98 54.54
C ASP F 145 -0.62 11.85 55.19
N ILE F 146 -0.34 12.99 54.56
CA ILE F 146 0.66 13.93 55.08
C ILE F 146 0.32 15.33 54.65
N ILE F 147 0.18 16.22 55.58
CA ILE F 147 -0.14 17.59 55.22
C ILE F 147 1.01 18.45 55.64
N THR F 148 1.24 19.48 54.84
CA THR F 148 2.32 20.40 55.10
C THR F 148 1.71 21.78 55.14
N PRO F 149 0.83 22.03 56.11
CA PRO F 149 0.20 23.33 56.22
C PRO F 149 1.04 24.47 56.77
N ASN F 150 0.52 25.65 56.45
CA ASN F 150 1.02 26.98 56.76
C ASN F 150 0.43 27.30 58.13
N GLN F 151 1.16 27.95 59.02
CA GLN F 151 0.50 28.23 60.27
C GLN F 151 -0.88 28.73 59.85
N PHE F 152 -0.90 29.74 59.01
CA PHE F 152 -2.12 30.32 58.52
C PHE F 152 -3.09 29.27 58.01
N GLU F 153 -2.69 28.56 56.97
CA GLU F 153 -3.56 27.55 56.40
C GLU F 153 -4.01 26.60 57.50
N ALA F 154 -3.06 26.12 58.30
CA ALA F 154 -3.35 25.20 59.41
C ALA F 154 -4.49 25.75 60.26
N GLU F 155 -4.38 27.02 60.64
CA GLU F 155 -5.42 27.65 61.43
C GLU F 155 -6.67 27.51 60.56
N LEU F 156 -6.56 28.00 59.35
CA LEU F 156 -7.67 27.98 58.44
C LEU F 156 -8.43 26.67 58.38
N LEU F 157 -7.70 25.56 58.41
CA LEU F 157 -8.35 24.25 58.31
C LEU F 157 -9.06 23.88 59.59
N THR F 158 -8.31 23.81 60.68
CA THR F 158 -8.88 23.45 61.96
C THR F 158 -9.80 24.55 62.48
N GLY F 159 -10.00 25.59 61.67
CA GLY F 159 -10.87 26.70 62.06
C GLY F 159 -10.48 27.54 63.28
N ARG F 160 -9.28 27.31 63.83
CA ARG F 160 -8.86 28.07 65.01
C ARG F 160 -7.79 29.12 64.73
N LYS F 161 -7.04 29.48 65.76
CA LYS F 161 -5.99 30.47 65.64
C LYS F 161 -4.95 30.09 66.70
N ILE F 162 -3.68 30.05 66.33
CA ILE F 162 -2.65 29.68 67.28
C ILE F 162 -2.11 30.89 68.01
N HIS F 163 -1.74 30.73 69.27
CA HIS F 163 -1.19 31.83 70.04
C HIS F 163 -0.29 31.21 71.08
N SER F 164 0.03 29.95 70.85
CA SER F 164 0.87 29.21 71.76
C SER F 164 1.35 27.93 71.10
N GLN F 165 2.46 27.42 71.59
CA GLN F 165 3.00 26.20 71.03
C GLN F 165 1.90 25.18 71.14
N GLU F 166 1.33 25.11 72.33
CA GLU F 166 0.25 24.20 72.66
C GLU F 166 -0.80 24.34 71.58
N GLU F 167 -1.45 25.49 71.58
CA GLU F 167 -2.47 25.80 70.60
C GLU F 167 -2.06 25.12 69.31
N ALA F 168 -0.77 25.17 69.00
CA ALA F 168 -0.26 24.54 67.80
C ALA F 168 -0.45 23.03 67.88
N LEU F 169 0.26 22.39 68.79
CA LEU F 169 0.19 20.93 68.98
C LEU F 169 -1.23 20.40 68.96
N GLU F 170 -2.18 21.22 69.40
CA GLU F 170 -3.55 20.75 69.39
C GLU F 170 -4.02 20.64 67.95
N VAL F 171 -3.92 21.75 67.22
CA VAL F 171 -4.36 21.77 65.83
C VAL F 171 -3.80 20.57 65.08
N MET F 172 -2.55 20.20 65.38
CA MET F 172 -2.00 19.06 64.67
C MET F 172 -2.81 17.83 65.04
N ASP F 173 -3.17 17.73 66.33
CA ASP F 173 -3.97 16.61 66.82
C ASP F 173 -5.28 16.66 66.07
N MET F 174 -5.84 17.86 65.97
CA MET F 174 -7.10 18.07 65.27
C MET F 174 -6.97 17.75 63.79
N LEU F 175 -5.85 18.14 63.21
CA LEU F 175 -5.61 17.87 61.80
C LEU F 175 -5.57 16.37 61.62
N HIS F 176 -4.70 15.71 62.40
CA HIS F 176 -4.61 14.26 62.35
C HIS F 176 -6.02 13.73 62.34
N SER F 177 -6.78 14.12 63.36
CA SER F 177 -8.18 13.71 63.54
C SER F 177 -9.00 13.78 62.26
N MET F 178 -8.62 14.70 61.42
CA MET F 178 -9.33 14.91 60.16
C MET F 178 -8.90 13.86 59.13
N GLY F 179 -7.73 13.27 59.34
CA GLY F 179 -7.28 12.23 58.41
C GLY F 179 -5.78 11.95 58.42
N PRO F 180 -4.93 12.91 58.02
CA PRO F 180 -3.47 12.73 57.98
C PRO F 180 -2.91 12.15 59.26
N ASP F 181 -1.89 11.33 59.13
CA ASP F 181 -1.22 10.74 60.28
C ASP F 181 0.11 11.40 60.50
N THR F 182 0.54 12.15 59.49
CA THR F 182 1.79 12.91 59.57
C THR F 182 1.33 14.31 59.24
N VAL F 183 1.64 15.22 60.16
CA VAL F 183 1.27 16.62 60.03
C VAL F 183 2.46 17.52 60.34
N VAL F 184 2.65 18.56 59.52
CA VAL F 184 3.75 19.48 59.74
C VAL F 184 3.36 20.94 59.53
N ILE F 185 3.66 21.77 60.51
CA ILE F 185 3.38 23.18 60.35
C ILE F 185 4.76 23.71 59.96
N THR F 186 4.94 24.00 58.67
CA THR F 186 6.21 24.44 58.15
C THR F 186 6.78 25.65 58.87
N SER F 187 5.93 26.37 59.61
CA SER F 187 6.40 27.54 60.35
C SER F 187 5.29 28.37 61.04
N SER F 188 5.70 29.24 61.97
CA SER F 188 4.76 30.08 62.74
C SER F 188 5.48 31.11 63.59
N ASN F 189 4.68 32.00 64.21
CA ASN F 189 5.15 33.09 65.08
C ASN F 189 5.58 32.71 66.47
N LEU F 190 5.10 31.57 66.96
CA LEU F 190 5.45 31.14 68.30
C LEU F 190 6.75 31.74 68.75
N LEU F 191 6.69 32.49 69.84
CA LEU F 191 7.85 33.11 70.40
C LEU F 191 8.95 32.07 70.61
N SER F 192 9.77 31.86 69.60
CA SER F 192 10.85 30.88 69.70
C SER F 192 11.67 31.06 70.97
N PRO F 193 12.13 29.95 71.53
CA PRO F 193 12.95 29.96 72.74
C PRO F 193 14.15 30.88 72.60
N ARG F 194 14.58 31.12 71.37
CA ARG F 194 15.72 32.00 71.15
C ARG F 194 15.57 32.79 69.87
N GLY F 195 15.59 34.12 70.01
CA GLY F 195 15.48 34.98 68.85
C GLY F 195 14.09 35.08 68.21
N SER F 196 13.80 36.32 67.81
CA SER F 196 12.61 36.64 67.03
C SER F 196 13.00 36.36 65.61
N ASP F 197 14.31 36.28 65.48
CA ASP F 197 14.98 36.01 64.22
C ASP F 197 15.10 34.50 64.01
N TYR F 198 14.05 33.79 64.37
CA TYR F 198 14.01 32.32 64.21
C TYR F 198 12.61 31.84 63.88
N LEU F 199 12.50 30.98 62.87
CA LEU F 199 11.20 30.43 62.51
C LEU F 199 11.04 29.08 63.19
N MET F 200 9.87 28.82 63.74
CA MET F 200 9.64 27.55 64.41
C MET F 200 8.73 26.70 63.54
N ALA F 201 8.98 25.40 63.53
CA ALA F 201 8.17 24.50 62.74
C ALA F 201 7.90 23.29 63.61
N LEU F 202 6.68 22.80 63.57
CA LEU F 202 6.28 21.67 64.37
C LEU F 202 5.81 20.51 63.54
N GLY F 203 6.30 19.32 63.87
CA GLY F 203 5.88 18.15 63.11
C GLY F 203 5.36 17.01 63.97
N SER F 204 4.13 16.57 63.70
CA SER F 204 3.55 15.48 64.46
C SER F 204 3.35 14.25 63.59
N GLN F 205 3.55 13.08 64.16
CA GLN F 205 3.33 11.84 63.42
C GLN F 205 2.69 10.83 64.37
N ARG F 206 1.73 10.06 63.85
CA ARG F 206 0.99 9.05 64.62
C ARG F 206 0.93 7.70 63.91
N THR F 207 1.41 6.64 64.54
CA THR F 207 1.39 5.30 63.94
C THR F 207 0.66 4.26 64.80
N ARG F 208 -0.03 3.33 64.13
CA ARG F 208 -0.79 2.27 64.79
C ARG F 208 -0.11 0.91 64.67
N ALA F 209 0.58 0.50 65.73
CA ALA F 209 1.27 -0.78 65.73
C ALA F 209 0.31 -1.93 65.45
N PRO F 210 0.87 -3.11 65.10
CA PRO F 210 0.04 -4.28 64.80
C PRO F 210 -0.47 -4.85 66.13
N ASP F 211 -0.09 -4.20 67.22
CA ASP F 211 -0.54 -4.65 68.54
C ASP F 211 -1.58 -3.68 69.08
N GLY F 212 -2.04 -2.77 68.22
CA GLY F 212 -3.06 -1.80 68.62
C GLY F 212 -2.51 -0.52 69.20
N SER F 213 -1.32 -0.59 69.77
CA SER F 213 -0.73 0.58 70.36
C SER F 213 -0.52 1.67 69.30
N VAL F 214 -0.66 2.94 69.69
CA VAL F 214 -0.43 4.06 68.77
C VAL F 214 0.82 4.80 69.21
N VAL F 215 1.89 4.61 68.45
CA VAL F 215 3.15 5.28 68.72
C VAL F 215 3.06 6.72 68.18
N THR F 216 3.31 7.70 69.05
CA THR F 216 3.25 9.10 68.62
C THR F 216 4.61 9.77 68.64
N GLN F 217 4.87 10.57 67.60
CA GLN F 217 6.10 11.34 67.42
C GLN F 217 5.77 12.83 67.36
N ARG F 218 6.51 13.63 68.13
CA ARG F 218 6.28 15.06 68.15
C ARG F 218 7.62 15.78 68.12
N ILE F 219 7.81 16.68 67.16
CA ILE F 219 9.05 17.41 67.04
C ILE F 219 8.89 18.89 66.71
N ARG F 220 9.72 19.71 67.34
CA ARG F 220 9.71 21.13 67.09
C ARG F 220 11.07 21.52 66.55
N MET F 221 11.10 22.55 65.71
CA MET F 221 12.35 23.00 65.16
C MET F 221 12.44 24.49 65.06
N GLU F 222 13.65 24.96 65.29
CA GLU F 222 13.95 26.38 65.23
C GLU F 222 14.85 26.55 64.02
N MET F 223 14.34 27.33 63.07
CA MET F 223 15.05 27.59 61.84
C MET F 223 15.54 29.03 61.88
N HIS F 224 16.63 29.29 61.20
CA HIS F 224 17.12 30.64 61.18
C HIS F 224 16.38 31.42 60.12
N LYS F 225 15.63 32.41 60.56
CA LYS F 225 14.81 33.25 59.68
C LYS F 225 15.60 34.11 58.72
N VAL F 226 15.15 34.20 57.47
CA VAL F 226 15.86 35.02 56.52
C VAL F 226 15.08 36.30 56.37
N ASP F 227 15.78 37.42 56.28
CA ASP F 227 15.15 38.71 56.16
C ASP F 227 14.43 38.87 54.81
N ALA F 228 13.54 37.96 54.48
CA ALA F 228 12.85 38.05 53.21
C ALA F 228 11.67 37.14 53.08
N VAL F 229 10.85 37.43 52.07
CA VAL F 229 9.66 36.66 51.79
C VAL F 229 9.86 35.90 50.49
N PHE F 230 10.06 34.60 50.59
CA PHE F 230 10.24 33.77 49.40
C PHE F 230 8.91 33.18 49.02
N VAL F 231 8.83 32.62 47.82
CA VAL F 231 7.60 31.97 47.41
C VAL F 231 8.02 30.71 46.67
N GLY F 232 7.40 29.60 47.05
CA GLY F 232 7.76 28.34 46.44
C GLY F 232 8.44 27.50 47.48
N THR F 233 8.85 28.14 48.58
CA THR F 233 9.52 27.39 49.64
C THR F 233 8.64 26.21 50.05
N GLY F 234 7.42 26.53 50.42
CA GLY F 234 6.49 25.49 50.82
C GLY F 234 6.55 24.29 49.91
N ASP F 235 6.30 24.55 48.63
CA ASP F 235 6.28 23.51 47.61
C ASP F 235 7.57 22.69 47.56
N LEU F 236 8.71 23.36 47.70
CA LEU F 236 9.99 22.67 47.68
C LEU F 236 10.01 21.69 48.83
N PHE F 237 9.58 22.19 49.98
CA PHE F 237 9.52 21.45 51.23
C PHE F 237 8.78 20.13 51.09
N ALA F 238 7.49 20.25 50.75
CA ALA F 238 6.64 19.10 50.60
C ALA F 238 7.32 18.08 49.73
N ALA F 239 7.72 18.50 48.54
CA ALA F 239 8.37 17.60 47.60
C ALA F 239 9.49 16.84 48.26
N MET F 240 10.42 17.56 48.88
CA MET F 240 11.53 16.91 49.56
C MET F 240 11.01 16.11 50.74
N LEU F 241 10.05 16.70 51.46
CA LEU F 241 9.49 15.97 52.59
C LEU F 241 9.02 14.62 52.07
N LEU F 242 8.30 14.65 50.95
CA LEU F 242 7.82 13.43 50.39
C LEU F 242 8.97 12.48 50.18
N ALA F 243 10.16 13.00 49.94
CA ALA F 243 11.24 12.07 49.68
C ALA F 243 11.94 11.48 50.85
N TRP F 244 12.10 12.26 51.92
CA TRP F 244 12.77 11.74 53.10
C TRP F 244 11.89 10.79 53.95
N THR F 245 10.62 11.16 54.16
CA THR F 245 9.73 10.30 54.91
C THR F 245 9.61 8.96 54.20
N HIS F 246 9.66 8.97 52.87
CA HIS F 246 9.59 7.72 52.10
C HIS F 246 10.75 6.88 52.52
N LYS F 247 11.80 7.59 52.87
CA LYS F 247 13.00 6.93 53.27
C LYS F 247 12.89 6.51 54.72
N HIS F 248 12.54 7.48 55.58
CA HIS F 248 12.40 7.25 57.01
C HIS F 248 10.94 7.40 57.39
N PRO F 249 10.13 6.40 57.06
CA PRO F 249 8.70 6.43 57.37
C PRO F 249 8.42 6.57 58.86
N ASN F 250 9.38 6.13 59.67
CA ASN F 250 9.21 6.23 61.11
C ASN F 250 10.28 7.08 61.74
N ASN F 251 10.61 8.19 61.11
CA ASN F 251 11.64 9.06 61.64
C ASN F 251 11.32 10.51 61.29
N LEU F 252 10.12 10.93 61.63
CA LEU F 252 9.71 12.27 61.33
C LEU F 252 10.86 13.23 61.66
N LYS F 253 11.52 13.03 62.80
CA LYS F 253 12.63 13.89 63.19
C LYS F 253 13.64 13.98 62.07
N VAL F 254 14.21 12.83 61.72
CA VAL F 254 15.20 12.77 60.65
C VAL F 254 14.67 13.30 59.32
N ALA F 255 13.54 12.78 58.87
CA ALA F 255 12.96 13.23 57.62
C ALA F 255 12.88 14.73 57.64
N CYS F 256 12.34 15.26 58.70
CA CYS F 256 12.20 16.70 58.84
C CYS F 256 13.54 17.40 58.85
N GLU F 257 14.50 16.83 59.57
CA GLU F 257 15.80 17.46 59.67
C GLU F 257 16.45 17.64 58.29
N LYS F 258 16.53 16.57 57.51
CA LYS F 258 17.12 16.68 56.19
C LYS F 258 16.42 17.79 55.44
N THR F 259 15.14 17.58 55.22
CA THR F 259 14.34 18.55 54.50
C THR F 259 14.67 19.99 54.90
N VAL F 260 14.36 20.33 56.14
CA VAL F 260 14.60 21.68 56.59
C VAL F 260 16.05 22.12 56.37
N SER F 261 16.99 21.18 56.48
CA SER F 261 18.38 21.54 56.25
C SER F 261 18.55 21.98 54.81
N ALA F 262 18.13 21.11 53.88
CA ALA F 262 18.19 21.42 52.47
C ALA F 262 17.60 22.81 52.31
N MET F 263 16.44 22.98 52.92
CA MET F 263 15.73 24.24 52.87
C MET F 263 16.68 25.39 53.22
N HIS F 264 17.33 25.29 54.38
CA HIS F 264 18.24 26.35 54.83
C HIS F 264 19.29 26.69 53.79
N HIS F 265 19.97 25.67 53.31
CA HIS F 265 21.00 25.82 52.31
C HIS F 265 20.44 26.57 51.13
N VAL F 266 19.53 25.92 50.41
CA VAL F 266 18.89 26.57 49.27
C VAL F 266 18.62 28.03 49.55
N LEU F 267 17.91 28.26 50.65
CA LEU F 267 17.53 29.60 51.04
C LEU F 267 18.71 30.51 51.27
N GLN F 268 19.68 30.06 52.04
CA GLN F 268 20.85 30.89 52.28
C GLN F 268 21.48 31.25 50.96
N ARG F 269 21.63 30.28 50.06
CA ARG F 269 22.19 30.53 48.74
C ARG F 269 21.39 31.60 48.00
N THR F 270 20.08 31.48 48.08
CA THR F 270 19.18 32.41 47.43
C THR F 270 19.35 33.85 47.94
N ILE F 271 19.13 34.06 49.23
CA ILE F 271 19.23 35.41 49.78
C ILE F 271 20.59 36.03 49.50
N LYS F 272 21.62 35.20 49.41
CA LYS F 272 22.94 35.72 49.14
C LYS F 272 22.97 36.36 47.76
N CYS F 273 22.69 35.59 46.70
CA CYS F 273 22.71 36.16 45.35
C CYS F 273 21.70 37.29 45.32
N ALA F 274 20.53 37.06 45.87
CA ALA F 274 19.49 38.08 45.87
C ALA F 274 20.03 39.42 46.31
N LYS F 275 20.61 39.47 47.51
CA LYS F 275 21.15 40.74 47.99
C LYS F 275 22.26 41.26 47.06
N ALA F 276 22.86 40.37 46.28
CA ALA F 276 23.91 40.78 45.36
C ALA F 276 23.31 41.57 44.20
N LYS F 277 22.21 41.08 43.66
CA LYS F 277 21.55 41.74 42.56
C LYS F 277 20.82 43.00 43.00
N SER F 278 20.51 43.10 44.29
CA SER F 278 19.77 44.26 44.76
C SER F 278 20.69 45.38 45.27
N GLY F 279 21.84 44.98 45.83
CA GLY F 279 22.78 45.96 46.35
C GLY F 279 22.54 46.18 47.84
N GLU F 280 23.56 46.71 48.51
CA GLU F 280 23.50 46.99 49.94
C GLU F 280 22.42 48.02 50.24
N GLY F 281 21.75 47.85 51.38
CA GLY F 281 20.70 48.79 51.76
C GLY F 281 19.61 48.94 50.70
N VAL F 282 19.29 47.83 50.03
CA VAL F 282 18.26 47.77 48.99
C VAL F 282 17.64 46.40 49.13
N LYS F 283 16.31 46.32 49.14
CA LYS F 283 15.66 45.03 49.30
C LYS F 283 15.42 44.23 48.04
N PRO F 284 15.85 42.96 48.06
CA PRO F 284 15.67 42.09 46.90
C PRO F 284 14.21 42.06 46.48
N SER F 285 13.99 42.10 45.18
CA SER F 285 12.64 42.07 44.65
C SER F 285 12.22 40.63 44.50
N PRO F 286 10.92 40.40 44.38
CA PRO F 286 10.46 39.02 44.22
C PRO F 286 11.22 38.32 43.10
N ALA F 287 11.49 39.05 42.03
CA ALA F 287 12.21 38.45 40.92
C ALA F 287 13.58 38.03 41.39
N GLN F 288 14.21 38.90 42.17
CA GLN F 288 15.54 38.64 42.64
C GLN F 288 15.58 37.61 43.76
N LEU F 289 14.41 37.22 44.24
CA LEU F 289 14.34 36.27 45.34
C LEU F 289 13.98 34.85 44.94
N GLU F 290 13.85 34.62 43.63
CA GLU F 290 13.52 33.30 43.10
C GLU F 290 14.52 32.29 43.67
N LEU F 291 14.05 31.10 44.01
CA LEU F 291 14.96 30.12 44.59
C LEU F 291 16.02 29.74 43.61
N ARG F 292 17.21 29.48 44.13
CA ARG F 292 18.32 29.08 43.29
C ARG F 292 18.35 27.57 43.34
N MET F 293 17.43 26.99 42.59
CA MET F 293 17.25 25.57 42.53
C MET F 293 18.48 24.89 42.03
N VAL F 294 18.62 24.97 40.72
CA VAL F 294 19.74 24.37 40.00
C VAL F 294 21.05 24.41 40.80
N GLN F 295 21.38 25.60 41.27
CA GLN F 295 22.58 25.84 42.03
C GLN F 295 22.65 24.99 43.28
N SER F 296 21.49 24.58 43.76
CA SER F 296 21.42 23.80 44.99
C SER F 296 21.27 22.33 44.76
N LYS F 297 21.41 21.93 43.51
CA LYS F 297 21.29 20.53 43.19
C LYS F 297 21.95 19.62 44.24
N LYS F 298 23.25 19.77 44.44
CA LYS F 298 23.96 18.93 45.41
C LYS F 298 23.43 18.99 46.83
N ASP F 299 23.10 20.18 47.30
CA ASP F 299 22.58 20.32 48.65
C ASP F 299 21.27 19.60 48.81
N ILE F 300 20.47 19.58 47.74
CA ILE F 300 19.20 18.91 47.78
C ILE F 300 19.43 17.42 47.86
N GLU F 301 20.39 16.95 47.08
CA GLU F 301 20.71 15.54 47.01
C GLU F 301 21.16 14.98 48.35
N SER F 302 21.96 15.75 49.08
CA SER F 302 22.49 15.37 50.39
C SER F 302 22.69 16.60 51.22
N PRO F 303 21.65 17.11 51.88
CA PRO F 303 21.80 18.32 52.69
C PRO F 303 22.49 18.08 54.05
N GLU F 304 23.52 18.88 54.37
CA GLU F 304 24.19 18.72 55.65
C GLU F 304 23.17 19.10 56.68
N ILE F 305 23.17 18.43 57.82
CA ILE F 305 22.19 18.76 58.85
C ILE F 305 22.59 20.00 59.61
N VAL F 306 21.85 21.09 59.42
CA VAL F 306 22.16 22.32 60.13
C VAL F 306 21.08 22.73 61.14
N VAL F 307 20.07 21.89 61.30
CA VAL F 307 19.00 22.13 62.27
C VAL F 307 18.76 20.84 62.99
N GLN F 308 18.77 20.91 64.31
CA GLN F 308 18.53 19.72 65.10
C GLN F 308 17.15 19.83 65.68
N ALA F 309 16.30 18.88 65.30
CA ALA F 309 14.92 18.87 65.76
C ALA F 309 14.89 18.44 67.21
N THR F 310 14.07 19.13 67.99
CA THR F 310 13.91 18.81 69.41
C THR F 310 12.69 17.91 69.53
N VAL F 311 12.81 16.82 70.28
CA VAL F 311 11.70 15.90 70.45
C VAL F 311 10.90 16.31 71.67
N LEU F 312 9.62 16.60 71.45
CA LEU F 312 8.74 17.04 72.51
C LEU F 312 8.07 15.85 73.22
N MET G 1 -22.93 -14.58 -38.16
CA MET G 1 -23.59 -14.74 -36.82
C MET G 1 -23.47 -13.47 -35.99
N GLU G 2 -24.37 -13.29 -35.01
CA GLU G 2 -24.35 -12.09 -34.18
C GLU G 2 -23.96 -12.23 -32.71
N GLU G 3 -23.59 -13.42 -32.28
CA GLU G 3 -23.20 -13.57 -30.87
C GLU G 3 -21.69 -13.56 -30.82
N GLU G 4 -21.13 -13.37 -29.65
CA GLU G 4 -19.69 -13.38 -29.54
C GLU G 4 -19.24 -14.85 -29.57
N CYS G 5 -18.25 -15.16 -30.39
CA CYS G 5 -17.70 -16.51 -30.47
C CYS G 5 -16.24 -16.44 -30.87
N ARG G 6 -15.37 -16.81 -29.92
CA ARG G 6 -13.93 -16.80 -30.13
C ARG G 6 -13.44 -18.21 -30.47
N VAL G 7 -12.53 -18.30 -31.45
CA VAL G 7 -11.98 -19.58 -31.88
C VAL G 7 -10.45 -19.56 -31.88
N LEU G 8 -9.83 -20.49 -31.17
CA LEU G 8 -8.38 -20.57 -31.12
C LEU G 8 -7.90 -21.57 -32.18
N SER G 9 -7.59 -21.05 -33.36
CA SER G 9 -7.16 -21.88 -34.46
C SER G 9 -5.65 -22.06 -34.48
N ILE G 10 -5.21 -23.31 -34.40
CA ILE G 10 -3.79 -23.64 -34.40
C ILE G 10 -3.44 -24.45 -35.63
N GLN G 11 -2.89 -23.78 -36.65
CA GLN G 11 -2.51 -24.44 -37.89
C GLN G 11 -1.35 -23.77 -38.61
N SER G 12 -0.98 -24.37 -39.73
CA SER G 12 0.10 -23.90 -40.58
C SER G 12 -0.22 -22.56 -41.20
N HIS G 13 0.82 -21.83 -41.61
CA HIS G 13 0.67 -20.55 -42.28
C HIS G 13 1.61 -20.54 -43.50
N VAL G 14 1.12 -20.05 -44.63
CA VAL G 14 1.92 -19.99 -45.84
C VAL G 14 1.94 -18.54 -46.30
N VAL G 15 3.10 -18.08 -46.74
CA VAL G 15 3.19 -16.71 -47.21
C VAL G 15 2.22 -16.54 -48.35
N ARG G 16 2.37 -17.37 -49.38
CA ARG G 16 1.48 -17.35 -50.55
C ARG G 16 0.47 -18.50 -50.54
N GLY G 17 -0.76 -18.23 -50.96
CA GLY G 17 -1.74 -19.29 -51.01
C GLY G 17 -2.73 -19.46 -49.88
N TYR G 18 -3.67 -20.35 -50.10
CA TYR G 18 -4.69 -20.61 -49.11
C TYR G 18 -4.62 -22.03 -48.62
N VAL G 19 -4.11 -22.18 -47.40
CA VAL G 19 -3.91 -23.47 -46.80
C VAL G 19 -3.61 -23.18 -45.32
N GLY G 20 -3.85 -24.13 -44.43
CA GLY G 20 -3.58 -23.86 -43.02
C GLY G 20 -4.44 -22.70 -42.53
N ASN G 21 -3.95 -21.97 -41.53
CA ASN G 21 -4.71 -20.85 -41.01
C ASN G 21 -5.09 -19.85 -42.10
N ARG G 22 -4.28 -19.78 -43.16
CA ARG G 22 -4.53 -18.88 -44.28
C ARG G 22 -5.87 -19.17 -44.94
N ALA G 23 -6.25 -20.45 -44.97
CA ALA G 23 -7.50 -20.85 -45.58
C ALA G 23 -8.65 -20.86 -44.55
N ALA G 24 -8.29 -21.00 -43.27
CA ALA G 24 -9.30 -21.05 -42.22
C ALA G 24 -9.70 -19.72 -41.58
N THR G 25 -8.79 -18.76 -41.50
CA THR G 25 -9.15 -17.50 -40.84
C THR G 25 -10.15 -16.61 -41.58
N PHE G 26 -9.97 -16.44 -42.87
CA PHE G 26 -10.88 -15.59 -43.63
C PHE G 26 -12.30 -16.06 -43.49
N PRO G 27 -12.57 -17.33 -43.83
CA PRO G 27 -13.93 -17.85 -43.73
C PRO G 27 -14.55 -17.57 -42.35
N LEU G 28 -13.93 -18.07 -41.29
CA LEU G 28 -14.51 -17.84 -39.96
C LEU G 28 -14.76 -16.38 -39.76
N GLN G 29 -13.84 -15.55 -40.23
CA GLN G 29 -13.98 -14.11 -40.04
C GLN G 29 -15.14 -13.52 -40.83
N VAL G 30 -15.13 -13.67 -42.14
CA VAL G 30 -16.22 -13.11 -42.90
C VAL G 30 -17.52 -13.74 -42.36
N LEU G 31 -17.39 -14.84 -41.61
CA LEU G 31 -18.57 -15.51 -41.05
C LEU G 31 -19.01 -14.95 -39.71
N GLY G 32 -18.14 -14.17 -39.07
CA GLY G 32 -18.50 -13.57 -37.79
C GLY G 32 -17.73 -14.02 -36.56
N PHE G 33 -16.97 -15.09 -36.68
CA PHE G 33 -16.23 -15.57 -35.53
C PHE G 33 -15.02 -14.73 -35.25
N GLU G 34 -14.65 -14.63 -33.99
CA GLU G 34 -13.49 -13.87 -33.59
C GLU G 34 -12.39 -14.90 -33.57
N VAL G 35 -11.37 -14.71 -34.39
CA VAL G 35 -10.31 -15.70 -34.43
C VAL G 35 -9.00 -15.35 -33.74
N ASP G 36 -8.39 -16.35 -33.09
CA ASP G 36 -7.10 -16.20 -32.43
C ASP G 36 -6.22 -17.23 -33.14
N ALA G 37 -5.28 -16.73 -33.92
CA ALA G 37 -4.44 -17.59 -34.72
C ALA G 37 -3.03 -17.88 -34.26
N VAL G 38 -2.71 -19.15 -34.15
CA VAL G 38 -1.36 -19.56 -33.79
C VAL G 38 -0.87 -20.33 -35.00
N ASN G 39 0.23 -19.87 -35.56
CA ASN G 39 0.76 -20.52 -36.73
C ASN G 39 1.84 -21.53 -36.39
N SER G 40 1.47 -22.79 -36.51
CA SER G 40 2.36 -23.90 -36.23
C SER G 40 3.60 -23.87 -37.12
N VAL G 41 3.46 -23.26 -38.29
CA VAL G 41 4.57 -23.16 -39.23
C VAL G 41 4.39 -21.97 -40.16
N GLN G 42 5.48 -21.49 -40.72
CA GLN G 42 5.37 -20.42 -41.69
C GLN G 42 6.23 -20.83 -42.87
N PHE G 43 5.58 -21.26 -43.95
CA PHE G 43 6.31 -21.66 -45.13
C PHE G 43 6.04 -20.67 -46.23
N SER G 44 6.83 -20.78 -47.29
CA SER G 44 6.67 -19.91 -48.44
C SER G 44 5.31 -20.24 -49.00
N ASN G 45 5.08 -21.53 -49.20
CA ASN G 45 3.82 -22.00 -49.77
C ASN G 45 3.54 -23.38 -49.24
N HIS G 46 2.61 -24.10 -49.86
CA HIS G 46 2.32 -25.44 -49.37
C HIS G 46 3.16 -26.50 -50.04
N THR G 47 3.50 -27.52 -49.27
CA THR G 47 4.36 -28.59 -49.75
C THR G 47 3.96 -29.24 -51.05
N GLY G 48 2.79 -28.87 -51.57
CA GLY G 48 2.37 -29.44 -52.85
C GLY G 48 3.23 -28.89 -53.97
N TYR G 49 3.88 -27.76 -53.70
CA TYR G 49 4.75 -27.12 -54.67
C TYR G 49 6.07 -27.89 -54.73
N SER G 50 6.78 -27.80 -55.85
CA SER G 50 8.06 -28.48 -56.00
C SER G 50 8.99 -28.14 -54.84
N HIS G 51 9.09 -26.85 -54.52
CA HIS G 51 9.94 -26.43 -53.43
C HIS G 51 9.13 -25.67 -52.42
N TRP G 52 9.62 -25.69 -51.20
CA TRP G 52 8.97 -24.99 -50.11
C TRP G 52 9.99 -24.84 -49.00
N LYS G 53 10.13 -23.62 -48.49
CA LYS G 53 11.06 -23.35 -47.41
C LYS G 53 10.26 -22.63 -46.34
N GLY G 54 10.77 -22.62 -45.12
CA GLY G 54 10.06 -21.94 -44.05
C GLY G 54 10.52 -22.42 -42.70
N GLN G 55 9.86 -21.96 -41.65
CA GLN G 55 10.22 -22.37 -40.31
C GLN G 55 9.07 -23.09 -39.60
N VAL G 56 9.39 -23.76 -38.51
CA VAL G 56 8.42 -24.51 -37.75
C VAL G 56 8.53 -24.13 -36.27
N LEU G 57 7.46 -24.40 -35.53
CA LEU G 57 7.47 -24.11 -34.10
C LEU G 57 7.58 -25.41 -33.34
N ASN G 58 8.12 -25.34 -32.14
CA ASN G 58 8.22 -26.51 -31.29
C ASN G 58 7.46 -26.20 -30.02
N SER G 59 7.24 -27.24 -29.21
CA SER G 59 6.51 -27.12 -27.95
C SER G 59 6.82 -25.84 -27.15
N ASP G 60 8.08 -25.45 -27.12
CA ASP G 60 8.50 -24.26 -26.39
C ASP G 60 7.97 -23.00 -27.05
N GLU G 61 8.03 -22.95 -28.38
CA GLU G 61 7.56 -21.77 -29.08
C GLU G 61 6.08 -21.66 -28.88
N LEU G 62 5.38 -22.80 -28.81
CA LEU G 62 3.93 -22.74 -28.60
C LEU G 62 3.66 -22.30 -27.18
N GLN G 63 4.45 -22.81 -26.24
CA GLN G 63 4.30 -22.45 -24.84
C GLN G 63 4.40 -20.93 -24.66
N GLU G 64 5.46 -20.35 -25.20
CA GLU G 64 5.72 -18.91 -25.14
C GLU G 64 4.42 -18.16 -25.42
N LEU G 65 3.86 -18.40 -26.59
CA LEU G 65 2.62 -17.76 -27.02
C LEU G 65 1.50 -18.01 -26.03
N TYR G 66 1.26 -19.28 -25.69
CA TYR G 66 0.19 -19.59 -24.75
C TYR G 66 0.44 -18.85 -23.45
N ASP G 67 1.64 -18.96 -22.93
CA ASP G 67 1.97 -18.26 -21.70
C ASP G 67 1.64 -16.80 -21.90
N GLY G 68 2.05 -16.26 -23.05
CA GLY G 68 1.78 -14.85 -23.34
C GLY G 68 0.31 -14.53 -23.12
N LEU G 69 -0.54 -15.33 -23.74
CA LEU G 69 -2.00 -15.17 -23.64
C LEU G 69 -2.40 -15.43 -22.20
N LYS G 70 -1.83 -16.49 -21.65
CA LYS G 70 -2.11 -16.86 -20.28
C LYS G 70 -1.85 -15.65 -19.40
N LEU G 71 -0.61 -15.17 -19.40
CA LEU G 71 -0.22 -14.02 -18.58
C LEU G 71 -1.17 -12.84 -18.62
N ASN G 72 -1.83 -12.63 -19.76
CA ASN G 72 -2.75 -11.52 -19.87
C ASN G 72 -4.19 -11.88 -19.57
N HIS G 73 -4.42 -13.18 -19.34
CA HIS G 73 -5.75 -13.68 -18.99
C HIS G 73 -6.70 -13.58 -20.17
N VAL G 74 -6.20 -13.86 -21.37
CA VAL G 74 -7.06 -13.79 -22.54
C VAL G 74 -7.16 -15.15 -23.18
N ASN G 75 -6.76 -16.16 -22.42
CA ASN G 75 -6.83 -17.54 -22.88
C ASN G 75 -8.20 -18.09 -22.56
N GLN G 76 -9.21 -17.53 -23.23
CA GLN G 76 -10.59 -17.93 -23.05
C GLN G 76 -11.24 -18.03 -24.40
N TYR G 77 -11.63 -19.24 -24.76
CA TYR G 77 -12.23 -19.48 -26.05
C TYR G 77 -13.57 -20.19 -25.99
N ASP G 78 -14.19 -20.35 -27.14
CA ASP G 78 -15.47 -21.03 -27.26
C ASP G 78 -15.29 -22.25 -28.16
N TYR G 79 -14.29 -22.18 -29.02
CA TYR G 79 -13.95 -23.27 -29.92
C TYR G 79 -12.44 -23.40 -30.00
N VAL G 80 -12.01 -24.50 -30.59
CA VAL G 80 -10.59 -24.73 -30.81
C VAL G 80 -10.56 -25.48 -32.11
N LEU G 81 -9.72 -25.01 -33.02
CA LEU G 81 -9.57 -25.62 -34.33
C LEU G 81 -8.10 -25.87 -34.51
N THR G 82 -7.75 -27.13 -34.79
CA THR G 82 -6.36 -27.47 -34.96
C THR G 82 -6.12 -28.20 -36.26
N GLY G 83 -4.95 -27.96 -36.83
CA GLY G 83 -4.61 -28.61 -38.09
C GLY G 83 -3.16 -28.99 -38.25
N TYR G 84 -2.60 -28.64 -39.40
CA TYR G 84 -1.21 -28.95 -39.78
C TYR G 84 -0.11 -28.69 -38.74
N THR G 85 0.65 -29.76 -38.45
CA THR G 85 1.80 -29.72 -37.52
C THR G 85 2.74 -30.78 -38.01
N ARG G 86 4.03 -30.60 -37.74
CA ARG G 86 5.00 -31.60 -38.13
C ARG G 86 5.74 -32.03 -36.87
N ASP G 87 5.41 -31.34 -35.77
CA ASP G 87 6.05 -31.60 -34.49
C ASP G 87 5.10 -32.32 -33.51
N LYS G 88 5.45 -33.56 -33.19
CA LYS G 88 4.68 -34.37 -32.25
C LYS G 88 4.63 -33.65 -30.89
N SER G 89 5.73 -33.01 -30.51
CA SER G 89 5.77 -32.27 -29.25
C SER G 89 4.69 -31.19 -29.30
N PHE G 90 4.66 -30.46 -30.41
CA PHE G 90 3.69 -29.40 -30.61
C PHE G 90 2.27 -29.96 -30.45
N LEU G 91 1.97 -31.00 -31.23
CA LEU G 91 0.66 -31.62 -31.19
C LEU G 91 0.25 -32.03 -29.77
N ALA G 92 1.11 -32.77 -29.09
CA ALA G 92 0.83 -33.23 -27.72
C ALA G 92 0.43 -32.05 -26.81
N MET G 93 1.29 -31.03 -26.80
CA MET G 93 1.04 -29.85 -26.01
C MET G 93 -0.31 -29.26 -26.35
N VAL G 94 -0.63 -29.20 -27.64
CA VAL G 94 -1.91 -28.64 -28.03
C VAL G 94 -3.01 -29.31 -27.23
N VAL G 95 -2.89 -30.62 -27.04
CA VAL G 95 -3.88 -31.37 -26.27
C VAL G 95 -3.97 -30.82 -24.85
N ASP G 96 -2.85 -30.85 -24.14
CA ASP G 96 -2.83 -30.34 -22.78
C ASP G 96 -3.53 -29.00 -22.75
N ILE G 97 -3.19 -28.14 -23.71
CA ILE G 97 -3.79 -26.82 -23.81
C ILE G 97 -5.30 -26.96 -23.92
N VAL G 98 -5.73 -27.81 -24.85
CA VAL G 98 -7.15 -28.04 -25.07
C VAL G 98 -7.86 -28.39 -23.76
N GLN G 99 -7.28 -29.33 -23.02
CA GLN G 99 -7.86 -29.74 -21.76
C GLN G 99 -7.92 -28.62 -20.73
N GLU G 100 -6.83 -27.89 -20.55
CA GLU G 100 -6.84 -26.79 -19.59
C GLU G 100 -8.01 -25.87 -19.92
N LEU G 101 -8.27 -25.65 -21.21
CA LEU G 101 -9.35 -24.79 -21.63
C LEU G 101 -10.72 -25.42 -21.40
N LYS G 102 -10.84 -26.72 -21.66
CA LYS G 102 -12.11 -27.42 -21.46
C LYS G 102 -12.52 -27.38 -20.00
N GLN G 103 -11.53 -27.32 -19.11
CA GLN G 103 -11.81 -27.24 -17.67
C GLN G 103 -12.40 -25.87 -17.37
N GLN G 104 -11.72 -24.83 -17.83
CA GLN G 104 -12.18 -23.47 -17.61
C GLN G 104 -13.57 -23.32 -18.21
N ASN G 105 -13.71 -23.76 -19.45
CA ASN G 105 -14.98 -23.66 -20.15
C ASN G 105 -15.44 -25.02 -20.64
N PRO G 106 -16.38 -25.62 -19.90
CA PRO G 106 -16.95 -26.93 -20.21
C PRO G 106 -17.74 -26.90 -21.51
N ARG G 107 -18.21 -25.72 -21.90
CA ARG G 107 -18.98 -25.59 -23.12
C ARG G 107 -18.14 -25.47 -24.39
N LEU G 108 -16.81 -25.46 -24.23
CA LEU G 108 -15.94 -25.34 -25.39
C LEU G 108 -16.04 -26.53 -26.32
N VAL G 109 -15.96 -26.26 -27.61
CA VAL G 109 -15.99 -27.30 -28.63
C VAL G 109 -14.66 -27.29 -29.34
N TYR G 110 -14.09 -28.47 -29.52
CA TYR G 110 -12.80 -28.61 -30.17
C TYR G 110 -12.96 -29.32 -31.51
N VAL G 111 -12.76 -28.58 -32.60
CA VAL G 111 -12.86 -29.18 -33.92
C VAL G 111 -11.46 -29.61 -34.25
N CYS G 112 -11.28 -30.89 -34.56
CA CYS G 112 -9.95 -31.39 -34.85
C CYS G 112 -9.81 -31.96 -36.24
N ASP G 113 -8.95 -31.35 -37.04
CA ASP G 113 -8.70 -31.82 -38.40
C ASP G 113 -7.43 -32.64 -38.30
N PRO G 114 -7.54 -33.97 -38.29
CA PRO G 114 -6.40 -34.90 -38.19
C PRO G 114 -5.49 -34.88 -39.42
N VAL G 115 -4.93 -33.71 -39.74
CA VAL G 115 -4.07 -33.54 -40.91
C VAL G 115 -2.75 -34.33 -40.86
N MET G 116 -2.68 -35.39 -41.65
CA MET G 116 -1.51 -36.26 -41.70
C MET G 116 -1.10 -36.67 -43.12
N GLY G 117 -2.07 -37.09 -43.94
CA GLY G 117 -1.71 -37.52 -45.27
C GLY G 117 -2.72 -37.31 -46.38
N ASP G 118 -2.39 -37.79 -47.57
CA ASP G 118 -3.25 -37.64 -48.73
C ASP G 118 -3.63 -38.99 -49.31
N GLN G 119 -4.91 -39.14 -49.69
CA GLN G 119 -5.39 -40.38 -50.29
C GLN G 119 -5.43 -40.22 -51.81
N ARG G 120 -4.31 -39.85 -52.43
CA ARG G 120 -4.30 -39.65 -53.86
C ARG G 120 -3.60 -40.73 -54.69
N ASN G 121 -4.11 -40.95 -55.91
CA ASN G 121 -3.58 -41.95 -56.84
C ASN G 121 -3.77 -43.38 -56.38
N GLY G 122 -4.88 -43.63 -55.69
CA GLY G 122 -5.17 -44.96 -55.16
C GLY G 122 -5.08 -44.93 -53.64
N GLU G 123 -4.08 -45.59 -53.09
CA GLU G 123 -3.87 -45.58 -51.65
C GLU G 123 -2.74 -44.58 -51.42
N GLY G 124 -2.77 -43.93 -50.25
CA GLY G 124 -1.79 -42.90 -49.99
C GLY G 124 -0.62 -43.08 -49.05
N ALA G 125 -0.02 -41.92 -48.74
CA ALA G 125 1.13 -41.78 -47.86
C ALA G 125 0.97 -40.47 -47.08
N MET G 126 1.45 -40.44 -45.84
CA MET G 126 1.34 -39.24 -45.01
C MET G 126 2.27 -38.14 -45.48
N TYR G 127 1.89 -36.88 -45.28
CA TYR G 127 2.78 -35.80 -45.67
C TYR G 127 3.32 -35.06 -44.45
N VAL G 128 3.44 -35.81 -43.35
CA VAL G 128 3.96 -35.35 -42.07
C VAL G 128 4.72 -36.51 -41.40
N PRO G 129 5.65 -36.21 -40.47
CA PRO G 129 6.39 -37.29 -39.81
C PRO G 129 5.44 -38.32 -39.20
N ASP G 130 5.86 -39.58 -39.20
CA ASP G 130 5.03 -40.66 -38.67
C ASP G 130 4.70 -40.54 -37.19
N ASP G 131 5.61 -39.99 -36.40
CA ASP G 131 5.39 -39.89 -34.97
C ASP G 131 4.13 -39.15 -34.54
N LEU G 132 3.43 -38.58 -35.50
CA LEU G 132 2.19 -37.88 -35.19
C LEU G 132 0.98 -38.80 -35.17
N LEU G 133 1.02 -39.87 -35.97
CA LEU G 133 -0.11 -40.79 -36.03
C LEU G 133 -0.44 -41.24 -34.63
N PRO G 134 0.57 -41.78 -33.93
CA PRO G 134 0.30 -42.22 -32.55
C PRO G 134 -0.33 -41.11 -31.69
N VAL G 135 0.28 -39.92 -31.70
CA VAL G 135 -0.22 -38.79 -30.92
C VAL G 135 -1.67 -38.43 -31.27
N TYR G 136 -1.96 -38.36 -32.56
CA TYR G 136 -3.30 -38.06 -33.03
C TYR G 136 -4.23 -39.18 -32.61
N ARG G 137 -3.77 -40.41 -32.80
CA ARG G 137 -4.54 -41.60 -32.46
C ARG G 137 -4.85 -41.79 -30.97
N GLU G 138 -3.90 -41.48 -30.09
CA GLU G 138 -4.12 -41.69 -28.65
C GLU G 138 -4.37 -40.49 -27.76
N LYS G 139 -3.84 -39.32 -28.11
CA LYS G 139 -4.05 -38.17 -27.26
C LYS G 139 -5.00 -37.14 -27.82
N VAL G 140 -5.05 -37.00 -29.16
CA VAL G 140 -5.90 -35.99 -29.76
C VAL G 140 -7.33 -36.39 -30.03
N VAL G 141 -7.54 -37.43 -30.82
CA VAL G 141 -8.91 -37.86 -31.11
C VAL G 141 -9.74 -38.03 -29.84
N PRO G 142 -9.16 -38.62 -28.79
CA PRO G 142 -9.88 -38.84 -27.53
C PRO G 142 -10.62 -37.60 -27.06
N VAL G 143 -9.92 -36.49 -27.09
CA VAL G 143 -10.43 -35.21 -26.64
C VAL G 143 -11.16 -34.38 -27.68
N ALA G 144 -11.27 -34.87 -28.91
CA ALA G 144 -11.93 -34.08 -29.95
C ALA G 144 -13.44 -34.22 -29.99
N ASP G 145 -14.13 -33.12 -30.26
CA ASP G 145 -15.59 -33.09 -30.33
C ASP G 145 -16.09 -33.24 -31.76
N ILE G 146 -15.25 -32.87 -32.72
CA ILE G 146 -15.58 -32.99 -34.14
C ILE G 146 -14.32 -33.24 -34.96
N ILE G 147 -14.29 -34.32 -35.72
CA ILE G 147 -13.12 -34.62 -36.53
C ILE G 147 -13.51 -34.56 -37.97
N THR G 148 -12.58 -34.10 -38.79
CA THR G 148 -12.86 -33.98 -40.19
C THR G 148 -11.77 -34.72 -40.90
N PRO G 149 -11.69 -36.04 -40.68
CA PRO G 149 -10.67 -36.86 -41.31
C PRO G 149 -10.82 -37.17 -42.79
N ASN G 150 -9.68 -37.57 -43.33
CA ASN G 150 -9.43 -37.93 -44.71
C ASN G 150 -9.78 -39.39 -44.81
N GLN G 151 -10.32 -39.88 -45.91
CA GLN G 151 -10.57 -41.30 -45.89
C GLN G 151 -9.25 -41.89 -45.39
N PHE G 152 -8.16 -41.48 -46.04
CA PHE G 152 -6.82 -41.96 -45.67
C PHE G 152 -6.57 -41.80 -44.18
N GLU G 153 -6.56 -40.56 -43.73
CA GLU G 153 -6.32 -40.29 -42.32
C GLU G 153 -7.27 -41.14 -41.48
N ALA G 154 -8.56 -41.10 -41.81
CA ALA G 154 -9.59 -41.84 -41.08
C ALA G 154 -9.18 -43.30 -40.97
N GLU G 155 -8.71 -43.87 -42.06
CA GLU G 155 -8.27 -45.25 -42.03
C GLU G 155 -7.12 -45.28 -41.01
N LEU G 156 -6.16 -44.41 -41.26
CA LEU G 156 -4.99 -44.32 -40.41
C LEU G 156 -5.28 -44.29 -38.90
N LEU G 157 -6.31 -43.57 -38.49
CA LEU G 157 -6.65 -43.48 -37.07
C LEU G 157 -7.29 -44.75 -36.53
N THR G 158 -8.34 -45.20 -37.20
CA THR G 158 -9.03 -46.40 -36.77
C THR G 158 -8.23 -47.65 -37.13
N GLY G 159 -7.04 -47.43 -37.69
CA GLY G 159 -6.15 -48.52 -38.06
C GLY G 159 -6.62 -49.51 -39.12
N ARG G 160 -7.74 -49.24 -39.77
CA ARG G 160 -8.26 -50.14 -40.79
C ARG G 160 -8.09 -49.59 -42.20
N LYS G 161 -8.92 -50.10 -43.11
CA LYS G 161 -8.89 -49.68 -44.50
C LYS G 161 -10.31 -49.83 -45.05
N ILE G 162 -10.82 -48.79 -45.71
CA ILE G 162 -12.18 -48.84 -46.22
C ILE G 162 -12.23 -49.47 -47.61
N HIS G 163 -13.28 -50.23 -47.88
CA HIS G 163 -13.47 -50.86 -49.18
C HIS G 163 -14.96 -50.99 -49.44
N SER G 164 -15.76 -50.29 -48.63
CA SER G 164 -17.20 -50.29 -48.77
C SER G 164 -17.79 -49.13 -47.97
N GLN G 165 -19.00 -48.74 -48.30
CA GLN G 165 -19.62 -47.65 -47.57
C GLN G 165 -19.66 -48.10 -46.10
N GLU G 166 -20.10 -49.33 -45.90
CA GLU G 166 -20.21 -49.92 -44.59
C GLU G 166 -18.89 -49.69 -43.89
N GLU G 167 -17.87 -50.40 -44.37
CA GLU G 167 -16.52 -50.28 -43.84
C GLU G 167 -16.32 -48.85 -43.38
N ALA G 168 -16.84 -47.90 -44.16
CA ALA G 168 -16.73 -46.50 -43.81
C ALA G 168 -17.57 -46.26 -42.54
N LEU G 169 -18.88 -46.38 -42.64
CA LEU G 169 -19.77 -46.14 -41.50
C LEU G 169 -19.22 -46.72 -40.21
N GLU G 170 -18.56 -47.86 -40.31
CA GLU G 170 -18.01 -48.48 -39.13
C GLU G 170 -16.95 -47.59 -38.54
N VAL G 171 -15.95 -47.24 -39.34
CA VAL G 171 -14.87 -46.39 -38.89
C VAL G 171 -15.38 -45.15 -38.18
N MET G 172 -16.49 -44.59 -38.65
CA MET G 172 -17.05 -43.41 -37.99
C MET G 172 -17.52 -43.82 -36.62
N ASP G 173 -18.13 -45.00 -36.55
CA ASP G 173 -18.60 -45.53 -35.27
C ASP G 173 -17.36 -45.64 -34.37
N MET G 174 -16.37 -46.31 -34.93
CA MET G 174 -15.09 -46.54 -34.24
C MET G 174 -14.49 -45.21 -33.77
N LEU G 175 -14.51 -44.25 -34.68
CA LEU G 175 -13.98 -42.91 -34.40
C LEU G 175 -14.73 -42.31 -33.24
N HIS G 176 -16.06 -42.26 -33.35
CA HIS G 176 -16.87 -41.73 -32.28
C HIS G 176 -16.37 -42.35 -30.99
N SER G 177 -16.33 -43.69 -30.97
CA SER G 177 -15.88 -44.48 -29.82
C SER G 177 -14.62 -43.96 -29.17
N MET G 178 -13.77 -43.34 -29.98
CA MET G 178 -12.52 -42.82 -29.49
C MET G 178 -12.72 -41.46 -28.85
N GLY G 179 -13.85 -40.81 -29.13
CA GLY G 179 -14.10 -39.52 -28.54
C GLY G 179 -15.12 -38.63 -29.22
N PRO G 180 -14.82 -38.15 -30.44
CA PRO G 180 -15.71 -37.28 -31.21
C PRO G 180 -17.13 -37.82 -31.30
N ASP G 181 -18.09 -36.90 -31.23
CA ASP G 181 -19.48 -37.25 -31.32
C ASP G 181 -19.97 -36.88 -32.71
N THR G 182 -19.19 -36.05 -33.38
CA THR G 182 -19.50 -35.66 -34.75
C THR G 182 -18.26 -36.05 -35.53
N VAL G 183 -18.47 -36.86 -36.57
CA VAL G 183 -17.39 -37.36 -37.39
C VAL G 183 -17.72 -37.19 -38.87
N VAL G 184 -16.76 -36.72 -39.65
CA VAL G 184 -16.99 -36.53 -41.08
C VAL G 184 -15.81 -36.97 -41.93
N ILE G 185 -16.06 -37.84 -42.89
CA ILE G 185 -15.01 -38.26 -43.79
C ILE G 185 -15.26 -37.36 -44.96
N THR G 186 -14.43 -36.34 -45.11
CA THR G 186 -14.58 -35.37 -46.19
C THR G 186 -14.65 -35.97 -47.57
N SER G 187 -14.18 -37.20 -47.73
CA SER G 187 -14.23 -37.86 -49.04
C SER G 187 -13.61 -39.26 -49.09
N SER G 188 -13.92 -40.01 -50.15
CA SER G 188 -13.39 -41.37 -50.35
C SER G 188 -13.72 -41.95 -51.72
N ASN G 189 -13.13 -43.13 -52.02
CA ASN G 189 -13.29 -43.82 -53.30
C ASN G 189 -14.60 -44.56 -53.47
N LEU G 190 -15.28 -44.86 -52.38
CA LEU G 190 -16.54 -45.59 -52.47
C LEU G 190 -17.21 -45.39 -53.81
N LEU G 191 -17.48 -46.50 -54.50
CA LEU G 191 -18.10 -46.47 -55.81
C LEU G 191 -19.42 -45.72 -55.70
N SER G 192 -19.37 -44.42 -55.95
CA SER G 192 -20.55 -43.58 -55.87
C SER G 192 -21.68 -44.16 -56.70
N PRO G 193 -22.91 -44.03 -56.22
CA PRO G 193 -24.10 -44.53 -56.91
C PRO G 193 -24.17 -44.00 -58.31
N ARG G 194 -23.49 -42.89 -58.56
CA ARG G 194 -23.49 -42.31 -59.90
C ARG G 194 -22.18 -41.64 -60.24
N GLY G 195 -21.50 -42.13 -61.28
CA GLY G 195 -20.25 -41.53 -61.71
C GLY G 195 -19.03 -41.83 -60.84
N SER G 196 -17.95 -42.06 -61.57
CA SER G 196 -16.63 -42.20 -60.98
C SER G 196 -16.15 -40.79 -60.76
N ASP G 197 -16.85 -39.93 -61.49
CA ASP G 197 -16.62 -38.50 -61.46
C ASP G 197 -17.45 -37.86 -60.37
N TYR G 198 -17.46 -38.50 -59.20
CA TYR G 198 -18.18 -38.00 -58.03
C TYR G 198 -17.48 -38.36 -56.72
N LEU G 199 -17.25 -37.38 -55.85
CA LEU G 199 -16.63 -37.67 -54.56
C LEU G 199 -17.71 -37.92 -53.53
N MET G 200 -17.50 -38.94 -52.71
CA MET G 200 -18.50 -39.25 -51.70
C MET G 200 -17.97 -38.85 -50.34
N ALA G 201 -18.85 -38.30 -49.51
CA ALA G 201 -18.46 -37.87 -48.16
C ALA G 201 -19.52 -38.37 -47.19
N LEU G 202 -19.09 -38.87 -46.05
CA LEU G 202 -20.00 -39.40 -45.07
C LEU G 202 -19.87 -38.71 -43.72
N GLY G 203 -21.01 -38.29 -43.16
CA GLY G 203 -20.99 -37.61 -41.88
C GLY G 203 -21.87 -38.23 -40.82
N SER G 204 -21.26 -38.59 -39.70
CA SER G 204 -21.97 -39.22 -38.61
C SER G 204 -22.03 -38.28 -37.40
N GLN G 205 -23.16 -38.32 -36.70
CA GLN G 205 -23.34 -37.50 -35.49
C GLN G 205 -24.13 -38.32 -34.44
N ARG G 206 -23.71 -38.21 -33.19
CA ARG G 206 -24.34 -38.93 -32.07
C ARG G 206 -24.62 -37.99 -30.89
N THR G 207 -25.88 -37.91 -30.47
CA THR G 207 -26.28 -37.06 -29.34
C THR G 207 -26.98 -37.84 -28.21
N ARG G 208 -26.70 -37.44 -26.97
CA ARG G 208 -27.28 -38.09 -25.78
C ARG G 208 -28.34 -37.23 -25.11
N ALA G 209 -29.60 -37.59 -25.34
CA ALA G 209 -30.74 -36.86 -24.78
C ALA G 209 -30.69 -36.82 -23.26
N PRO G 210 -31.43 -35.87 -22.66
CA PRO G 210 -31.44 -35.76 -21.20
C PRO G 210 -32.29 -36.91 -20.66
N ASP G 211 -32.77 -37.77 -21.57
CA ASP G 211 -33.57 -38.92 -21.17
C ASP G 211 -32.77 -40.19 -21.37
N GLY G 212 -31.48 -40.03 -21.63
CA GLY G 212 -30.59 -41.17 -21.82
C GLY G 212 -30.53 -41.69 -23.24
N SER G 213 -31.61 -41.49 -23.97
CA SER G 213 -31.67 -41.91 -25.35
C SER G 213 -30.51 -41.31 -26.17
N VAL G 214 -29.93 -42.09 -27.10
CA VAL G 214 -28.86 -41.60 -27.96
C VAL G 214 -29.36 -41.39 -29.39
N VAL G 215 -29.77 -40.15 -29.70
CA VAL G 215 -30.27 -39.82 -31.03
C VAL G 215 -29.11 -39.91 -32.01
N THR G 216 -29.31 -40.71 -33.07
CA THR G 216 -28.24 -40.92 -34.05
C THR G 216 -28.55 -40.30 -35.43
N GLN G 217 -27.53 -39.66 -36.03
CA GLN G 217 -27.61 -38.98 -37.34
C GLN G 217 -26.53 -39.49 -38.32
N ARG G 218 -26.94 -39.91 -39.52
CA ARG G 218 -26.00 -40.42 -40.52
C ARG G 218 -26.31 -39.84 -41.89
N ILE G 219 -25.32 -39.23 -42.54
CA ILE G 219 -25.54 -38.66 -43.87
C ILE G 219 -24.42 -38.92 -44.85
N ARG G 220 -24.81 -39.19 -46.09
CA ARG G 220 -23.85 -39.42 -47.15
C ARG G 220 -24.06 -38.34 -48.21
N MET G 221 -22.99 -37.97 -48.90
CA MET G 221 -23.09 -36.95 -49.94
C MET G 221 -22.25 -37.25 -51.16
N GLU G 222 -22.81 -36.91 -52.31
CA GLU G 222 -22.14 -37.10 -53.57
C GLU G 222 -21.80 -35.71 -54.08
N MET G 223 -20.52 -35.46 -54.19
CA MET G 223 -20.00 -34.18 -54.64
C MET G 223 -19.45 -34.33 -56.04
N HIS G 224 -19.53 -33.28 -56.83
CA HIS G 224 -19.02 -33.41 -58.17
C HIS G 224 -17.53 -33.23 -58.12
N LYS G 225 -16.81 -34.27 -58.51
CA LYS G 225 -15.35 -34.26 -58.49
C LYS G 225 -14.71 -33.34 -59.50
N VAL G 226 -13.69 -32.60 -59.09
CA VAL G 226 -13.02 -31.71 -60.03
C VAL G 226 -11.76 -32.41 -60.51
N ASP G 227 -11.45 -32.23 -61.79
CA ASP G 227 -10.30 -32.85 -62.42
C ASP G 227 -8.98 -32.27 -61.91
N ALA G 228 -8.79 -32.28 -60.59
CA ALA G 228 -7.57 -31.72 -60.03
C ALA G 228 -7.37 -32.02 -58.56
N VAL G 229 -6.15 -31.75 -58.11
CA VAL G 229 -5.75 -31.96 -56.74
C VAL G 229 -5.50 -30.61 -56.07
N PHE G 230 -6.42 -30.18 -55.21
CA PHE G 230 -6.26 -28.91 -54.50
C PHE G 230 -5.61 -29.17 -53.18
N VAL G 231 -5.21 -28.12 -52.50
CA VAL G 231 -4.61 -28.32 -51.21
C VAL G 231 -5.12 -27.17 -50.37
N GLY G 232 -5.63 -27.48 -49.19
CA GLY G 232 -6.16 -26.44 -48.34
C GLY G 232 -7.65 -26.63 -48.27
N THR G 233 -8.19 -27.41 -49.20
CA THR G 233 -9.63 -27.65 -49.19
C THR G 233 -10.03 -28.13 -47.81
N GLY G 234 -9.37 -29.19 -47.34
CA GLY G 234 -9.68 -29.77 -46.05
C GLY G 234 -9.83 -28.71 -44.98
N ASP G 235 -8.80 -27.87 -44.86
CA ASP G 235 -8.77 -26.81 -43.88
C ASP G 235 -9.94 -25.86 -44.03
N LEU G 236 -10.24 -25.47 -45.26
CA LEU G 236 -11.35 -24.56 -45.52
C LEU G 236 -12.62 -25.18 -44.94
N PHE G 237 -12.82 -26.45 -45.29
CA PHE G 237 -13.94 -27.25 -44.84
C PHE G 237 -14.16 -27.16 -43.35
N ALA G 238 -13.21 -27.71 -42.60
CA ALA G 238 -13.31 -27.71 -41.15
C ALA G 238 -13.71 -26.35 -40.60
N ALA G 239 -13.00 -25.30 -41.03
CA ALA G 239 -13.28 -23.94 -40.57
C ALA G 239 -14.75 -23.60 -40.78
N MET G 240 -15.23 -23.82 -42.00
CA MET G 240 -16.63 -23.55 -42.29
C MET G 240 -17.50 -24.53 -41.55
N LEU G 241 -17.10 -25.79 -41.52
CA LEU G 241 -17.88 -26.78 -40.81
C LEU G 241 -18.06 -26.22 -39.41
N LEU G 242 -16.96 -25.75 -38.84
CA LEU G 242 -17.01 -25.21 -37.49
C LEU G 242 -18.08 -24.17 -37.39
N ALA G 243 -18.31 -23.43 -38.47
CA ALA G 243 -19.28 -22.35 -38.42
C ALA G 243 -20.73 -22.75 -38.62
N TRP G 244 -20.99 -23.75 -39.44
CA TRP G 244 -22.39 -24.14 -39.63
C TRP G 244 -22.91 -25.03 -38.50
N THR G 245 -22.10 -25.97 -38.01
CA THR G 245 -22.56 -26.83 -36.94
C THR G 245 -22.86 -25.98 -35.73
N HIS G 246 -22.18 -24.83 -35.64
CA HIS G 246 -22.40 -23.88 -34.54
C HIS G 246 -23.81 -23.32 -34.71
N LYS G 247 -24.24 -23.19 -35.95
CA LYS G 247 -25.56 -22.67 -36.25
C LYS G 247 -26.59 -23.79 -36.14
N HIS G 248 -26.20 -24.99 -36.57
CA HIS G 248 -27.10 -26.13 -36.54
C HIS G 248 -26.40 -27.28 -35.84
N PRO G 249 -26.37 -27.21 -34.52
CA PRO G 249 -25.73 -28.24 -33.70
C PRO G 249 -26.40 -29.61 -33.83
N ASN G 250 -27.65 -29.63 -34.30
CA ASN G 250 -28.37 -30.88 -34.47
C ASN G 250 -28.90 -31.03 -35.88
N ASN G 251 -28.11 -30.61 -36.84
CA ASN G 251 -28.49 -30.71 -38.24
C ASN G 251 -27.28 -31.00 -39.11
N LEU G 252 -26.57 -32.06 -38.74
CA LEU G 252 -25.40 -32.45 -39.47
C LEU G 252 -25.68 -32.38 -40.96
N LYS G 253 -26.89 -32.75 -41.36
CA LYS G 253 -27.22 -32.72 -42.78
C LYS G 253 -27.06 -31.31 -43.28
N VAL G 254 -27.82 -30.40 -42.70
CA VAL G 254 -27.77 -29.01 -43.10
C VAL G 254 -26.38 -28.39 -42.97
N ALA G 255 -25.77 -28.52 -41.80
CA ALA G 255 -24.44 -27.95 -41.62
C ALA G 255 -23.51 -28.44 -42.71
N CYS G 256 -23.54 -29.75 -42.97
CA CYS G 256 -22.70 -30.36 -43.99
C CYS G 256 -23.07 -29.81 -45.37
N GLU G 257 -24.36 -29.71 -45.62
CA GLU G 257 -24.83 -29.21 -46.91
C GLU G 257 -24.27 -27.81 -47.24
N LYS G 258 -24.47 -26.84 -46.35
CA LYS G 258 -23.94 -25.50 -46.60
C LYS G 258 -22.44 -25.57 -46.89
N THR G 259 -21.70 -26.12 -45.93
CA THR G 259 -20.27 -26.28 -46.07
C THR G 259 -19.86 -26.82 -47.44
N VAL G 260 -20.24 -28.05 -47.71
CA VAL G 260 -19.89 -28.67 -48.99
C VAL G 260 -20.33 -27.83 -50.19
N SER G 261 -21.44 -27.11 -50.06
CA SER G 261 -21.91 -26.28 -51.17
C SER G 261 -20.88 -25.20 -51.40
N ALA G 262 -20.58 -24.47 -50.34
CA ALA G 262 -19.59 -23.40 -50.39
C ALA G 262 -18.34 -24.00 -51.06
N MET G 263 -17.97 -25.18 -50.57
CA MET G 263 -16.82 -25.90 -51.08
C MET G 263 -16.90 -25.95 -52.61
N HIS G 264 -18.01 -26.46 -53.11
CA HIS G 264 -18.22 -26.60 -54.55
C HIS G 264 -17.99 -25.32 -55.30
N HIS G 265 -18.66 -24.26 -54.87
CA HIS G 265 -18.53 -22.95 -55.48
C HIS G 265 -17.07 -22.55 -55.51
N VAL G 266 -16.52 -22.35 -54.31
CA VAL G 266 -15.11 -21.98 -54.21
C VAL G 266 -14.31 -22.77 -55.20
N LEU G 267 -14.41 -24.08 -55.11
CA LEU G 267 -13.65 -24.94 -56.00
C LEU G 267 -13.95 -24.72 -57.47
N GLN G 268 -15.22 -24.64 -57.83
CA GLN G 268 -15.58 -24.42 -59.23
C GLN G 268 -14.89 -23.16 -59.72
N ARG G 269 -14.95 -22.10 -58.93
CA ARG G 269 -14.33 -20.82 -59.27
C ARG G 269 -12.83 -20.98 -59.50
N THR G 270 -12.22 -21.79 -58.64
CA THR G 270 -10.79 -22.04 -58.71
C THR G 270 -10.37 -22.76 -59.98
N ILE G 271 -10.90 -23.95 -60.20
CA ILE G 271 -10.54 -24.70 -61.38
C ILE G 271 -10.75 -23.88 -62.65
N LYS G 272 -11.77 -23.04 -62.68
CA LYS G 272 -12.05 -22.21 -63.86
C LYS G 272 -10.89 -21.29 -64.17
N CYS G 273 -10.54 -20.42 -63.22
CA CYS G 273 -9.42 -19.49 -63.36
C CYS G 273 -8.18 -20.33 -63.63
N ALA G 274 -7.96 -21.34 -62.79
CA ALA G 274 -6.82 -22.25 -62.93
C ALA G 274 -6.62 -22.71 -64.37
N LYS G 275 -7.63 -23.33 -64.96
CA LYS G 275 -7.53 -23.78 -66.36
C LYS G 275 -7.29 -22.59 -67.31
N ALA G 276 -7.64 -21.39 -66.87
CA ALA G 276 -7.47 -20.19 -67.68
C ALA G 276 -6.01 -19.87 -67.79
N LYS G 277 -5.34 -19.90 -66.64
CA LYS G 277 -3.91 -19.59 -66.57
C LYS G 277 -3.06 -20.71 -67.16
N SER G 278 -3.61 -21.91 -67.26
CA SER G 278 -2.82 -23.00 -67.80
C SER G 278 -3.01 -23.19 -69.30
N GLY G 279 -4.21 -22.87 -69.77
CA GLY G 279 -4.50 -23.02 -71.19
C GLY G 279 -5.15 -24.37 -71.43
N GLU G 280 -5.81 -24.50 -72.58
CA GLU G 280 -6.49 -25.73 -72.97
C GLU G 280 -5.49 -26.88 -73.13
N GLY G 281 -5.92 -28.08 -72.77
CA GLY G 281 -5.05 -29.23 -72.90
C GLY G 281 -3.72 -29.07 -72.18
N VAL G 282 -3.77 -28.36 -71.05
CA VAL G 282 -2.58 -28.13 -70.22
C VAL G 282 -3.08 -28.21 -68.79
N LYS G 283 -2.37 -28.92 -67.92
CA LYS G 283 -2.85 -29.03 -66.55
C LYS G 283 -2.40 -27.95 -65.58
N PRO G 284 -3.37 -27.35 -64.86
CA PRO G 284 -3.07 -26.30 -63.88
C PRO G 284 -2.02 -26.78 -62.89
N SER G 285 -1.07 -25.91 -62.61
CA SER G 285 -0.01 -26.24 -61.68
C SER G 285 -0.50 -25.94 -60.29
N PRO G 286 0.15 -26.51 -59.27
CA PRO G 286 -0.26 -26.25 -57.89
C PRO G 286 -0.36 -24.75 -57.61
N ALA G 287 0.51 -23.96 -58.22
CA ALA G 287 0.45 -22.51 -58.00
C ALA G 287 -0.84 -21.98 -58.62
N GLN G 288 -1.18 -22.49 -59.80
CA GLN G 288 -2.40 -22.05 -60.49
C GLN G 288 -3.68 -22.65 -59.92
N LEU G 289 -3.55 -23.56 -58.94
CA LEU G 289 -4.71 -24.20 -58.33
C LEU G 289 -5.02 -23.70 -56.94
N GLU G 290 -4.31 -22.66 -56.51
CA GLU G 290 -4.54 -22.06 -55.20
C GLU G 290 -6.01 -21.67 -55.11
N LEU G 291 -6.63 -21.91 -53.96
CA LEU G 291 -8.03 -21.57 -53.83
C LEU G 291 -8.24 -20.07 -54.03
N ARG G 292 -9.35 -19.70 -54.68
CA ARG G 292 -9.67 -18.30 -54.90
C ARG G 292 -10.59 -17.91 -53.74
N MET G 293 -9.99 -17.71 -52.58
CA MET G 293 -10.70 -17.36 -51.36
C MET G 293 -11.44 -16.06 -51.52
N VAL G 294 -10.68 -14.98 -51.49
CA VAL G 294 -11.17 -13.61 -51.62
C VAL G 294 -12.36 -13.50 -52.58
N GLN G 295 -12.17 -14.05 -53.78
CA GLN G 295 -13.17 -14.05 -54.84
C GLN G 295 -14.46 -14.74 -54.43
N SER G 296 -14.34 -15.69 -53.50
CA SER G 296 -15.47 -16.46 -53.05
C SER G 296 -16.10 -15.92 -51.78
N LYS G 297 -15.66 -14.74 -51.39
CA LYS G 297 -16.17 -14.13 -50.17
C LYS G 297 -17.69 -14.35 -50.05
N LYS G 298 -18.44 -13.81 -51.01
CA LYS G 298 -19.91 -13.93 -50.96
C LYS G 298 -20.46 -15.35 -50.86
N ASP G 299 -19.90 -16.26 -51.64
CA ASP G 299 -20.35 -17.64 -51.61
C ASP G 299 -20.09 -18.28 -50.25
N ILE G 300 -19.02 -17.85 -49.59
CA ILE G 300 -18.69 -18.38 -48.28
C ILE G 300 -19.71 -17.93 -47.24
N GLU G 301 -20.10 -16.67 -47.36
CA GLU G 301 -21.06 -16.05 -46.47
C GLU G 301 -22.42 -16.73 -46.51
N SER G 302 -22.88 -17.02 -47.73
CA SER G 302 -24.16 -17.65 -47.97
C SER G 302 -24.07 -18.55 -49.22
N PRO G 303 -23.60 -19.78 -49.05
CA PRO G 303 -23.49 -20.71 -50.18
C PRO G 303 -24.82 -21.32 -50.62
N GLU G 304 -25.15 -21.19 -51.90
CA GLU G 304 -26.39 -21.76 -52.37
C GLU G 304 -26.19 -23.23 -52.21
N ILE G 305 -27.26 -23.95 -51.89
CA ILE G 305 -27.15 -25.39 -51.71
C ILE G 305 -27.14 -26.12 -53.04
N VAL G 306 -26.00 -26.67 -53.41
CA VAL G 306 -25.91 -27.38 -54.67
C VAL G 306 -25.69 -28.88 -54.49
N VAL G 307 -25.70 -29.33 -53.24
CA VAL G 307 -25.56 -30.76 -52.94
C VAL G 307 -26.59 -31.10 -51.89
N GLN G 308 -27.36 -32.15 -52.15
CA GLN G 308 -28.38 -32.59 -51.21
C GLN G 308 -27.91 -33.85 -50.54
N ALA G 309 -27.72 -33.75 -49.23
CA ALA G 309 -27.26 -34.87 -48.44
C ALA G 309 -28.37 -35.92 -48.32
N THR G 310 -27.99 -37.19 -48.44
CA THR G 310 -28.94 -38.29 -48.29
C THR G 310 -28.79 -38.79 -46.85
N VAL G 311 -29.92 -38.99 -46.19
CA VAL G 311 -29.95 -39.42 -44.79
C VAL G 311 -30.04 -40.94 -44.60
N LEU G 312 -28.90 -41.60 -44.50
CA LEU G 312 -28.87 -43.05 -44.35
C LEU G 312 -29.70 -43.53 -43.15
N MET H 1 -45.29 16.38 24.31
CA MET H 1 -45.14 15.58 25.58
C MET H 1 -43.69 15.43 26.01
N GLU H 2 -43.41 14.49 26.92
CA GLU H 2 -42.03 14.26 27.39
C GLU H 2 -41.61 12.79 27.61
N GLU H 3 -42.57 11.89 27.82
CA GLU H 3 -42.24 10.48 28.04
C GLU H 3 -41.85 9.85 26.71
N GLU H 4 -41.40 8.61 26.74
CA GLU H 4 -41.00 7.96 25.50
C GLU H 4 -42.19 7.24 24.84
N CYS H 5 -42.60 7.68 23.65
CA CYS H 5 -43.70 7.03 22.96
C CYS H 5 -43.41 6.84 21.48
N ARG H 6 -43.35 5.57 21.07
CA ARG H 6 -43.08 5.21 19.70
C ARG H 6 -44.36 4.78 19.01
N VAL H 7 -44.54 5.24 17.78
CA VAL H 7 -45.73 4.96 16.97
C VAL H 7 -45.35 4.42 15.58
N LEU H 8 -45.88 3.24 15.24
CA LEU H 8 -45.62 2.63 13.94
C LEU H 8 -46.74 3.00 12.99
N SER H 9 -46.55 4.10 12.26
CA SER H 9 -47.58 4.56 11.33
C SER H 9 -47.40 3.97 9.95
N ILE H 10 -48.45 3.28 9.50
CA ILE H 10 -48.44 2.64 8.20
C ILE H 10 -49.45 3.27 7.27
N GLN H 11 -48.99 4.14 6.37
CA GLN H 11 -49.87 4.80 5.44
C GLN H 11 -49.18 5.23 4.16
N SER H 12 -49.97 5.84 3.28
CA SER H 12 -49.51 6.33 1.99
C SER H 12 -48.53 7.48 2.11
N HIS H 13 -47.72 7.63 1.08
CA HIS H 13 -46.77 8.72 1.01
C HIS H 13 -46.93 9.43 -0.34
N VAL H 14 -46.91 10.75 -0.34
CA VAL H 14 -47.02 11.52 -1.57
C VAL H 14 -45.81 12.41 -1.67
N VAL H 15 -45.23 12.52 -2.87
CA VAL H 15 -44.05 13.37 -3.06
C VAL H 15 -44.42 14.80 -2.68
N ARG H 16 -45.49 15.31 -3.28
CA ARG H 16 -45.95 16.65 -2.98
C ARG H 16 -47.23 16.59 -2.16
N GLY H 17 -47.40 17.52 -1.24
CA GLY H 17 -48.65 17.53 -0.49
C GLY H 17 -48.66 16.91 0.90
N TYR H 18 -49.77 17.09 1.58
CA TYR H 18 -49.94 16.56 2.91
C TYR H 18 -51.13 15.65 2.93
N VAL H 19 -50.81 14.37 2.93
CA VAL H 19 -51.78 13.30 2.88
C VAL H 19 -51.02 12.03 3.28
N GLY H 20 -51.72 11.07 3.89
CA GLY H 20 -51.03 9.84 4.28
C GLY H 20 -50.00 10.12 5.37
N ASN H 21 -48.90 9.37 5.36
CA ASN H 21 -47.85 9.57 6.36
C ASN H 21 -47.33 11.01 6.31
N ARG H 22 -47.40 11.64 5.14
CA ARG H 22 -46.96 13.02 4.98
C ARG H 22 -47.73 13.98 5.88
N ALA H 23 -49.01 13.70 6.09
CA ALA H 23 -49.83 14.57 6.93
C ALA H 23 -49.83 14.12 8.39
N ALA H 24 -49.44 12.87 8.61
CA ALA H 24 -49.43 12.29 9.95
C ALA H 24 -48.13 12.37 10.73
N THR H 25 -47.00 12.31 10.03
CA THR H 25 -45.74 12.34 10.74
C THR H 25 -45.35 13.67 11.36
N PHE H 26 -45.56 14.76 10.65
CA PHE H 26 -45.17 16.05 11.20
C PHE H 26 -45.86 16.28 12.55
N PRO H 27 -47.20 16.25 12.55
CA PRO H 27 -47.98 16.48 13.77
C PRO H 27 -47.46 15.66 14.96
N LEU H 28 -47.44 14.35 14.82
CA LEU H 28 -46.97 13.50 15.89
C LEU H 28 -45.57 13.89 16.30
N GLN H 29 -44.74 14.28 15.34
CA GLN H 29 -43.37 14.66 15.66
C GLN H 29 -43.31 15.98 16.41
N VAL H 30 -43.83 17.06 15.85
CA VAL H 30 -43.76 18.32 16.57
C VAL H 30 -44.50 18.16 17.89
N LEU H 31 -45.26 17.07 18.01
CA LEU H 31 -46.02 16.77 19.24
C LEU H 31 -45.22 15.99 20.27
N GLY H 32 -44.10 15.43 19.84
CA GLY H 32 -43.25 14.69 20.75
C GLY H 32 -43.15 13.19 20.58
N PHE H 33 -44.02 12.57 19.78
CA PHE H 33 -43.94 11.12 19.62
C PHE H 33 -42.81 10.71 18.69
N GLU H 34 -42.28 9.52 18.93
CA GLU H 34 -41.21 9.01 18.11
C GLU H 34 -41.93 8.19 17.06
N VAL H 35 -41.80 8.57 15.80
CA VAL H 35 -42.50 7.87 14.72
C VAL H 35 -41.68 6.92 13.85
N ASP H 36 -42.30 5.79 13.51
CA ASP H 36 -41.68 4.79 12.64
C ASP H 36 -42.65 4.76 11.47
N ALA H 37 -42.19 5.17 10.30
CA ALA H 37 -43.07 5.24 9.15
C ALA H 37 -42.85 4.23 8.05
N VAL H 38 -43.94 3.55 7.70
CA VAL H 38 -43.93 2.59 6.62
C VAL H 38 -44.86 3.19 5.60
N ASN H 39 -44.35 3.43 4.39
CA ASN H 39 -45.17 4.02 3.36
C ASN H 39 -45.76 2.94 2.47
N SER H 40 -47.07 2.73 2.63
CA SER H 40 -47.80 1.75 1.86
C SER H 40 -47.76 2.03 0.37
N VAL H 41 -47.54 3.30 0.02
CA VAL H 41 -47.48 3.72 -1.37
C VAL H 41 -46.67 5.00 -1.52
N GLN H 42 -46.18 5.27 -2.72
CA GLN H 42 -45.48 6.50 -2.95
C GLN H 42 -45.98 7.04 -4.24
N PHE H 43 -46.83 8.04 -4.17
CA PHE H 43 -47.35 8.64 -5.40
C PHE H 43 -46.81 10.04 -5.53
N SER H 44 -47.04 10.64 -6.69
CA SER H 44 -46.57 11.98 -6.93
C SER H 44 -47.38 12.88 -6.02
N ASN H 45 -48.68 12.64 -5.97
CA ASN H 45 -49.57 13.44 -5.15
C ASN H 45 -50.77 12.61 -4.78
N HIS H 46 -51.84 13.24 -4.31
CA HIS H 46 -53.01 12.46 -3.94
C HIS H 46 -53.99 12.35 -5.10
N THR H 47 -54.64 11.19 -5.17
CA THR H 47 -55.56 10.88 -6.24
C THR H 47 -56.64 11.93 -6.52
N GLY H 48 -56.76 12.91 -5.62
CA GLY H 48 -57.73 13.99 -5.82
C GLY H 48 -57.32 14.83 -7.03
N TYR H 49 -56.05 14.74 -7.39
CA TYR H 49 -55.52 15.46 -8.55
C TYR H 49 -55.96 14.73 -9.82
N SER H 50 -56.03 15.46 -10.93
CA SER H 50 -56.45 14.88 -12.20
C SER H 50 -55.59 13.69 -12.53
N HIS H 51 -54.30 13.83 -12.28
CA HIS H 51 -53.38 12.74 -12.57
C HIS H 51 -52.60 12.40 -11.31
N TRP H 52 -52.14 11.17 -11.23
CA TRP H 52 -51.33 10.72 -10.12
C TRP H 52 -50.67 9.42 -10.57
N LYS H 53 -49.37 9.34 -10.35
CA LYS H 53 -48.63 8.15 -10.72
C LYS H 53 -47.83 7.80 -9.49
N GLY H 54 -47.29 6.60 -9.42
CA GLY H 54 -46.52 6.23 -8.26
C GLY H 54 -46.47 4.73 -8.09
N GLN H 55 -45.86 4.28 -7.00
CA GLN H 55 -45.77 2.85 -6.75
C GLN H 55 -46.51 2.43 -5.49
N VAL H 56 -46.77 1.14 -5.40
CA VAL H 56 -47.48 0.55 -4.28
C VAL H 56 -46.70 -0.63 -3.74
N LEU H 57 -46.97 -0.99 -2.50
CA LEU H 57 -46.30 -2.10 -1.85
C LEU H 57 -47.27 -3.27 -1.69
N ASN H 58 -46.72 -4.47 -1.70
CA ASN H 58 -47.53 -5.66 -1.51
C ASN H 58 -47.04 -6.35 -0.25
N SER H 59 -47.85 -7.28 0.24
CA SER H 59 -47.54 -8.05 1.45
C SER H 59 -46.06 -8.43 1.61
N ASP H 60 -45.40 -8.75 0.50
CA ASP H 60 -43.99 -9.13 0.52
C ASP H 60 -43.12 -7.94 0.81
N GLU H 61 -43.44 -6.82 0.18
CA GLU H 61 -42.65 -5.63 0.42
C GLU H 61 -42.80 -5.18 1.87
N LEU H 62 -43.99 -5.34 2.43
CA LEU H 62 -44.18 -4.95 3.83
C LEU H 62 -43.41 -5.91 4.73
N GLN H 63 -43.48 -7.20 4.39
CA GLN H 63 -42.79 -8.22 5.18
C GLN H 63 -41.30 -7.87 5.29
N GLU H 64 -40.70 -7.60 4.14
CA GLU H 64 -39.30 -7.24 4.04
C GLU H 64 -38.96 -6.25 5.15
N LEU H 65 -39.67 -5.12 5.14
CA LEU H 65 -39.46 -4.06 6.10
C LEU H 65 -39.62 -4.58 7.51
N TYR H 66 -40.77 -5.16 7.79
CA TYR H 66 -41.03 -5.68 9.12
C TYR H 66 -39.94 -6.66 9.53
N ASP H 67 -39.59 -7.58 8.65
CA ASP H 67 -38.53 -8.55 8.94
C ASP H 67 -37.28 -7.76 9.28
N GLY H 68 -37.01 -6.73 8.47
CA GLY H 68 -35.84 -5.89 8.70
C GLY H 68 -35.84 -5.42 10.14
N LEU H 69 -36.93 -4.79 10.54
CA LEU H 69 -37.07 -4.30 11.90
C LEU H 69 -36.99 -5.48 12.86
N LYS H 70 -37.71 -6.54 12.52
CA LYS H 70 -37.72 -7.73 13.34
C LYS H 70 -36.28 -8.15 13.61
N LEU H 71 -35.57 -8.47 12.54
CA LEU H 71 -34.17 -8.91 12.62
C LEU H 71 -33.29 -8.09 13.58
N ASN H 72 -33.57 -6.80 13.69
CA ASN H 72 -32.77 -5.95 14.55
C ASN H 72 -33.34 -5.80 15.94
N HIS H 73 -34.50 -6.39 16.15
CA HIS H 73 -35.12 -6.34 17.46
C HIS H 73 -35.59 -4.93 17.79
N VAL H 74 -36.09 -4.20 16.80
CA VAL H 74 -36.57 -2.84 17.04
C VAL H 74 -38.05 -2.74 16.74
N ASN H 75 -38.68 -3.89 16.61
CA ASN H 75 -40.11 -3.95 16.34
C ASN H 75 -40.85 -3.87 17.67
N GLN H 76 -40.73 -2.73 18.34
CA GLN H 76 -41.39 -2.53 19.61
C GLN H 76 -42.03 -1.17 19.62
N TYR H 77 -43.35 -1.16 19.70
CA TYR H 77 -44.08 0.10 19.69
C TYR H 77 -45.01 0.33 20.87
N ASP H 78 -45.64 1.50 20.89
CA ASP H 78 -46.56 1.84 21.95
C ASP H 78 -47.90 2.11 21.33
N TYR H 79 -47.85 2.51 20.06
CA TYR H 79 -49.05 2.78 19.26
C TYR H 79 -48.87 2.26 17.86
N VAL H 80 -49.96 2.18 17.14
CA VAL H 80 -49.91 1.74 15.75
C VAL H 80 -50.95 2.59 15.08
N LEU H 81 -50.60 3.16 13.94
CA LEU H 81 -51.52 4.02 13.24
C LEU H 81 -51.48 3.53 11.82
N THR H 82 -52.65 3.21 11.27
CA THR H 82 -52.69 2.73 9.90
C THR H 82 -53.72 3.45 9.07
N GLY H 83 -53.42 3.62 7.80
CA GLY H 83 -54.34 4.32 6.92
C GLY H 83 -54.37 3.79 5.50
N TYR H 84 -54.28 4.71 4.55
CA TYR H 84 -54.32 4.40 3.14
C TYR H 84 -53.55 3.18 2.61
N THR H 85 -54.26 2.26 1.94
CA THR H 85 -53.68 1.07 1.30
C THR H 85 -54.62 0.72 0.16
N ARG H 86 -54.09 0.07 -0.87
CA ARG H 86 -54.93 -0.35 -1.98
C ARG H 86 -54.78 -1.86 -2.10
N ASP H 87 -53.91 -2.43 -1.27
CA ASP H 87 -53.64 -3.86 -1.27
C ASP H 87 -54.26 -4.58 -0.07
N LYS H 88 -55.22 -5.44 -0.36
CA LYS H 88 -55.91 -6.24 0.63
C LYS H 88 -54.90 -7.12 1.36
N SER H 89 -53.96 -7.67 0.58
CA SER H 89 -52.90 -8.51 1.12
C SER H 89 -52.16 -7.67 2.15
N PHE H 90 -51.82 -6.44 1.73
CA PHE H 90 -51.10 -5.49 2.58
C PHE H 90 -51.88 -5.28 3.87
N LEU H 91 -53.13 -4.86 3.74
CA LEU H 91 -53.95 -4.61 4.92
C LEU H 91 -54.01 -5.81 5.86
N ALA H 92 -54.32 -6.99 5.31
CA ALA H 92 -54.40 -8.21 6.11
C ALA H 92 -53.15 -8.39 6.97
N MET H 93 -51.99 -8.42 6.30
CA MET H 93 -50.71 -8.61 6.97
C MET H 93 -50.55 -7.58 8.09
N VAL H 94 -50.95 -6.34 7.83
CA VAL H 94 -50.83 -5.31 8.85
C VAL H 94 -51.47 -5.82 10.13
N VAL H 95 -52.63 -6.47 9.98
CA VAL H 95 -53.30 -7.02 11.13
C VAL H 95 -52.44 -8.02 11.86
N ASP H 96 -51.97 -9.05 11.16
CA ASP H 96 -51.12 -10.06 11.78
C ASP H 96 -50.01 -9.34 12.55
N ILE H 97 -49.39 -8.37 11.89
CA ILE H 97 -48.32 -7.60 12.50
C ILE H 97 -48.84 -7.00 13.80
N VAL H 98 -49.94 -6.27 13.71
CA VAL H 98 -50.52 -5.63 14.89
C VAL H 98 -50.66 -6.61 16.04
N GLN H 99 -51.19 -7.79 15.77
CA GLN H 99 -51.37 -8.75 16.82
C GLN H 99 -50.07 -9.26 17.40
N GLU H 100 -49.09 -9.53 16.54
CA GLU H 100 -47.79 -9.98 17.06
C GLU H 100 -47.29 -8.94 18.07
N LEU H 101 -47.52 -7.67 17.76
CA LEU H 101 -47.08 -6.58 18.63
C LEU H 101 -47.92 -6.50 19.89
N LYS H 102 -49.24 -6.63 19.79
CA LYS H 102 -50.09 -6.58 20.98
C LYS H 102 -49.72 -7.69 21.96
N GLN H 103 -49.23 -8.81 21.45
CA GLN H 103 -48.81 -9.91 22.31
C GLN H 103 -47.57 -9.47 23.10
N GLN H 104 -46.57 -8.97 22.38
CA GLN H 104 -45.33 -8.50 23.01
C GLN H 104 -45.64 -7.40 24.00
N ASN H 105 -46.48 -6.45 23.58
CA ASN H 105 -46.88 -5.32 24.42
C ASN H 105 -48.39 -5.21 24.50
N PRO H 106 -48.95 -5.70 25.61
CA PRO H 106 -50.39 -5.70 25.89
C PRO H 106 -50.93 -4.27 26.04
N ARG H 107 -50.03 -3.33 26.37
CA ARG H 107 -50.42 -1.93 26.54
C ARG H 107 -50.47 -1.14 25.23
N LEU H 108 -50.13 -1.79 24.12
CA LEU H 108 -50.14 -1.11 22.85
C LEU H 108 -51.54 -0.68 22.44
N VAL H 109 -51.62 0.50 21.83
CA VAL H 109 -52.88 1.05 21.34
C VAL H 109 -52.79 1.14 19.83
N TYR H 110 -53.80 0.63 19.16
CA TYR H 110 -53.82 0.65 17.71
C TYR H 110 -54.92 1.62 17.24
N VAL H 111 -54.52 2.71 16.61
CA VAL H 111 -55.47 3.68 16.07
C VAL H 111 -55.68 3.29 14.62
N CYS H 112 -56.92 3.02 14.25
CA CYS H 112 -57.19 2.62 12.89
C CYS H 112 -58.08 3.56 12.14
N ASP H 113 -57.53 4.12 11.06
CA ASP H 113 -58.27 5.03 10.21
C ASP H 113 -58.72 4.15 9.03
N PRO H 114 -60.00 3.75 9.02
CA PRO H 114 -60.55 2.92 7.96
C PRO H 114 -60.70 3.71 6.66
N VAL H 115 -59.56 4.08 6.06
CA VAL H 115 -59.58 4.85 4.82
C VAL H 115 -59.99 3.98 3.63
N MET H 116 -61.18 4.28 3.11
CA MET H 116 -61.74 3.53 1.98
C MET H 116 -62.42 4.44 0.96
N GLY H 117 -63.21 5.40 1.42
CA GLY H 117 -63.95 6.25 0.47
C GLY H 117 -64.32 7.62 0.97
N ASP H 118 -64.98 8.38 0.09
CA ASP H 118 -65.42 9.77 0.35
C ASP H 118 -66.94 9.92 0.31
N GLN H 119 -67.48 10.67 1.28
CA GLN H 119 -68.92 10.92 1.34
C GLN H 119 -69.20 12.30 0.76
N ARG H 120 -68.76 12.55 -0.47
CA ARG H 120 -68.97 13.87 -1.07
C ARG H 120 -70.08 13.91 -2.13
N ASN H 121 -70.72 15.07 -2.26
CA ASN H 121 -71.82 15.27 -3.23
C ASN H 121 -73.07 14.42 -2.97
N GLY H 122 -73.38 14.20 -1.70
CA GLY H 122 -74.53 13.39 -1.33
C GLY H 122 -74.04 12.08 -0.75
N GLU H 123 -74.28 10.99 -1.47
CA GLU H 123 -73.79 9.68 -1.03
C GLU H 123 -72.54 9.42 -1.85
N GLY H 124 -71.60 8.67 -1.30
CA GLY H 124 -70.35 8.47 -2.01
C GLY H 124 -70.00 7.15 -2.64
N ALA H 125 -68.70 7.03 -2.91
CA ALA H 125 -68.08 5.86 -3.52
C ALA H 125 -66.68 5.70 -2.92
N MET H 126 -66.18 4.48 -2.87
CA MET H 126 -64.84 4.23 -2.31
C MET H 126 -63.76 4.68 -3.28
N TYR H 127 -62.61 5.09 -2.75
CA TYR H 127 -61.53 5.48 -3.62
C TYR H 127 -60.37 4.50 -3.53
N VAL H 128 -60.74 3.25 -3.23
CA VAL H 128 -59.80 2.14 -3.09
C VAL H 128 -60.52 0.89 -3.61
N PRO H 129 -59.76 -0.18 -3.96
CA PRO H 129 -60.39 -1.41 -4.44
C PRO H 129 -61.37 -1.97 -3.39
N ASP H 130 -62.49 -2.55 -3.86
CA ASP H 130 -63.54 -3.09 -3.00
C ASP H 130 -63.10 -4.17 -2.03
N ASP H 131 -62.18 -5.03 -2.48
CA ASP H 131 -61.70 -6.13 -1.65
C ASP H 131 -61.16 -5.77 -0.28
N LEU H 132 -61.07 -4.47 0.01
CA LEU H 132 -60.58 -4.01 1.30
C LEU H 132 -61.71 -3.88 2.32
N LEU H 133 -62.91 -3.57 1.84
CA LEU H 133 -64.04 -3.43 2.74
C LEU H 133 -64.15 -4.67 3.61
N PRO H 134 -64.17 -5.86 2.98
CA PRO H 134 -64.27 -7.08 3.79
C PRO H 134 -63.13 -7.19 4.80
N VAL H 135 -61.90 -6.98 4.35
CA VAL H 135 -60.73 -7.07 5.24
C VAL H 135 -60.82 -6.11 6.41
N TYR H 136 -61.13 -4.86 6.11
CA TYR H 136 -61.29 -3.87 7.15
C TYR H 136 -62.43 -4.28 8.09
N ARG H 137 -63.53 -4.72 7.49
CA ARG H 137 -64.71 -5.12 8.24
C ARG H 137 -64.54 -6.33 9.15
N GLU H 138 -63.82 -7.34 8.68
CA GLU H 138 -63.65 -8.56 9.45
C GLU H 138 -62.33 -8.82 10.17
N LYS H 139 -61.24 -8.29 9.64
CA LYS H 139 -59.95 -8.50 10.25
C LYS H 139 -59.37 -7.28 10.96
N VAL H 140 -59.64 -6.09 10.46
CA VAL H 140 -59.08 -4.90 11.08
C VAL H 140 -59.84 -4.28 12.24
N VAL H 141 -61.05 -3.81 11.98
CA VAL H 141 -61.83 -3.21 13.05
C VAL H 141 -61.85 -4.08 14.31
N PRO H 142 -61.99 -5.41 14.17
CA PRO H 142 -62.03 -6.25 15.37
C PRO H 142 -60.91 -5.92 16.33
N VAL H 143 -59.71 -5.84 15.76
CA VAL H 143 -58.51 -5.60 16.55
C VAL H 143 -58.15 -4.13 16.82
N ALA H 144 -58.96 -3.18 16.36
CA ALA H 144 -58.69 -1.75 16.58
C ALA H 144 -59.15 -1.19 17.93
N ASP H 145 -58.36 -0.31 18.53
CA ASP H 145 -58.72 0.29 19.81
C ASP H 145 -59.37 1.65 19.63
N ILE H 146 -59.14 2.27 18.47
CA ILE H 146 -59.71 3.59 18.13
C ILE H 146 -59.88 3.70 16.62
N ILE H 147 -61.10 3.98 16.18
CA ILE H 147 -61.33 4.11 14.76
C ILE H 147 -61.75 5.53 14.53
N THR H 148 -61.38 6.03 13.36
CA THR H 148 -61.68 7.38 12.98
C THR H 148 -62.35 7.30 11.63
N PRO H 149 -63.51 6.62 11.56
CA PRO H 149 -64.20 6.48 10.28
C PRO H 149 -64.92 7.71 9.74
N ASN H 150 -65.21 7.59 8.44
CA ASN H 150 -65.88 8.54 7.58
C ASN H 150 -67.36 8.22 7.74
N GLN H 151 -68.27 9.20 7.68
CA GLN H 151 -69.67 8.80 7.81
C GLN H 151 -69.77 7.67 6.81
N PHE H 152 -69.38 7.96 5.58
CA PHE H 152 -69.40 6.97 4.52
C PHE H 152 -68.76 5.64 4.97
N GLU H 153 -67.45 5.66 5.23
CA GLU H 153 -66.74 4.45 5.66
C GLU H 153 -67.48 3.83 6.83
N ALA H 154 -67.83 4.64 7.83
CA ALA H 154 -68.55 4.15 9.00
C ALA H 154 -69.78 3.35 8.56
N GLU H 155 -70.57 3.93 7.66
CA GLU H 155 -71.74 3.22 7.17
C GLU H 155 -71.19 1.93 6.57
N LEU H 156 -70.23 2.08 5.66
CA LEU H 156 -69.63 0.95 4.97
C LEU H 156 -69.24 -0.23 5.85
N LEU H 157 -68.74 0.06 7.06
CA LEU H 157 -68.31 -0.99 7.98
C LEU H 157 -69.50 -1.68 8.64
N THR H 158 -70.34 -0.89 9.31
CA THR H 158 -71.51 -1.42 10.01
C THR H 158 -72.59 -1.88 9.01
N GLY H 159 -72.29 -1.74 7.73
CA GLY H 159 -73.21 -2.15 6.69
C GLY H 159 -74.52 -1.39 6.56
N ARG H 160 -74.67 -0.31 7.32
CA ARG H 160 -75.91 0.47 7.28
C ARG H 160 -75.78 1.81 6.57
N LYS H 161 -76.71 2.72 6.86
CA LYS H 161 -76.71 4.04 6.25
C LYS H 161 -77.32 4.97 7.31
N ILE H 162 -76.67 6.10 7.55
CA ILE H 162 -77.16 7.04 8.55
C ILE H 162 -78.12 8.05 7.95
N HIS H 163 -79.16 8.39 8.70
CA HIS H 163 -80.16 9.36 8.24
C HIS H 163 -80.71 10.10 9.46
N SER H 164 -79.98 9.98 10.56
CA SER H 164 -80.34 10.63 11.81
C SER H 164 -79.17 10.54 12.77
N GLN H 165 -79.14 11.44 13.75
CA GLN H 165 -78.07 11.44 14.73
C GLN H 165 -78.05 10.06 15.36
N GLU H 166 -79.23 9.62 15.76
CA GLU H 166 -79.45 8.32 16.38
C GLU H 166 -78.73 7.29 15.52
N GLU H 167 -79.29 7.07 14.32
CA GLU H 167 -78.72 6.16 13.34
C GLU H 167 -77.20 6.20 13.49
N ALA H 168 -76.68 7.39 13.71
CA ALA H 168 -75.25 7.55 13.88
C ALA H 168 -74.84 6.86 15.17
N LEU H 169 -75.27 7.42 16.30
CA LEU H 169 -74.94 6.86 17.60
C LEU H 169 -75.02 5.34 17.63
N GLU H 170 -75.96 4.76 16.89
CA GLU H 170 -76.07 3.31 16.90
C GLU H 170 -74.82 2.70 16.25
N VAL H 171 -74.53 3.11 15.03
CA VAL H 171 -73.37 2.60 14.31
C VAL H 171 -72.12 2.62 15.17
N MET H 172 -71.96 3.66 16.00
CA MET H 172 -70.79 3.74 16.87
C MET H 172 -70.89 2.61 17.87
N ASP H 173 -72.11 2.34 18.36
CA ASP H 173 -72.35 1.26 19.31
C ASP H 173 -71.98 -0.03 18.59
N MET H 174 -72.44 -0.15 17.35
CA MET H 174 -72.16 -1.31 16.52
C MET H 174 -70.67 -1.46 16.26
N LEU H 175 -70.04 -0.32 15.96
CA LEU H 175 -68.60 -0.28 15.71
C LEU H 175 -67.91 -0.80 16.95
N HIS H 176 -68.16 -0.13 18.08
CA HIS H 176 -67.58 -0.56 19.35
C HIS H 176 -67.70 -2.08 19.36
N SER H 177 -68.94 -2.57 19.24
CA SER H 177 -69.25 -4.00 19.27
C SER H 177 -68.28 -4.85 18.47
N MET H 178 -67.77 -4.26 17.40
CA MET H 178 -66.85 -4.97 16.54
C MET H 178 -65.45 -5.01 17.13
N GLY H 179 -65.19 -4.11 18.08
CA GLY H 179 -63.88 -4.08 18.71
C GLY H 179 -63.45 -2.77 19.37
N PRO H 180 -63.26 -1.69 18.60
CA PRO H 180 -62.86 -0.39 19.16
C PRO H 180 -63.70 0.03 20.35
N ASP H 181 -63.06 0.69 21.30
CA ASP H 181 -63.74 1.17 22.51
C ASP H 181 -63.88 2.68 22.40
N THR H 182 -63.14 3.25 21.46
CA THR H 182 -63.19 4.67 21.18
C THR H 182 -63.51 4.74 19.70
N VAL H 183 -64.62 5.40 19.38
CA VAL H 183 -65.08 5.52 18.00
C VAL H 183 -65.39 6.96 17.66
N VAL H 184 -64.96 7.41 16.48
CA VAL H 184 -65.24 8.78 16.07
C VAL H 184 -65.65 8.91 14.61
N ILE H 185 -66.78 9.56 14.37
CA ILE H 185 -67.23 9.80 13.02
C ILE H 185 -66.76 11.23 12.77
N THR H 186 -65.64 11.37 12.07
CA THR H 186 -65.07 12.68 11.81
C THR H 186 -66.04 13.69 11.23
N SER H 187 -67.14 13.21 10.66
CA SER H 187 -68.13 14.11 10.08
C SER H 187 -69.31 13.41 9.38
N SER H 188 -70.37 14.18 9.09
CA SER H 188 -71.56 13.67 8.42
C SER H 188 -72.55 14.78 8.06
N ASN H 189 -73.61 14.39 7.33
CA ASN H 189 -74.67 15.29 6.87
C ASN H 189 -75.71 15.68 7.92
N LEU H 190 -75.83 14.89 8.97
CA LEU H 190 -76.82 15.20 10.00
C LEU H 190 -77.17 16.69 10.05
N LEU H 191 -78.45 16.97 9.82
CA LEU H 191 -78.95 18.33 9.81
C LEU H 191 -78.51 19.00 11.10
N SER H 192 -77.33 19.61 11.09
CA SER H 192 -76.83 20.28 12.27
C SER H 192 -77.87 21.22 12.89
N PRO H 193 -77.87 21.32 14.22
CA PRO H 193 -78.80 22.18 14.94
C PRO H 193 -78.76 23.63 14.43
N ARG H 194 -77.62 24.01 13.85
CA ARG H 194 -77.47 25.35 13.33
C ARG H 194 -76.64 25.38 12.05
N GLY H 195 -77.25 25.86 10.98
CA GLY H 195 -76.57 25.94 9.70
C GLY H 195 -76.32 24.63 8.96
N SER H 196 -76.47 24.74 7.65
CA SER H 196 -76.15 23.68 6.70
C SER H 196 -74.66 23.81 6.44
N ASP H 197 -74.21 25.00 6.83
CA ASP H 197 -72.82 25.39 6.73
C ASP H 197 -72.08 24.97 8.00
N TYR H 198 -72.36 23.76 8.47
CA TYR H 198 -71.70 23.22 9.66
C TYR H 198 -71.53 21.71 9.55
N LEU H 199 -70.31 21.25 9.82
CA LEU H 199 -70.06 19.82 9.81
C LEU H 199 -70.23 19.25 11.21
N MET H 200 -70.89 18.10 11.32
CA MET H 200 -71.09 17.51 12.64
C MET H 200 -70.20 16.28 12.78
N ALA H 201 -69.68 16.06 13.98
CA ALA H 201 -68.83 14.92 14.20
C ALA H 201 -69.26 14.34 15.52
N LEU H 202 -69.29 13.01 15.57
CA LEU H 202 -69.71 12.31 16.77
C LEU H 202 -68.63 11.38 17.29
N GLY H 203 -68.40 11.44 18.60
CA GLY H 203 -67.39 10.59 19.21
C GLY H 203 -67.86 9.80 20.41
N SER H 204 -67.73 8.48 20.33
CA SER H 204 -68.15 7.63 21.43
C SER H 204 -66.95 6.93 22.07
N GLN H 205 -67.02 6.76 23.39
CA GLN H 205 -65.97 6.08 24.12
C GLN H 205 -66.61 5.23 25.23
N ARG H 206 -66.08 4.01 25.41
CA ARG H 206 -66.60 3.09 26.42
C ARG H 206 -65.46 2.49 27.23
N THR H 207 -65.55 2.59 28.55
CA THR H 207 -64.50 2.05 29.44
C THR H 207 -65.06 1.11 30.49
N ARG H 208 -64.28 0.09 30.82
CA ARG H 208 -64.67 -0.93 31.81
C ARG H 208 -63.93 -0.78 33.13
N ALA H 209 -64.59 -0.16 34.11
CA ALA H 209 -63.96 0.04 35.40
C ALA H 209 -63.51 -1.28 36.03
N PRO H 210 -62.62 -1.19 37.02
CA PRO H 210 -62.13 -2.40 37.69
C PRO H 210 -63.25 -2.96 38.57
N ASP H 211 -64.39 -2.28 38.57
CA ASP H 211 -65.52 -2.73 39.38
C ASP H 211 -66.59 -3.35 38.49
N GLY H 212 -66.27 -3.51 37.20
CA GLY H 212 -67.21 -4.10 36.28
C GLY H 212 -68.06 -3.09 35.54
N SER H 213 -68.36 -1.98 36.18
CA SER H 213 -69.17 -0.97 35.53
C SER H 213 -68.51 -0.51 34.25
N VAL H 214 -69.34 -0.13 33.28
CA VAL H 214 -68.85 0.37 31.99
C VAL H 214 -69.22 1.84 31.85
N VAL H 215 -68.22 2.70 32.02
CA VAL H 215 -68.44 4.12 31.91
C VAL H 215 -68.46 4.50 30.42
N THR H 216 -69.54 5.13 29.97
CA THR H 216 -69.66 5.52 28.58
C THR H 216 -69.64 7.03 28.38
N GLN H 217 -68.91 7.44 27.34
CA GLN H 217 -68.75 8.84 26.94
C GLN H 217 -69.33 9.06 25.54
N ARG H 218 -70.20 10.06 25.41
CA ARG H 218 -70.82 10.40 24.12
C ARG H 218 -70.73 11.91 23.86
N ILE H 219 -70.13 12.31 22.73
CA ILE H 219 -69.99 13.73 22.37
C ILE H 219 -70.25 14.06 20.89
N ARG H 220 -70.96 15.16 20.69
CA ARG H 220 -71.25 15.61 19.36
C ARG H 220 -70.57 16.94 19.17
N MET H 221 -70.20 17.27 17.95
CA MET H 221 -69.57 18.54 17.73
C MET H 221 -70.01 19.15 16.43
N GLU H 222 -70.10 20.48 16.44
CA GLU H 222 -70.49 21.21 15.25
C GLU H 222 -69.29 22.00 14.83
N MET H 223 -68.79 21.69 13.63
CA MET H 223 -67.62 22.33 13.07
C MET H 223 -68.05 23.30 11.99
N HIS H 224 -67.28 24.36 11.81
CA HIS H 224 -67.64 25.29 10.78
C HIS H 224 -67.12 24.77 9.47
N LYS H 225 -68.04 24.45 8.56
CA LYS H 225 -67.73 23.90 7.24
C LYS H 225 -67.01 24.86 6.30
N VAL H 226 -65.98 24.36 5.63
CA VAL H 226 -65.23 25.19 4.70
C VAL H 226 -65.73 24.92 3.31
N ASP H 227 -65.92 25.97 2.54
CA ASP H 227 -66.40 25.83 1.18
C ASP H 227 -65.41 25.10 0.27
N ALA H 228 -64.94 23.93 0.71
CA ALA H 228 -63.98 23.18 -0.09
C ALA H 228 -63.83 21.72 0.29
N VAL H 229 -63.20 20.96 -0.60
CA VAL H 229 -62.95 19.54 -0.37
C VAL H 229 -61.45 19.37 -0.23
N PHE H 230 -61.00 19.11 0.99
CA PHE H 230 -59.59 18.91 1.25
C PHE H 230 -59.34 17.41 1.24
N VAL H 231 -58.07 17.03 1.24
CA VAL H 231 -57.74 15.63 1.27
C VAL H 231 -56.54 15.50 2.19
N GLY H 232 -56.61 14.55 3.11
CA GLY H 232 -55.53 14.37 4.06
C GLY H 232 -55.99 14.83 5.43
N THR H 233 -57.09 15.58 5.44
CA THR H 233 -57.65 16.06 6.70
C THR H 233 -57.81 14.89 7.65
N GLY H 234 -58.51 13.85 7.17
CA GLY H 234 -58.76 12.66 7.96
C GLY H 234 -57.49 12.19 8.64
N ASP H 235 -56.48 11.93 7.83
CA ASP H 235 -55.18 11.46 8.31
C ASP H 235 -54.57 12.40 9.37
N LEU H 236 -54.64 13.71 9.14
CA LEU H 236 -54.10 14.68 10.10
C LEU H 236 -54.81 14.47 11.43
N PHE H 237 -56.12 14.31 11.31
CA PHE H 237 -57.01 14.11 12.44
C PHE H 237 -56.55 12.96 13.35
N ALA H 238 -56.61 11.76 12.79
CA ALA H 238 -56.23 10.57 13.52
C ALA H 238 -54.90 10.75 14.22
N ALA H 239 -53.89 11.17 13.46
CA ALA H 239 -52.58 11.40 14.02
C ALA H 239 -52.65 12.24 15.28
N MET H 240 -53.26 13.41 15.17
CA MET H 240 -53.39 14.29 16.33
C MET H 240 -54.29 13.64 17.34
N LEU H 241 -55.33 12.98 16.85
CA LEU H 241 -56.24 12.33 17.78
C LEU H 241 -55.39 11.35 18.59
N LEU H 242 -54.53 10.61 17.91
CA LEU H 242 -53.69 9.67 18.60
C LEU H 242 -52.90 10.36 19.68
N ALA H 243 -52.61 11.63 19.48
CA ALA H 243 -51.79 12.37 20.44
C ALA H 243 -52.51 12.92 21.66
N TRP H 244 -53.71 13.44 21.48
CA TRP H 244 -54.45 13.99 22.60
C TRP H 244 -55.09 12.93 23.50
N THR H 245 -55.68 11.88 22.91
CA THR H 245 -56.29 10.83 23.71
C THR H 245 -55.21 10.18 24.57
N HIS H 246 -53.96 10.25 24.10
CA HIS H 246 -52.83 9.71 24.84
C HIS H 246 -52.66 10.60 26.07
N LYS H 247 -52.98 11.87 25.91
CA LYS H 247 -52.88 12.84 26.99
C LYS H 247 -54.10 12.74 27.90
N HIS H 248 -55.28 12.55 27.29
CA HIS H 248 -56.51 12.45 28.04
C HIS H 248 -57.24 11.17 27.64
N PRO H 249 -56.77 10.02 28.15
CA PRO H 249 -57.36 8.71 27.84
C PRO H 249 -58.83 8.61 28.24
N ASN H 250 -59.22 9.44 29.19
CA ASN H 250 -60.60 9.45 29.67
C ASN H 250 -61.25 10.81 29.51
N ASN H 251 -60.96 11.48 28.40
CA ASN H 251 -61.52 12.79 28.14
C ASN H 251 -61.79 12.94 26.64
N LEU H 252 -62.54 12.01 26.07
CA LEU H 252 -62.83 12.06 24.65
C LEU H 252 -63.22 13.48 24.28
N LYS H 253 -64.02 14.13 25.12
CA LYS H 253 -64.45 15.51 24.84
C LYS H 253 -63.22 16.36 24.56
N VAL H 254 -62.39 16.51 25.59
CA VAL H 254 -61.17 17.30 25.50
C VAL H 254 -60.25 16.87 24.35
N ALA H 255 -59.93 15.58 24.28
CA ALA H 255 -59.06 15.08 23.23
C ALA H 255 -59.62 15.50 21.90
N CYS H 256 -60.92 15.27 21.74
CA CYS H 256 -61.59 15.62 20.50
C CYS H 256 -61.59 17.13 20.28
N GLU H 257 -61.82 17.90 21.34
CA GLU H 257 -61.85 19.35 21.17
C GLU H 257 -60.52 19.89 20.66
N LYS H 258 -59.42 19.50 21.30
CA LYS H 258 -58.12 19.99 20.86
C LYS H 258 -57.95 19.68 19.39
N THR H 259 -57.98 18.38 19.10
CA THR H 259 -57.84 17.91 17.75
C THR H 259 -58.63 18.76 16.73
N VAL H 260 -59.94 18.72 16.84
CA VAL H 260 -60.82 19.45 15.92
C VAL H 260 -60.44 20.91 15.84
N SER H 261 -60.05 21.48 16.98
CA SER H 261 -59.66 22.88 16.99
C SER H 261 -58.48 23.06 16.05
N ALA H 262 -57.41 22.31 16.31
CA ALA H 262 -56.22 22.37 15.48
C ALA H 262 -56.71 22.28 14.05
N MET H 263 -57.60 21.33 13.83
CA MET H 263 -58.17 21.08 12.52
C MET H 263 -58.70 22.37 11.93
N HIS H 264 -59.54 23.05 12.69
CA HIS H 264 -60.13 24.28 12.22
C HIS H 264 -59.08 25.27 11.76
N HIS H 265 -58.11 25.53 12.64
CA HIS H 265 -57.03 26.46 12.37
C HIS H 265 -56.35 26.07 11.07
N VAL H 266 -55.66 24.94 11.09
CA VAL H 266 -54.98 24.46 9.90
C VAL H 266 -55.83 24.76 8.68
N LEU H 267 -57.03 24.20 8.68
CA LEU H 267 -57.96 24.39 7.56
C LEU H 267 -58.22 25.85 7.23
N GLN H 268 -58.59 26.65 8.23
CA GLN H 268 -58.84 28.06 7.95
C GLN H 268 -57.63 28.65 7.24
N ARG H 269 -56.44 28.39 7.76
CA ARG H 269 -55.20 28.89 7.15
C ARG H 269 -55.12 28.44 5.69
N THR H 270 -55.41 27.16 5.46
CA THR H 270 -55.38 26.59 4.12
C THR H 270 -56.32 27.28 3.15
N ILE H 271 -57.63 27.22 3.42
CA ILE H 271 -58.59 27.86 2.52
C ILE H 271 -58.22 29.30 2.23
N LYS H 272 -57.67 30.00 3.23
CA LYS H 272 -57.28 31.39 3.04
C LYS H 272 -56.26 31.50 1.90
N CYS H 273 -55.07 30.94 2.09
CA CYS H 273 -54.05 31.01 1.05
C CYS H 273 -54.63 30.45 -0.24
N ALA H 274 -55.33 29.32 -0.13
CA ALA H 274 -55.90 28.69 -1.29
C ALA H 274 -56.69 29.70 -2.11
N LYS H 275 -57.66 30.35 -1.49
CA LYS H 275 -58.43 31.33 -2.26
C LYS H 275 -57.53 32.44 -2.81
N ALA H 276 -56.40 32.69 -2.15
CA ALA H 276 -55.47 33.73 -2.61
C ALA H 276 -54.82 33.35 -3.94
N LYS H 277 -54.42 32.10 -4.06
CA LYS H 277 -53.79 31.58 -5.28
C LYS H 277 -54.80 31.36 -6.40
N SER H 278 -56.08 31.27 -6.07
CA SER H 278 -57.09 31.03 -7.09
C SER H 278 -57.76 32.31 -7.59
N GLY H 279 -57.86 33.30 -6.71
CA GLY H 279 -58.49 34.56 -7.09
C GLY H 279 -59.97 34.55 -6.72
N GLU H 280 -60.53 35.74 -6.60
CA GLU H 280 -61.93 35.91 -6.24
C GLU H 280 -62.80 35.28 -7.31
N GLY H 281 -63.93 34.72 -6.90
CA GLY H 281 -64.83 34.10 -7.86
C GLY H 281 -64.17 33.02 -8.72
N VAL H 282 -63.25 32.27 -8.10
CA VAL H 282 -62.52 31.19 -8.76
C VAL H 282 -62.30 30.16 -7.68
N LYS H 283 -62.56 28.89 -7.98
CA LYS H 283 -62.39 27.85 -6.97
C LYS H 283 -60.99 27.26 -6.89
N PRO H 284 -60.43 27.21 -5.67
CA PRO H 284 -59.10 26.64 -5.43
C PRO H 284 -59.02 25.24 -5.99
N SER H 285 -57.92 24.95 -6.65
CA SER H 285 -57.72 23.62 -7.22
C SER H 285 -57.16 22.71 -6.14
N PRO H 286 -57.26 21.39 -6.32
CA PRO H 286 -56.74 20.47 -5.32
C PRO H 286 -55.31 20.81 -4.96
N ALA H 287 -54.55 21.22 -5.97
CA ALA H 287 -53.16 21.58 -5.75
C ALA H 287 -53.15 22.77 -4.80
N GLN H 288 -54.02 23.73 -5.07
CA GLN H 288 -54.09 24.94 -4.24
C GLN H 288 -54.74 24.69 -2.90
N LEU H 289 -55.26 23.48 -2.69
CA LEU H 289 -55.94 23.14 -1.45
C LEU H 289 -55.14 22.31 -0.47
N GLU H 290 -53.91 21.99 -0.85
CA GLU H 290 -53.03 21.21 0.00
C GLU H 290 -52.99 21.85 1.39
N LEU H 291 -52.93 21.02 2.42
CA LEU H 291 -52.88 21.59 3.74
C LEU H 291 -51.56 22.35 3.97
N ARG H 292 -51.65 23.48 4.67
CA ARG H 292 -50.49 24.32 5.03
C ARG H 292 -50.04 23.85 6.42
N MET H 293 -49.39 22.69 6.39
CA MET H 293 -48.89 22.00 7.56
C MET H 293 -47.90 22.87 8.25
N VAL H 294 -46.71 22.94 7.66
CA VAL H 294 -45.59 23.72 8.20
C VAL H 294 -46.04 25.01 8.86
N GLN H 295 -46.83 25.77 8.13
CA GLN H 295 -47.36 27.06 8.57
C GLN H 295 -48.17 26.94 9.87
N SER H 296 -48.74 25.76 10.09
CA SER H 296 -49.59 25.54 11.24
C SER H 296 -48.86 24.85 12.36
N LYS H 297 -47.55 24.76 12.23
CA LYS H 297 -46.78 24.13 13.28
C LYS H 297 -47.28 24.51 14.66
N LYS H 298 -47.22 25.81 14.98
CA LYS H 298 -47.65 26.28 16.31
C LYS H 298 -49.06 25.92 16.72
N ASP H 299 -50.00 26.08 15.80
CA ASP H 299 -51.39 25.75 16.11
C ASP H 299 -51.55 24.27 16.42
N ILE H 300 -50.75 23.43 15.77
CA ILE H 300 -50.82 22.00 16.00
C ILE H 300 -50.31 21.70 17.40
N GLU H 301 -49.21 22.35 17.76
CA GLU H 301 -48.57 22.18 19.06
C GLU H 301 -49.50 22.51 20.22
N SER H 302 -50.22 23.62 20.09
CA SER H 302 -51.16 24.12 21.09
C SER H 302 -52.35 24.78 20.41
N PRO H 303 -53.35 24.00 19.97
CA PRO H 303 -54.52 24.62 19.30
C PRO H 303 -55.50 25.29 20.25
N GLU H 304 -55.83 26.55 20.00
CA GLU H 304 -56.79 27.25 20.85
C GLU H 304 -58.09 26.52 20.63
N ILE H 305 -58.88 26.38 21.69
CA ILE H 305 -60.17 25.69 21.57
C ILE H 305 -61.24 26.56 20.93
N VAL H 306 -61.58 26.27 19.68
CA VAL H 306 -62.59 27.04 18.97
C VAL H 306 -63.90 26.27 18.75
N VAL H 307 -63.95 25.04 19.25
CA VAL H 307 -65.15 24.21 19.14
C VAL H 307 -65.42 23.61 20.48
N GLN H 308 -66.63 23.76 20.95
CA GLN H 308 -66.95 23.19 22.23
C GLN H 308 -67.85 21.98 21.99
N ALA H 309 -67.34 20.82 22.38
CA ALA H 309 -68.05 19.56 22.21
C ALA H 309 -69.22 19.50 23.16
N THR H 310 -70.36 19.04 22.66
CA THR H 310 -71.57 18.90 23.47
C THR H 310 -71.64 17.47 23.99
N VAL H 311 -71.92 17.31 25.29
CA VAL H 311 -72.01 15.97 25.87
C VAL H 311 -73.43 15.45 25.83
N LEU H 312 -73.63 14.40 25.06
CA LEU H 312 -74.92 13.76 24.85
C LEU H 312 -75.26 12.78 25.99
ZN ZN I . 27.50 -6.40 -9.69
N1 PLP J . 28.37 -8.50 -2.48
C2 PLP J . 27.39 -8.11 -1.61
C2A PLP J . 27.74 -8.09 -0.12
C3 PLP J . 26.15 -7.72 -2.08
O3 PLP J . 25.17 -7.32 -1.22
C4 PLP J . 25.90 -7.74 -3.47
C4A PLP J . 24.47 -7.29 -3.92
C5 PLP J . 26.99 -8.16 -4.36
C6 PLP J . 28.20 -8.54 -3.82
C5A PLP J . 26.95 -8.26 -5.88
O4P PLP J . 25.83 -8.70 -6.54
P PLP J . 25.82 -8.79 -8.11
O1P PLP J . 25.51 -7.46 -8.68
O2P PLP J . 24.64 -9.87 -8.36
O3P PLP J . 27.15 -9.42 -8.46
PB ADP K . 25.28 -8.13 -11.67
O1B ADP K . 26.64 -7.48 -11.93
O2B ADP K . 24.05 -7.09 -11.73
O3B ADP K . 25.23 -8.97 -10.52
PA ADP K . 24.24 -8.79 -14.14
O1A ADP K . 22.76 -8.95 -13.89
O2A ADP K . 24.55 -7.50 -14.86
O3A ADP K . 25.00 -8.99 -12.93
O5' ADP K . 24.80 -10.01 -14.99
C5' ADP K . 25.55 -11.02 -14.37
C4' ADP K . 25.87 -12.11 -15.41
O4' ADP K . 25.05 -13.25 -15.11
C3' ADP K . 25.58 -11.74 -16.85
O3' ADP K . 26.71 -11.97 -17.67
C2' ADP K . 24.44 -12.63 -17.31
O2' ADP K . 24.79 -13.38 -18.45
C1' ADP K . 24.08 -13.49 -16.12
N9 ADP K . 22.66 -13.22 -15.62
C8 ADP K . 22.37 -12.51 -14.48
N7 ADP K . 21.03 -12.48 -14.34
C5 ADP K . 20.46 -13.13 -15.34
C6 ADP K . 19.17 -13.43 -15.68
N6 ADP K . 18.16 -12.99 -14.92
N1 ADP K . 18.90 -14.14 -16.79
C2 ADP K . 19.90 -14.61 -17.59
N3 ADP K . 21.18 -14.33 -17.27
C4 ADP K . 21.52 -13.64 -16.16
ZN ZN L . 12.24 16.59 16.86
N1 PLP M . 6.28 16.68 21.84
C2 PLP M . 5.16 15.94 21.54
C2A PLP M . 3.87 16.22 22.31
C3 PLP M . 5.22 14.95 20.57
O3 PLP M . 4.12 14.21 20.26
C4 PLP M . 6.44 14.72 19.89
C4A PLP M . 6.45 13.61 18.83
C5 PLP M . 7.60 15.52 20.25
C6 PLP M . 7.48 16.48 21.21
C5A PLP M . 9.00 15.41 19.66
O4P PLP M . 9.64 14.17 19.54
P PLP M . 11.12 14.04 18.98
O1P PLP M . 11.13 14.65 17.60
O2P PLP M . 11.31 12.45 19.01
O3P PLP M . 12.07 14.60 19.98
PB ADP N . 14.01 13.14 16.70
O1B ADP N . 13.66 14.64 16.68
O2B ADP N . 13.30 12.30 15.46
O3B ADP N . 13.86 12.55 17.97
PA ADP N . 16.31 11.81 15.97
O1A ADP N . 15.67 10.59 16.37
O2A ADP N . 16.77 11.71 14.51
O3A ADP N . 15.44 13.02 16.29
O5' ADP N . 17.62 12.11 16.91
C5' ADP N . 17.51 12.28 18.29
C4' ADP N . 18.95 11.78 18.78
O4' ADP N . 18.74 10.63 19.62
C3' ADP N . 19.70 11.26 17.63
O3' ADP N . 20.50 12.27 17.06
C2' ADP N . 20.48 10.17 18.17
O2' ADP N . 21.70 10.65 18.65
C1' ADP N . 19.53 9.57 19.21
N9 ADP N . 18.67 8.44 18.71
C8 ADP N . 17.35 8.50 18.45
N7 ADP N . 16.93 7.29 18.03
C5 ADP N . 17.95 6.47 18.03
C6 ADP N . 18.13 5.13 17.69
N6 ADP N . 17.09 4.38 17.28
N1 ADP N . 19.37 4.58 17.79
C2 ADP N . 20.45 5.30 18.19
N3 ADP N . 20.28 6.59 18.52
C4 ADP N . 19.08 7.21 18.44
ZN ZN O . -23.51 11.78 3.86
N1 PLP P . -29.54 6.61 3.84
C2 PLP P . -29.27 5.28 4.03
C2A PLP P . -30.37 4.25 3.74
C3 PLP P . -28.01 4.89 4.48
O3 PLP P . -27.73 3.57 4.68
C4 PLP P . -27.04 5.87 4.74
C4A PLP P . -25.66 5.38 5.24
C5 PLP P . -27.37 7.26 4.52
C6 PLP P . -28.62 7.59 4.07
C5A PLP P . -26.46 8.47 4.76
O4P PLP P . -25.71 8.58 5.96
P PLP P . -24.80 9.84 6.27
O1P PLP P . -23.82 9.94 5.15
O2P PLP P . -24.19 9.41 7.67
O3P PLP P . -25.68 10.99 6.51
PB ADP Q . -21.78 12.05 6.77
O1B ADP Q . -22.38 12.29 5.40
O2B ADP Q . -20.46 11.05 6.74
O3B ADP Q . -22.74 11.73 7.76
PA ADP Q . -20.09 13.67 8.27
O1A ADP Q . -20.06 12.63 9.28
O2A ADP Q . -18.67 13.95 7.79
O3A ADP Q . -21.10 13.33 7.16
O5' ADP Q . -20.73 15.06 8.88
C5' ADP Q . -22.05 15.15 9.30
C4' ADP Q . -21.98 16.36 10.39
O4' ADP Q . -22.34 15.78 11.64
C3' ADP Q . -20.60 16.78 10.53
O3' ADP Q . -20.33 17.90 9.73
C2' ADP Q . -20.44 17.08 11.95
O2' ADP Q . -20.68 18.43 12.17
C1' ADP Q . -21.41 16.09 12.62
N9 ADP Q . -20.76 14.84 13.14
C8 ADP Q . -20.89 13.61 12.63
N7 ADP Q . -20.19 12.74 13.37
C5 ADP Q . -19.61 13.40 14.34
C6 ADP Q . -18.83 13.04 15.42
N6 ADP Q . -18.46 11.77 15.60
N1 ADP Q . -18.38 14.01 16.28
C2 ADP Q . -18.73 15.30 16.14
N3 ADP Q . -19.53 15.65 15.10
C4 ADP Q . -20.00 14.75 14.22
ZN ZN R . 2.17 2.91 -37.76
N1 PLP S . 2.81 -4.47 -34.75
C2 PLP S . 3.18 -4.66 -33.43
C2A PLP S . 3.61 -6.05 -32.99
C3 PLP S . 3.12 -3.59 -32.54
O3 PLP S . 3.48 -3.74 -31.23
C4 PLP S . 2.69 -2.31 -33.02
C4A PLP S . 2.66 -1.15 -32.00
C5 PLP S . 2.32 -2.17 -34.41
C6 PLP S . 2.39 -3.26 -35.23
C5A PLP S . 1.83 -0.89 -35.10
O4P PLP S . 0.85 -0.05 -34.54
P PLP S . 0.31 1.27 -35.29
O1P PLP S . 1.49 2.14 -35.54
O2P PLP S . -0.72 1.83 -34.21
O3P PLP S . -0.50 0.87 -36.47
PB ADP T . -0.45 4.90 -36.17
O1B ADP T . 0.58 4.26 -37.10
O2B ADP T . 0.23 5.75 -34.93
O3B ADP T . -1.49 4.01 -35.77
PA ADP T . -1.99 7.13 -36.48
O1A ADP T . -2.52 6.87 -35.18
O2A ADP T . -1.39 8.53 -36.54
O3A ADP T . -1.06 6.01 -36.92
O5' ADP T . -3.16 7.01 -37.61
C5' ADP T . -3.83 5.83 -37.88
C4' ADP T . -5.25 6.36 -38.37
O4' ADP T . -6.22 5.87 -37.45
C3' ADP T . -5.27 7.80 -38.20
O3' ADP T . -4.78 8.47 -39.36
C2' ADP T . -6.65 8.12 -37.92
O2' ADP T . -7.35 8.34 -39.11
C1' ADP T . -7.09 6.89 -37.07
N9 ADP T . -7.01 7.12 -35.60
C8 ADP T . -6.15 6.53 -34.76
N7 ADP T . -6.39 6.96 -33.53
C5 ADP T . -7.37 7.82 -33.57
C6 ADP T . -8.06 8.57 -32.63
N6 ADP T . -7.72 8.50 -31.32
N1 ADP T . -9.09 9.39 -33.02
C2 ADP T . -9.47 9.48 -34.32
N3 ADP T . -8.81 8.75 -35.23
C4 ADP T . -7.79 7.90 -34.90
ZN ZN U . 44.91 -27.94 14.42
N1 PLP V . 44.53 -20.67 11.65
C2 PLP V . 45.51 -19.77 11.94
C2A PLP V . 45.26 -18.29 11.64
C3 PLP V . 46.70 -20.21 12.49
O3 PLP V . 47.68 -19.33 12.77
C4 PLP V . 46.88 -21.60 12.73
C4A PLP V . 48.23 -22.03 13.33
C5 PLP V . 45.81 -22.50 12.40
C6 PLP V . 44.67 -22.00 11.87
C5A PLP V . 45.77 -24.01 12.54
O4P PLP V . 46.83 -24.78 12.08
P PLP V . 46.81 -26.36 12.13
O1P PLP V . 46.59 -26.75 13.53
O2P PLP V . 48.26 -26.68 11.55
O3P PLP V . 45.82 -26.85 11.13
PB ADP W . 47.78 -29.87 13.03
O1B ADP W . 46.44 -29.42 13.59
O2B ADP W . 49.05 -29.72 14.10
O3B ADP W . 48.04 -29.37 11.72
PA ADP W . 48.79 -32.40 12.66
O1A ADP W . 49.97 -31.80 12.09
O2A ADP W . 49.16 -33.28 13.86
O3A ADP W . 47.71 -31.35 12.95
O5' ADP W . 48.03 -33.33 11.56
C5' ADP W . 47.45 -32.79 10.44
C4' ADP W . 47.48 -34.04 9.45
O4' ADP W . 48.36 -33.68 8.37
C3' ADP W . 48.17 -35.14 10.13
O3' ADP W . 47.23 -36.00 10.77
C2' ADP W . 48.93 -35.82 9.09
O2' ADP W . 48.15 -36.83 8.51
C1' ADP W . 49.33 -34.64 8.18
N9 ADP W . 50.72 -34.07 8.43
C8 ADP W . 50.99 -32.87 8.98
N7 ADP W . 52.32 -32.69 9.03
C5 ADP W . 52.90 -33.76 8.54
C6 ADP W . 54.23 -34.17 8.32
N6 ADP W . 55.25 -33.36 8.65
N1 ADP W . 54.49 -35.37 7.76
C2 ADP W . 53.49 -36.21 7.41
N3 ADP W . 52.22 -35.83 7.61
C4 ADP W . 51.88 -34.64 8.15
ZN ZN X . 2.91 26.34 50.30
N1 PLP Y . 2.06 28.58 42.94
C2 PLP Y . 1.73 29.85 42.57
C2A PLP Y . 1.34 30.09 41.11
C3 PLP Y . 1.74 30.87 43.51
O3 PLP Y . 1.42 32.14 43.14
C4 PLP Y . 2.12 30.57 44.85
C4A PLP Y . 2.12 31.76 45.86
C5 PLP Y . 2.47 29.22 45.19
C6 PLP Y . 2.42 28.26 44.22
C5A PLP Y . 2.90 28.68 46.53
O4P PLP Y . 3.86 29.35 47.30
P PLP Y . 4.38 28.77 48.66
O1P PLP Y . 3.20 28.62 49.54
O2P PLP Y . 5.38 29.92 49.10
O3P PLP Y . 5.16 27.56 48.37
PB ADP Z . 5.09 28.42 52.47
O1B ADP Z . 4.08 27.42 51.90
O2B ADP Z . 4.39 29.73 53.19
O3B ADP Z . 6.16 28.73 51.56
PA ADP Z . 6.63 28.31 54.74
O1A ADP Z . 7.22 29.55 54.35
O2A ADP Z . 6.00 28.44 56.13
O3A ADP Z . 5.69 27.78 53.67
O5' ADP Z . 7.73 27.14 54.78
C5' ADP Z . 8.41 26.73 53.66
C4' ADP Z . 9.79 26.26 54.31
O4' ADP Z . 10.80 27.11 53.79
C3' ADP Z . 9.75 26.54 55.73
O3' ADP Z . 9.27 25.43 56.48
C2' ADP Z . 11.09 26.91 56.08
O2' ADP Z . 11.81 25.76 56.44
C1' ADP Z . 11.56 27.64 54.82
N9 ADP Z . 11.44 29.17 54.87
C8 ADP Z . 10.55 29.91 54.17
N7 ADP Z . 10.75 31.21 54.47
C5 ADP Z . 11.74 31.29 55.32
C6 ADP Z . 12.41 32.34 55.97
N6 ADP Z . 12.05 33.61 55.74
N1 ADP Z . 13.43 32.07 56.81
C2 ADP Z . 13.84 30.79 57.06
N3 ADP Z . 13.21 29.78 56.44
C4 ADP Z . 12.18 29.97 55.58
ZN ZN AA . -6.89 -31.83 -44.65
N1 PLP BA . -0.76 -26.83 -44.53
C2 PLP BA . 0.37 -27.13 -45.26
C2A PLP BA . 1.62 -26.28 -45.03
C3 PLP BA . 0.34 -28.16 -46.15
O3 PLP BA . 1.46 -28.47 -46.87
C4 PLP BA . -0.84 -28.92 -46.32
C4A PLP BA . -0.81 -30.07 -47.35
C5 PLP BA . -2.02 -28.57 -45.55
C6 PLP BA . -1.93 -27.52 -44.66
C5A PLP BA . -3.39 -29.23 -45.59
O4P PLP BA . -4.02 -29.51 -46.81
P PLP BA . -5.46 -30.16 -46.90
O1P PLP BA . -5.40 -31.44 -46.17
O2P PLP BA . -5.63 -30.27 -48.47
O3P PLP BA . -6.45 -29.17 -46.43
PB ADP CA . -8.28 -32.55 -47.61
O1B ADP CA . -7.96 -32.39 -46.13
O2B ADP CA . -7.54 -33.87 -48.31
O3B ADP CA . -8.14 -31.35 -48.35
PA ADP CA . -10.55 -33.48 -48.87
O1A ADP CA . -9.93 -33.18 -50.13
O2A ADP CA . -10.95 -34.96 -48.82
O3A ADP CA . -9.69 -32.99 -47.70
O5' ADP CA . -11.90 -32.58 -48.67
C5' ADP CA . -11.86 -31.20 -48.63
C4' ADP CA . -13.31 -30.82 -49.20
O4' ADP CA . -13.09 -30.06 -50.40
C3' ADP CA . -13.97 -32.04 -49.63
O3' ADP CA . -14.78 -32.59 -48.60
C2' ADP CA . -14.75 -31.66 -50.80
O2' ADP CA . -16.03 -31.24 -50.41
C1' ADP CA . -13.84 -30.59 -51.45
N9 ADP CA . -12.93 -31.12 -52.55
C8 ADP CA . -11.60 -31.26 -52.47
N7 ADP CA . -11.16 -31.75 -53.63
C5 ADP CA . -12.17 -31.90 -54.46
C6 ADP CA . -12.32 -32.34 -55.77
N6 ADP CA . -11.26 -32.72 -56.48
N1 ADP CA . -13.56 -32.40 -56.32
C2 ADP CA . -14.67 -32.00 -55.63
N3 ADP CA . -14.52 -31.57 -54.37
C4 ADP CA . -13.32 -31.51 -53.74
ZN ZN DA . -59.67 9.32 6.05
N1 PLP EA . -53.65 8.96 0.85
C2 PLP EA . -53.86 9.03 -0.50
C2A PLP EA . -52.72 8.60 -1.43
C3 PLP EA . -55.10 9.45 -0.96
O3 PLP EA . -55.34 9.53 -2.32
C4 PLP EA . -56.12 9.83 -0.04
C4A PLP EA . -57.49 10.31 -0.60
C5 PLP EA . -55.82 9.74 1.37
C6 PLP EA . -54.59 9.32 1.77
C5A PLP EA . -56.75 10.11 2.52
O4P PLP EA . -57.48 11.30 2.51
P PLP EA . -58.42 11.71 3.70
O1P PLP EA . -59.43 10.64 3.85
O2P PLP EA . -58.98 13.08 3.13
O3P PLP EA . -57.58 12.03 4.87
PB ADP FA . -61.53 12.43 5.82
O1B ADP FA . -60.84 11.09 6.17
O2B ADP FA . -62.81 12.26 4.79
O3B ADP FA . -60.60 13.44 5.46
PA ADP FA . -63.23 14.00 7.27
O1A ADP FA . -63.21 14.94 6.18
O2A ADP FA . -64.67 13.55 7.55
O3A ADP FA . -62.24 12.87 7.05
O5' ADP FA . -62.62 14.67 8.63
C5' ADP FA . -61.33 15.14 8.70
C4' ADP FA . -61.47 16.34 9.73
O4' ADP FA . -61.07 17.53 9.03
C3' ADP FA . -62.87 16.53 10.02
O3' ADP FA . -63.27 15.76 11.15
C2' ADP FA . -63.05 17.95 10.22
O2' ADP FA . -62.87 18.26 11.57
C1' ADP FA . -62.00 18.54 9.24
N9 ADP FA . -62.58 18.99 7.93
C8 ADP FA . -62.35 18.42 6.73
N7 ADP FA . -63.02 19.08 5.80
C5 ADP FA . -63.67 20.07 6.36
C6 ADP FA . -64.51 21.09 5.92
N6 ADP FA . -64.81 21.21 4.61
N1 ADP FA . -65.03 21.97 6.81
C2 ADP FA . -64.76 21.89 8.14
N3 ADP FA . -63.95 20.92 8.58
C4 ADP FA . -63.39 20.01 7.75
#